data_8HSG
#
_entry.id   8HSG
#
_cell.length_a   1.00
_cell.length_b   1.00
_cell.length_c   1.00
_cell.angle_alpha   90.00
_cell.angle_beta   90.00
_cell.angle_gamma   90.00
#
_symmetry.space_group_name_H-M   'P 1'
#
loop_
_entity.id
_entity.type
_entity.pdbx_description
1 polymer 'DNA-directed RNA polymerase subunit alpha'
2 polymer 'DNA-directed RNA polymerase subunit beta'
3 polymer "DNA-directed RNA polymerase subunit beta'"
4 polymer 'DNA-directed RNA polymerase subunit omega'
5 polymer 'DNA (37-MER)'
6 polymer "RNA (5'-R(P*CP*CP*AP*CP*AP*UP*CP*CP*AP*CP*CP*U)-3')"
7 polymer 'DNA (27-MER)'
8 non-polymer 'ZINC ION'
9 non-polymer 'MAGNESIUM ION'
#
loop_
_entity_poly.entity_id
_entity_poly.type
_entity_poly.pdbx_seq_one_letter_code
_entity_poly.pdbx_strand_id
1 'polypeptide(L)'
;MLDSKLKAPVFTVRTQGREYGEFVLEPLERGFGVTLGNPLRRILLSSIPGTAVTSVYIEDVLHEFSTIPGVKEDVVEIIL
NLKELVVRFLNPSLQTVTLLLKAEGPKEVKARDFLPVADVEIMNPDLHIATLEEGGRLNMEVRVDRGVGYVPAEKHGIKD
RINAIPVDAVFSPVRRVAFQVEDTRLGQRTDLDKLTLRIWTDGSVTPLEALNQAVEILREHLTYFSNPQAAAVAAPEEAK
EPEAPPEQEEELDLPLEELGLSTRVLHSLKEEGIESVRALLALNLKDLKNIPGIGERSLEEIKEALEKKGFTLKE
;
G,H
2 'polypeptide(L)'
;MEIKRFGRIREVIPLPPLTEIQVESYRRALQADVPPEKRENVGIQAAFRETFPIEEEDKGKGGLVLDFLEYRLGEPPFPQ
DECREKDLTYQAPLYARLQLIHKDTGLIKEDEVFLGHIPLMTEDGSFIINGADRVIVSQIHRSPGVYFTPDPARPGRYIA
SIIPLPKRGPWIDLEVEPNGVVSMKVNKRKFPLVLLLRVLGYDQETLARELGAYGELVQGLMDESVFAMRPEEALIRLFT
LLRPGDPPKRDKAVAYVYGLIADPRRYDLGEAGRYKAEEKLGIRLSGRTLARFEDGEFKDEVFLPTLRYLFALTAGVPGH
EVDDIDHLGNRRIRTVGELMTDQFRVGLARLARGVRERMLMGSEDSLTPAKLVNSRPLEAAIREFFSRSQLSQFKDETNP
LSSLRHKRRISALGPGGLTRERAGFDVRDVHRTHYGRICPVETPEGANIGLITSLAAYARVDELGFIRTPYRRVVGGVVT
DEVVYMTATEEDRYTIAQANTPLEGNRIAAERVVARRKGEPVIVSPEEVEFMDVSPKQVFSVNTNLIPFLEHDDANRALM
GSNMQTQAVPLIRAQAPVVMTGLEERVVRDSLAALYAEEDGEVAKVDGNRIVVRYEDGRLVEYPLRRFYRSNQGTALDQR
PRVVVGQRVRKGDLLADGPASENGFLALGQNVLVAIMPFDGYNFEDAIVISEELLKRDFYTSIHIERYEIEARDTKLGPE
RITRDIPHLSEAALRDLDEEGVVRIGAEVKPGDILVGRTSFKGESEPTPEERLLRSIFGEKARDVKDTSLRVPPGEGGIV
VRTVRLRRGDPGVELKPGVREVVRVYVAQKRKLQVGDKLANRHGNKGVVAKILPVEDMPHLPDGTPVDVILNPLGVPSRM
NLGQILETHLGLAGYFLGQRYISPIFDGAKEPEIKELLAQAFEVYFGKRKGEGFGVDKREVEVLRRAEKLGLVTPGKTPE
EQLKELFLQGKVVLYDGRTGEPIEGPIVVGQMFIMKLYHMVEDKMHARSTGPYSLITQQPLGGKAQFGGQRFGEMEVWAL
EAYGAAHTLQEMLTLKSDDIEGRNAAYEAIIKGEDVPEPSVPESFRVLVKELQALALDVQTLDEKDNPVDIFEGLASKR
;
I
3 'polypeptide(L)'
;MKKEVRKVRIALASPEKIRSWSYGEVEKPETINYRTLKPERDGLFDERIFGPIKDYECACGKYKRQRFEGKVCERCGVEV
TKSIVRRYRMGHIELATPAAHIWFVKDVPSKIGTLLDLSATELEQVLYFSKYIVLDPKGAILNGVPVEKRQLLTDEEYRE
LRYGKQETYPLPPGVDALVKDGEEVVKGQELAPGVVSRLDGVALYRFPRRVRVEYVKKERAGLRLPLAAWVEKEAYKPGE
ILAELPEPYLFRAEEEGVVELKELEEGAFLVLRREDEPVATYFLPVGMTPLVVHGEIVEKGQPLAEAKGLLRMPRQVRAA
QVEAEEEGETVYLTLFLEWTEPKDYRVQPHMNVVVPEGARVEAGDKIVAAIDPEEEVIAEAEGVVHLHEPASILVVKARV
YPFEDDVEVSTGDRVAPGDVLADGGKVKSDVYGRVEVDLVRNVVRVVESYDIDARMGAEAIQQLLKELDLEALEKELLEE
MKHPSRARRAKARKRLEVVRAFLDSGNRPEWMILEAVPVLPPDLRPMVQVDGGRFATSDLNDLYRRLINRNNRLKKLLAQ
GAPEIIIRNEKRMLQEAVDALLDNGRRGAPVTNPGSDRPLRSLTDILSGKQGRFRQNLLGKRVDYSGRSVIVVGPQLKLH
QCGLPKRMALELFKPFLLKKMEEKGIAPNVKAARRMLERQRDIKDEVWDALEEVIHGKVVLLNRAPTLHRLGIQAFQPVL
VEGQSIQLHPLVCEAFNADFDGDQMAVHVPLSSFAQAEARIQMLSAHNLLSPASGEPLAKPSRDIILGLYYITQVRKEKK
GAGLEFATPEEALAAHERGEVALNAPIKVAGRETSVGRLKYVFANPDEALLAVAHGIVDLQDVVTVRYMGKRLETSPGRI
LFARIVAEAVEDEKVAWELIQLDVPQEKNSLKDLVYQAFLRLGMEKTARLLDALKYYGFTFSTTSGITIGIDDAVIPEEK
KQYLEEADRKLLQIEQAYEMGFLTDRERYDQILQLWTETTEKVTQAVFKNFEENYPFNPLYVMAQSGARGNPQQIRQLCG
LRGLMQKPSGETFEVPVRSSFREGLTVLEYFISSHGARKGGADTALRTADSGYLTRKLVDVTHEIVVREADCGTTNYISV
PLFQPDEVTRSLRLRKRADIEAGLYGRVLAREVEVLGVRLEEGRYLSMDDVHLLIKAAEAGEIQEVPVRSPLTCQTRYGV
CQKCYGYDLSMARPVSIGEAVGIVAAQSIGEPGTQLTMRTFHTGGVAGAADITQGLPRVIELFEARRPKAKAVISEIDGV
VRIEETEEKLSVFVESEGFSKEYKLPKEARLLVKDGDYVEAGQPLTRGAIDPHQLLEAKGPEAVERYLVEEIQKVYRAQG
VKLHDKHIEIVVRQMMKYVEVTDPGDSRLLEGQVLEKWDVEALNERLIAEGKTPVAWKPLLMGVTKSALSTKSWLSAASF
QNTTHVLTEAAIAGKKDELIGLKENVILGRLIPAGTGSDFVRFTQVVDQKTLKAIEEARKEAVEAKERPAARRGVKREQP
GKQADYKDDDDK
;
J
4 'polypeptide(L)'
;MAEPGIDKLFGMVDSKYRLTVVVAKRAQQLLRHGFKNTVLEPEERPKMQTLEGLFDDPNAVTWAMKELLTGRLVFGENLV
PEDRLQKEMERLYPGEREE
;
K
5 'polydeoxyribonucleotide'
;(DG)(DA)(DA)(DC)(DG)(DC)(DA)(DT)(DT)(DA)(DC)(DC)(DA)(DG)(DA)(DG)(DA)(DA)(DT)(DT)
(DC)(DA)(DC)(DG)(DG)(DG)(DA)(DA)(DA)(DG)(DT)(DC)(DG)(DA)(DC)(DA)(DG)(DG)(DG)(DA)
(DT)(DC)(DG)(DG)(DT)(DG)(DC)(DA)(DC)(DT)(DA)(DC)(DC)(DA)(DC)(DA)(DA)(DG)(DC)(DA)
(DC)(DC)(DC)(DA)(DG)(DG)(DT)(DG)(DG)(DA)(DT)(DG)(DT)(DG)(DG)(DA)(DG)(DA)(DT)(DA)
(DT)(DG)(DG)(DT)(DT)(DA)(DT)(DG)(DG)(DG)(DT)(DA)(DA)(DG)(DA)(DT)(DA)(DG)(DA)(DT)
(DG)(DG)(DT)(DG)(DA)(DG)(DG)(DT)(DG)(DA)(DT)(DG)(DA)(DG)(DT)(DT)(DT)(DA)(DA)(DA)
(DG)(DG)(DA)(DG)(DT)(DG)(DA)(DA)(DG)(DT)(DA)(DT)(DG)(DG)(DA)(DG)(DT)(DG)(DA)(DA)
(DG)(DA)(DG)(DA)(DG)(DA)(DT)(DG)(DG)(DG)(DT)(DA)(DG)(DA)(DT)(DA)(DG)(DT)(DA)(DG)
(DT)(DT)(DG)(DA)(DG)(DT)(DA)(DG)(DG)(DG)(DA)(DG)(DT)(DG)(DA)(DA)(DG)(DT)(DC)(DC)
(DT)(DG)(DC)(DA)
;
T
6 'polyribonucleotide'
;AAUUUGCAGGACUUCACUCCCUACUCAACUACUAUCUACCCAUCUCUCUUCACUCCAUACUUCACUCCUUUAAACUCAUC
ACCUCACCAUCUAUCUUACCCAUAACCAUAUCUCCACAUCCACCU
;
R
7 'polydeoxyribonucleotide'
;(DG)(DG)(DA)(DC)(DT)(DT)(DC)(DA)(DC)(DT)(DC)(DC)(DC)(DT)(DA)(DC)(DT)(DC)(DA)(DA)
(DC)(DT)(DA)(DC)(DT)(DA)(DT)(DC)(DT)(DA)(DC)(DC)(DC)(DA)(DT)(DC)(DT)(DC)(DT)(DC)
(DT)(DT)(DC)(DA)(DC)(DT)(DC)(DC)(DA)(DT)(DA)(DC)(DT)(DT)(DC)(DA)(DC)(DT)(DC)(DC)
(DT)(DT)(DT)(DA)(DA)(DA)(DC)(DT)(DC)(DA)(DT)(DC)(DA)(DC)(DC)(DT)(DC)(DA)(DC)(DC)
(DA)(DT)(DC)(DT)(DA)(DT)(DC)(DT)(DT)(DA)(DC)(DC)(DC)(DA)(DT)(DA)(DA)(DC)(DC)(DA)
(DT)(DA)(DT)(DC)(DT)(DC)(DC)(DA)(DC)(DA)(DT)(DC)(DC)(DA)(DC)(DC)(DT)(DG)(DG)(DG)
(DT)(DG)(DC)(DT)(DT)(DG)(DT)(DG)(DG)(DT)(DA)(DG)(DT)(DG)(DC)(DA)(DC)(DC)(DG)(DA)
(DT)(DC)(DC)(DC)(DT)(DG)(DT)(DC)(DG)(DA)(DC)(DT)(DT)(DT)(DC)(DC)(DC)(DG)(DT)(DG)
(DA)(DA)(DT)(DT)(DC)(DT)(DC)(DT)(DG)(DG)(DT)(DA)(DA)(DT)(DG)(DC)(DG)(DT)(DT)(DC)
;
N
#
# COMPACT_ATOMS: atom_id res chain seq x y z
N MET A 1 -53.17 -39.96 27.13
CA MET A 1 -52.00 -40.41 26.39
C MET A 1 -52.34 -40.64 24.92
N LEU A 2 -53.39 -39.97 24.44
CA LEU A 2 -53.81 -40.06 23.05
C LEU A 2 -53.65 -38.74 22.31
N ASP A 3 -54.23 -37.65 22.83
CA ASP A 3 -54.05 -36.36 22.20
C ASP A 3 -52.66 -35.80 22.49
N SER A 4 -52.02 -36.25 23.56
CA SER A 4 -50.72 -35.72 23.97
C SER A 4 -49.61 -36.76 23.92
N LYS A 5 -49.93 -38.03 23.67
CA LYS A 5 -48.91 -39.04 23.45
C LYS A 5 -49.12 -39.82 22.15
N LEU A 6 -50.37 -40.08 21.76
CA LEU A 6 -50.61 -40.74 20.48
C LEU A 6 -50.67 -39.75 19.33
N LYS A 7 -51.26 -38.58 19.54
CA LYS A 7 -51.06 -37.47 18.60
C LYS A 7 -49.78 -36.75 19.00
N ALA A 8 -48.75 -37.57 19.12
CA ALA A 8 -47.43 -37.20 19.61
C ALA A 8 -46.53 -38.37 19.28
N PRO A 9 -45.22 -38.16 19.18
CA PRO A 9 -44.39 -39.12 18.43
C PRO A 9 -44.24 -40.44 19.16
N VAL A 10 -44.56 -41.52 18.44
CA VAL A 10 -43.98 -42.82 18.74
C VAL A 10 -42.55 -42.82 18.21
N PHE A 11 -41.69 -43.60 18.87
CA PHE A 11 -40.24 -43.58 18.65
C PHE A 11 -39.80 -44.94 18.12
N THR A 12 -39.41 -45.00 16.86
CA THR A 12 -38.92 -46.23 16.24
C THR A 12 -37.46 -46.07 15.85
N VAL A 13 -36.74 -47.19 15.81
CA VAL A 13 -35.32 -47.20 15.53
C VAL A 13 -35.05 -48.14 14.36
N ARG A 14 -34.08 -47.76 13.50
CA ARG A 14 -33.65 -48.58 12.37
C ARG A 14 -32.13 -48.40 12.29
N THR A 15 -31.39 -49.30 12.93
CA THR A 15 -29.94 -49.20 13.01
C THR A 15 -29.32 -50.47 12.43
N GLN A 16 -28.23 -50.30 11.68
CA GLN A 16 -27.47 -51.45 11.19
C GLN A 16 -26.05 -51.38 11.75
N GLY A 17 -25.59 -52.49 12.31
CA GLY A 17 -24.33 -52.51 12.99
C GLY A 17 -24.33 -51.53 14.16
N ARG A 18 -23.18 -50.92 14.38
CA ARG A 18 -23.06 -49.81 15.32
C ARG A 18 -22.45 -48.59 14.63
N GLU A 19 -22.70 -48.46 13.32
CA GLU A 19 -22.17 -47.36 12.52
C GLU A 19 -23.24 -46.38 12.08
N TYR A 20 -24.41 -46.86 11.65
CA TYR A 20 -25.45 -46.00 11.12
C TYR A 20 -26.78 -46.34 11.75
N GLY A 21 -27.53 -45.30 12.13
CA GLY A 21 -28.84 -45.50 12.73
C GLY A 21 -29.81 -44.36 12.50
N GLU A 22 -31.02 -44.69 12.04
CA GLU A 22 -32.09 -43.72 11.91
C GLU A 22 -33.04 -43.85 13.09
N PHE A 23 -33.53 -42.72 13.56
CA PHE A 23 -34.53 -42.68 14.62
C PHE A 23 -35.71 -41.88 14.12
N VAL A 24 -36.87 -42.54 14.00
CA VAL A 24 -38.10 -41.91 13.53
C VAL A 24 -38.94 -41.55 14.74
N LEU A 25 -39.52 -40.35 14.72
CA LEU A 25 -40.20 -39.77 15.86
C LEU A 25 -41.47 -39.14 15.26
N GLU A 26 -42.59 -39.87 15.34
CA GLU A 26 -43.77 -39.49 14.55
C GLU A 26 -45.08 -39.82 15.26
N PRO A 27 -46.05 -38.89 15.30
CA PRO A 27 -46.01 -37.55 14.70
C PRO A 27 -45.77 -36.42 15.68
N LEU A 28 -45.32 -35.27 15.17
CA LEU A 28 -45.12 -34.07 15.96
C LEU A 28 -46.11 -32.99 15.53
N GLU A 29 -46.56 -32.19 16.49
CA GLU A 29 -47.34 -31.02 16.15
C GLU A 29 -46.48 -30.02 15.38
N ARG A 30 -47.15 -29.20 14.57
CA ARG A 30 -46.46 -28.33 13.63
C ARG A 30 -45.45 -27.43 14.34
N GLY A 31 -44.23 -27.38 13.79
CA GLY A 31 -43.19 -26.52 14.30
C GLY A 31 -42.20 -27.18 15.25
N PHE A 32 -42.49 -28.39 15.72
CA PHE A 32 -41.61 -29.05 16.69
C PHE A 32 -40.58 -29.97 16.04
N GLY A 33 -40.65 -30.21 14.74
CA GLY A 33 -39.64 -31.03 14.09
C GLY A 33 -38.27 -30.39 14.16
N VAL A 34 -38.17 -29.13 13.76
CA VAL A 34 -36.90 -28.41 13.85
C VAL A 34 -36.57 -28.12 15.30
N THR A 35 -37.59 -27.75 16.10
CA THR A 35 -37.37 -27.38 17.50
C THR A 35 -36.66 -28.48 18.28
N LEU A 36 -36.89 -29.74 17.91
CA LEU A 36 -36.20 -30.87 18.53
C LEU A 36 -34.99 -31.33 17.75
N GLY A 37 -35.04 -31.27 16.41
CA GLY A 37 -33.91 -31.74 15.62
C GLY A 37 -32.66 -30.89 15.78
N ASN A 38 -32.81 -29.56 15.76
CA ASN A 38 -31.64 -28.69 15.78
C ASN A 38 -30.83 -28.81 17.07
N PRO A 39 -31.40 -28.66 18.27
CA PRO A 39 -30.56 -28.80 19.47
C PRO A 39 -29.92 -30.17 19.61
N LEU A 40 -30.65 -31.23 19.25
CA LEU A 40 -30.08 -32.57 19.32
C LEU A 40 -28.90 -32.71 18.37
N ARG A 41 -29.03 -32.19 17.15
CA ARG A 41 -27.92 -32.25 16.20
C ARG A 41 -26.72 -31.46 16.72
N ARG A 42 -26.96 -30.27 17.27
CA ARG A 42 -25.85 -29.46 17.78
C ARG A 42 -25.14 -30.16 18.92
N ILE A 43 -25.90 -30.75 19.85
CA ILE A 43 -25.27 -31.44 20.98
C ILE A 43 -24.53 -32.69 20.51
N LEU A 44 -25.11 -33.43 19.56
CA LEU A 44 -24.45 -34.63 19.05
C LEU A 44 -23.13 -34.28 18.36
N LEU A 45 -23.11 -33.19 17.60
CA LEU A 45 -21.89 -32.78 16.91
C LEU A 45 -20.93 -32.01 17.81
N SER A 46 -21.37 -31.59 19.00
CA SER A 46 -20.56 -30.71 19.83
C SER A 46 -19.96 -31.41 21.04
N SER A 47 -20.78 -32.02 21.90
CA SER A 47 -20.35 -32.42 23.24
C SER A 47 -20.68 -33.87 23.54
N ILE A 48 -20.32 -34.76 22.63
CA ILE A 48 -20.44 -36.20 22.86
C ILE A 48 -19.05 -36.74 23.18
N PRO A 49 -18.79 -37.20 24.40
CA PRO A 49 -17.43 -37.65 24.75
C PRO A 49 -17.05 -38.91 23.98
N GLY A 50 -15.75 -39.04 23.75
CA GLY A 50 -15.23 -40.19 23.03
C GLY A 50 -13.77 -40.41 23.32
N THR A 51 -13.15 -41.27 22.52
CA THR A 51 -11.75 -41.63 22.67
C THR A 51 -11.00 -41.33 21.39
N ALA A 52 -9.75 -40.86 21.53
CA ALA A 52 -8.90 -40.57 20.39
C ALA A 52 -7.45 -40.67 20.83
N VAL A 53 -6.56 -40.85 19.83
CA VAL A 53 -5.14 -40.96 20.12
C VAL A 53 -4.63 -39.65 20.68
N THR A 54 -3.90 -39.72 21.79
CA THR A 54 -3.41 -38.55 22.49
C THR A 54 -1.90 -38.36 22.36
N SER A 55 -1.12 -39.44 22.50
CA SER A 55 0.33 -39.33 22.42
C SER A 55 0.88 -40.51 21.63
N VAL A 56 2.04 -40.31 21.01
CA VAL A 56 2.72 -41.34 20.23
C VAL A 56 4.19 -41.31 20.59
N TYR A 57 4.76 -42.49 20.84
CA TYR A 57 6.19 -42.63 21.10
C TYR A 57 6.77 -43.68 20.17
N ILE A 58 7.90 -43.35 19.55
CA ILE A 58 8.62 -44.25 18.67
C ILE A 58 9.96 -44.57 19.31
N GLU A 59 10.33 -45.84 19.32
CA GLU A 59 11.58 -46.25 19.96
C GLU A 59 12.80 -45.68 19.24
N ASP A 60 12.68 -45.42 17.93
CA ASP A 60 13.81 -45.00 17.12
C ASP A 60 13.94 -43.47 17.03
N VAL A 61 12.91 -42.80 16.51
CA VAL A 61 13.01 -41.38 16.20
C VAL A 61 13.00 -40.55 17.47
N LEU A 62 13.36 -39.28 17.33
CA LEU A 62 13.39 -38.35 18.46
C LEU A 62 12.56 -37.09 18.23
N HIS A 63 12.05 -36.86 17.02
CA HIS A 63 11.14 -35.76 16.75
C HIS A 63 10.24 -36.16 15.59
N GLU A 64 9.16 -35.40 15.42
CA GLU A 64 8.11 -35.76 14.47
C GLU A 64 8.48 -35.48 13.01
N PHE A 65 9.60 -34.80 12.76
CA PHE A 65 10.03 -34.51 11.40
C PHE A 65 11.15 -35.43 10.93
N SER A 66 11.37 -36.54 11.62
CA SER A 66 12.40 -37.50 11.24
C SER A 66 11.76 -38.67 10.46
N THR A 67 12.57 -39.68 10.18
CA THR A 67 12.09 -40.87 9.47
C THR A 67 12.70 -42.12 10.10
N ILE A 68 11.99 -43.23 9.96
CA ILE A 68 12.46 -44.53 10.42
C ILE A 68 13.06 -45.27 9.23
N PRO A 69 14.28 -45.79 9.33
CA PRO A 69 14.82 -46.60 8.24
C PRO A 69 13.96 -47.83 8.01
N GLY A 70 13.79 -48.18 6.73
CA GLY A 70 12.97 -49.31 6.35
C GLY A 70 11.48 -49.03 6.27
N VAL A 71 11.05 -47.79 6.52
CA VAL A 71 9.64 -47.43 6.50
C VAL A 71 9.37 -46.52 5.31
N LYS A 72 8.35 -46.85 4.53
CA LYS A 72 7.96 -46.00 3.41
C LYS A 72 7.46 -44.65 3.89
N GLU A 73 6.64 -44.63 4.94
CA GLU A 73 5.96 -43.43 5.38
C GLU A 73 6.82 -42.61 6.33
N ASP A 74 6.62 -41.30 6.30
CA ASP A 74 7.26 -40.40 7.23
C ASP A 74 6.57 -40.48 8.60
N VAL A 75 7.20 -39.89 9.61
CA VAL A 75 6.58 -39.85 10.93
C VAL A 75 5.29 -39.03 10.88
N VAL A 76 5.28 -37.96 10.09
CA VAL A 76 4.07 -37.16 9.93
C VAL A 76 2.95 -37.99 9.33
N GLU A 77 3.27 -38.80 8.31
CA GLU A 77 2.26 -39.66 7.71
C GLU A 77 1.77 -40.72 8.70
N ILE A 78 2.68 -41.24 9.52
CA ILE A 78 2.28 -42.20 10.55
C ILE A 78 1.29 -41.56 11.51
N ILE A 79 1.58 -40.32 11.94
CA ILE A 79 0.69 -39.61 12.84
C ILE A 79 -0.66 -39.36 12.19
N LEU A 80 -0.65 -38.96 10.91
CA LEU A 80 -1.90 -38.70 10.21
C LEU A 80 -2.74 -39.97 10.10
N ASN A 81 -2.11 -41.09 9.79
CA ASN A 81 -2.84 -42.36 9.73
C ASN A 81 -3.37 -42.74 11.11
N LEU A 82 -2.58 -42.50 12.16
CA LEU A 82 -3.03 -42.81 13.51
C LEU A 82 -4.19 -41.94 13.97
N LYS A 83 -4.33 -40.73 13.40
CA LYS A 83 -5.47 -39.90 13.74
C LYS A 83 -6.79 -40.60 13.45
N GLU A 84 -6.85 -41.39 12.38
CA GLU A 84 -8.09 -42.04 11.98
C GLU A 84 -8.40 -43.29 12.80
N LEU A 85 -7.49 -43.72 13.68
CA LEU A 85 -7.74 -44.89 14.49
C LEU A 85 -8.87 -44.64 15.48
N VAL A 86 -9.82 -45.56 15.55
CA VAL A 86 -10.94 -45.50 16.48
C VAL A 86 -10.82 -46.66 17.46
N VAL A 87 -10.91 -46.36 18.74
CA VAL A 87 -10.70 -47.34 19.80
C VAL A 87 -11.93 -47.33 20.71
N ARG A 88 -12.48 -48.51 20.96
CA ARG A 88 -13.65 -48.66 21.81
C ARG A 88 -13.22 -49.20 23.17
N PHE A 89 -13.61 -48.49 24.23
CA PHE A 89 -13.36 -48.92 25.59
C PHE A 89 -14.52 -49.75 26.10
N LEU A 90 -14.22 -50.92 26.66
CA LEU A 90 -15.24 -51.82 27.18
C LEU A 90 -15.56 -51.58 28.65
N ASN A 91 -14.71 -50.86 29.37
CA ASN A 91 -14.95 -50.55 30.78
C ASN A 91 -15.19 -49.06 30.93
N PRO A 92 -16.36 -48.64 31.43
CA PRO A 92 -16.62 -47.20 31.56
C PRO A 92 -15.65 -46.47 32.45
N SER A 93 -15.14 -47.12 33.51
CA SER A 93 -14.21 -46.48 34.41
C SER A 93 -12.82 -46.28 33.80
N LEU A 94 -12.48 -47.07 32.78
CA LEU A 94 -11.16 -46.96 32.16
C LEU A 94 -11.03 -45.63 31.43
N GLN A 95 -9.89 -44.97 31.64
CA GLN A 95 -9.65 -43.64 31.09
C GLN A 95 -8.55 -43.63 30.03
N THR A 96 -7.35 -44.11 30.37
CA THR A 96 -6.18 -44.00 29.51
C THR A 96 -5.61 -45.39 29.26
N VAL A 97 -5.32 -45.69 28.00
CA VAL A 97 -4.74 -46.97 27.61
C VAL A 97 -3.47 -46.70 26.81
N THR A 98 -2.53 -47.65 26.86
CA THR A 98 -1.27 -47.55 26.13
C THR A 98 -1.11 -48.80 25.28
N LEU A 99 -1.46 -48.70 24.00
CA LEU A 99 -1.28 -49.82 23.09
C LEU A 99 0.16 -49.87 22.60
N LEU A 100 0.65 -51.10 22.40
CA LEU A 100 2.00 -51.35 21.93
C LEU A 100 1.95 -52.02 20.57
N LEU A 101 2.96 -51.75 19.75
CA LEU A 101 3.05 -52.35 18.42
C LEU A 101 4.50 -52.67 18.09
N LYS A 102 4.73 -53.94 17.76
CA LYS A 102 6.02 -54.46 17.34
C LYS A 102 5.90 -54.87 15.88
N ALA A 103 6.83 -54.44 15.05
CA ALA A 103 6.77 -54.79 13.64
C ALA A 103 8.16 -54.98 13.07
N GLU A 104 8.30 -55.98 12.21
CA GLU A 104 9.56 -56.28 11.53
C GLU A 104 9.25 -56.92 10.19
N GLY A 105 10.25 -56.90 9.30
CA GLY A 105 10.18 -57.59 8.04
C GLY A 105 9.27 -56.91 7.03
N PRO A 106 9.12 -57.53 5.86
CA PRO A 106 8.29 -56.93 4.80
C PRO A 106 6.80 -57.04 5.11
N LYS A 107 6.29 -56.16 5.95
CA LYS A 107 4.92 -56.27 6.45
C LYS A 107 4.16 -54.97 6.21
N GLU A 108 2.92 -55.10 5.72
CA GLU A 108 2.01 -53.97 5.58
C GLU A 108 1.29 -53.80 6.92
N VAL A 109 1.88 -53.00 7.80
CA VAL A 109 1.41 -52.87 9.17
C VAL A 109 0.05 -52.18 9.16
N LYS A 110 -0.99 -52.94 9.52
CA LYS A 110 -2.35 -52.44 9.65
C LYS A 110 -2.67 -52.20 11.12
N ALA A 111 -3.93 -51.86 11.41
CA ALA A 111 -4.35 -51.61 12.78
C ALA A 111 -4.53 -52.90 13.58
N ARG A 112 -4.75 -54.03 12.91
CA ARG A 112 -4.97 -55.29 13.63
C ARG A 112 -3.72 -55.81 14.31
N ASP A 113 -2.55 -55.24 14.01
CA ASP A 113 -1.30 -55.74 14.56
C ASP A 113 -1.04 -55.26 15.99
N PHE A 114 -1.89 -54.38 16.52
CA PHE A 114 -1.71 -53.91 17.89
C PHE A 114 -1.92 -55.06 18.87
N LEU A 115 -1.15 -55.05 19.95
CA LEU A 115 -1.27 -56.09 20.96
C LEU A 115 -2.63 -56.01 21.65
N PRO A 116 -3.30 -57.14 21.87
CA PRO A 116 -4.64 -57.09 22.49
C PRO A 116 -4.58 -56.56 23.91
N VAL A 117 -5.66 -55.89 24.30
CA VAL A 117 -5.80 -55.33 25.65
C VAL A 117 -7.12 -55.85 26.20
N ALA A 118 -7.21 -55.91 27.53
CA ALA A 118 -8.34 -56.57 28.19
C ALA A 118 -9.66 -55.90 27.84
N ASP A 119 -9.71 -54.57 27.88
CA ASP A 119 -10.96 -53.82 27.67
C ASP A 119 -10.77 -52.78 26.58
N VAL A 120 -10.14 -53.17 25.49
CA VAL A 120 -9.91 -52.29 24.35
C VAL A 120 -10.22 -53.05 23.06
N GLU A 121 -10.97 -52.43 22.17
CA GLU A 121 -11.28 -53.03 20.88
C GLU A 121 -10.92 -52.05 19.77
N ILE A 122 -10.45 -52.58 18.64
CA ILE A 122 -10.13 -51.78 17.47
C ILE A 122 -11.26 -51.97 16.47
N MET A 123 -12.05 -50.92 16.26
CA MET A 123 -13.23 -51.03 15.40
C MET A 123 -12.89 -51.02 13.92
N ASN A 124 -11.67 -50.66 13.54
CA ASN A 124 -11.24 -50.66 12.14
C ASN A 124 -9.90 -51.38 12.03
N PRO A 125 -9.90 -52.70 12.17
CA PRO A 125 -8.63 -53.45 12.09
C PRO A 125 -7.95 -53.35 10.73
N ASP A 126 -8.69 -53.02 9.68
CA ASP A 126 -8.13 -52.94 8.34
C ASP A 126 -7.47 -51.61 8.04
N LEU A 127 -7.44 -50.68 9.00
CA LEU A 127 -6.83 -49.38 8.78
C LEU A 127 -5.33 -49.53 8.55
N HIS A 128 -4.86 -49.03 7.42
CA HIS A 128 -3.44 -49.08 7.11
C HIS A 128 -2.67 -48.14 8.03
N ILE A 129 -1.49 -48.59 8.48
CA ILE A 129 -0.67 -47.79 9.38
C ILE A 129 0.66 -47.48 8.75
N ALA A 130 1.40 -48.51 8.34
CA ALA A 130 2.74 -48.32 7.81
C ALA A 130 3.10 -49.44 6.86
N THR A 131 4.28 -49.32 6.25
CA THR A 131 4.78 -50.33 5.31
C THR A 131 6.26 -50.55 5.60
N LEU A 132 6.62 -51.78 5.94
CA LEU A 132 8.01 -52.13 6.25
C LEU A 132 8.55 -53.00 5.12
N GLU A 133 9.66 -52.56 4.51
CA GLU A 133 10.20 -53.24 3.33
C GLU A 133 11.06 -54.44 3.72
N GLU A 134 12.14 -54.21 4.48
CA GLU A 134 13.05 -55.27 4.88
C GLU A 134 14.05 -54.76 5.91
N GLY A 135 14.25 -55.51 6.99
CA GLY A 135 15.20 -55.11 8.02
C GLY A 135 14.78 -53.85 8.74
N GLY A 136 13.52 -53.45 8.56
CA GLY A 136 12.98 -52.26 9.21
C GLY A 136 12.20 -52.66 10.45
N ARG A 137 12.51 -51.99 11.55
CA ARG A 137 11.90 -52.27 12.84
C ARG A 137 11.02 -51.10 13.24
N LEU A 138 9.75 -51.38 13.55
CA LEU A 138 8.79 -50.38 14.00
C LEU A 138 8.32 -50.76 15.39
N ASN A 139 8.83 -50.05 16.40
CA ASN A 139 8.47 -50.26 17.79
C ASN A 139 7.79 -49.01 18.29
N MET A 140 6.47 -49.07 18.50
CA MET A 140 5.73 -47.86 18.83
C MET A 140 4.78 -48.10 19.99
N GLU A 141 4.52 -47.03 20.73
CA GLU A 141 3.51 -47.00 21.78
C GLU A 141 2.56 -45.84 21.52
N VAL A 142 1.26 -46.10 21.65
CA VAL A 142 0.25 -45.06 21.44
C VAL A 142 -0.56 -44.94 22.73
N ARG A 143 -0.55 -43.75 23.31
CA ARG A 143 -1.35 -43.45 24.49
C ARG A 143 -2.66 -42.84 24.03
N VAL A 144 -3.76 -43.57 24.23
CA VAL A 144 -5.09 -43.14 23.86
C VAL A 144 -5.85 -42.78 25.13
N ASP A 145 -6.61 -41.69 25.06
CA ASP A 145 -7.33 -41.16 26.21
C ASP A 145 -8.77 -40.88 25.82
N ARG A 146 -9.63 -40.82 26.83
CA ARG A 146 -11.05 -40.54 26.65
C ARG A 146 -11.31 -39.09 27.00
N GLY A 147 -11.88 -38.33 26.07
CA GLY A 147 -12.15 -36.93 26.28
C GLY A 147 -13.40 -36.46 25.56
N VAL A 148 -13.54 -35.15 25.40
CA VAL A 148 -14.70 -34.56 24.74
C VAL A 148 -14.23 -33.41 23.86
N GLY A 149 -14.85 -33.28 22.69
CA GLY A 149 -14.54 -32.17 21.81
C GLY A 149 -13.22 -32.33 21.08
N TYR A 150 -12.71 -31.20 20.61
CA TYR A 150 -11.45 -31.13 19.88
C TYR A 150 -10.43 -30.35 20.70
N VAL A 151 -9.24 -30.90 20.83
CA VAL A 151 -8.18 -30.25 21.61
C VAL A 151 -6.89 -30.26 20.80
N PRO A 152 -6.18 -29.15 20.72
CA PRO A 152 -4.90 -29.13 20.01
C PRO A 152 -3.85 -29.95 20.74
N ALA A 153 -2.81 -30.34 19.99
CA ALA A 153 -1.76 -31.17 20.55
C ALA A 153 -1.04 -30.48 21.69
N GLU A 154 -0.72 -29.20 21.51
CA GLU A 154 0.02 -28.47 22.54
C GLU A 154 -0.84 -28.09 23.74
N LYS A 155 -2.16 -28.08 23.59
CA LYS A 155 -3.03 -27.65 24.68
C LYS A 155 -2.99 -28.63 25.84
N HIS A 156 -3.17 -29.92 25.56
CA HIS A 156 -3.14 -30.90 26.63
C HIS A 156 -1.72 -31.16 27.13
N GLY A 157 -0.76 -31.23 26.20
CA GLY A 157 0.63 -31.43 26.55
C GLY A 157 0.90 -32.66 27.38
N ILE A 158 0.66 -33.84 26.80
CA ILE A 158 0.90 -35.11 27.49
C ILE A 158 2.31 -35.55 27.16
N LYS A 159 3.11 -35.78 28.21
CA LYS A 159 4.53 -36.16 28.05
C LYS A 159 4.82 -37.28 29.04
N ASP A 160 4.65 -38.52 28.59
CA ASP A 160 5.04 -39.68 29.39
C ASP A 160 6.49 -40.07 29.17
N ARG A 161 6.99 -39.91 27.94
CA ARG A 161 8.38 -40.13 27.61
C ARG A 161 9.01 -38.84 27.14
N ILE A 162 10.34 -38.77 27.22
CA ILE A 162 11.05 -37.61 26.72
C ILE A 162 10.92 -37.50 25.21
N ASN A 163 10.98 -38.63 24.52
CA ASN A 163 10.91 -38.65 23.06
C ASN A 163 9.48 -38.72 22.52
N ALA A 164 8.48 -38.81 23.38
CA ALA A 164 7.10 -38.87 22.93
C ALA A 164 6.70 -37.57 22.25
N ILE A 165 5.83 -37.68 21.25
CA ILE A 165 5.36 -36.54 20.48
C ILE A 165 3.85 -36.43 20.65
N PRO A 166 3.33 -35.31 21.16
CA PRO A 166 1.88 -35.17 21.28
C PRO A 166 1.22 -35.06 19.92
N VAL A 167 -0.05 -35.47 19.87
CA VAL A 167 -0.85 -35.42 18.65
C VAL A 167 -2.19 -34.77 18.97
N ASP A 168 -2.84 -34.28 17.92
CA ASP A 168 -4.17 -33.72 18.07
C ASP A 168 -5.19 -34.81 18.34
N ALA A 169 -6.25 -34.43 19.05
CA ALA A 169 -7.29 -35.37 19.45
C ALA A 169 -8.65 -34.90 18.95
N VAL A 170 -9.41 -35.82 18.38
CA VAL A 170 -10.78 -35.57 17.95
C VAL A 170 -11.65 -36.56 18.73
N PHE A 171 -12.20 -36.08 19.86
CA PHE A 171 -12.92 -36.93 20.79
C PHE A 171 -14.40 -37.09 20.44
N SER A 172 -14.77 -36.86 19.18
CA SER A 172 -16.18 -36.94 18.79
C SER A 172 -16.46 -38.27 18.13
N PRO A 173 -17.16 -39.19 18.78
CA PRO A 173 -17.52 -40.45 18.11
C PRO A 173 -18.51 -40.27 16.97
N VAL A 174 -19.25 -39.16 16.94
CA VAL A 174 -20.27 -38.96 15.93
C VAL A 174 -19.62 -38.43 14.66
N ARG A 175 -19.79 -39.17 13.56
CA ARG A 175 -19.25 -38.70 12.28
C ARG A 175 -20.10 -37.58 11.71
N ARG A 176 -21.42 -37.76 11.68
CA ARG A 176 -22.32 -36.69 11.23
C ARG A 176 -23.76 -37.02 11.62
N VAL A 177 -24.58 -35.98 11.62
CA VAL A 177 -26.00 -36.07 11.98
C VAL A 177 -26.80 -35.31 10.94
N ALA A 178 -27.93 -35.89 10.52
CA ALA A 178 -28.82 -35.24 9.57
C ALA A 178 -30.26 -35.52 9.97
N PHE A 179 -30.99 -34.48 10.38
CA PHE A 179 -32.38 -34.62 10.76
C PHE A 179 -33.27 -34.05 9.67
N GLN A 180 -34.37 -34.74 9.39
CA GLN A 180 -35.31 -34.36 8.34
C GLN A 180 -36.73 -34.46 8.89
N VAL A 181 -37.52 -33.41 8.65
CA VAL A 181 -38.90 -33.37 9.08
C VAL A 181 -39.80 -33.47 7.84
N GLU A 182 -40.76 -34.38 7.88
CA GLU A 182 -41.66 -34.62 6.77
C GLU A 182 -43.10 -34.44 7.24
N ASP A 183 -44.01 -34.39 6.28
CA ASP A 183 -45.42 -34.19 6.56
C ASP A 183 -46.14 -35.52 6.70
N THR A 184 -46.88 -35.67 7.80
CA THR A 184 -47.71 -36.84 8.05
C THR A 184 -49.13 -36.39 8.36
N ARG A 185 -50.08 -37.26 8.05
CA ARG A 185 -51.49 -36.93 8.13
C ARG A 185 -52.17 -37.72 9.24
N LEU A 186 -53.02 -37.04 9.99
CA LEU A 186 -53.86 -37.66 11.00
C LEU A 186 -55.32 -37.30 10.71
N GLY A 187 -56.24 -38.07 11.30
CA GLY A 187 -57.64 -37.86 11.02
C GLY A 187 -58.13 -36.48 11.41
N GLN A 188 -57.76 -36.04 12.62
CA GLN A 188 -58.23 -34.74 13.09
C GLN A 188 -57.44 -33.58 12.47
N ARG A 189 -56.14 -33.77 12.25
CA ARG A 189 -55.29 -32.73 11.70
C ARG A 189 -54.47 -33.30 10.56
N THR A 190 -54.53 -32.65 9.40
CA THR A 190 -53.88 -33.18 8.20
C THR A 190 -52.39 -32.91 8.18
N ASP A 191 -51.94 -31.80 8.76
CA ASP A 191 -50.54 -31.39 8.70
C ASP A 191 -49.89 -31.64 10.06
N LEU A 192 -49.06 -32.67 10.14
CA LEU A 192 -48.27 -32.97 11.33
C LEU A 192 -46.84 -33.25 10.91
N ASP A 193 -45.93 -33.14 11.88
CA ASP A 193 -44.50 -33.31 11.61
C ASP A 193 -44.02 -34.69 12.03
N LYS A 194 -43.24 -35.32 11.16
CA LYS A 194 -42.54 -36.57 11.47
C LYS A 194 -41.05 -36.28 11.39
N LEU A 195 -40.34 -36.39 12.51
CA LEU A 195 -38.93 -36.05 12.58
C LEU A 195 -38.10 -37.32 12.58
N THR A 196 -37.34 -37.55 11.51
CA THR A 196 -36.44 -38.68 11.44
C THR A 196 -35.01 -38.16 11.38
N LEU A 197 -34.19 -38.58 12.34
CA LEU A 197 -32.80 -38.13 12.42
C LEU A 197 -31.88 -39.32 12.21
N ARG A 198 -30.94 -39.17 11.29
CA ARG A 198 -29.99 -40.21 10.93
C ARG A 198 -28.62 -39.85 11.48
N ILE A 199 -27.99 -40.80 12.17
CA ILE A 199 -26.69 -40.58 12.79
C ILE A 199 -25.70 -41.56 12.19
N TRP A 200 -24.61 -41.03 11.65
CA TRP A 200 -23.44 -41.82 11.28
C TRP A 200 -22.38 -41.60 12.35
N THR A 201 -21.90 -42.70 12.93
CA THR A 201 -20.87 -42.65 13.95
C THR A 201 -19.67 -43.48 13.50
N ASP A 202 -18.62 -43.45 14.32
CA ASP A 202 -17.38 -44.16 14.02
C ASP A 202 -17.34 -45.57 14.59
N GLY A 203 -18.40 -46.02 15.26
CA GLY A 203 -18.46 -47.34 15.82
C GLY A 203 -18.04 -47.43 17.27
N SER A 204 -17.32 -46.43 17.77
CA SER A 204 -16.95 -46.43 19.19
C SER A 204 -18.19 -46.36 20.08
N VAL A 205 -19.17 -45.55 19.69
CA VAL A 205 -20.42 -45.43 20.41
C VAL A 205 -21.57 -45.71 19.45
N THR A 206 -22.45 -46.63 19.83
CA THR A 206 -23.62 -46.91 19.03
C THR A 206 -24.52 -45.68 18.98
N PRO A 207 -25.16 -45.40 17.84
CA PRO A 207 -25.98 -44.18 17.73
C PRO A 207 -27.06 -44.04 18.80
N LEU A 208 -27.64 -45.14 19.27
CA LEU A 208 -28.66 -45.05 20.31
C LEU A 208 -28.09 -44.48 21.59
N GLU A 209 -26.89 -44.93 21.98
CA GLU A 209 -26.25 -44.39 23.18
C GLU A 209 -25.88 -42.92 23.00
N ALA A 210 -25.42 -42.55 21.81
CA ALA A 210 -25.12 -41.14 21.55
C ALA A 210 -26.36 -40.28 21.67
N LEU A 211 -27.49 -40.76 21.13
CA LEU A 211 -28.74 -40.02 21.25
C LEU A 211 -29.17 -39.90 22.71
N ASN A 212 -29.03 -40.98 23.48
CA ASN A 212 -29.38 -40.93 24.89
C ASN A 212 -28.51 -39.93 25.65
N GLN A 213 -27.20 -39.92 25.36
CA GLN A 213 -26.32 -38.96 26.02
C GLN A 213 -26.68 -37.52 25.63
N ALA A 214 -26.99 -37.28 24.35
CA ALA A 214 -27.39 -35.94 23.93
C ALA A 214 -28.67 -35.50 24.63
N VAL A 215 -29.65 -36.41 24.73
CA VAL A 215 -30.90 -36.09 25.42
C VAL A 215 -30.64 -35.78 26.89
N GLU A 216 -29.80 -36.57 27.53
CA GLU A 216 -29.48 -36.34 28.94
C GLU A 216 -28.78 -35.00 29.13
N ILE A 217 -27.85 -34.66 28.25
CA ILE A 217 -27.16 -33.38 28.36
C ILE A 217 -28.14 -32.23 28.18
N LEU A 218 -29.03 -32.33 27.18
CA LEU A 218 -30.01 -31.27 26.97
C LEU A 218 -30.94 -31.14 28.16
N ARG A 219 -31.35 -32.26 28.75
CA ARG A 219 -32.23 -32.21 29.92
C ARG A 219 -31.52 -31.57 31.11
N GLU A 220 -30.25 -31.93 31.34
CA GLU A 220 -29.53 -31.36 32.46
C GLU A 220 -29.23 -29.89 32.25
N HIS A 221 -29.13 -29.45 30.99
CA HIS A 221 -28.99 -28.02 30.72
C HIS A 221 -30.31 -27.27 30.87
N LEU A 222 -31.43 -27.92 30.52
CA LEU A 222 -32.73 -27.30 30.75
C LEU A 222 -33.04 -27.19 32.23
N THR A 223 -32.55 -28.14 33.03
CA THR A 223 -32.70 -28.06 34.48
C THR A 223 -32.04 -26.81 35.06
N TYR A 224 -31.09 -26.22 34.32
CA TYR A 224 -30.34 -25.07 34.83
C TYR A 224 -31.21 -23.82 34.93
N PHE A 225 -32.39 -23.83 34.31
CA PHE A 225 -33.34 -22.72 34.43
C PHE A 225 -34.26 -22.85 35.66
N SER A 226 -34.19 -23.98 36.37
CA SER A 226 -35.17 -24.24 37.42
C SER A 226 -35.03 -23.27 38.59
N ASN A 227 -33.81 -22.87 38.92
CA ASN A 227 -33.58 -22.03 40.10
C ASN A 227 -33.30 -20.60 39.65
N PRO A 228 -34.24 -19.68 39.84
CA PRO A 228 -33.98 -18.27 39.54
C PRO A 228 -33.53 -17.51 40.77
N GLN A 229 -33.01 -16.31 40.53
CA GLN A 229 -32.56 -15.44 41.62
C GLN A 229 -32.43 -14.00 41.14
N MET B 1 -17.13 -27.47 40.18
CA MET B 1 -15.94 -27.08 39.43
C MET B 1 -16.28 -26.04 38.37
N LEU B 2 -15.44 -25.00 38.28
CA LEU B 2 -15.77 -23.84 37.45
C LEU B 2 -15.75 -24.17 35.96
N ASP B 3 -15.19 -25.31 35.57
CA ASP B 3 -15.22 -25.68 34.16
C ASP B 3 -16.64 -26.02 33.71
N SER B 4 -17.34 -26.86 34.46
CA SER B 4 -18.70 -27.23 34.08
C SER B 4 -19.72 -27.09 35.21
N LYS B 5 -19.34 -27.41 36.44
CA LYS B 5 -20.32 -27.51 37.53
C LYS B 5 -20.47 -26.21 38.31
N LEU B 6 -19.37 -25.66 38.84
CA LEU B 6 -19.47 -24.40 39.57
C LEU B 6 -19.94 -23.28 38.65
N LYS B 7 -19.64 -23.36 37.36
CA LYS B 7 -20.21 -22.41 36.42
C LYS B 7 -21.60 -22.86 35.96
N ALA B 8 -22.42 -23.24 36.93
CA ALA B 8 -23.84 -23.43 36.67
C ALA B 8 -24.38 -22.04 36.35
N PRO B 9 -24.68 -21.76 35.08
CA PRO B 9 -24.84 -20.36 34.65
C PRO B 9 -25.84 -19.60 35.48
N VAL B 10 -25.36 -18.54 36.14
CA VAL B 10 -26.23 -17.63 36.87
C VAL B 10 -27.36 -17.19 35.95
N PHE B 11 -28.57 -17.25 36.47
CA PHE B 11 -29.79 -16.94 35.72
C PHE B 11 -30.40 -15.70 36.36
N THR B 12 -29.94 -14.53 35.89
CA THR B 12 -30.40 -13.25 36.43
C THR B 12 -31.67 -12.83 35.73
N VAL B 13 -32.62 -12.32 36.51
CA VAL B 13 -33.94 -11.92 36.01
C VAL B 13 -34.14 -10.43 36.25
N ARG B 14 -34.69 -9.75 35.26
CA ARG B 14 -35.03 -8.33 35.35
C ARG B 14 -36.42 -8.18 34.74
N THR B 15 -37.43 -8.07 35.59
CA THR B 15 -38.82 -8.00 35.16
C THR B 15 -39.34 -6.57 35.37
N GLN B 16 -39.75 -5.92 34.29
CA GLN B 16 -40.34 -4.59 34.34
C GLN B 16 -41.85 -4.74 34.23
N GLY B 17 -42.48 -5.03 35.37
CA GLY B 17 -43.91 -5.28 35.37
C GLY B 17 -44.24 -6.67 34.86
N ARG B 18 -45.49 -6.81 34.41
CA ARG B 18 -45.99 -8.06 33.87
C ARG B 18 -45.93 -8.12 32.35
N GLU B 19 -45.11 -7.28 31.73
CA GLU B 19 -45.03 -7.18 30.28
C GLU B 19 -43.66 -7.49 29.71
N TYR B 20 -42.60 -7.02 30.37
CA TYR B 20 -41.25 -7.08 29.83
C TYR B 20 -40.35 -7.86 30.78
N GLY B 21 -39.58 -8.81 30.24
CA GLY B 21 -38.67 -9.58 31.06
C GLY B 21 -37.36 -9.91 30.37
N GLU B 22 -36.25 -9.60 31.02
CA GLU B 22 -34.92 -9.95 30.54
C GLU B 22 -34.33 -11.04 31.41
N PHE B 23 -33.85 -12.11 30.79
CA PHE B 23 -33.24 -13.22 31.51
C PHE B 23 -31.85 -13.47 30.94
N VAL B 24 -30.85 -13.44 31.81
CA VAL B 24 -29.46 -13.57 31.40
C VAL B 24 -28.89 -14.84 31.99
N LEU B 25 -28.37 -15.71 31.13
CA LEU B 25 -27.76 -16.97 31.52
C LEU B 25 -26.26 -16.83 31.27
N GLU B 26 -25.46 -16.94 32.33
CA GLU B 26 -24.04 -16.61 32.24
C GLU B 26 -23.20 -17.25 33.33
N PRO B 27 -22.10 -17.95 32.99
CA PRO B 27 -21.58 -18.17 31.64
C PRO B 27 -22.00 -19.52 31.06
N LEU B 28 -21.97 -19.65 29.74
CA LEU B 28 -22.37 -20.87 29.07
C LEU B 28 -21.27 -21.31 28.13
N GLU B 29 -21.13 -22.63 27.95
CA GLU B 29 -20.06 -23.18 27.14
C GLU B 29 -20.27 -22.84 25.67
N ARG B 30 -19.20 -23.02 24.89
CA ARG B 30 -19.20 -22.59 23.50
C ARG B 30 -20.26 -23.34 22.69
N GLY B 31 -21.05 -22.57 21.92
CA GLY B 31 -22.04 -23.13 21.04
C GLY B 31 -23.37 -23.47 21.67
N PHE B 32 -23.47 -23.46 23.00
CA PHE B 32 -24.71 -23.84 23.67
C PHE B 32 -25.68 -22.68 23.82
N GLY B 33 -25.21 -21.43 23.69
CA GLY B 33 -26.12 -20.31 23.78
C GLY B 33 -27.18 -20.33 22.68
N VAL B 34 -26.75 -20.56 21.44
CA VAL B 34 -27.69 -20.68 20.33
C VAL B 34 -28.56 -21.93 20.50
N THR B 35 -27.93 -23.02 20.94
CA THR B 35 -28.63 -24.29 21.12
C THR B 35 -29.74 -24.19 22.16
N LEU B 36 -29.60 -23.29 23.11
CA LEU B 36 -30.67 -23.05 24.08
C LEU B 36 -31.63 -21.94 23.63
N GLY B 37 -31.13 -20.97 22.87
CA GLY B 37 -31.98 -19.87 22.45
C GLY B 37 -33.03 -20.27 21.43
N ASN B 38 -32.62 -20.99 20.40
CA ASN B 38 -33.56 -21.30 19.32
C ASN B 38 -34.77 -22.13 19.76
N PRO B 39 -34.60 -23.29 20.41
CA PRO B 39 -35.80 -24.06 20.80
C PRO B 39 -36.70 -23.31 21.76
N LEU B 40 -36.13 -22.57 22.70
CA LEU B 40 -36.95 -21.81 23.64
C LEU B 40 -37.74 -20.73 22.92
N ARG B 41 -37.11 -20.03 21.98
CA ARG B 41 -37.82 -19.01 21.21
C ARG B 41 -38.95 -19.62 20.40
N ARG B 42 -38.69 -20.75 19.74
CA ARG B 42 -39.73 -21.39 18.95
C ARG B 42 -40.89 -21.85 19.83
N ILE B 43 -40.57 -22.44 20.99
CA ILE B 43 -41.62 -22.90 21.90
C ILE B 43 -42.45 -21.72 22.38
N LEU B 44 -41.80 -20.62 22.75
CA LEU B 44 -42.53 -19.44 23.21
C LEU B 44 -43.43 -18.87 22.12
N LEU B 45 -42.92 -18.81 20.89
CA LEU B 45 -43.70 -18.22 19.81
C LEU B 45 -44.71 -19.17 19.20
N SER B 46 -44.71 -20.44 19.57
CA SER B 46 -45.58 -21.40 18.89
C SER B 46 -46.55 -22.13 19.80
N SER B 47 -46.15 -22.52 21.00
CA SER B 47 -46.91 -23.49 21.77
C SER B 47 -47.36 -23.02 23.15
N ILE B 48 -47.23 -21.75 23.48
CA ILE B 48 -47.71 -21.27 24.77
C ILE B 48 -49.22 -21.14 24.71
N PRO B 49 -49.96 -21.82 25.59
CA PRO B 49 -51.42 -21.74 25.54
C PRO B 49 -51.93 -20.37 25.96
N GLY B 50 -53.09 -20.00 25.42
CA GLY B 50 -53.67 -18.71 25.73
C GLY B 50 -55.04 -18.59 25.09
N THR B 51 -55.67 -17.45 25.34
CA THR B 51 -57.02 -17.17 24.87
C THR B 51 -57.02 -15.94 23.96
N ALA B 52 -57.91 -15.96 22.97
CA ALA B 52 -58.03 -14.85 22.04
C ALA B 52 -59.47 -14.77 21.54
N VAL B 53 -59.85 -13.59 21.06
CA VAL B 53 -61.19 -13.36 20.56
C VAL B 53 -61.35 -14.06 19.22
N THR B 54 -62.00 -15.23 19.22
CA THR B 54 -62.09 -16.02 18.01
C THR B 54 -63.03 -15.40 16.98
N SER B 55 -64.19 -14.91 17.41
CA SER B 55 -65.14 -14.37 16.44
C SER B 55 -66.00 -13.30 17.08
N VAL B 56 -66.66 -12.51 16.23
CA VAL B 56 -67.55 -11.44 16.66
C VAL B 56 -68.76 -11.41 15.74
N TYR B 57 -69.93 -11.13 16.30
CA TYR B 57 -71.15 -10.94 15.53
C TYR B 57 -71.82 -9.66 16.00
N ILE B 58 -72.20 -8.82 15.04
CA ILE B 58 -72.94 -7.59 15.28
C ILE B 58 -74.23 -7.66 14.48
N GLU B 59 -75.32 -7.16 15.08
CA GLU B 59 -76.65 -7.39 14.51
C GLU B 59 -76.80 -6.78 13.12
N ASP B 60 -76.24 -5.59 12.91
CA ASP B 60 -76.43 -4.86 11.66
C ASP B 60 -75.27 -5.06 10.69
N VAL B 61 -74.35 -5.98 10.97
CA VAL B 61 -73.21 -6.24 10.12
C VAL B 61 -73.54 -7.39 9.18
N LEU B 62 -73.41 -7.14 7.87
CA LEU B 62 -73.58 -8.18 6.87
C LEU B 62 -72.29 -8.51 6.13
N HIS B 63 -71.39 -7.54 5.97
CA HIS B 63 -70.07 -7.76 5.40
C HIS B 63 -69.02 -7.18 6.33
N GLU B 64 -67.81 -7.73 6.25
CA GLU B 64 -66.72 -7.32 7.13
C GLU B 64 -66.08 -5.99 6.72
N PHE B 65 -66.31 -5.52 5.50
CA PHE B 65 -65.81 -4.23 5.04
C PHE B 65 -66.94 -3.23 4.81
N SER B 66 -67.89 -3.18 5.72
CA SER B 66 -69.00 -2.24 5.69
C SER B 66 -68.82 -1.19 6.78
N THR B 67 -69.69 -0.19 6.75
CA THR B 67 -69.67 0.91 7.71
C THR B 67 -70.92 0.86 8.56
N ILE B 68 -70.77 1.04 9.86
CA ILE B 68 -71.87 0.97 10.81
C ILE B 68 -72.36 2.40 11.07
N PRO B 69 -73.61 2.72 10.73
CA PRO B 69 -74.15 4.03 11.12
C PRO B 69 -74.20 4.19 12.63
N GLY B 70 -73.94 5.40 13.10
CA GLY B 70 -73.88 5.68 14.52
C GLY B 70 -72.55 5.40 15.17
N VAL B 71 -71.59 4.84 14.43
CA VAL B 71 -70.24 4.63 14.92
C VAL B 71 -69.27 5.11 13.84
N LYS B 72 -68.34 5.99 14.22
CA LYS B 72 -67.38 6.48 13.24
C LYS B 72 -66.41 5.38 12.81
N GLU B 73 -66.05 4.49 13.73
CA GLU B 73 -65.17 3.37 13.39
C GLU B 73 -65.94 2.35 12.57
N ASP B 74 -65.31 1.88 11.48
CA ASP B 74 -65.91 0.83 10.67
C ASP B 74 -65.70 -0.53 11.32
N VAL B 75 -66.26 -1.57 10.69
CA VAL B 75 -66.19 -2.91 11.25
C VAL B 75 -64.74 -3.37 11.36
N VAL B 76 -63.92 -3.01 10.37
CA VAL B 76 -62.50 -3.39 10.40
C VAL B 76 -61.82 -2.79 11.62
N GLU B 77 -62.08 -1.51 11.90
CA GLU B 77 -61.50 -0.89 13.08
C GLU B 77 -62.01 -1.56 14.35
N ILE B 78 -63.29 -1.96 14.37
CA ILE B 78 -63.85 -2.61 15.55
C ILE B 78 -63.13 -3.92 15.83
N ILE B 79 -62.96 -4.75 14.79
CA ILE B 79 -62.33 -6.05 15.01
C ILE B 79 -60.85 -5.87 15.34
N LEU B 80 -60.18 -4.89 14.71
CA LEU B 80 -58.78 -4.64 15.03
C LEU B 80 -58.62 -4.19 16.47
N ASN B 81 -59.52 -3.34 16.96
CA ASN B 81 -59.47 -2.94 18.37
C ASN B 81 -59.81 -4.10 19.28
N LEU B 82 -60.66 -5.02 18.84
CA LEU B 82 -60.95 -6.23 19.61
C LEU B 82 -59.79 -7.22 19.61
N LYS B 83 -58.85 -7.09 18.67
CA LYS B 83 -57.73 -8.02 18.61
C LYS B 83 -56.88 -7.96 19.87
N GLU B 84 -56.61 -6.76 20.38
CA GLU B 84 -55.70 -6.62 21.52
C GLU B 84 -56.37 -6.87 22.86
N LEU B 85 -57.67 -7.20 22.87
CA LEU B 85 -58.33 -7.54 24.12
C LEU B 85 -57.76 -8.84 24.68
N VAL B 86 -57.37 -8.81 25.95
CA VAL B 86 -56.81 -9.97 26.62
C VAL B 86 -57.75 -10.39 27.74
N VAL B 87 -58.11 -11.67 27.75
CA VAL B 87 -59.04 -12.23 28.72
C VAL B 87 -58.41 -13.48 29.32
N ARG B 88 -58.55 -13.65 30.64
CA ARG B 88 -58.00 -14.78 31.36
C ARG B 88 -59.15 -15.59 31.97
N PHE B 89 -59.16 -16.89 31.69
CA PHE B 89 -60.12 -17.78 32.29
C PHE B 89 -59.69 -18.17 33.70
N LEU B 90 -60.66 -18.35 34.59
CA LEU B 90 -60.36 -18.61 35.99
C LEU B 90 -60.19 -20.10 36.29
N ASN B 91 -60.77 -20.97 35.48
CA ASN B 91 -60.62 -22.40 35.67
C ASN B 91 -60.26 -23.10 34.38
N PRO B 92 -59.61 -24.26 34.45
CA PRO B 92 -59.25 -24.97 33.22
C PRO B 92 -60.44 -25.51 32.44
N SER B 93 -61.61 -25.61 33.08
CA SER B 93 -62.76 -26.24 32.42
C SER B 93 -63.30 -25.44 31.25
N LEU B 94 -63.04 -24.13 31.21
CA LEU B 94 -63.59 -23.31 30.13
C LEU B 94 -62.91 -23.63 28.81
N GLN B 95 -63.72 -23.77 27.76
CA GLN B 95 -63.24 -23.95 26.40
C GLN B 95 -63.68 -22.83 25.48
N THR B 96 -64.95 -22.41 25.57
CA THR B 96 -65.47 -21.30 24.80
C THR B 96 -66.32 -20.41 25.70
N VAL B 97 -66.20 -19.10 25.49
CA VAL B 97 -66.96 -18.12 26.26
C VAL B 97 -67.56 -17.11 25.30
N THR B 98 -68.87 -16.91 25.39
CA THR B 98 -69.56 -15.90 24.59
C THR B 98 -69.89 -14.72 25.49
N LEU B 99 -69.42 -13.54 25.11
CA LEU B 99 -69.57 -12.33 25.90
C LEU B 99 -70.27 -11.27 25.05
N LEU B 100 -71.38 -10.75 25.56
CA LEU B 100 -72.20 -9.79 24.83
C LEU B 100 -71.91 -8.37 25.29
N LEU B 101 -72.43 -7.41 24.52
CA LEU B 101 -72.21 -5.99 24.78
C LEU B 101 -73.41 -5.21 24.32
N LYS B 102 -74.06 -4.53 25.27
CA LYS B 102 -75.15 -3.60 25.05
C LYS B 102 -74.57 -2.20 25.20
N ALA B 103 -74.83 -1.32 24.23
CA ALA B 103 -74.35 0.05 24.35
C ALA B 103 -75.18 0.97 23.47
N GLU B 104 -75.61 2.09 24.04
CA GLU B 104 -76.32 3.12 23.32
C GLU B 104 -76.00 4.48 23.95
N GLY B 105 -76.21 5.53 23.18
CA GLY B 105 -75.99 6.87 23.66
C GLY B 105 -74.60 7.39 23.35
N PRO B 106 -74.44 8.71 23.35
CA PRO B 106 -73.14 9.31 23.00
C PRO B 106 -72.08 9.07 24.07
N LYS B 107 -71.52 7.87 24.11
CA LYS B 107 -70.51 7.52 25.12
C LYS B 107 -69.42 6.69 24.48
N GLU B 108 -68.24 6.73 25.10
CA GLU B 108 -67.13 5.88 24.70
C GLU B 108 -67.36 4.46 25.22
N VAL B 109 -67.19 3.47 24.36
CA VAL B 109 -67.36 2.07 24.74
C VAL B 109 -65.98 1.42 24.82
N LYS B 110 -65.70 0.80 25.95
CA LYS B 110 -64.40 0.19 26.24
C LYS B 110 -64.61 -1.26 26.68
N ALA B 111 -63.50 -1.93 26.99
CA ALA B 111 -63.57 -3.31 27.42
C ALA B 111 -64.31 -3.45 28.75
N ARG B 112 -64.10 -2.50 29.67
CA ARG B 112 -64.76 -2.55 30.96
C ARG B 112 -66.28 -2.52 30.82
N ASP B 113 -66.79 -1.91 29.75
CA ASP B 113 -68.23 -1.82 29.55
C ASP B 113 -68.87 -3.15 29.19
N PHE B 114 -68.07 -4.19 28.93
CA PHE B 114 -68.62 -5.51 28.70
C PHE B 114 -69.37 -5.99 29.93
N LEU B 115 -70.45 -6.73 29.71
CA LEU B 115 -71.24 -7.25 30.83
C LEU B 115 -70.39 -8.23 31.64
N PRO B 116 -70.39 -8.13 32.97
CA PRO B 116 -69.51 -9.00 33.76
C PRO B 116 -69.86 -10.47 33.59
N VAL B 117 -68.81 -11.30 33.57
CA VAL B 117 -68.94 -12.75 33.59
C VAL B 117 -68.15 -13.28 34.78
N ALA B 118 -68.77 -14.20 35.53
CA ALA B 118 -68.21 -14.60 36.82
C ALA B 118 -66.85 -15.30 36.65
N ASP B 119 -66.71 -16.13 35.63
CA ASP B 119 -65.58 -17.04 35.53
C ASP B 119 -64.49 -16.55 34.58
N VAL B 120 -64.56 -15.30 34.11
CA VAL B 120 -63.52 -14.73 33.26
C VAL B 120 -63.08 -13.40 33.86
N GLU B 121 -61.89 -12.95 33.46
CA GLU B 121 -61.35 -11.68 33.93
C GLU B 121 -60.70 -10.96 32.74
N ILE B 122 -60.71 -9.63 32.81
CA ILE B 122 -60.15 -8.79 31.76
C ILE B 122 -58.99 -8.01 32.34
N MET B 123 -57.82 -8.14 31.71
CA MET B 123 -56.62 -7.47 32.20
C MET B 123 -56.49 -6.04 31.70
N ASN B 124 -57.29 -5.63 30.71
CA ASN B 124 -57.24 -4.28 30.14
C ASN B 124 -58.65 -3.72 30.07
N PRO B 125 -59.26 -3.39 31.22
CA PRO B 125 -60.62 -2.83 31.20
C PRO B 125 -60.72 -1.52 30.44
N ASP B 126 -59.67 -0.70 30.46
CA ASP B 126 -59.70 0.62 29.85
C ASP B 126 -59.39 0.60 28.36
N LEU B 127 -59.37 -0.58 27.73
CA LEU B 127 -59.11 -0.67 26.30
C LEU B 127 -60.27 -0.02 25.55
N HIS B 128 -60.02 1.14 24.97
CA HIS B 128 -61.05 1.87 24.23
C HIS B 128 -61.45 1.08 23.00
N ILE B 129 -62.69 0.60 22.97
CA ILE B 129 -63.17 -0.18 21.83
C ILE B 129 -63.64 0.74 20.71
N ALA B 130 -64.55 1.66 21.02
CA ALA B 130 -65.11 2.53 19.99
C ALA B 130 -65.77 3.74 20.64
N THR B 131 -66.37 4.58 19.80
CA THR B 131 -67.09 5.76 20.23
C THR B 131 -68.47 5.77 19.60
N LEU B 132 -69.42 6.38 20.29
CA LEU B 132 -70.78 6.57 19.78
C LEU B 132 -71.06 8.07 19.72
N GLU B 133 -71.49 8.54 18.55
CA GLU B 133 -71.71 9.98 18.38
C GLU B 133 -73.04 10.42 18.97
N GLU B 134 -74.14 9.75 18.60
CA GLU B 134 -75.45 10.13 19.10
C GLU B 134 -76.36 8.90 19.03
N GLY B 135 -76.56 8.25 20.17
CA GLY B 135 -77.45 7.10 20.23
C GLY B 135 -77.03 5.96 19.33
N GLY B 136 -75.74 5.65 19.28
CA GLY B 136 -75.28 4.57 18.43
C GLY B 136 -75.79 3.23 18.92
N ARG B 137 -76.43 2.48 18.01
CA ARG B 137 -76.94 1.16 18.33
C ARG B 137 -75.78 0.17 18.33
N LEU B 138 -75.28 -0.16 19.52
CA LEU B 138 -74.16 -1.09 19.67
C LEU B 138 -74.68 -2.37 20.33
N ASN B 139 -75.02 -3.34 19.49
CA ASN B 139 -75.43 -4.67 19.92
C ASN B 139 -74.39 -5.65 19.40
N MET B 140 -73.49 -6.12 20.26
CA MET B 140 -72.37 -6.91 19.78
C MET B 140 -72.21 -8.14 20.66
N GLU B 141 -71.59 -9.18 20.11
CA GLU B 141 -71.16 -10.29 20.93
C GLU B 141 -69.88 -10.88 20.34
N VAL B 142 -69.06 -11.46 21.21
CA VAL B 142 -67.77 -12.03 20.83
C VAL B 142 -67.62 -13.40 21.46
N ARG B 143 -67.18 -14.38 20.68
CA ARG B 143 -66.83 -15.69 21.21
C ARG B 143 -65.32 -15.82 21.28
N VAL B 144 -64.84 -16.27 22.44
CA VAL B 144 -63.42 -16.36 22.76
C VAL B 144 -63.12 -17.81 23.12
N ASP B 145 -62.08 -18.38 22.51
CA ASP B 145 -61.64 -19.73 22.79
C ASP B 145 -60.25 -19.71 23.40
N ARG B 146 -59.76 -20.90 23.75
CA ARG B 146 -58.39 -21.09 24.17
C ARG B 146 -57.64 -21.91 23.13
N GLY B 147 -56.39 -21.55 22.90
CA GLY B 147 -55.61 -22.23 21.89
C GLY B 147 -54.14 -21.91 22.02
N VAL B 148 -53.38 -22.27 20.99
CA VAL B 148 -51.94 -22.09 20.95
C VAL B 148 -51.56 -21.44 19.63
N GLY B 149 -50.56 -20.57 19.67
CA GLY B 149 -50.03 -19.97 18.46
C GLY B 149 -50.96 -18.93 17.86
N TYR B 150 -50.87 -18.78 16.54
CA TYR B 150 -51.63 -17.80 15.79
C TYR B 150 -52.47 -18.53 14.74
N VAL B 151 -53.76 -18.23 14.71
CA VAL B 151 -54.69 -18.91 13.81
C VAL B 151 -55.33 -17.89 12.88
N PRO B 152 -55.04 -17.93 11.58
CA PRO B 152 -55.74 -17.05 10.64
C PRO B 152 -57.24 -17.35 10.63
N ALA B 153 -58.02 -16.29 10.44
CA ALA B 153 -59.47 -16.43 10.51
C ALA B 153 -60.03 -17.28 9.37
N GLU B 154 -59.29 -17.40 8.27
CA GLU B 154 -59.83 -18.06 7.09
C GLU B 154 -60.03 -19.56 7.31
N LYS B 155 -59.00 -20.23 7.83
CA LYS B 155 -59.03 -21.70 7.81
C LYS B 155 -59.96 -22.29 8.87
N HIS B 156 -60.00 -21.71 10.08
CA HIS B 156 -60.80 -22.32 11.14
C HIS B 156 -62.29 -22.11 10.90
N GLY B 157 -62.68 -20.90 10.54
CA GLY B 157 -64.07 -20.62 10.18
C GLY B 157 -65.08 -20.97 11.25
N ILE B 158 -64.75 -20.68 12.51
CA ILE B 158 -65.66 -21.01 13.61
C ILE B 158 -66.86 -20.06 13.57
N LYS B 159 -68.06 -20.62 13.60
CA LYS B 159 -69.29 -19.88 13.36
C LYS B 159 -70.29 -20.13 14.48
N ASP B 160 -70.95 -19.05 14.93
CA ASP B 160 -72.10 -19.13 15.82
C ASP B 160 -73.39 -18.68 15.16
N ARG B 161 -73.37 -17.57 14.44
CA ARG B 161 -74.54 -17.03 13.77
C ARG B 161 -74.30 -17.00 12.26
N ILE B 162 -75.39 -16.85 11.50
CA ILE B 162 -75.30 -16.87 10.05
C ILE B 162 -74.44 -15.70 9.56
N ASN B 163 -74.65 -14.51 10.13
CA ASN B 163 -73.93 -13.31 9.72
C ASN B 163 -72.68 -13.05 10.56
N ALA B 164 -72.33 -13.97 11.46
CA ALA B 164 -71.13 -13.79 12.26
C ALA B 164 -69.89 -13.81 11.38
N ILE B 165 -68.89 -13.02 11.77
CA ILE B 165 -67.67 -12.86 10.96
C ILE B 165 -66.48 -13.42 11.72
N PRO B 166 -65.62 -14.20 11.07
CA PRO B 166 -64.43 -14.71 11.75
C PRO B 166 -63.43 -13.61 12.06
N VAL B 167 -62.64 -13.84 13.10
CA VAL B 167 -61.59 -12.92 13.54
C VAL B 167 -60.30 -13.69 13.68
N ASP B 168 -59.21 -13.14 13.13
CA ASP B 168 -57.91 -13.76 13.32
C ASP B 168 -57.58 -13.85 14.81
N ALA B 169 -57.15 -15.02 15.24
CA ALA B 169 -56.94 -15.31 16.65
C ALA B 169 -55.46 -15.32 16.97
N VAL B 170 -55.06 -14.54 17.97
CA VAL B 170 -53.69 -14.55 18.47
C VAL B 170 -53.71 -15.17 19.85
N PHE B 171 -53.54 -16.50 19.92
CA PHE B 171 -53.64 -17.20 21.19
C PHE B 171 -52.41 -17.03 22.05
N SER B 172 -51.23 -16.89 21.45
CA SER B 172 -49.99 -16.86 22.20
C SER B 172 -49.97 -15.62 23.10
N PRO B 173 -49.85 -15.78 24.42
CA PRO B 173 -49.78 -14.61 25.30
C PRO B 173 -48.58 -13.73 25.03
N VAL B 174 -47.45 -14.30 24.63
CA VAL B 174 -46.23 -13.52 24.44
C VAL B 174 -46.35 -12.70 23.16
N ARG B 175 -46.10 -11.40 23.28
CA ARG B 175 -46.11 -10.54 22.09
C ARG B 175 -44.94 -10.88 21.18
N ARG B 176 -43.74 -10.99 21.75
CA ARG B 176 -42.56 -11.33 20.96
C ARG B 176 -41.42 -11.71 21.90
N VAL B 177 -40.40 -12.34 21.31
CA VAL B 177 -39.20 -12.74 22.04
C VAL B 177 -37.99 -12.46 21.16
N ALA B 178 -36.86 -12.14 21.80
CA ALA B 178 -35.62 -11.89 21.09
C ALA B 178 -34.46 -12.38 21.95
N PHE B 179 -33.66 -13.28 21.41
CA PHE B 179 -32.52 -13.82 22.13
C PHE B 179 -31.23 -13.39 21.45
N GLN B 180 -30.25 -12.99 22.26
CA GLN B 180 -28.93 -12.63 21.77
C GLN B 180 -27.88 -13.39 22.57
N VAL B 181 -26.98 -14.08 21.87
CA VAL B 181 -25.84 -14.74 22.48
C VAL B 181 -24.60 -13.93 22.14
N GLU B 182 -23.89 -13.47 23.16
CA GLU B 182 -22.70 -12.67 22.96
C GLU B 182 -21.53 -13.31 23.68
N ASP B 183 -20.34 -13.16 23.10
CA ASP B 183 -19.15 -13.84 23.58
C ASP B 183 -18.68 -13.20 24.87
N THR B 184 -18.96 -13.86 25.99
CA THR B 184 -18.43 -13.43 27.28
C THR B 184 -17.01 -13.95 27.42
N ARG B 185 -16.42 -13.81 28.61
CA ARG B 185 -15.05 -14.26 28.83
C ARG B 185 -14.87 -14.67 30.28
N LEU B 186 -14.17 -15.77 30.48
CA LEU B 186 -13.79 -16.23 31.80
C LEU B 186 -12.37 -15.72 32.11
N GLY B 187 -11.80 -16.19 33.21
CA GLY B 187 -10.47 -15.75 33.59
C GLY B 187 -9.40 -16.19 32.61
N GLN B 188 -9.50 -17.41 32.11
CA GLN B 188 -8.46 -18.02 31.29
C GLN B 188 -8.81 -18.12 29.81
N ARG B 189 -10.09 -18.32 29.46
CA ARG B 189 -10.49 -18.51 28.07
C ARG B 189 -11.65 -17.58 27.74
N THR B 190 -11.75 -17.26 26.45
CA THR B 190 -12.78 -16.36 25.96
C THR B 190 -13.95 -17.10 25.30
N ASP B 191 -13.72 -18.30 24.78
CA ASP B 191 -14.73 -18.99 24.00
C ASP B 191 -15.87 -19.51 24.88
N LEU B 192 -16.68 -18.60 25.42
CA LEU B 192 -17.86 -18.93 26.19
C LEU B 192 -19.04 -18.16 25.63
N ASP B 193 -20.21 -18.34 26.23
CA ASP B 193 -21.44 -17.72 25.75
C ASP B 193 -22.20 -17.09 26.89
N LYS B 194 -22.69 -15.87 26.67
CA LYS B 194 -23.65 -15.21 27.53
C LYS B 194 -24.96 -15.07 26.77
N LEU B 195 -26.04 -15.63 27.31
CA LEU B 195 -27.32 -15.69 26.60
C LEU B 195 -28.32 -14.76 27.27
N THR B 196 -28.69 -13.68 26.58
CA THR B 196 -29.74 -12.80 27.06
C THR B 196 -31.01 -13.06 26.26
N LEU B 197 -32.14 -13.06 26.95
CA LEU B 197 -33.44 -13.37 26.35
C LEU B 197 -34.44 -12.33 26.81
N ARG B 198 -35.04 -11.62 25.86
CA ARG B 198 -35.98 -10.55 26.14
C ARG B 198 -37.37 -10.99 25.68
N ILE B 199 -38.34 -10.95 26.58
CA ILE B 199 -39.69 -11.42 26.31
C ILE B 199 -40.66 -10.28 26.57
N TRP B 200 -41.48 -9.97 25.58
CA TRP B 200 -42.58 -9.01 25.71
C TRP B 200 -43.88 -9.79 25.61
N THR B 201 -44.73 -9.65 26.63
CA THR B 201 -45.95 -10.43 26.77
C THR B 201 -47.13 -9.49 26.93
N ASP B 202 -48.32 -9.97 26.55
CA ASP B 202 -49.52 -9.14 26.65
C ASP B 202 -49.82 -8.75 28.09
N GLY B 203 -49.62 -9.66 29.03
CA GLY B 203 -49.89 -9.38 30.42
C GLY B 203 -50.68 -10.48 31.11
N SER B 204 -51.19 -11.43 30.30
CA SER B 204 -51.92 -12.55 30.87
C SER B 204 -51.03 -13.40 31.76
N VAL B 205 -49.80 -13.64 31.32
CA VAL B 205 -48.82 -14.41 32.09
C VAL B 205 -47.51 -13.64 32.12
N THR B 206 -46.86 -13.64 33.28
CA THR B 206 -45.57 -12.97 33.41
C THR B 206 -44.53 -13.68 32.56
N PRO B 207 -43.48 -12.98 32.13
CA PRO B 207 -42.44 -13.63 31.33
C PRO B 207 -41.79 -14.83 32.02
N LEU B 208 -41.63 -14.78 33.35
CA LEU B 208 -41.10 -15.93 34.06
C LEU B 208 -41.98 -17.15 33.91
N GLU B 209 -43.31 -16.97 34.01
CA GLU B 209 -44.22 -18.09 33.83
C GLU B 209 -44.15 -18.65 32.41
N ALA B 210 -44.05 -17.77 31.41
CA ALA B 210 -43.95 -18.22 30.03
C ALA B 210 -42.67 -19.01 29.80
N LEU B 211 -41.54 -18.53 30.35
CA LEU B 211 -40.28 -19.24 30.21
C LEU B 211 -40.32 -20.59 30.91
N ASN B 212 -40.93 -20.64 32.11
CA ASN B 212 -41.04 -21.91 32.82
C ASN B 212 -41.90 -22.90 32.03
N GLN B 213 -43.01 -22.43 31.47
CA GLN B 213 -43.84 -23.30 30.66
C GLN B 213 -43.10 -23.79 29.42
N ALA B 214 -42.30 -22.90 28.80
CA ALA B 214 -41.53 -23.29 27.62
C ALA B 214 -40.51 -24.37 27.96
N VAL B 215 -39.76 -24.18 29.04
CA VAL B 215 -38.76 -25.18 29.41
C VAL B 215 -39.42 -26.49 29.84
N GLU B 216 -40.58 -26.40 30.50
CA GLU B 216 -41.30 -27.62 30.87
C GLU B 216 -41.76 -28.37 29.63
N ILE B 217 -42.28 -27.65 28.63
CA ILE B 217 -42.70 -28.30 27.38
C ILE B 217 -41.50 -28.95 26.69
N LEU B 218 -40.37 -28.25 26.64
CA LEU B 218 -39.18 -28.81 26.01
C LEU B 218 -38.71 -30.06 26.73
N ARG B 219 -38.71 -30.04 28.06
CA ARG B 219 -38.29 -31.21 28.83
C ARG B 219 -39.25 -32.37 28.62
N GLU B 220 -40.56 -32.11 28.63
CA GLU B 220 -41.52 -33.19 28.45
C GLU B 220 -41.45 -33.76 27.04
N HIS B 221 -41.10 -32.95 26.05
CA HIS B 221 -40.91 -33.47 24.69
C HIS B 221 -39.60 -34.24 24.59
N LEU B 222 -38.59 -33.84 25.35
CA LEU B 222 -37.34 -34.60 25.40
C LEU B 222 -37.57 -35.98 26.00
N THR B 223 -38.45 -36.07 26.99
CA THR B 223 -38.72 -37.35 27.66
C THR B 223 -39.41 -38.35 26.75
N TYR B 224 -39.63 -37.99 25.48
CA TYR B 224 -40.31 -38.86 24.53
C TYR B 224 -39.36 -39.87 23.88
N PHE B 225 -38.06 -39.77 24.11
CA PHE B 225 -37.10 -40.72 23.56
C PHE B 225 -36.86 -41.91 24.46
N SER B 226 -37.48 -41.95 25.64
CA SER B 226 -37.17 -43.00 26.62
C SER B 226 -37.59 -44.38 26.11
N ASN B 227 -38.75 -44.48 25.48
CA ASN B 227 -39.27 -45.78 25.08
C ASN B 227 -39.12 -45.96 23.58
N PRO B 228 -38.22 -46.82 23.11
CA PRO B 228 -38.10 -47.07 21.67
C PRO B 228 -39.01 -48.18 21.20
N GLN B 229 -39.24 -48.21 19.89
CA GLN B 229 -40.05 -49.26 19.28
C GLN B 229 -39.38 -49.79 18.02
N MET C 1 -11.67 -42.60 -9.64
CA MET C 1 -11.60 -41.20 -10.02
C MET C 1 -11.11 -41.04 -11.46
N GLU C 2 -12.01 -40.65 -12.35
CA GLU C 2 -11.68 -40.44 -13.75
C GLU C 2 -11.29 -38.98 -13.98
N ILE C 3 -10.68 -38.74 -15.14
CA ILE C 3 -10.31 -37.40 -15.59
C ILE C 3 -10.99 -37.15 -16.92
N LYS C 4 -11.81 -36.12 -16.99
CA LYS C 4 -12.55 -35.78 -18.20
C LYS C 4 -12.01 -34.47 -18.77
N ARG C 5 -11.67 -34.47 -20.06
CA ARG C 5 -11.17 -33.29 -20.73
C ARG C 5 -12.20 -32.80 -21.75
N PHE C 6 -12.26 -31.48 -21.91
CA PHE C 6 -13.31 -30.84 -22.70
C PHE C 6 -12.82 -30.24 -24.00
N GLY C 7 -11.65 -29.60 -24.01
CA GLY C 7 -11.18 -28.89 -25.18
C GLY C 7 -10.99 -29.75 -26.42
N ARG C 8 -11.41 -29.24 -27.58
CA ARG C 8 -11.23 -29.93 -28.86
C ARG C 8 -10.24 -29.12 -29.70
N ILE C 9 -8.95 -29.34 -29.43
CA ILE C 9 -7.87 -28.77 -30.21
C ILE C 9 -6.73 -29.78 -30.24
N ARG C 10 -6.15 -30.01 -31.42
CA ARG C 10 -5.03 -30.93 -31.57
C ARG C 10 -3.74 -30.13 -31.42
N GLU C 11 -3.12 -30.21 -30.25
CA GLU C 11 -1.83 -29.57 -30.02
C GLU C 11 -0.77 -30.32 -30.81
N VAL C 12 -0.37 -29.75 -31.95
CA VAL C 12 0.56 -30.45 -32.84
C VAL C 12 1.90 -30.67 -32.14
N ILE C 13 2.35 -29.69 -31.37
CA ILE C 13 3.62 -29.81 -30.65
C ILE C 13 3.35 -29.70 -29.15
N PRO C 14 4.10 -30.39 -28.31
CA PRO C 14 3.94 -30.26 -26.86
C PRO C 14 4.70 -29.03 -26.36
N LEU C 15 4.56 -28.77 -25.08
CA LEU C 15 5.25 -27.64 -24.47
C LEU C 15 6.75 -27.89 -24.50
N PRO C 16 7.56 -26.92 -24.91
CA PRO C 16 9.01 -27.06 -24.84
C PRO C 16 9.47 -27.11 -23.40
N PRO C 17 10.69 -27.57 -23.13
CA PRO C 17 11.21 -27.54 -21.75
C PRO C 17 11.10 -26.14 -21.14
N LEU C 18 10.30 -26.02 -20.08
CA LEU C 18 9.96 -24.71 -19.56
C LEU C 18 11.16 -23.94 -19.04
N THR C 19 12.25 -24.63 -18.69
CA THR C 19 13.47 -23.98 -18.23
C THR C 19 14.61 -24.10 -19.23
N GLU C 20 14.30 -24.41 -20.49
CA GLU C 20 15.34 -24.61 -21.49
C GLU C 20 16.09 -23.34 -21.83
N ILE C 21 15.53 -22.17 -21.53
CA ILE C 21 16.17 -20.91 -21.91
C ILE C 21 17.52 -20.78 -21.21
N GLN C 22 17.53 -20.78 -19.87
CA GLN C 22 18.76 -20.61 -19.12
C GLN C 22 19.71 -21.77 -19.34
N VAL C 23 19.19 -23.00 -19.34
CA VAL C 23 20.04 -24.17 -19.48
C VAL C 23 20.75 -24.17 -20.82
N GLU C 24 20.00 -23.92 -21.90
CA GLU C 24 20.61 -23.90 -23.23
C GLU C 24 21.56 -22.72 -23.38
N SER C 25 21.21 -21.56 -22.81
CA SER C 25 22.10 -20.41 -22.89
C SER C 25 23.44 -20.70 -22.23
N TYR C 26 23.40 -21.31 -21.04
CA TYR C 26 24.65 -21.60 -20.34
C TYR C 26 25.43 -22.72 -21.03
N ARG C 27 24.71 -23.71 -21.58
CA ARG C 27 25.39 -24.79 -22.30
C ARG C 27 26.04 -24.29 -23.58
N ARG C 28 25.46 -23.26 -24.20
CA ARG C 28 26.11 -22.65 -25.36
C ARG C 28 27.26 -21.75 -24.93
N ALA C 29 27.14 -21.09 -23.77
CA ALA C 29 28.23 -20.25 -23.29
C ALA C 29 29.46 -21.08 -22.95
N LEU C 30 29.28 -22.17 -22.21
CA LEU C 30 30.37 -23.05 -21.82
C LEU C 30 30.32 -24.32 -22.66
N GLN C 31 31.35 -24.52 -23.48
CA GLN C 31 31.42 -25.65 -24.40
C GLN C 31 32.28 -26.79 -23.85
N ALA C 32 32.21 -27.03 -22.54
CA ALA C 32 33.08 -28.02 -21.91
C ALA C 32 32.85 -29.41 -22.47
N ASP C 33 31.59 -29.76 -22.77
CA ASP C 33 31.27 -31.11 -23.21
C ASP C 33 31.93 -31.43 -24.55
N VAL C 34 31.88 -30.51 -25.51
CA VAL C 34 32.43 -30.76 -26.83
C VAL C 34 33.95 -30.62 -26.79
N PRO C 35 34.68 -31.36 -27.63
CA PRO C 35 36.13 -31.18 -27.67
C PRO C 35 36.49 -29.79 -28.16
N PRO C 36 37.63 -29.25 -27.73
CA PRO C 36 38.01 -27.90 -28.17
C PRO C 36 38.24 -27.78 -29.66
N GLU C 37 38.50 -28.89 -30.36
CA GLU C 37 38.72 -28.87 -31.79
C GLU C 37 37.45 -28.56 -32.58
N LYS C 38 36.28 -28.64 -31.95
CA LYS C 38 35.03 -28.47 -32.66
C LYS C 38 34.88 -27.04 -33.17
N ARG C 39 34.06 -26.89 -34.21
CA ARG C 39 33.90 -25.60 -34.88
C ARG C 39 33.25 -24.56 -33.98
N GLU C 40 32.49 -25.01 -32.98
CA GLU C 40 31.78 -24.08 -32.09
C GLU C 40 32.75 -23.12 -31.43
N ASN C 41 32.48 -21.83 -31.57
CA ASN C 41 33.36 -20.78 -31.05
C ASN C 41 32.65 -19.68 -30.28
N VAL C 42 31.34 -19.49 -30.49
CA VAL C 42 30.63 -18.41 -29.80
C VAL C 42 30.53 -18.70 -28.31
N GLY C 43 30.73 -17.67 -27.49
CA GLY C 43 30.67 -17.79 -26.05
C GLY C 43 31.98 -17.37 -25.40
N ILE C 44 32.42 -18.16 -24.42
CA ILE C 44 33.67 -17.86 -23.73
C ILE C 44 34.85 -18.00 -24.68
N GLN C 45 34.81 -19.00 -25.58
CA GLN C 45 35.86 -19.15 -26.57
C GLN C 45 35.89 -17.95 -27.51
N ALA C 46 34.73 -17.39 -27.82
CA ALA C 46 34.69 -16.18 -28.63
C ALA C 46 35.40 -15.03 -27.94
N ALA C 47 35.15 -14.86 -26.63
CA ALA C 47 35.83 -13.80 -25.89
C ALA C 47 37.34 -14.03 -25.86
N PHE C 48 37.77 -15.27 -25.63
CA PHE C 48 39.19 -15.58 -25.64
C PHE C 48 39.82 -15.25 -26.98
N ARG C 49 39.23 -15.72 -28.08
CA ARG C 49 39.78 -15.48 -29.39
C ARG C 49 39.69 -14.01 -29.81
N GLU C 50 38.78 -13.25 -29.20
CA GLU C 50 38.61 -11.85 -29.59
C GLU C 50 39.58 -10.94 -28.85
N THR C 51 39.62 -11.04 -27.52
CA THR C 51 40.34 -10.06 -26.72
C THR C 51 41.73 -10.52 -26.29
N PHE C 52 41.86 -11.78 -25.88
CA PHE C 52 43.10 -12.22 -25.25
C PHE C 52 44.34 -12.15 -26.14
N PRO C 53 44.31 -12.54 -27.44
CA PRO C 53 45.58 -12.68 -28.17
C PRO C 53 46.29 -11.36 -28.39
N ILE C 54 46.92 -10.86 -27.32
CA ILE C 54 47.65 -9.60 -27.41
C ILE C 54 48.88 -9.76 -28.28
N GLU C 55 49.16 -8.75 -29.09
CA GLU C 55 50.36 -8.71 -29.92
C GLU C 55 51.08 -7.40 -29.68
N GLU C 56 52.40 -7.45 -29.57
CA GLU C 56 53.23 -6.27 -29.42
C GLU C 56 54.29 -6.28 -30.51
N GLU C 57 54.29 -5.24 -31.35
CA GLU C 57 55.23 -5.19 -32.46
C GLU C 57 56.58 -4.64 -32.03
N ASP C 58 56.62 -3.41 -31.53
CA ASP C 58 57.89 -2.78 -31.13
C ASP C 58 57.63 -1.83 -29.96
N LYS C 59 57.84 -2.35 -28.74
CA LYS C 59 57.77 -1.54 -27.53
C LYS C 59 58.78 -2.13 -26.55
N GLY C 60 59.98 -1.55 -26.51
CA GLY C 60 61.06 -2.10 -25.71
C GLY C 60 61.47 -3.46 -26.22
N LYS C 61 61.17 -4.51 -25.47
CA LYS C 61 61.35 -5.88 -25.94
C LYS C 61 60.11 -6.25 -26.74
N GLY C 62 60.19 -6.02 -28.05
CA GLY C 62 59.06 -6.23 -28.93
C GLY C 62 58.88 -7.69 -29.32
N GLY C 63 57.93 -7.92 -30.21
CA GLY C 63 57.63 -9.25 -30.68
C GLY C 63 56.80 -10.10 -29.75
N LEU C 64 56.25 -9.53 -28.69
CA LEU C 64 55.43 -10.29 -27.75
C LEU C 64 54.21 -10.83 -28.47
N VAL C 65 54.05 -12.16 -28.46
CA VAL C 65 52.94 -12.84 -29.11
C VAL C 65 52.42 -13.88 -28.12
N LEU C 66 51.35 -13.56 -27.41
CA LEU C 66 50.70 -14.47 -26.49
C LEU C 66 49.39 -14.93 -27.13
N ASP C 67 49.36 -16.17 -27.60
CA ASP C 67 48.22 -16.69 -28.34
C ASP C 67 47.45 -17.71 -27.50
N PHE C 68 46.17 -17.84 -27.85
CA PHE C 68 45.27 -18.77 -27.19
C PHE C 68 45.12 -20.04 -28.03
N LEU C 69 45.19 -21.19 -27.38
CA LEU C 69 45.06 -22.48 -28.06
C LEU C 69 43.81 -23.22 -27.65
N GLU C 70 43.64 -23.49 -26.35
CA GLU C 70 42.50 -24.26 -25.87
C GLU C 70 42.17 -23.83 -24.45
N TYR C 71 40.96 -24.17 -24.02
CA TYR C 71 40.56 -24.00 -22.63
C TYR C 71 39.79 -25.25 -22.19
N ARG C 72 39.83 -25.51 -20.89
CA ARG C 72 39.21 -26.72 -20.37
C ARG C 72 38.81 -26.52 -18.91
N LEU C 73 37.83 -27.32 -18.49
CA LEU C 73 37.37 -27.39 -17.11
C LEU C 73 36.56 -28.67 -16.97
N GLY C 74 36.92 -29.51 -16.00
CA GLY C 74 36.27 -30.80 -15.91
C GLY C 74 35.97 -31.33 -14.51
N GLU C 75 36.30 -30.56 -13.47
CA GLU C 75 36.11 -31.11 -12.13
C GLU C 75 35.73 -30.04 -11.11
N PRO C 76 34.52 -30.05 -10.58
CA PRO C 76 34.18 -29.19 -9.46
C PRO C 76 34.90 -29.65 -8.19
N PRO C 77 35.40 -28.72 -7.38
CA PRO C 77 36.10 -29.13 -6.15
C PRO C 77 35.21 -29.94 -5.20
N PHE C 78 33.93 -29.60 -5.11
CA PHE C 78 33.02 -30.28 -4.20
C PHE C 78 31.67 -30.46 -4.86
N PRO C 79 30.97 -31.55 -4.56
CA PRO C 79 29.57 -31.67 -5.00
C PRO C 79 28.70 -30.62 -4.33
N GLN C 80 27.58 -30.31 -4.99
CA GLN C 80 26.75 -29.18 -4.58
C GLN C 80 26.11 -29.36 -3.20
N ASP C 81 26.01 -30.59 -2.71
CA ASP C 81 25.34 -30.81 -1.43
C ASP C 81 26.07 -30.11 -0.28
N GLU C 82 27.37 -30.32 -0.14
CA GLU C 82 28.08 -29.55 0.88
C GLU C 82 28.44 -28.15 0.41
N CYS C 83 28.36 -27.89 -0.90
CA CYS C 83 28.43 -26.50 -1.36
C CYS C 83 27.24 -25.69 -0.88
N ARG C 84 26.13 -26.34 -0.55
CA ARG C 84 25.02 -25.68 0.13
C ARG C 84 25.12 -25.80 1.65
N GLU C 85 25.56 -26.96 2.14
CA GLU C 85 25.76 -27.12 3.59
C GLU C 85 26.82 -26.16 4.11
N LYS C 86 27.94 -26.04 3.40
CA LYS C 86 28.97 -25.08 3.70
C LYS C 86 28.94 -23.97 2.65
N ASP C 87 29.13 -22.73 3.10
CA ASP C 87 28.92 -21.59 2.21
C ASP C 87 30.01 -21.44 1.15
N LEU C 88 30.10 -22.41 0.27
CA LEU C 88 31.05 -22.40 -0.84
C LEU C 88 30.32 -22.05 -2.13
N THR C 89 31.02 -22.13 -3.25
CA THR C 89 30.46 -21.88 -4.57
C THR C 89 30.58 -23.15 -5.40
N TYR C 90 29.47 -23.58 -5.99
CA TYR C 90 29.51 -24.72 -6.89
C TYR C 90 30.12 -24.27 -8.21
N GLN C 91 31.45 -24.23 -8.26
CA GLN C 91 32.19 -23.68 -9.40
C GLN C 91 33.12 -24.73 -9.96
N ALA C 92 33.80 -24.37 -11.05
CA ALA C 92 34.81 -25.20 -11.67
C ALA C 92 36.02 -24.36 -12.02
N PRO C 93 37.22 -24.88 -11.81
CA PRO C 93 38.43 -24.13 -12.20
C PRO C 93 38.58 -24.12 -13.71
N LEU C 94 38.95 -22.96 -14.24
CA LEU C 94 39.13 -22.77 -15.67
C LEU C 94 40.61 -22.76 -15.99
N TYR C 95 41.02 -23.64 -16.91
CA TYR C 95 42.41 -23.74 -17.34
C TYR C 95 42.51 -23.38 -18.80
N ALA C 96 43.61 -22.72 -19.17
CA ALA C 96 43.84 -22.28 -20.54
C ALA C 96 45.26 -22.62 -20.96
N ARG C 97 45.42 -23.03 -22.22
CA ARG C 97 46.73 -23.35 -22.78
C ARG C 97 47.27 -22.12 -23.48
N LEU C 98 48.35 -21.55 -22.94
CA LEU C 98 48.94 -20.35 -23.50
C LEU C 98 50.30 -20.67 -24.12
N GLN C 99 50.72 -19.83 -25.06
CA GLN C 99 52.03 -19.99 -25.66
C GLN C 99 52.57 -18.61 -26.02
N LEU C 100 53.87 -18.42 -25.82
CA LEU C 100 54.54 -17.15 -26.04
C LEU C 100 55.58 -17.30 -27.14
N ILE C 101 55.54 -16.35 -28.08
CA ILE C 101 56.45 -16.28 -29.21
C ILE C 101 57.04 -14.88 -29.25
N HIS C 102 58.34 -14.78 -29.51
CA HIS C 102 59.02 -13.52 -29.72
C HIS C 102 59.63 -13.49 -31.11
N LYS C 103 60.13 -12.31 -31.50
CA LYS C 103 60.75 -12.18 -32.82
C LYS C 103 61.97 -13.07 -32.95
N ASP C 104 62.71 -13.29 -31.87
CA ASP C 104 63.81 -14.23 -31.86
C ASP C 104 63.28 -15.65 -31.62
N THR C 105 64.19 -16.59 -31.42
CA THR C 105 63.80 -17.96 -31.16
C THR C 105 63.07 -18.06 -29.83
N GLY C 106 62.19 -19.06 -29.71
CA GLY C 106 61.48 -19.30 -28.48
C GLY C 106 60.04 -19.73 -28.65
N LEU C 107 59.68 -20.83 -27.99
CA LEU C 107 58.32 -21.36 -27.93
C LEU C 107 58.02 -21.64 -26.47
N ILE C 108 57.53 -20.64 -25.73
CA ILE C 108 57.32 -20.77 -24.30
C ILE C 108 55.85 -21.07 -24.09
N LYS C 109 55.51 -22.36 -24.11
CA LYS C 109 54.11 -22.79 -24.05
C LYS C 109 53.84 -23.42 -22.69
N GLU C 110 52.84 -22.89 -21.99
CA GLU C 110 52.37 -23.45 -20.73
C GLU C 110 50.98 -24.02 -20.97
N ASP C 111 50.86 -25.34 -20.79
CA ASP C 111 49.61 -26.02 -21.13
C ASP C 111 48.50 -25.65 -20.16
N GLU C 112 48.83 -25.47 -18.88
CA GLU C 112 47.82 -25.25 -17.85
C GLU C 112 48.17 -24.01 -17.04
N VAL C 113 47.26 -23.03 -17.03
CA VAL C 113 47.31 -21.91 -16.10
C VAL C 113 45.92 -21.74 -15.51
N PHE C 114 45.84 -21.65 -14.19
CA PHE C 114 44.55 -21.43 -13.53
C PHE C 114 44.22 -19.94 -13.56
N LEU C 115 43.01 -19.62 -14.00
CA LEU C 115 42.54 -18.23 -14.06
C LEU C 115 41.08 -18.21 -13.60
N GLY C 116 40.90 -18.05 -12.29
CA GLY C 116 39.57 -17.93 -11.71
C GLY C 116 38.75 -19.21 -11.74
N HIS C 117 37.76 -19.29 -10.86
CA HIS C 117 36.78 -20.36 -10.85
C HIS C 117 35.46 -19.81 -11.34
N ILE C 118 34.86 -20.46 -12.33
CA ILE C 118 33.60 -19.99 -12.88
C ILE C 118 32.45 -20.84 -12.37
N PRO C 119 31.35 -20.24 -11.94
CA PRO C 119 30.24 -21.03 -11.39
C PRO C 119 29.61 -21.94 -12.43
N LEU C 120 29.07 -23.05 -11.96
CA LEU C 120 28.45 -24.06 -12.81
C LEU C 120 26.96 -24.09 -12.54
N MET C 121 26.16 -24.12 -13.61
CA MET C 121 24.72 -24.20 -13.45
C MET C 121 24.31 -25.56 -12.91
N THR C 122 23.38 -25.56 -11.96
CA THR C 122 22.83 -26.80 -11.44
C THR C 122 21.89 -27.43 -12.48
N GLU C 123 21.34 -28.59 -12.13
CA GLU C 123 20.48 -29.30 -13.07
C GLU C 123 19.21 -28.52 -13.35
N ASP C 124 18.60 -27.91 -12.32
CA ASP C 124 17.37 -27.18 -12.52
C ASP C 124 17.59 -25.91 -13.33
N GLY C 125 18.73 -25.25 -13.15
CA GLY C 125 19.02 -24.04 -13.90
C GLY C 125 19.51 -22.89 -13.06
N SER C 126 19.83 -23.15 -11.79
CA SER C 126 20.28 -22.13 -10.86
C SER C 126 21.76 -22.31 -10.55
N PHE C 127 22.32 -21.32 -9.86
CA PHE C 127 23.70 -21.36 -9.40
C PHE C 127 23.74 -21.27 -7.89
N ILE C 128 24.80 -21.83 -7.31
CA ILE C 128 25.09 -21.71 -5.89
C ILE C 128 26.34 -20.86 -5.75
N ILE C 129 26.22 -19.76 -5.00
CA ILE C 129 27.28 -18.75 -4.92
C ILE C 129 27.98 -18.78 -3.56
N ASN C 130 27.26 -18.43 -2.49
CA ASN C 130 27.77 -18.56 -1.12
C ASN C 130 26.69 -19.24 -0.28
N GLY C 131 26.67 -20.56 -0.30
CA GLY C 131 25.68 -21.33 0.43
C GLY C 131 24.33 -21.34 -0.23
N ALA C 132 23.64 -20.21 -0.21
CA ALA C 132 22.34 -20.09 -0.85
C ALA C 132 22.50 -20.05 -2.37
N ASP C 133 21.38 -20.25 -3.06
CA ASP C 133 21.35 -20.31 -4.51
C ASP C 133 20.65 -19.09 -5.10
N ARG C 134 21.14 -18.64 -6.25
CA ARG C 134 20.61 -17.45 -6.91
C ARG C 134 20.27 -17.79 -8.36
N VAL C 135 19.51 -16.89 -8.98
CA VAL C 135 19.11 -17.02 -10.38
C VAL C 135 19.47 -15.73 -11.10
N ILE C 136 19.95 -15.86 -12.34
CA ILE C 136 20.24 -14.73 -13.19
C ILE C 136 19.12 -14.63 -14.22
N VAL C 137 18.38 -13.53 -14.18
CA VAL C 137 17.21 -13.33 -15.03
C VAL C 137 17.63 -12.71 -16.35
N SER C 138 16.91 -13.08 -17.42
CA SER C 138 17.20 -12.56 -18.73
C SER C 138 16.88 -11.07 -18.82
N GLN C 139 17.56 -10.38 -19.73
CA GLN C 139 17.40 -8.95 -19.93
C GLN C 139 16.90 -8.67 -21.34
N ILE C 140 16.13 -7.59 -21.49
CA ILE C 140 15.62 -7.14 -22.77
C ILE C 140 16.09 -5.71 -23.00
N HIS C 141 16.58 -5.44 -24.21
CA HIS C 141 17.02 -4.08 -24.53
C HIS C 141 16.94 -3.88 -26.05
N ARG C 142 17.47 -2.75 -26.50
CA ARG C 142 17.53 -2.47 -27.94
C ARG C 142 18.51 -3.40 -28.62
N SER C 143 18.05 -4.08 -29.65
CA SER C 143 18.94 -4.94 -30.42
C SER C 143 19.92 -4.08 -31.23
N PRO C 144 21.19 -4.47 -31.30
CA PRO C 144 22.14 -3.71 -32.12
C PRO C 144 21.77 -3.78 -33.59
N GLY C 145 22.08 -2.71 -34.31
CA GLY C 145 21.83 -2.67 -35.74
C GLY C 145 21.60 -1.24 -36.19
N VAL C 146 20.86 -1.13 -37.30
CA VAL C 146 20.57 0.15 -37.95
C VAL C 146 19.07 0.39 -37.85
N TYR C 147 18.69 1.46 -37.15
CA TYR C 147 17.30 1.86 -36.98
C TYR C 147 17.08 3.25 -37.55
N PHE C 148 15.81 3.57 -37.75
CA PHE C 148 15.40 4.87 -38.30
C PHE C 148 14.32 5.45 -37.41
N THR C 149 14.47 6.72 -37.03
CA THR C 149 13.56 7.33 -36.08
C THR C 149 13.13 8.72 -36.58
N PRO C 150 11.84 9.01 -36.57
CA PRO C 150 11.38 10.34 -36.98
C PRO C 150 11.98 11.43 -36.10
N ASP C 151 12.26 12.58 -36.72
CA ASP C 151 12.84 13.69 -35.98
C ASP C 151 11.86 14.16 -34.89
N PRO C 152 12.36 14.45 -33.68
CA PRO C 152 11.45 14.92 -32.62
C PRO C 152 10.74 16.22 -32.97
N ALA C 153 11.36 17.09 -33.77
CA ALA C 153 10.77 18.38 -34.13
C ALA C 153 10.42 18.45 -35.62
N ARG C 154 11.39 18.22 -36.49
CA ARG C 154 11.14 18.33 -37.93
C ARG C 154 10.26 17.19 -38.41
N PRO C 155 9.13 17.46 -39.06
CA PRO C 155 8.23 16.39 -39.48
C PRO C 155 8.51 15.82 -40.87
N GLY C 156 9.32 16.49 -41.69
CA GLY C 156 9.56 16.01 -43.04
C GLY C 156 10.71 15.02 -43.14
N ARG C 157 11.66 15.10 -42.22
CA ARG C 157 12.84 14.25 -42.23
C ARG C 157 12.95 13.48 -40.92
N TYR C 158 14.05 12.77 -40.76
CA TYR C 158 14.25 11.86 -39.64
C TYR C 158 15.75 11.58 -39.51
N ILE C 159 16.10 10.62 -38.63
CA ILE C 159 17.48 10.28 -38.36
C ILE C 159 17.68 8.78 -38.49
N ALA C 160 18.93 8.41 -38.77
CA ALA C 160 19.37 7.02 -38.80
C ALA C 160 20.34 6.79 -37.66
N SER C 161 20.29 5.61 -37.06
CA SER C 161 21.15 5.28 -35.92
C SER C 161 21.73 3.89 -36.09
N ILE C 162 23.04 3.81 -36.18
CA ILE C 162 23.77 2.55 -36.12
C ILE C 162 24.32 2.42 -34.71
N ILE C 163 23.91 1.37 -34.00
CA ILE C 163 24.19 1.27 -32.57
C ILE C 163 25.10 0.07 -32.27
N PRO C 164 26.39 0.30 -32.07
CA PRO C 164 27.26 -0.76 -31.55
C PRO C 164 27.24 -0.81 -30.02
N LEU C 165 28.07 -1.68 -29.45
CA LEU C 165 28.20 -1.86 -28.00
C LEU C 165 29.66 -2.17 -27.71
N PRO C 166 30.19 -1.75 -26.55
CA PRO C 166 29.60 -1.07 -25.39
C PRO C 166 29.36 0.43 -25.58
N LYS C 167 28.93 1.08 -24.51
CA LYS C 167 28.65 2.51 -24.55
C LYS C 167 29.92 3.31 -24.87
N ARG C 168 31.04 2.94 -24.27
CA ARG C 168 32.32 3.61 -24.56
C ARG C 168 32.82 3.13 -25.92
N GLY C 169 32.08 3.52 -26.95
CA GLY C 169 32.37 3.13 -28.31
C GLY C 169 31.55 3.94 -29.30
N PRO C 170 31.42 3.44 -30.52
CA PRO C 170 30.67 4.20 -31.53
C PRO C 170 29.19 4.24 -31.22
N TRP C 171 28.55 5.33 -31.65
CA TRP C 171 27.10 5.41 -31.73
C TRP C 171 26.79 6.35 -32.88
N ILE C 172 26.60 5.78 -34.07
CA ILE C 172 26.57 6.57 -35.30
C ILE C 172 25.17 7.11 -35.49
N ASP C 173 25.06 8.44 -35.60
CA ASP C 173 23.78 9.10 -35.82
C ASP C 173 23.88 9.98 -37.05
N LEU C 174 23.06 9.69 -38.05
CA LEU C 174 22.99 10.45 -39.29
C LEU C 174 21.72 11.28 -39.28
N GLU C 175 21.87 12.58 -39.56
CA GLU C 175 20.75 13.51 -39.61
C GLU C 175 20.86 14.34 -40.88
N VAL C 176 19.70 14.74 -41.41
CA VAL C 176 19.64 15.54 -42.63
C VAL C 176 19.11 16.92 -42.24
N GLU C 177 19.99 17.91 -42.19
CA GLU C 177 19.67 19.28 -41.87
C GLU C 177 19.32 20.04 -43.14
N PRO C 178 18.20 20.76 -43.16
CA PRO C 178 17.65 21.26 -44.43
C PRO C 178 18.56 22.21 -45.18
N ASN C 179 19.57 22.79 -44.54
CA ASN C 179 20.51 23.62 -45.29
C ASN C 179 21.42 22.81 -46.20
N GLY C 180 21.16 21.50 -46.32
CA GLY C 180 21.99 20.63 -47.12
C GLY C 180 23.15 20.08 -46.32
N VAL C 181 22.87 19.61 -45.10
CA VAL C 181 23.91 19.10 -44.21
C VAL C 181 23.61 17.64 -43.91
N VAL C 182 24.55 16.76 -44.24
CA VAL C 182 24.48 15.36 -43.85
C VAL C 182 25.33 15.24 -42.58
N SER C 183 24.69 15.50 -41.43
CA SER C 183 25.41 15.49 -40.17
C SER C 183 25.59 14.07 -39.67
N MET C 184 26.78 13.78 -39.14
CA MET C 184 27.10 12.48 -38.58
C MET C 184 27.76 12.73 -37.23
N LYS C 185 27.02 12.50 -36.15
CA LYS C 185 27.57 12.67 -34.81
C LYS C 185 27.95 11.31 -34.25
N VAL C 186 29.25 11.13 -33.98
CA VAL C 186 29.75 9.82 -33.58
C VAL C 186 29.65 9.63 -32.07
N ASN C 187 30.28 10.52 -31.29
CA ASN C 187 30.20 10.45 -29.83
C ASN C 187 29.55 11.69 -29.23
N LYS C 188 30.09 12.88 -29.52
CA LYS C 188 29.52 14.12 -29.00
C LYS C 188 29.51 15.27 -29.98
N ARG C 189 30.24 15.18 -31.10
CA ARG C 189 30.41 16.30 -32.02
C ARG C 189 29.87 15.92 -33.39
N LYS C 190 29.10 16.81 -34.00
CA LYS C 190 28.57 16.57 -35.33
C LYS C 190 29.69 16.67 -36.37
N PHE C 191 29.42 16.11 -37.54
CA PHE C 191 30.43 15.99 -38.59
C PHE C 191 29.78 15.82 -39.95
N PRO C 192 30.24 16.56 -40.97
CA PRO C 192 29.73 16.34 -42.33
C PRO C 192 30.11 14.95 -42.85
N LEU C 193 29.11 14.10 -43.06
CA LEU C 193 29.37 12.71 -43.46
C LEU C 193 30.07 12.63 -44.81
N VAL C 194 30.02 13.68 -45.62
CA VAL C 194 30.60 13.64 -46.96
C VAL C 194 32.10 13.38 -46.89
N LEU C 195 32.78 13.96 -45.90
CA LEU C 195 34.23 13.74 -45.79
C LEU C 195 34.53 12.27 -45.50
N LEU C 196 33.77 11.66 -44.59
CA LEU C 196 33.96 10.24 -44.31
C LEU C 196 33.64 9.38 -45.52
N LEU C 197 32.62 9.75 -46.29
CA LEU C 197 32.29 9.01 -47.50
C LEU C 197 33.43 9.12 -48.51
N ARG C 198 34.04 10.29 -48.63
CA ARG C 198 35.19 10.45 -49.51
C ARG C 198 36.37 9.62 -49.04
N VAL C 199 36.59 9.57 -47.72
CA VAL C 199 37.64 8.74 -47.16
C VAL C 199 37.42 7.27 -47.52
N LEU C 200 36.15 6.85 -47.54
CA LEU C 200 35.78 5.48 -47.82
C LEU C 200 36.06 5.04 -49.26
N GLY C 201 36.56 5.94 -50.10
CA GLY C 201 36.92 5.59 -51.46
C GLY C 201 35.84 5.80 -52.49
N TYR C 202 34.80 6.57 -52.18
CA TYR C 202 33.71 6.83 -53.11
C TYR C 202 33.85 8.22 -53.71
N ASP C 203 33.88 8.29 -55.04
CA ASP C 203 33.91 9.57 -55.72
C ASP C 203 32.49 10.01 -56.12
N GLN C 204 32.42 11.19 -56.74
CA GLN C 204 31.12 11.81 -57.00
C GLN C 204 30.32 11.06 -58.05
N GLU C 205 30.99 10.44 -59.02
CA GLU C 205 30.27 9.85 -60.15
C GLU C 205 29.48 8.60 -59.73
N THR C 206 30.10 7.74 -58.91
CA THR C 206 29.40 6.58 -58.40
C THR C 206 28.33 6.99 -57.39
N LEU C 207 28.57 8.06 -56.63
CA LEU C 207 27.54 8.58 -55.76
C LEU C 207 26.35 9.10 -56.57
N ALA C 208 26.62 9.60 -57.79
CA ALA C 208 25.55 10.09 -58.64
C ALA C 208 24.71 8.94 -59.20
N ARG C 209 25.35 7.99 -59.88
CA ARG C 209 24.54 6.94 -60.51
C ARG C 209 24.15 5.81 -59.56
N GLU C 210 24.66 5.81 -58.32
CA GLU C 210 24.26 4.78 -57.37
C GLU C 210 23.35 5.30 -56.27
N LEU C 211 23.42 6.58 -55.93
CA LEU C 211 22.57 7.15 -54.88
C LEU C 211 21.66 8.25 -55.41
N GLY C 212 22.19 9.21 -56.15
CA GLY C 212 21.43 10.33 -56.64
C GLY C 212 20.62 10.10 -57.89
N ALA C 213 20.63 8.88 -58.43
CA ALA C 213 19.89 8.60 -59.64
C ALA C 213 18.39 8.78 -59.44
N TYR C 214 17.86 8.32 -58.30
CA TYR C 214 16.43 8.38 -58.04
C TYR C 214 16.02 9.53 -57.13
N GLY C 215 16.85 9.90 -56.16
CA GLY C 215 16.49 10.92 -55.19
C GLY C 215 17.06 12.28 -55.56
N GLU C 216 16.29 13.32 -55.29
CA GLU C 216 16.71 14.69 -55.52
C GLU C 216 17.38 15.33 -54.30
N LEU C 217 17.52 14.57 -53.21
CA LEU C 217 18.20 15.07 -52.01
C LEU C 217 19.70 14.83 -52.07
N VAL C 218 20.21 14.25 -53.16
CA VAL C 218 21.66 14.11 -53.30
C VAL C 218 22.32 15.48 -53.39
N GLN C 219 21.58 16.49 -53.84
CA GLN C 219 22.09 17.85 -53.83
C GLN C 219 22.38 18.33 -52.41
N GLY C 220 21.73 17.74 -51.40
CA GLY C 220 22.08 18.05 -50.02
C GLY C 220 23.45 17.59 -49.62
N LEU C 221 24.06 16.70 -50.41
CA LEU C 221 25.42 16.26 -50.21
C LEU C 221 26.35 16.61 -51.37
N MET C 222 25.85 16.58 -52.61
CA MET C 222 26.67 16.95 -53.76
C MET C 222 26.97 18.44 -53.79
N ASP C 223 26.21 19.25 -53.05
CA ASP C 223 26.48 20.68 -53.01
C ASP C 223 27.87 20.97 -52.46
N GLU C 224 28.34 20.15 -51.53
CA GLU C 224 29.68 20.29 -50.95
C GLU C 224 30.67 19.63 -51.91
N SER C 225 30.87 20.28 -53.05
CA SER C 225 31.79 19.81 -54.08
C SER C 225 33.12 20.54 -54.04
N VAL C 226 33.22 21.65 -53.31
CA VAL C 226 34.47 22.39 -53.25
C VAL C 226 35.55 21.59 -52.55
N PHE C 227 35.16 20.69 -51.65
CA PHE C 227 36.11 20.00 -50.79
C PHE C 227 35.85 18.49 -50.75
N ALA C 228 35.81 17.84 -51.92
CA ALA C 228 35.67 16.39 -51.99
C ALA C 228 36.61 15.73 -52.99
N MET C 229 37.81 16.26 -53.18
CA MET C 229 38.72 15.81 -54.23
C MET C 229 40.04 15.28 -53.68
N ARG C 230 40.02 14.55 -52.58
CA ARG C 230 41.26 14.02 -51.99
C ARG C 230 41.11 12.54 -51.66
N PRO C 231 42.02 11.68 -52.12
CA PRO C 231 41.96 10.26 -51.73
C PRO C 231 42.30 10.01 -50.27
N GLU C 232 43.45 10.52 -49.80
CA GLU C 232 43.97 10.11 -48.51
C GLU C 232 44.09 11.22 -47.48
N GLU C 233 44.44 12.45 -47.87
CA GLU C 233 44.60 13.50 -46.88
C GLU C 233 43.26 13.96 -46.30
N ALA C 234 42.16 13.51 -46.89
CA ALA C 234 40.86 13.67 -46.23
C ALA C 234 40.85 12.99 -44.87
N LEU C 235 41.51 11.84 -44.74
CA LEU C 235 41.63 11.19 -43.44
C LEU C 235 42.41 12.04 -42.46
N ILE C 236 43.51 12.66 -42.93
CA ILE C 236 44.29 13.53 -42.06
C ILE C 236 43.46 14.73 -41.58
N ARG C 237 42.69 15.35 -42.48
CA ARG C 237 41.87 16.46 -42.01
C ARG C 237 40.74 15.97 -41.10
N LEU C 238 40.23 14.77 -41.35
CA LEU C 238 39.20 14.22 -40.46
C LEU C 238 39.73 14.03 -39.06
N PHE C 239 40.97 13.53 -38.94
CA PHE C 239 41.60 13.43 -37.63
C PHE C 239 41.91 14.81 -37.05
N THR C 240 42.27 15.77 -37.90
CA THR C 240 42.55 17.12 -37.41
C THR C 240 41.29 17.78 -36.85
N LEU C 241 40.14 17.48 -37.43
CA LEU C 241 38.88 18.03 -36.91
C LEU C 241 38.64 17.60 -35.47
N LEU C 242 39.09 16.40 -35.11
CA LEU C 242 39.05 15.96 -33.72
C LEU C 242 40.00 16.80 -32.89
N ARG C 243 39.74 16.84 -31.58
CA ARG C 243 40.55 17.63 -30.65
C ARG C 243 41.33 16.76 -29.65
N PRO C 244 42.26 15.91 -30.09
CA PRO C 244 43.14 15.24 -29.11
C PRO C 244 44.47 15.93 -28.95
N GLY C 245 44.77 16.90 -29.82
CA GLY C 245 46.05 17.57 -29.83
C GLY C 245 47.17 16.79 -30.47
N ASP C 246 46.90 15.60 -30.99
CA ASP C 246 47.93 14.74 -31.55
C ASP C 246 48.35 15.22 -32.93
N PRO C 247 49.57 14.89 -33.36
CA PRO C 247 50.01 15.25 -34.70
C PRO C 247 49.12 14.61 -35.75
N PRO C 248 48.87 15.31 -36.87
CA PRO C 248 47.97 14.76 -37.90
C PRO C 248 48.49 13.51 -38.58
N LYS C 249 49.79 13.22 -38.49
CA LYS C 249 50.36 12.05 -39.18
C LYS C 249 50.15 10.79 -38.32
N ARG C 250 48.88 10.41 -38.19
CA ARG C 250 48.48 9.16 -37.54
C ARG C 250 47.35 8.59 -38.39
N ASP C 251 47.72 7.74 -39.36
CA ASP C 251 46.75 7.28 -40.35
C ASP C 251 45.69 6.37 -39.75
N LYS C 252 46.07 5.51 -38.80
CA LYS C 252 45.17 4.50 -38.27
C LYS C 252 45.04 4.61 -36.77
N ALA C 253 45.01 5.83 -36.25
CA ALA C 253 44.84 6.03 -34.82
C ALA C 253 43.36 6.01 -34.43
N VAL C 254 42.58 6.94 -34.97
CA VAL C 254 41.15 7.00 -34.70
C VAL C 254 40.31 6.67 -35.93
N ALA C 255 40.82 6.92 -37.14
CA ALA C 255 40.08 6.53 -38.34
C ALA C 255 39.93 5.03 -38.45
N TYR C 256 40.87 4.26 -37.89
CA TYR C 256 40.81 2.81 -37.95
C TYR C 256 40.26 2.19 -36.67
N VAL C 257 40.23 2.92 -35.56
CA VAL C 257 39.65 2.35 -34.34
C VAL C 257 38.17 2.07 -34.54
N TYR C 258 37.54 2.72 -35.51
CA TYR C 258 36.19 2.38 -35.97
C TYR C 258 36.23 1.32 -37.07
N GLY C 259 37.25 0.46 -37.06
CA GLY C 259 37.47 -0.49 -38.12
C GLY C 259 36.92 -1.86 -37.84
N LEU C 260 37.79 -2.80 -37.46
CA LEU C 260 37.42 -4.21 -37.39
C LEU C 260 36.93 -4.64 -36.01
N ILE C 261 37.75 -4.47 -34.98
CA ILE C 261 37.55 -5.15 -33.69
C ILE C 261 37.26 -4.16 -32.56
N ALA C 262 38.12 -3.15 -32.39
CA ALA C 262 38.17 -2.40 -31.15
C ALA C 262 36.87 -1.69 -30.80
N ASP C 263 36.52 -0.65 -31.54
CA ASP C 263 35.29 0.10 -31.25
C ASP C 263 34.04 -0.60 -31.79
N PRO C 264 33.98 -0.97 -33.08
CA PRO C 264 32.73 -1.52 -33.60
C PRO C 264 32.31 -2.79 -32.88
N ARG C 265 31.00 -2.95 -32.73
CA ARG C 265 30.46 -4.14 -32.09
C ARG C 265 30.82 -5.39 -32.89
N ARG C 266 31.12 -6.46 -32.17
CA ARG C 266 31.34 -7.79 -32.75
C ARG C 266 30.09 -8.64 -32.66
N TYR C 267 28.93 -8.03 -32.87
CA TYR C 267 27.65 -8.73 -32.77
C TYR C 267 27.67 -10.03 -33.56
N ASP C 268 27.03 -11.05 -33.02
CA ASP C 268 27.10 -12.39 -33.59
C ASP C 268 26.74 -12.38 -35.07
N LEU C 269 27.54 -13.10 -35.86
CA LEU C 269 27.39 -13.08 -37.30
C LEU C 269 26.03 -13.62 -37.71
N GLY C 270 25.42 -12.96 -38.68
CA GLY C 270 24.15 -13.39 -39.24
C GLY C 270 22.88 -12.80 -38.67
N GLU C 271 22.75 -12.78 -37.35
CA GLU C 271 21.47 -12.41 -36.75
C GLU C 271 21.55 -11.26 -35.76
N ALA C 272 22.62 -11.15 -34.97
CA ALA C 272 22.65 -10.16 -33.91
C ALA C 272 22.61 -8.75 -34.47
N GLY C 273 23.46 -8.44 -35.44
CA GLY C 273 23.45 -7.14 -36.07
C GLY C 273 23.35 -7.22 -37.57
N ARG C 274 23.70 -8.38 -38.13
CA ARG C 274 23.62 -8.55 -39.57
C ARG C 274 22.17 -8.74 -40.03
N TYR C 275 21.38 -9.50 -39.27
CA TYR C 275 19.97 -9.65 -39.61
C TYR C 275 19.24 -8.32 -39.52
N LYS C 276 19.54 -7.53 -38.48
CA LYS C 276 19.04 -6.17 -38.42
C LYS C 276 19.58 -5.29 -39.53
N ALA C 277 20.69 -5.71 -40.16
CA ALA C 277 21.25 -4.99 -41.30
C ALA C 277 20.79 -5.58 -42.63
N GLU C 278 21.08 -6.86 -42.87
CA GLU C 278 20.83 -7.44 -44.18
C GLU C 278 19.34 -7.49 -44.51
N GLU C 279 18.50 -7.80 -43.51
CA GLU C 279 17.07 -7.84 -43.76
C GLU C 279 16.50 -6.44 -43.94
N LYS C 280 16.91 -5.49 -43.10
CA LYS C 280 16.36 -4.15 -43.16
C LYS C 280 16.76 -3.45 -44.45
N LEU C 281 17.98 -3.64 -44.90
CA LEU C 281 18.48 -2.94 -46.08
C LEU C 281 19.59 -3.76 -46.72
N GLY C 282 19.89 -3.43 -47.98
CA GLY C 282 20.93 -4.14 -48.69
C GLY C 282 20.56 -5.59 -48.95
N ILE C 283 21.58 -6.41 -49.14
CA ILE C 283 21.42 -7.84 -49.36
C ILE C 283 22.19 -8.67 -48.35
N ARG C 284 23.48 -8.37 -48.17
CA ARG C 284 24.32 -9.08 -47.21
C ARG C 284 25.33 -8.12 -46.62
N LEU C 285 25.80 -8.46 -45.42
CA LEU C 285 26.83 -7.69 -44.73
C LEU C 285 28.03 -8.61 -44.50
N SER C 286 28.93 -8.67 -45.47
CA SER C 286 30.10 -9.52 -45.36
C SER C 286 30.97 -9.11 -44.19
N GLY C 287 31.53 -10.10 -43.51
CA GLY C 287 32.35 -9.82 -42.35
C GLY C 287 31.54 -9.40 -41.15
N ARG C 288 32.25 -8.87 -40.16
CA ARG C 288 31.64 -8.45 -38.90
C ARG C 288 31.16 -7.01 -38.93
N THR C 289 31.87 -6.13 -39.62
CA THR C 289 31.54 -4.71 -39.65
C THR C 289 32.23 -4.09 -40.85
N LEU C 290 32.22 -2.76 -40.93
CA LEU C 290 32.75 -2.04 -42.08
C LEU C 290 34.21 -1.68 -41.85
N ALA C 291 35.09 -2.30 -42.64
CA ALA C 291 36.52 -2.00 -42.60
C ALA C 291 37.30 -2.74 -43.68
N ARG C 292 38.35 -2.12 -44.19
CA ARG C 292 39.45 -2.83 -44.84
C ARG C 292 40.75 -2.16 -44.40
N PHE C 293 41.78 -2.97 -44.18
CA PHE C 293 43.07 -2.46 -43.74
C PHE C 293 44.23 -3.14 -44.45
N GLU C 294 43.96 -3.88 -45.53
CA GLU C 294 45.00 -4.55 -46.28
C GLU C 294 45.79 -3.61 -47.19
N ASP C 295 45.28 -2.40 -47.45
CA ASP C 295 45.93 -1.45 -48.33
C ASP C 295 46.00 -0.05 -47.73
N GLY C 296 45.74 0.08 -46.43
CA GLY C 296 45.74 1.39 -45.80
C GLY C 296 44.44 2.14 -45.98
N GLU C 297 43.85 2.02 -47.18
CA GLU C 297 42.57 2.64 -47.48
C GLU C 297 41.45 1.93 -46.72
N PHE C 298 40.24 2.45 -46.85
CA PHE C 298 39.09 1.96 -46.09
C PHE C 298 37.95 1.58 -47.03
N LYS C 299 37.14 0.62 -46.59
CA LYS C 299 35.97 0.18 -47.33
C LYS C 299 34.76 0.22 -46.42
N ASP C 300 33.58 0.21 -47.03
CA ASP C 300 32.32 0.23 -46.31
C ASP C 300 31.35 -0.78 -46.90
N GLU C 301 30.44 -1.24 -46.06
CA GLU C 301 29.30 -2.06 -46.49
C GLU C 301 28.02 -1.65 -45.78
N VAL C 302 28.06 -0.56 -45.00
CA VAL C 302 26.91 -0.07 -44.24
C VAL C 302 26.57 1.36 -44.63
N PHE C 303 27.59 2.22 -44.73
CA PHE C 303 27.33 3.65 -44.93
C PHE C 303 26.58 3.91 -46.23
N LEU C 304 27.06 3.37 -47.34
CA LEU C 304 26.37 3.57 -48.61
C LEU C 304 24.96 3.00 -48.60
N PRO C 305 24.72 1.75 -48.19
CA PRO C 305 23.33 1.28 -48.11
C PRO C 305 22.47 2.09 -47.17
N THR C 306 23.02 2.53 -46.03
CA THR C 306 22.21 3.33 -45.10
C THR C 306 21.83 4.66 -45.71
N LEU C 307 22.77 5.33 -46.38
CA LEU C 307 22.45 6.60 -47.03
C LEU C 307 21.42 6.39 -48.13
N ARG C 308 21.58 5.35 -48.95
CA ARG C 308 20.63 5.08 -50.03
C ARG C 308 19.24 4.84 -49.45
N TYR C 309 19.15 4.01 -48.42
CA TYR C 309 17.87 3.65 -47.83
C TYR C 309 17.22 4.85 -47.15
N LEU C 310 18.01 5.66 -46.45
CA LEU C 310 17.47 6.85 -45.80
C LEU C 310 16.94 7.86 -46.83
N PHE C 311 17.71 8.09 -47.89
CA PHE C 311 17.24 9.00 -48.93
C PHE C 311 16.00 8.46 -49.63
N ALA C 312 15.95 7.14 -49.83
CA ALA C 312 14.77 6.54 -50.43
C ALA C 312 13.53 6.76 -49.57
N LEU C 313 13.67 6.58 -48.25
CA LEU C 313 12.50 6.75 -47.39
C LEU C 313 12.12 8.22 -47.25
N THR C 314 13.11 9.11 -47.16
CA THR C 314 12.79 10.52 -46.94
C THR C 314 12.28 11.20 -48.20
N ALA C 315 12.68 10.73 -49.38
CA ALA C 315 12.23 11.28 -50.64
C ALA C 315 11.06 10.50 -51.23
N GLY C 316 11.27 9.21 -51.49
CA GLY C 316 10.25 8.33 -52.01
C GLY C 316 9.59 7.52 -50.92
N VAL C 317 9.22 6.29 -51.26
CA VAL C 317 8.59 5.39 -50.30
C VAL C 317 8.76 3.93 -50.72
N PRO C 318 9.88 3.29 -50.36
CA PRO C 318 9.94 1.83 -50.50
C PRO C 318 8.87 1.12 -49.70
N GLY C 319 8.49 1.67 -48.56
CA GLY C 319 7.46 1.10 -47.73
C GLY C 319 7.33 1.92 -46.46
N HIS C 320 6.44 1.48 -45.59
CA HIS C 320 6.32 2.11 -44.27
C HIS C 320 7.50 1.67 -43.42
N GLU C 321 8.70 2.08 -43.82
CA GLU C 321 9.95 1.48 -43.35
C GLU C 321 10.58 2.32 -42.24
N VAL C 322 9.82 2.50 -41.16
CA VAL C 322 10.27 3.18 -39.96
C VAL C 322 10.20 2.20 -38.79
N ASP C 323 11.29 2.10 -38.03
CA ASP C 323 11.37 1.12 -36.97
C ASP C 323 10.72 1.63 -35.68
N ASP C 324 9.85 0.81 -35.10
CA ASP C 324 9.26 1.13 -33.80
C ASP C 324 10.27 0.86 -32.69
N ILE C 325 10.31 1.75 -31.71
CA ILE C 325 11.27 1.58 -30.61
C ILE C 325 10.88 0.40 -29.73
N ASP C 326 9.59 0.16 -29.54
CA ASP C 326 9.11 -0.91 -28.68
C ASP C 326 8.74 -2.17 -29.44
N HIS C 327 8.95 -2.20 -30.76
CA HIS C 327 8.70 -3.41 -31.53
C HIS C 327 9.61 -4.52 -31.05
N LEU C 328 9.01 -5.66 -30.68
CA LEU C 328 9.77 -6.72 -30.05
C LEU C 328 10.73 -7.40 -31.03
N GLY C 329 10.52 -7.23 -32.34
CA GLY C 329 11.48 -7.71 -33.31
C GLY C 329 12.76 -6.92 -33.34
N ASN C 330 12.74 -5.68 -32.84
CA ASN C 330 13.92 -4.84 -32.73
C ASN C 330 14.51 -4.88 -31.33
N ARG C 331 13.98 -5.71 -30.44
CA ARG C 331 14.49 -5.85 -29.08
C ARG C 331 15.11 -7.23 -28.91
N ARG C 332 16.17 -7.28 -28.11
CA ARG C 332 16.99 -8.47 -27.97
C ARG C 332 17.16 -8.83 -26.50
N ILE C 333 17.25 -10.13 -26.24
CA ILE C 333 17.37 -10.69 -24.89
C ILE C 333 18.81 -11.12 -24.66
N ARG C 334 19.43 -10.55 -23.64
CA ARG C 334 20.69 -11.08 -23.11
C ARG C 334 20.36 -12.06 -21.99
N THR C 335 20.58 -13.35 -22.24
CA THR C 335 20.31 -14.38 -21.26
C THR C 335 21.47 -14.45 -20.26
N VAL C 336 21.48 -15.48 -19.42
CA VAL C 336 22.55 -15.62 -18.43
C VAL C 336 23.89 -15.82 -19.13
N GLY C 337 23.90 -16.59 -20.23
CA GLY C 337 25.14 -16.83 -20.94
C GLY C 337 25.74 -15.54 -21.50
N GLU C 338 24.91 -14.68 -22.08
CA GLU C 338 25.43 -13.45 -22.68
C GLU C 338 25.98 -12.51 -21.60
N LEU C 339 25.26 -12.36 -20.48
CA LEU C 339 25.75 -11.51 -19.40
C LEU C 339 27.05 -12.05 -18.83
N MET C 340 27.13 -13.37 -18.62
CA MET C 340 28.34 -13.97 -18.10
C MET C 340 29.50 -13.77 -19.07
N THR C 341 29.24 -13.92 -20.37
CA THR C 341 30.30 -13.72 -21.36
C THR C 341 30.78 -12.27 -21.37
N ASP C 342 29.85 -11.32 -21.25
CA ASP C 342 30.25 -9.91 -21.24
C ASP C 342 31.12 -9.60 -20.02
N GLN C 343 30.71 -10.08 -18.85
CA GLN C 343 31.52 -9.84 -17.65
C GLN C 343 32.87 -10.56 -17.76
N PHE C 344 32.88 -11.75 -18.34
CA PHE C 344 34.11 -12.50 -18.52
C PHE C 344 35.07 -11.76 -19.45
N ARG C 345 34.56 -11.17 -20.52
CA ARG C 345 35.44 -10.44 -21.43
C ARG C 345 35.89 -9.12 -20.83
N VAL C 346 35.09 -8.52 -19.95
CA VAL C 346 35.57 -7.35 -19.20
C VAL C 346 36.75 -7.75 -18.32
N GLY C 347 36.62 -8.86 -17.60
CA GLY C 347 37.73 -9.37 -16.82
C GLY C 347 38.94 -9.72 -17.66
N LEU C 348 38.69 -10.27 -18.85
CA LEU C 348 39.77 -10.61 -19.77
C LEU C 348 40.49 -9.37 -20.26
N ALA C 349 39.75 -8.29 -20.52
CA ALA C 349 40.40 -7.03 -20.91
C ALA C 349 41.24 -6.48 -19.76
N ARG C 350 40.74 -6.57 -18.53
CA ARG C 350 41.54 -6.14 -17.39
C ARG C 350 42.82 -6.97 -17.28
N LEU C 351 42.70 -8.29 -17.46
CA LEU C 351 43.87 -9.16 -17.42
C LEU C 351 44.84 -8.83 -18.55
N ALA C 352 44.31 -8.48 -19.72
CA ALA C 352 45.16 -8.10 -20.85
C ALA C 352 45.94 -6.83 -20.55
N ARG C 353 45.28 -5.83 -19.94
CA ARG C 353 46.00 -4.63 -19.54
C ARG C 353 47.08 -4.97 -18.51
N GLY C 354 46.75 -5.84 -17.55
CA GLY C 354 47.73 -6.22 -16.55
C GLY C 354 48.94 -6.91 -17.14
N VAL C 355 48.71 -7.87 -18.06
CA VAL C 355 49.82 -8.59 -18.65
C VAL C 355 50.63 -7.68 -19.57
N ARG C 356 49.98 -6.75 -20.26
CA ARG C 356 50.73 -5.77 -21.05
C ARG C 356 51.64 -4.93 -20.17
N GLU C 357 51.13 -4.47 -19.03
CA GLU C 357 51.96 -3.70 -18.11
C GLU C 357 53.11 -4.53 -17.57
N ARG C 358 52.84 -5.79 -17.22
CA ARG C 358 53.89 -6.66 -16.69
C ARG C 358 54.97 -6.91 -17.74
N MET C 359 54.58 -7.13 -18.99
CA MET C 359 55.56 -7.28 -20.06
C MET C 359 56.38 -6.01 -20.25
N LEU C 360 55.72 -4.85 -20.18
CA LEU C 360 56.44 -3.59 -20.29
C LEU C 360 57.48 -3.45 -19.18
N MET C 361 57.11 -3.83 -17.96
CA MET C 361 58.06 -3.80 -16.85
C MET C 361 59.06 -4.95 -16.94
N GLY C 362 58.60 -6.15 -17.30
CA GLY C 362 59.48 -7.30 -17.31
C GLY C 362 60.57 -7.21 -18.35
N SER C 363 61.71 -7.84 -18.05
CA SER C 363 62.89 -7.78 -18.91
C SER C 363 63.10 -9.07 -19.70
N GLU C 364 63.17 -10.21 -19.02
CA GLU C 364 63.49 -11.47 -19.69
C GLU C 364 62.21 -12.05 -20.30
N ASP C 365 62.30 -13.28 -20.82
CA ASP C 365 61.22 -13.86 -21.60
C ASP C 365 60.65 -15.14 -21.02
N SER C 366 61.47 -16.00 -20.41
CA SER C 366 61.00 -17.30 -19.90
C SER C 366 60.21 -17.07 -18.61
N LEU C 367 59.06 -16.41 -18.76
CA LEU C 367 58.22 -16.05 -17.62
C LEU C 367 56.73 -16.19 -17.95
N THR C 368 56.40 -17.04 -18.92
CA THR C 368 55.01 -17.12 -19.39
C THR C 368 54.02 -17.59 -18.32
N PRO C 369 54.29 -18.67 -17.54
CA PRO C 369 53.26 -19.14 -16.59
C PRO C 369 52.77 -18.09 -15.61
N ALA C 370 53.68 -17.53 -14.81
CA ALA C 370 53.31 -16.71 -13.66
C ALA C 370 53.46 -15.21 -13.91
N LYS C 371 54.63 -14.78 -14.40
CA LYS C 371 54.92 -13.36 -14.51
C LYS C 371 54.10 -12.65 -15.59
N LEU C 372 53.17 -13.30 -16.26
CA LEU C 372 52.33 -12.66 -17.26
C LEU C 372 50.88 -12.55 -16.81
N VAL C 373 50.26 -13.66 -16.46
CA VAL C 373 48.82 -13.72 -16.18
C VAL C 373 48.62 -13.96 -14.68
N ASN C 374 47.74 -13.17 -14.09
CA ASN C 374 47.31 -13.36 -12.70
C ASN C 374 45.80 -13.50 -12.68
N SER C 375 45.32 -14.46 -11.88
CA SER C 375 43.90 -14.78 -11.86
C SER C 375 43.05 -13.77 -11.10
N ARG C 376 43.67 -12.84 -10.38
CA ARG C 376 42.91 -11.94 -9.50
C ARG C 376 41.88 -11.10 -10.25
N PRO C 377 42.21 -10.40 -11.36
CA PRO C 377 41.18 -9.53 -11.97
C PRO C 377 39.99 -10.29 -12.53
N LEU C 378 40.23 -11.34 -13.32
CA LEU C 378 39.13 -12.07 -13.93
C LEU C 378 38.27 -12.75 -12.88
N GLU C 379 38.90 -13.37 -11.88
CA GLU C 379 38.14 -14.02 -10.81
C GLU C 379 37.33 -13.00 -10.03
N ALA C 380 37.91 -11.83 -9.74
CA ALA C 380 37.19 -10.79 -9.03
C ALA C 380 36.00 -10.31 -9.84
N ALA C 381 36.17 -10.14 -11.15
CA ALA C 381 35.07 -9.69 -12.00
C ALA C 381 33.94 -10.72 -12.02
N ILE C 382 34.30 -12.00 -12.16
CA ILE C 382 33.28 -13.05 -12.20
C ILE C 382 32.54 -13.13 -10.87
N ARG C 383 33.28 -13.07 -9.75
CA ARG C 383 32.64 -13.13 -8.45
C ARG C 383 31.73 -11.93 -8.22
N GLU C 384 32.18 -10.74 -8.63
CA GLU C 384 31.35 -9.55 -8.50
C GLU C 384 30.07 -9.69 -9.32
N PHE C 385 30.19 -10.19 -10.55
CA PHE C 385 28.99 -10.37 -11.38
C PHE C 385 28.03 -11.38 -10.75
N PHE C 386 28.56 -12.47 -10.21
CA PHE C 386 27.68 -13.49 -9.67
C PHE C 386 27.17 -13.18 -8.27
N SER C 387 27.74 -12.18 -7.59
CA SER C 387 27.33 -11.85 -6.23
C SER C 387 26.55 -10.55 -6.14
N ARG C 388 27.09 -9.44 -6.66
CA ARG C 388 26.55 -8.12 -6.42
C ARG C 388 25.84 -7.52 -7.63
N SER C 389 25.64 -8.29 -8.69
CA SER C 389 24.91 -7.76 -9.84
C SER C 389 23.42 -7.68 -9.53
N GLN C 390 22.73 -6.82 -10.30
CA GLN C 390 21.31 -6.63 -10.10
C GLN C 390 20.49 -7.79 -10.66
N LEU C 391 20.93 -8.40 -11.76
CA LEU C 391 20.18 -9.49 -12.36
C LEU C 391 20.46 -10.83 -11.68
N SER C 392 21.54 -10.94 -10.92
CA SER C 392 21.83 -12.15 -10.15
C SER C 392 21.19 -11.99 -8.78
N GLN C 393 20.00 -12.56 -8.61
CA GLN C 393 19.17 -12.26 -7.46
C GLN C 393 18.71 -13.55 -6.77
N PHE C 394 18.32 -13.39 -5.51
CA PHE C 394 18.00 -14.51 -4.65
C PHE C 394 16.87 -15.36 -5.23
N LYS C 395 17.07 -16.68 -5.22
CA LYS C 395 16.06 -17.59 -5.74
C LYS C 395 14.84 -17.62 -4.83
N ASP C 396 13.67 -17.72 -5.43
CA ASP C 396 12.39 -17.75 -4.71
C ASP C 396 11.89 -19.20 -4.74
N GLU C 397 12.34 -19.99 -3.78
CA GLU C 397 11.91 -21.40 -3.67
C GLU C 397 10.74 -21.56 -2.71
N THR C 398 9.66 -20.79 -2.91
CA THR C 398 8.46 -21.03 -2.11
C THR C 398 7.77 -22.32 -2.55
N ASN C 399 7.77 -22.59 -3.85
CA ASN C 399 7.21 -23.80 -4.42
C ASN C 399 7.81 -23.99 -5.81
N PRO C 400 7.71 -25.19 -6.38
CA PRO C 400 8.30 -25.40 -7.72
C PRO C 400 7.82 -24.42 -8.77
N LEU C 401 6.54 -24.04 -8.73
CA LEU C 401 6.05 -23.04 -9.67
C LEU C 401 6.74 -21.70 -9.48
N SER C 402 6.96 -21.31 -8.22
CA SER C 402 7.66 -20.05 -7.95
C SER C 402 9.07 -20.06 -8.53
N SER C 403 9.80 -21.16 -8.30
CA SER C 403 11.15 -21.26 -8.83
C SER C 403 11.16 -21.23 -10.34
N LEU C 404 10.23 -21.96 -10.97
CA LEU C 404 10.18 -21.97 -12.43
C LEU C 404 9.88 -20.58 -12.99
N ARG C 405 8.90 -19.89 -12.41
CA ARG C 405 8.56 -18.56 -12.88
C ARG C 405 9.73 -17.60 -12.69
N HIS C 406 10.40 -17.67 -11.54
CA HIS C 406 11.58 -16.84 -11.33
C HIS C 406 12.68 -17.17 -12.33
N LYS C 407 12.76 -18.43 -12.76
CA LYS C 407 13.76 -18.82 -13.74
C LYS C 407 13.43 -18.34 -15.14
N ARG C 408 12.15 -18.16 -15.47
CA ARG C 408 11.75 -17.72 -16.79
C ARG C 408 11.16 -16.31 -16.79
N ARG C 409 11.76 -15.41 -16.01
CA ARG C 409 11.34 -14.02 -15.97
C ARG C 409 12.27 -13.17 -16.83
N ILE C 410 11.70 -12.16 -17.49
CA ILE C 410 12.44 -11.24 -18.34
C ILE C 410 12.34 -9.84 -17.74
N SER C 411 13.48 -9.17 -17.60
CA SER C 411 13.52 -7.85 -16.98
C SER C 411 14.04 -6.82 -17.97
N ALA C 412 13.35 -5.69 -18.04
CA ALA C 412 13.85 -4.55 -18.81
C ALA C 412 15.00 -3.85 -18.11
N LEU C 413 15.05 -3.97 -16.79
CA LEU C 413 16.10 -3.34 -15.99
C LEU C 413 17.41 -4.10 -16.20
N GLY C 414 18.46 -3.68 -15.48
CA GLY C 414 19.73 -4.34 -15.58
C GLY C 414 20.85 -3.59 -14.87
N PRO C 415 21.99 -3.45 -15.54
CA PRO C 415 23.13 -2.75 -14.89
C PRO C 415 22.81 -1.33 -14.47
N GLY C 416 21.93 -0.63 -15.17
CA GLY C 416 21.56 0.72 -14.78
C GLY C 416 21.62 1.70 -15.93
N GLY C 417 22.56 1.50 -16.86
CA GLY C 417 22.64 2.32 -18.04
C GLY C 417 21.66 1.99 -19.13
N LEU C 418 20.84 0.96 -18.93
CA LEU C 418 19.85 0.53 -19.92
C LEU C 418 18.44 0.98 -19.54
N THR C 419 17.98 0.60 -18.35
CA THR C 419 16.65 0.99 -17.89
C THR C 419 16.68 1.16 -16.39
N ARG C 420 15.90 2.12 -15.90
CA ARG C 420 15.98 2.58 -14.52
C ARG C 420 14.57 2.84 -13.99
N GLU C 421 14.46 2.79 -12.66
CA GLU C 421 13.16 2.74 -11.98
C GLU C 421 12.29 3.97 -12.20
N ARG C 422 12.82 5.18 -11.99
CA ARG C 422 11.97 6.31 -11.65
C ARG C 422 11.06 6.73 -12.80
N ALA C 423 11.56 6.70 -14.04
CA ALA C 423 10.77 7.11 -15.20
C ALA C 423 10.85 6.04 -16.27
N GLY C 424 9.77 5.27 -16.42
CA GLY C 424 9.67 4.28 -17.47
C GLY C 424 8.27 4.15 -18.06
N PHE C 425 7.48 5.23 -17.99
CA PHE C 425 6.06 5.14 -18.30
C PHE C 425 5.81 4.74 -19.75
N ASP C 426 6.64 5.19 -20.69
CA ASP C 426 6.40 4.91 -22.10
C ASP C 426 6.57 3.44 -22.42
N VAL C 427 7.52 2.76 -21.76
CA VAL C 427 7.84 1.37 -22.08
C VAL C 427 7.11 0.38 -21.17
N ARG C 428 6.31 0.85 -20.23
CA ARG C 428 5.58 -0.07 -19.36
C ARG C 428 4.41 -0.74 -20.08
N ASP C 429 3.80 -0.04 -21.03
CA ASP C 429 2.66 -0.58 -21.75
C ASP C 429 3.10 -1.73 -22.66
N VAL C 430 2.19 -2.68 -22.87
CA VAL C 430 2.46 -3.83 -23.71
C VAL C 430 2.41 -3.40 -25.18
N HIS C 431 2.92 -4.25 -26.06
CA HIS C 431 2.99 -3.96 -27.49
C HIS C 431 2.20 -5.00 -28.26
N ARG C 432 1.85 -4.64 -29.50
CA ARG C 432 1.11 -5.56 -30.35
C ARG C 432 1.94 -6.78 -30.75
N THR C 433 3.26 -6.70 -30.63
CA THR C 433 4.13 -7.82 -30.95
C THR C 433 4.34 -8.77 -29.78
N HIS C 434 3.87 -8.41 -28.59
CA HIS C 434 3.97 -9.30 -27.43
C HIS C 434 3.07 -10.52 -27.56
N TYR C 435 2.16 -10.53 -28.51
CA TYR C 435 1.24 -11.65 -28.70
C TYR C 435 1.99 -12.92 -29.05
N GLY C 436 1.97 -13.90 -28.14
CA GLY C 436 2.65 -15.16 -28.35
C GLY C 436 4.09 -15.18 -27.89
N ARG C 437 4.63 -14.07 -27.42
CA ARG C 437 6.02 -13.98 -26.99
C ARG C 437 6.17 -13.52 -25.55
N ILE C 438 5.38 -12.53 -25.13
CA ILE C 438 5.43 -12.00 -23.77
C ILE C 438 4.03 -12.05 -23.19
N CYS C 439 3.91 -12.53 -21.96
CA CYS C 439 2.61 -12.58 -21.31
C CYS C 439 2.14 -11.17 -20.98
N PRO C 440 0.95 -10.77 -21.45
CA PRO C 440 0.43 -9.43 -21.11
C PRO C 440 -0.17 -9.35 -19.72
N VAL C 441 -0.12 -10.43 -18.94
CA VAL C 441 -0.80 -10.48 -17.65
C VAL C 441 0.16 -10.76 -16.49
N GLU C 442 1.34 -11.31 -16.74
CA GLU C 442 2.22 -11.80 -15.68
C GLU C 442 2.93 -10.68 -14.91
N THR C 443 2.87 -9.44 -15.39
CA THR C 443 3.65 -8.38 -14.79
C THR C 443 3.27 -8.20 -13.31
N PRO C 444 4.24 -7.90 -12.44
CA PRO C 444 3.93 -7.72 -11.01
C PRO C 444 3.48 -6.31 -10.69
N GLU C 445 2.43 -6.19 -9.87
CA GLU C 445 1.93 -4.89 -9.48
C GLU C 445 2.91 -4.19 -8.55
N GLY C 446 2.91 -2.86 -8.62
CA GLY C 446 3.81 -2.06 -7.80
C GLY C 446 4.66 -1.12 -8.62
N ALA C 447 5.83 -0.75 -8.10
CA ALA C 447 6.74 0.09 -8.86
C ALA C 447 7.30 -0.66 -10.07
N ASN C 448 7.53 -1.97 -9.92
CA ASN C 448 8.08 -2.78 -10.99
C ASN C 448 6.99 -3.34 -11.90
N ILE C 449 6.17 -2.46 -12.47
CA ILE C 449 5.07 -2.86 -13.34
C ILE C 449 5.48 -2.61 -14.79
N GLY C 450 5.31 -3.62 -15.64
CA GLY C 450 5.61 -3.48 -17.05
C GLY C 450 7.08 -3.68 -17.39
N LEU C 451 7.97 -3.25 -16.49
CA LEU C 451 9.40 -3.41 -16.73
C LEU C 451 9.80 -4.88 -16.66
N ILE C 452 9.29 -5.59 -15.65
CA ILE C 452 9.61 -7.00 -15.43
C ILE C 452 8.42 -7.83 -15.88
N THR C 453 8.67 -8.86 -16.68
CA THR C 453 7.61 -9.70 -17.23
C THR C 453 8.18 -11.09 -17.49
N SER C 454 7.32 -11.97 -18.00
CA SER C 454 7.71 -13.34 -18.29
C SER C 454 7.29 -13.70 -19.71
N LEU C 455 8.08 -14.56 -20.34
CA LEU C 455 7.81 -14.96 -21.71
C LEU C 455 6.67 -15.97 -21.77
N ALA C 456 6.16 -16.18 -22.98
CA ALA C 456 5.03 -17.08 -23.18
C ALA C 456 5.45 -18.53 -22.96
N ALA C 457 4.43 -19.39 -22.83
CA ALA C 457 4.69 -20.81 -22.60
C ALA C 457 5.39 -21.44 -23.79
N TYR C 458 4.92 -21.15 -25.00
CA TYR C 458 5.52 -21.66 -26.21
C TYR C 458 6.64 -20.77 -26.73
N ALA C 459 6.93 -19.66 -26.06
CA ALA C 459 7.98 -18.76 -26.50
C ALA C 459 9.34 -19.43 -26.39
N ARG C 460 10.25 -19.01 -27.27
CA ARG C 460 11.58 -19.61 -27.32
C ARG C 460 12.54 -18.63 -27.97
N VAL C 461 13.61 -18.27 -27.26
CA VAL C 461 14.71 -17.53 -27.87
C VAL C 461 15.54 -18.53 -28.67
N ASP C 462 15.74 -18.23 -29.96
CA ASP C 462 16.34 -19.23 -30.84
C ASP C 462 17.86 -19.32 -30.66
N GLU C 463 18.58 -18.27 -31.04
CA GLU C 463 20.00 -18.17 -30.68
C GLU C 463 20.43 -16.79 -30.22
N LEU C 464 19.79 -15.71 -30.66
CA LEU C 464 20.20 -14.35 -30.32
C LEU C 464 18.98 -13.53 -29.90
N GLY C 465 18.61 -13.66 -28.62
CA GLY C 465 17.61 -12.82 -27.99
C GLY C 465 16.36 -12.48 -28.78
N PHE C 466 16.00 -13.34 -29.72
CA PHE C 466 14.84 -13.10 -30.60
C PHE C 466 13.80 -14.16 -30.29
N ILE C 467 12.70 -13.73 -29.65
CA ILE C 467 11.65 -14.66 -29.26
C ILE C 467 10.88 -15.10 -30.50
N ARG C 468 10.70 -16.41 -30.63
CA ARG C 468 9.99 -16.99 -31.76
C ARG C 468 8.73 -17.71 -31.27
N THR C 469 7.62 -17.48 -31.96
CA THR C 469 6.34 -18.11 -31.68
C THR C 469 6.06 -19.21 -32.68
N PRO C 470 5.58 -20.37 -32.25
CA PRO C 470 5.24 -21.43 -33.20
C PRO C 470 3.97 -21.10 -33.97
N TYR C 471 3.94 -21.54 -35.22
CA TYR C 471 2.79 -21.34 -36.09
C TYR C 471 2.67 -22.54 -37.02
N ARG C 472 1.43 -23.01 -37.20
CA ARG C 472 1.18 -24.10 -38.13
C ARG C 472 1.02 -23.56 -39.55
N ARG C 473 1.66 -24.22 -40.50
CA ARG C 473 1.59 -23.82 -41.89
C ARG C 473 0.23 -24.19 -42.48
N VAL C 474 -0.42 -23.24 -43.13
CA VAL C 474 -1.70 -23.45 -43.80
C VAL C 474 -1.49 -23.24 -45.29
N VAL C 475 -1.76 -24.27 -46.07
CA VAL C 475 -1.65 -24.22 -47.53
C VAL C 475 -3.05 -24.38 -48.10
N GLY C 476 -3.55 -23.33 -48.73
CA GLY C 476 -4.92 -23.39 -49.25
C GLY C 476 -5.90 -23.54 -48.11
N GLY C 477 -6.72 -24.59 -48.18
CA GLY C 477 -7.70 -24.89 -47.17
C GLY C 477 -7.34 -25.98 -46.19
N VAL C 478 -6.15 -26.55 -46.29
CA VAL C 478 -5.71 -27.64 -45.41
C VAL C 478 -4.68 -27.10 -44.43
N VAL C 479 -4.84 -27.47 -43.16
CA VAL C 479 -3.91 -27.08 -42.12
C VAL C 479 -2.86 -28.17 -41.97
N THR C 480 -1.60 -27.82 -42.25
CA THR C 480 -0.52 -28.78 -42.23
C THR C 480 0.06 -28.89 -40.82
N ASP C 481 0.51 -30.10 -40.48
CA ASP C 481 1.14 -30.34 -39.18
C ASP C 481 2.50 -29.66 -39.05
N GLU C 482 3.07 -29.16 -40.15
CA GLU C 482 4.34 -28.46 -40.09
C GLU C 482 4.24 -27.23 -39.19
N VAL C 483 5.19 -27.10 -38.27
CA VAL C 483 5.21 -26.01 -37.31
C VAL C 483 6.52 -25.25 -37.48
N VAL C 484 6.44 -23.93 -37.62
CA VAL C 484 7.60 -23.08 -37.81
C VAL C 484 7.62 -22.02 -36.73
N TYR C 485 8.79 -21.78 -36.15
CA TYR C 485 8.98 -20.75 -35.14
C TYR C 485 9.36 -19.45 -35.84
N MET C 486 8.57 -18.40 -35.62
CA MET C 486 8.71 -17.16 -36.35
C MET C 486 9.03 -16.00 -35.40
N THR C 487 9.79 -15.03 -35.92
CA THR C 487 10.07 -13.80 -35.21
C THR C 487 9.01 -12.75 -35.54
N ALA C 488 9.03 -11.65 -34.79
CA ALA C 488 8.03 -10.60 -34.98
C ALA C 488 8.14 -9.98 -36.37
N THR C 489 9.36 -9.71 -36.83
CA THR C 489 9.54 -9.14 -38.16
C THR C 489 9.06 -10.10 -39.24
N GLU C 490 9.36 -11.39 -39.09
CA GLU C 490 8.85 -12.39 -40.02
C GLU C 490 7.33 -12.50 -39.93
N GLU C 491 6.78 -12.42 -38.71
CA GLU C 491 5.34 -12.54 -38.52
C GLU C 491 4.58 -11.38 -39.17
N ASP C 492 5.17 -10.18 -39.16
CA ASP C 492 4.48 -8.99 -39.66
C ASP C 492 4.22 -9.02 -41.15
N ARG C 493 4.57 -10.09 -41.86
CA ARG C 493 4.39 -10.15 -43.31
C ARG C 493 3.30 -11.13 -43.75
N TYR C 494 2.77 -11.95 -42.84
CA TYR C 494 1.76 -12.93 -43.17
C TYR C 494 0.49 -12.66 -42.38
N THR C 495 -0.59 -13.32 -42.80
CA THR C 495 -1.88 -13.27 -42.11
C THR C 495 -2.02 -14.53 -41.27
N ILE C 496 -2.21 -14.35 -39.96
CA ILE C 496 -2.22 -15.45 -39.00
C ILE C 496 -3.63 -15.61 -38.47
N ALA C 497 -4.16 -16.82 -38.60
CA ALA C 497 -5.51 -17.14 -38.13
C ALA C 497 -5.48 -17.40 -36.62
N GLN C 498 -6.58 -17.93 -36.09
CA GLN C 498 -6.71 -18.20 -34.67
C GLN C 498 -6.98 -19.68 -34.45
N ALA C 499 -6.61 -20.17 -33.26
CA ALA C 499 -6.77 -21.58 -32.94
C ALA C 499 -8.22 -21.97 -32.72
N ASN C 500 -9.10 -21.01 -32.42
CA ASN C 500 -10.49 -21.31 -32.13
C ASN C 500 -11.35 -21.46 -33.37
N THR C 501 -10.80 -21.26 -34.56
CA THR C 501 -11.58 -21.34 -35.78
C THR C 501 -12.05 -22.78 -36.00
N PRO C 502 -13.27 -22.97 -36.52
CA PRO C 502 -13.77 -24.33 -36.74
C PRO C 502 -12.89 -25.11 -37.70
N LEU C 503 -12.73 -26.40 -37.43
CA LEU C 503 -11.86 -27.27 -38.21
C LEU C 503 -12.56 -28.59 -38.48
N GLU C 504 -12.40 -29.09 -39.70
CA GLU C 504 -12.92 -30.40 -40.11
C GLU C 504 -11.84 -31.46 -40.09
N GLY C 505 -10.91 -31.40 -39.14
CA GLY C 505 -9.73 -32.23 -39.20
C GLY C 505 -8.58 -31.47 -39.84
N ASN C 506 -8.40 -31.67 -41.14
CA ASN C 506 -7.40 -30.94 -41.92
C ASN C 506 -8.07 -30.02 -42.93
N ARG C 507 -9.14 -29.34 -42.53
CA ARG C 507 -9.85 -28.43 -43.41
C ARG C 507 -10.56 -27.36 -42.59
N ILE C 508 -10.49 -26.12 -43.07
CA ILE C 508 -11.17 -25.02 -42.40
C ILE C 508 -12.67 -25.17 -42.60
N ALA C 509 -13.41 -25.18 -41.50
CA ALA C 509 -14.85 -25.43 -41.53
C ALA C 509 -15.69 -24.16 -41.54
N ALA C 510 -15.06 -22.99 -41.56
CA ALA C 510 -15.79 -21.72 -41.53
C ALA C 510 -15.53 -20.93 -42.80
N GLU C 511 -16.47 -20.03 -43.10
CA GLU C 511 -16.35 -19.17 -44.27
C GLU C 511 -15.65 -17.85 -43.94
N ARG C 512 -16.06 -17.20 -42.87
CA ARG C 512 -15.41 -15.99 -42.39
C ARG C 512 -14.51 -16.36 -41.21
N VAL C 513 -13.21 -16.11 -41.37
CA VAL C 513 -12.21 -16.51 -40.38
C VAL C 513 -11.56 -15.25 -39.80
N VAL C 514 -11.47 -15.21 -38.47
CA VAL C 514 -10.79 -14.12 -37.80
C VAL C 514 -9.28 -14.32 -37.91
N ALA C 515 -8.55 -13.23 -38.06
CA ALA C 515 -7.11 -13.30 -38.27
C ALA C 515 -6.48 -11.98 -37.87
N ARG C 516 -5.15 -11.95 -37.92
CA ARG C 516 -4.37 -10.75 -37.62
C ARG C 516 -3.52 -10.42 -38.84
N ARG C 517 -3.90 -9.38 -39.58
CA ARG C 517 -3.13 -8.96 -40.73
C ARG C 517 -1.74 -8.51 -40.31
N LYS C 518 -1.66 -7.42 -39.56
CA LYS C 518 -0.44 -7.02 -38.85
C LYS C 518 -0.86 -6.50 -37.48
N GLY C 519 -1.01 -7.41 -36.53
CA GLY C 519 -1.50 -7.04 -35.21
C GLY C 519 -2.88 -6.42 -35.20
N GLU C 520 -3.63 -6.53 -36.29
CA GLU C 520 -4.95 -5.92 -36.42
C GLU C 520 -6.01 -7.00 -36.58
N PRO C 521 -6.98 -7.10 -35.67
CA PRO C 521 -8.05 -8.09 -35.85
C PRO C 521 -8.90 -7.82 -37.08
N VAL C 522 -8.85 -8.72 -38.06
CA VAL C 522 -9.61 -8.60 -39.29
C VAL C 522 -10.35 -9.91 -39.54
N ILE C 523 -11.28 -9.87 -40.49
CA ILE C 523 -12.04 -11.03 -40.92
C ILE C 523 -11.78 -11.26 -42.40
N VAL C 524 -11.36 -12.46 -42.76
CA VAL C 524 -10.97 -12.79 -44.12
C VAL C 524 -11.58 -14.14 -44.50
N SER C 525 -11.21 -14.62 -45.69
CA SER C 525 -11.57 -15.89 -46.28
C SER C 525 -10.49 -16.93 -46.03
N PRO C 526 -10.85 -18.21 -46.00
CA PRO C 526 -9.83 -19.25 -45.76
C PRO C 526 -8.72 -19.28 -46.78
N GLU C 527 -9.01 -18.90 -48.03
CA GLU C 527 -7.98 -18.95 -49.08
C GLU C 527 -6.87 -17.93 -48.85
N GLU C 528 -7.12 -16.90 -48.04
CA GLU C 528 -6.13 -15.85 -47.76
C GLU C 528 -5.42 -16.07 -46.44
N VAL C 529 -5.48 -17.28 -45.89
CA VAL C 529 -4.84 -17.61 -44.62
C VAL C 529 -3.58 -18.41 -44.90
N GLU C 530 -2.46 -17.97 -44.32
CA GLU C 530 -1.19 -18.66 -44.48
C GLU C 530 -0.72 -19.40 -43.24
N PHE C 531 -1.00 -18.88 -42.05
CA PHE C 531 -0.51 -19.47 -40.81
C PHE C 531 -1.62 -19.53 -39.78
N MET C 532 -1.47 -20.48 -38.85
CA MET C 532 -2.47 -20.75 -37.83
C MET C 532 -1.81 -20.77 -36.46
N ASP C 533 -2.52 -20.26 -35.46
CA ASP C 533 -2.03 -20.33 -34.08
C ASP C 533 -2.01 -21.77 -33.61
N VAL C 534 -0.94 -22.15 -32.90
CA VAL C 534 -0.81 -23.51 -32.42
C VAL C 534 -1.84 -23.80 -31.33
N SER C 535 -1.95 -22.89 -30.35
CA SER C 535 -2.83 -23.08 -29.21
C SER C 535 -3.00 -21.76 -28.47
N PRO C 536 -4.13 -21.56 -27.77
CA PRO C 536 -4.24 -20.35 -26.93
C PRO C 536 -3.17 -20.27 -25.86
N LYS C 537 -2.67 -21.40 -25.39
CA LYS C 537 -1.68 -21.41 -24.31
C LYS C 537 -0.41 -20.64 -24.68
N GLN C 538 -0.13 -20.48 -25.98
CA GLN C 538 1.06 -19.75 -26.38
C GLN C 538 0.94 -18.25 -26.17
N VAL C 539 -0.25 -17.76 -25.79
CA VAL C 539 -0.42 -16.32 -25.60
C VAL C 539 -0.15 -15.88 -24.16
N PHE C 540 -0.22 -16.79 -23.20
CA PHE C 540 -0.05 -16.47 -21.80
C PHE C 540 1.14 -17.23 -21.21
N SER C 541 1.58 -16.77 -20.04
CA SER C 541 2.71 -17.39 -19.37
C SER C 541 2.31 -18.73 -18.75
N VAL C 542 3.30 -19.45 -18.25
CA VAL C 542 3.06 -20.74 -17.60
C VAL C 542 2.20 -20.54 -16.35
N ASN C 543 2.53 -19.53 -15.54
CA ASN C 543 1.76 -19.28 -14.33
C ASN C 543 0.33 -18.85 -14.65
N THR C 544 0.16 -18.03 -15.68
CA THR C 544 -1.18 -17.60 -16.07
C THR C 544 -1.99 -18.74 -16.67
N ASN C 545 -1.33 -19.68 -17.33
CA ASN C 545 -2.03 -20.80 -17.97
C ASN C 545 -2.67 -21.75 -16.97
N LEU C 546 -2.36 -21.63 -15.68
CA LEU C 546 -2.91 -22.54 -14.68
C LEU C 546 -4.31 -22.15 -14.22
N ILE C 547 -4.80 -20.99 -14.62
CA ILE C 547 -6.15 -20.56 -14.24
C ILE C 547 -7.14 -21.24 -15.19
N PRO C 548 -8.08 -22.05 -14.68
CA PRO C 548 -8.94 -22.84 -15.58
C PRO C 548 -9.84 -21.99 -16.46
N PHE C 549 -10.68 -21.16 -15.86
CA PHE C 549 -11.64 -20.35 -16.61
C PHE C 549 -11.12 -18.92 -16.75
N LEU C 550 -10.03 -18.79 -17.51
CA LEU C 550 -9.45 -17.48 -17.76
C LEU C 550 -10.34 -16.65 -18.67
N GLU C 551 -11.14 -17.29 -19.52
CA GLU C 551 -11.97 -16.57 -20.47
C GLU C 551 -13.07 -15.75 -19.80
N HIS C 552 -13.39 -16.04 -18.54
CA HIS C 552 -14.44 -15.34 -17.82
C HIS C 552 -13.87 -14.58 -16.62
N ASP C 553 -12.70 -13.96 -16.80
CA ASP C 553 -12.03 -13.26 -15.71
C ASP C 553 -11.53 -11.91 -16.19
N ASP C 554 -11.47 -10.95 -15.27
CA ASP C 554 -10.88 -9.66 -15.57
C ASP C 554 -9.37 -9.77 -15.64
N ALA C 555 -8.74 -8.85 -16.37
CA ALA C 555 -7.29 -8.89 -16.53
C ALA C 555 -6.57 -8.63 -15.22
N ASN C 556 -7.11 -7.73 -14.38
CA ASN C 556 -6.41 -7.36 -13.15
C ASN C 556 -6.44 -8.50 -12.13
N ARG C 557 -7.62 -9.08 -11.90
CA ARG C 557 -7.71 -10.22 -10.98
C ARG C 557 -6.99 -11.44 -11.52
N ALA C 558 -7.00 -11.66 -12.82
CA ALA C 558 -6.19 -12.74 -13.38
C ALA C 558 -4.71 -12.49 -13.14
N LEU C 559 -4.28 -11.24 -13.32
CA LEU C 559 -2.89 -10.86 -13.02
C LEU C 559 -2.52 -11.20 -11.60
N MET C 560 -3.32 -10.74 -10.64
CA MET C 560 -2.96 -10.96 -9.25
C MET C 560 -3.11 -12.41 -8.83
N GLY C 561 -4.06 -13.15 -9.43
CA GLY C 561 -4.15 -14.57 -9.15
C GLY C 561 -2.93 -15.34 -9.64
N SER C 562 -2.45 -14.99 -10.84
CA SER C 562 -1.21 -15.58 -11.33
C SER C 562 -0.04 -15.21 -10.42
N ASN C 563 -0.03 -13.96 -9.94
CA ASN C 563 1.05 -13.52 -9.06
C ASN C 563 1.04 -14.28 -7.73
N MET C 564 -0.14 -14.47 -7.15
CA MET C 564 -0.25 -15.15 -5.86
C MET C 564 -0.15 -16.66 -5.96
N GLN C 565 -0.33 -17.23 -7.16
CA GLN C 565 0.01 -18.64 -7.35
C GLN C 565 1.47 -18.90 -7.07
N THR C 566 2.32 -17.90 -7.27
CA THR C 566 3.74 -18.03 -7.00
C THR C 566 4.01 -18.22 -5.51
N GLN C 567 3.30 -17.50 -4.65
CA GLN C 567 3.61 -17.43 -3.23
C GLN C 567 2.69 -18.29 -2.38
N ALA C 568 2.32 -19.48 -2.85
CA ALA C 568 1.52 -20.41 -2.07
C ALA C 568 2.43 -21.45 -1.43
N VAL C 569 2.33 -21.61 -0.12
CA VAL C 569 3.19 -22.52 0.62
C VAL C 569 2.76 -23.96 0.37
N PRO C 570 3.70 -24.90 0.33
CA PRO C 570 3.31 -26.31 0.21
C PRO C 570 2.73 -26.82 1.52
N LEU C 571 1.68 -27.62 1.42
CA LEU C 571 0.97 -28.15 2.58
C LEU C 571 1.39 -29.58 2.86
N ILE C 572 1.09 -30.04 4.07
CA ILE C 572 1.46 -31.39 4.49
C ILE C 572 0.77 -32.43 3.62
N ARG C 573 -0.54 -32.29 3.46
CA ARG C 573 -1.33 -33.15 2.57
C ARG C 573 -2.04 -32.26 1.56
N ALA C 574 -1.34 -31.93 0.48
CA ALA C 574 -1.89 -31.12 -0.59
C ALA C 574 -2.47 -32.02 -1.67
N GLN C 575 -3.51 -31.53 -2.34
CA GLN C 575 -4.22 -32.30 -3.35
C GLN C 575 -4.48 -31.44 -4.58
N ALA C 576 -4.50 -32.09 -5.73
CA ALA C 576 -4.64 -31.38 -6.99
C ALA C 576 -6.02 -30.74 -7.10
N PRO C 577 -6.13 -29.63 -7.82
CA PRO C 577 -7.43 -28.98 -7.98
C PRO C 577 -8.42 -29.87 -8.70
N VAL C 578 -9.70 -29.72 -8.35
CA VAL C 578 -10.75 -30.46 -9.03
C VAL C 578 -10.81 -30.07 -10.49
N VAL C 579 -10.68 -28.79 -10.79
CA VAL C 579 -10.66 -28.27 -12.15
C VAL C 579 -9.22 -27.88 -12.48
N MET C 580 -8.66 -28.50 -13.51
CA MET C 580 -7.30 -28.25 -13.93
C MET C 580 -7.27 -27.79 -15.38
N THR C 581 -6.12 -27.29 -15.81
CA THR C 581 -5.94 -26.85 -17.19
C THR C 581 -5.16 -27.85 -18.03
N GLY C 582 -4.27 -28.63 -17.43
CA GLY C 582 -3.49 -29.62 -18.14
C GLY C 582 -2.00 -29.38 -18.14
N LEU C 583 -1.50 -28.30 -17.53
CA LEU C 583 -0.07 -28.03 -17.46
C LEU C 583 0.55 -28.44 -16.14
N GLU C 584 -0.25 -28.96 -15.21
CA GLU C 584 0.28 -29.30 -13.88
C GLU C 584 1.34 -30.39 -13.97
N GLU C 585 1.08 -31.45 -14.73
CA GLU C 585 2.06 -32.51 -14.87
C GLU C 585 3.31 -32.01 -15.59
N ARG C 586 3.13 -31.17 -16.61
CA ARG C 586 4.28 -30.59 -17.29
C ARG C 586 5.08 -29.69 -16.35
N VAL C 587 4.39 -28.93 -15.51
CA VAL C 587 5.09 -28.04 -14.57
C VAL C 587 5.91 -28.86 -13.57
N VAL C 588 5.32 -29.91 -13.01
CA VAL C 588 6.07 -30.69 -12.02
C VAL C 588 7.18 -31.50 -12.68
N ARG C 589 7.00 -31.92 -13.93
CA ARG C 589 8.04 -32.69 -14.61
C ARG C 589 9.22 -31.79 -15.00
N ASP C 590 8.93 -30.62 -15.58
CA ASP C 590 10.00 -29.75 -16.05
C ASP C 590 10.75 -29.09 -14.90
N SER C 591 10.07 -28.82 -13.80
CA SER C 591 10.75 -28.36 -12.59
C SER C 591 11.32 -29.57 -11.86
N LEU C 592 12.64 -29.62 -11.72
CA LEU C 592 13.29 -30.81 -11.19
C LEU C 592 13.06 -30.91 -9.68
N ALA C 593 11.82 -31.18 -9.28
CA ALA C 593 11.47 -31.34 -7.88
C ALA C 593 11.02 -32.75 -7.52
N ALA C 594 10.56 -33.53 -8.49
CA ALA C 594 10.13 -34.90 -8.27
C ALA C 594 11.13 -35.86 -8.91
N LEU C 595 10.89 -37.15 -8.73
CA LEU C 595 11.73 -38.20 -9.27
C LEU C 595 10.97 -39.01 -10.31
N TYR C 596 11.63 -39.30 -11.43
CA TYR C 596 11.03 -40.07 -12.50
C TYR C 596 11.99 -41.19 -12.92
N ALA C 597 11.41 -42.30 -13.37
CA ALA C 597 12.20 -43.44 -13.80
C ALA C 597 12.84 -43.16 -15.16
N GLU C 598 14.16 -43.17 -15.20
CA GLU C 598 14.87 -42.87 -16.44
C GLU C 598 14.75 -44.00 -17.46
N GLU C 599 14.44 -45.22 -17.03
CA GLU C 599 14.35 -46.35 -17.94
C GLU C 599 13.36 -47.36 -17.37
N ASP C 600 12.84 -48.21 -18.25
CA ASP C 600 11.96 -49.29 -17.81
C ASP C 600 12.70 -50.21 -16.84
N GLY C 601 12.02 -50.60 -15.77
CA GLY C 601 12.64 -51.45 -14.78
C GLY C 601 11.68 -51.77 -13.66
N GLU C 602 12.22 -52.39 -12.61
CA GLU C 602 11.44 -52.77 -11.45
C GLU C 602 12.09 -52.19 -10.20
N VAL C 603 11.25 -51.68 -9.29
CA VAL C 603 11.76 -51.09 -8.06
C VAL C 603 12.24 -52.19 -7.12
N ALA C 604 13.43 -52.02 -6.56
CA ALA C 604 14.00 -53.01 -5.65
C ALA C 604 13.68 -52.70 -4.20
N LYS C 605 14.08 -51.51 -3.72
CA LYS C 605 13.89 -51.13 -2.33
C LYS C 605 13.27 -49.74 -2.26
N VAL C 606 12.32 -49.56 -1.34
CA VAL C 606 11.68 -48.27 -1.10
C VAL C 606 11.75 -47.97 0.39
N ASP C 607 12.39 -46.87 0.74
CA ASP C 607 12.48 -46.40 2.12
C ASP C 607 12.02 -44.96 2.16
N GLY C 608 11.99 -44.39 3.37
CA GLY C 608 11.60 -43.00 3.51
C GLY C 608 12.64 -42.01 3.04
N ASN C 609 13.87 -42.46 2.79
CA ASN C 609 14.95 -41.55 2.40
C ASN C 609 15.70 -41.93 1.14
N ARG C 610 15.56 -43.16 0.63
CA ARG C 610 16.18 -43.48 -0.65
C ARG C 610 15.35 -44.57 -1.33
N ILE C 611 15.46 -44.62 -2.65
CA ILE C 611 14.78 -45.63 -3.46
C ILE C 611 15.82 -46.28 -4.36
N VAL C 612 15.96 -47.60 -4.25
CA VAL C 612 16.88 -48.36 -5.09
C VAL C 612 16.07 -49.05 -6.17
N VAL C 613 16.36 -48.74 -7.43
CA VAL C 613 15.63 -49.25 -8.58
C VAL C 613 16.58 -49.97 -9.50
N ARG C 614 16.23 -51.19 -9.90
CA ARG C 614 17.00 -51.98 -10.85
C ARG C 614 16.34 -51.87 -12.22
N TYR C 615 17.09 -51.40 -13.21
CA TYR C 615 16.54 -51.19 -14.54
C TYR C 615 16.56 -52.51 -15.34
N GLU C 616 16.13 -52.42 -16.60
CA GLU C 616 16.07 -53.60 -17.44
C GLU C 616 17.45 -54.13 -17.79
N ASP C 617 18.45 -53.25 -17.85
CA ASP C 617 19.81 -53.67 -18.20
C ASP C 617 20.50 -54.40 -17.07
N GLY C 618 19.89 -54.50 -15.90
CA GLY C 618 20.51 -55.10 -14.74
C GLY C 618 21.27 -54.14 -13.85
N ARG C 619 21.37 -52.87 -14.24
CA ARG C 619 22.05 -51.87 -13.44
C ARG C 619 21.08 -51.29 -12.42
N LEU C 620 21.48 -51.32 -11.15
CA LEU C 620 20.67 -50.77 -10.07
C LEU C 620 21.23 -49.42 -9.64
N VAL C 621 20.33 -48.46 -9.41
CA VAL C 621 20.70 -47.10 -9.06
C VAL C 621 19.91 -46.69 -7.83
N GLU C 622 20.57 -45.97 -6.92
CA GLU C 622 19.95 -45.47 -5.70
C GLU C 622 19.69 -43.98 -5.84
N TYR C 623 18.44 -43.58 -5.61
CA TYR C 623 18.02 -42.19 -5.64
C TYR C 623 17.79 -41.72 -4.21
N PRO C 624 18.60 -40.81 -3.69
CA PRO C 624 18.35 -40.26 -2.36
C PRO C 624 17.26 -39.19 -2.41
N LEU C 625 16.72 -38.90 -1.24
CA LEU C 625 15.63 -37.94 -1.09
C LEU C 625 16.05 -36.84 -0.11
N ARG C 626 15.85 -35.59 -0.51
CA ARG C 626 15.96 -34.49 0.44
C ARG C 626 14.73 -34.52 1.33
N ARG C 627 14.85 -35.20 2.47
CA ARG C 627 13.67 -35.51 3.28
C ARG C 627 13.00 -34.25 3.81
N PHE C 628 13.77 -33.39 4.47
CA PHE C 628 13.26 -32.12 4.99
C PHE C 628 14.32 -31.06 4.73
N TYR C 629 14.24 -30.42 3.58
CA TYR C 629 15.19 -29.41 3.16
C TYR C 629 14.55 -28.04 3.31
N ARG C 630 15.18 -27.17 4.10
CA ARG C 630 14.71 -25.81 4.22
C ARG C 630 14.92 -25.06 2.92
N SER C 631 13.88 -24.39 2.44
CA SER C 631 13.97 -23.64 1.19
C SER C 631 14.62 -22.28 1.45
N ASN C 632 14.75 -21.50 0.36
CA ASN C 632 15.31 -20.17 0.49
C ASN C 632 14.41 -19.27 1.34
N GLN C 633 13.10 -19.41 1.19
CA GLN C 633 12.15 -18.57 1.92
C GLN C 633 11.69 -19.19 3.23
N GLY C 634 12.20 -20.36 3.59
CA GLY C 634 11.87 -20.97 4.86
C GLY C 634 10.83 -22.07 4.83
N THR C 635 10.39 -22.49 3.64
CA THR C 635 9.42 -23.57 3.53
C THR C 635 10.15 -24.91 3.55
N ALA C 636 9.41 -26.00 3.38
CA ALA C 636 9.96 -27.34 3.44
C ALA C 636 9.84 -27.99 2.07
N LEU C 637 10.94 -28.60 1.60
CA LEU C 637 10.98 -29.31 0.34
C LEU C 637 11.10 -30.80 0.62
N ASP C 638 10.09 -31.57 0.20
CA ASP C 638 10.02 -32.99 0.52
C ASP C 638 9.84 -33.81 -0.74
N GLN C 639 10.51 -34.96 -0.79
CA GLN C 639 10.27 -35.98 -1.80
C GLN C 639 9.63 -37.18 -1.11
N ARG C 640 8.34 -37.39 -1.38
CA ARG C 640 7.62 -38.50 -0.76
C ARG C 640 7.56 -39.68 -1.71
N PRO C 641 8.03 -40.85 -1.31
CA PRO C 641 8.00 -42.02 -2.20
C PRO C 641 6.56 -42.36 -2.60
N ARG C 642 6.40 -42.76 -3.86
CA ARG C 642 5.09 -43.08 -4.41
C ARG C 642 5.06 -44.44 -5.10
N VAL C 643 6.02 -45.31 -4.80
CA VAL C 643 6.08 -46.65 -5.37
C VAL C 643 6.29 -47.65 -4.25
N VAL C 644 5.95 -48.91 -4.54
CA VAL C 644 6.03 -49.98 -3.56
C VAL C 644 7.11 -50.95 -3.98
N VAL C 645 7.62 -51.72 -3.02
CA VAL C 645 8.68 -52.68 -3.29
C VAL C 645 8.21 -53.70 -4.32
N GLY C 646 9.07 -53.97 -5.30
CA GLY C 646 8.73 -54.90 -6.35
C GLY C 646 7.60 -54.46 -7.27
N GLN C 647 7.61 -53.18 -7.65
CA GLN C 647 6.60 -52.63 -8.55
C GLN C 647 7.23 -52.26 -9.88
N ARG C 648 6.66 -52.78 -10.96
CA ARG C 648 7.17 -52.45 -12.30
C ARG C 648 6.87 -50.99 -12.63
N VAL C 649 7.85 -50.33 -13.25
CA VAL C 649 7.71 -48.94 -13.66
C VAL C 649 8.08 -48.81 -15.12
N ARG C 650 7.54 -47.78 -15.76
CA ARG C 650 7.81 -47.48 -17.15
C ARG C 650 8.80 -46.32 -17.25
N LYS C 651 9.27 -46.07 -18.48
CA LYS C 651 10.16 -44.95 -18.71
C LYS C 651 9.43 -43.64 -18.46
N GLY C 652 10.05 -42.78 -17.65
CA GLY C 652 9.43 -41.52 -17.29
C GLY C 652 8.32 -41.62 -16.27
N ASP C 653 8.12 -42.78 -15.66
CA ASP C 653 7.06 -42.95 -14.68
C ASP C 653 7.44 -42.27 -13.37
N LEU C 654 6.42 -41.85 -12.63
CA LEU C 654 6.64 -41.15 -11.37
C LEU C 654 7.19 -42.11 -10.33
N LEU C 655 8.17 -41.63 -9.56
CA LEU C 655 8.77 -42.39 -8.48
C LEU C 655 8.51 -41.77 -7.11
N ALA C 656 8.81 -40.49 -6.95
CA ALA C 656 8.57 -39.79 -5.69
C ALA C 656 7.93 -38.45 -5.98
N ASP C 657 7.05 -38.03 -5.05
CA ASP C 657 6.35 -36.76 -5.21
C ASP C 657 7.30 -35.59 -4.98
N GLY C 658 6.91 -34.44 -5.51
CA GLY C 658 7.62 -33.21 -5.25
C GLY C 658 7.13 -32.56 -3.97
N PRO C 659 7.66 -31.39 -3.64
CA PRO C 659 7.20 -30.69 -2.43
C PRO C 659 5.73 -30.34 -2.46
N ALA C 660 5.17 -30.04 -3.62
CA ALA C 660 3.78 -29.60 -3.74
C ALA C 660 3.08 -30.34 -4.88
N SER C 661 3.22 -31.66 -4.91
CA SER C 661 2.59 -32.49 -5.92
C SER C 661 1.83 -33.63 -5.26
N GLU C 662 0.64 -33.91 -5.78
CA GLU C 662 -0.15 -35.03 -5.26
C GLU C 662 0.30 -36.35 -5.90
N ASN C 663 0.09 -36.50 -7.21
CA ASN C 663 0.62 -37.62 -7.98
C ASN C 663 0.99 -37.08 -9.36
N GLY C 664 2.24 -36.62 -9.49
CA GLY C 664 2.68 -36.04 -10.75
C GLY C 664 1.85 -34.87 -11.21
N PHE C 665 1.18 -34.19 -10.29
CA PHE C 665 0.31 -33.07 -10.62
C PHE C 665 0.59 -31.92 -9.65
N LEU C 666 0.69 -30.70 -10.17
CA LEU C 666 0.95 -29.55 -9.33
C LEU C 666 -0.18 -29.34 -8.33
N ALA C 667 0.10 -29.56 -7.05
CA ALA C 667 -0.91 -29.50 -6.00
C ALA C 667 -0.39 -28.59 -4.88
N LEU C 668 -0.75 -27.31 -4.95
CA LEU C 668 -0.40 -26.33 -3.94
C LEU C 668 -1.70 -25.65 -3.50
N GLY C 669 -2.36 -26.25 -2.53
CA GLY C 669 -3.65 -25.81 -2.06
C GLY C 669 -4.53 -27.01 -1.75
N GLN C 670 -5.80 -26.73 -1.48
CA GLN C 670 -6.76 -27.76 -1.12
C GLN C 670 -8.06 -27.57 -1.89
N ASN C 671 -8.85 -28.63 -1.96
CA ASN C 671 -10.18 -28.60 -2.54
C ASN C 671 -11.19 -28.64 -1.41
N VAL C 672 -11.99 -27.58 -1.28
CA VAL C 672 -12.89 -27.43 -0.15
C VAL C 672 -14.28 -27.09 -0.64
N LEU C 673 -15.28 -27.42 0.19
CA LEU C 673 -16.67 -27.11 -0.10
C LEU C 673 -16.92 -25.64 0.21
N VAL C 674 -17.23 -24.86 -0.82
CA VAL C 674 -17.41 -23.42 -0.70
C VAL C 674 -18.87 -23.08 -0.99
N ALA C 675 -19.44 -22.23 -0.14
CA ALA C 675 -20.77 -21.69 -0.33
C ALA C 675 -20.67 -20.19 -0.56
N ILE C 676 -21.21 -19.71 -1.67
CA ILE C 676 -21.12 -18.29 -2.03
C ILE C 676 -22.36 -17.61 -1.46
N MET C 677 -22.26 -17.20 -0.20
CA MET C 677 -23.34 -16.48 0.48
C MET C 677 -22.72 -15.62 1.57
N PRO C 678 -23.38 -14.52 1.95
CA PRO C 678 -22.83 -13.68 3.03
C PRO C 678 -23.25 -14.22 4.39
N PHE C 679 -22.26 -14.53 5.22
CA PHE C 679 -22.52 -14.90 6.60
C PHE C 679 -22.80 -13.64 7.40
N ASP C 680 -22.79 -13.74 8.74
CA ASP C 680 -23.24 -12.64 9.57
C ASP C 680 -22.45 -11.36 9.30
N GLY C 681 -21.19 -11.32 9.74
CA GLY C 681 -20.34 -10.20 9.40
C GLY C 681 -18.91 -10.65 9.19
N TYR C 682 -18.68 -11.96 9.34
CA TYR C 682 -17.33 -12.49 9.36
C TYR C 682 -16.72 -12.59 7.97
N ASN C 683 -17.54 -12.53 6.92
CA ASN C 683 -17.07 -12.27 5.56
C ASN C 683 -17.75 -10.98 5.12
N PHE C 684 -17.14 -9.85 5.49
CA PHE C 684 -17.78 -8.55 5.33
C PHE C 684 -17.43 -7.91 3.99
N GLU C 685 -16.15 -7.66 3.75
CA GLU C 685 -15.69 -7.05 2.50
C GLU C 685 -14.82 -8.00 1.70
N ASP C 686 -13.77 -8.54 2.31
CA ASP C 686 -12.97 -9.58 1.67
C ASP C 686 -12.58 -10.70 2.62
N ALA C 687 -13.07 -10.69 3.85
CA ALA C 687 -12.70 -11.71 4.82
C ALA C 687 -13.31 -13.06 4.43
N ILE C 688 -12.83 -14.11 5.07
CA ILE C 688 -13.18 -15.49 4.75
C ILE C 688 -13.57 -16.21 6.02
N VAL C 689 -14.66 -16.99 5.95
CA VAL C 689 -15.11 -17.82 7.07
C VAL C 689 -14.74 -19.26 6.74
N ILE C 690 -14.05 -19.92 7.67
CA ILE C 690 -13.60 -21.29 7.46
C ILE C 690 -14.16 -22.18 8.56
N SER C 691 -14.23 -23.46 8.26
CA SER C 691 -14.73 -24.46 9.20
C SER C 691 -13.63 -24.92 10.15
N GLU C 692 -14.05 -25.47 11.28
CA GLU C 692 -13.14 -26.19 12.15
C GLU C 692 -12.86 -27.61 11.65
N GLU C 693 -13.63 -28.09 10.67
CA GLU C 693 -13.30 -29.35 10.03
C GLU C 693 -11.94 -29.28 9.36
N LEU C 694 -11.64 -28.16 8.72
CA LEU C 694 -10.34 -27.98 8.08
C LEU C 694 -9.20 -28.00 9.09
N LEU C 695 -9.49 -27.83 10.37
CA LEU C 695 -8.47 -27.88 11.42
C LEU C 695 -8.52 -29.18 12.21
N LYS C 696 -9.70 -29.79 12.37
CA LYS C 696 -9.78 -31.06 13.08
C LYS C 696 -8.99 -32.14 12.34
N ARG C 697 -9.12 -32.21 11.02
CA ARG C 697 -8.19 -32.95 10.19
C ARG C 697 -7.18 -31.97 9.63
N ASP C 698 -5.89 -32.32 9.69
CA ASP C 698 -4.84 -31.39 9.30
C ASP C 698 -4.94 -31.17 7.80
N PHE C 699 -5.60 -30.09 7.39
CA PHE C 699 -5.92 -29.85 6.01
C PHE C 699 -5.27 -28.61 5.43
N TYR C 700 -5.07 -27.56 6.23
CA TYR C 700 -4.29 -26.39 5.87
C TYR C 700 -3.17 -26.28 6.89
N THR C 701 -2.08 -27.01 6.64
CA THR C 701 -0.98 -27.11 7.58
C THR C 701 0.33 -27.15 6.81
N SER C 702 1.31 -26.35 7.26
CA SER C 702 2.58 -26.26 6.57
C SER C 702 3.71 -26.29 7.58
N ILE C 703 4.82 -26.92 7.19
CA ILE C 703 6.01 -26.98 8.03
C ILE C 703 6.92 -25.81 7.67
N HIS C 704 7.31 -25.03 8.68
CA HIS C 704 8.15 -23.86 8.48
C HIS C 704 9.43 -24.03 9.28
N ILE C 705 10.57 -23.85 8.61
CA ILE C 705 11.88 -24.05 9.21
C ILE C 705 12.61 -22.72 9.23
N GLU C 706 13.07 -22.32 10.42
CA GLU C 706 13.85 -21.11 10.61
C GLU C 706 15.28 -21.48 10.95
N ARG C 707 16.24 -20.84 10.30
CA ARG C 707 17.66 -21.15 10.45
C ARG C 707 18.32 -20.03 11.24
N TYR C 708 18.66 -20.31 12.50
CA TYR C 708 19.44 -19.37 13.29
C TYR C 708 20.91 -19.70 13.16
N GLU C 709 21.75 -18.69 13.31
CA GLU C 709 23.20 -18.87 13.13
C GLU C 709 23.93 -17.96 14.10
N ILE C 710 24.91 -18.52 14.80
CA ILE C 710 25.76 -17.74 15.70
C ILE C 710 27.20 -18.21 15.54
N GLU C 711 28.14 -17.27 15.54
CA GLU C 711 29.54 -17.56 15.32
C GLU C 711 30.37 -17.10 16.51
N ALA C 712 31.40 -17.88 16.82
CA ALA C 712 32.42 -17.52 17.79
C ALA C 712 33.64 -17.02 17.03
N ARG C 713 34.12 -15.83 17.39
CA ARG C 713 35.18 -15.17 16.67
C ARG C 713 36.29 -14.75 17.63
N ASP C 714 37.49 -14.58 17.06
CA ASP C 714 38.66 -14.21 17.85
C ASP C 714 38.65 -12.71 18.08
N THR C 715 38.51 -12.29 19.33
CA THR C 715 38.56 -10.89 19.71
C THR C 715 39.88 -10.59 20.40
N LYS C 716 40.17 -9.29 20.54
CA LYS C 716 41.40 -8.88 21.21
C LYS C 716 41.38 -9.23 22.70
N LEU C 717 40.20 -9.23 23.32
CA LEU C 717 40.10 -9.65 24.71
C LEU C 717 40.32 -11.15 24.86
N GLY C 718 40.14 -11.92 23.79
CA GLY C 718 40.31 -13.34 23.82
C GLY C 718 39.28 -14.06 22.97
N PRO C 719 39.65 -15.23 22.44
CA PRO C 719 38.71 -15.99 21.61
C PRO C 719 37.47 -16.39 22.39
N GLU C 720 36.33 -16.38 21.70
CA GLU C 720 35.07 -16.80 22.29
C GLU C 720 34.89 -18.29 22.09
N ARG C 721 34.54 -19.00 23.17
CA ARG C 721 34.42 -20.45 23.16
C ARG C 721 32.94 -20.84 23.15
N ILE C 722 32.58 -21.74 22.24
CA ILE C 722 31.25 -22.35 22.24
C ILE C 722 31.27 -23.48 23.26
N THR C 723 30.83 -23.19 24.47
CA THR C 723 30.92 -24.12 25.59
C THR C 723 29.56 -24.30 26.23
N ARG C 724 29.34 -25.49 26.79
CA ARG C 724 28.04 -25.83 27.38
C ARG C 724 27.77 -24.99 28.62
N ASP C 725 28.75 -24.86 29.51
CA ASP C 725 28.51 -24.20 30.79
C ASP C 725 28.24 -22.71 30.59
N ILE C 726 27.30 -22.20 31.37
CA ILE C 726 26.92 -20.78 31.34
C ILE C 726 27.57 -20.11 32.54
N PRO C 727 28.20 -18.94 32.36
CA PRO C 727 28.98 -18.34 33.46
C PRO C 727 28.20 -18.06 34.73
N HIS C 728 27.13 -17.26 34.67
CA HIS C 728 26.56 -16.66 35.86
C HIS C 728 25.39 -17.45 36.44
N LEU C 729 24.28 -17.55 35.72
CA LEU C 729 23.02 -17.97 36.34
C LEU C 729 22.43 -19.24 35.76
N SER C 730 22.23 -19.30 34.45
CA SER C 730 21.36 -20.31 33.87
C SER C 730 21.99 -21.69 33.99
N GLU C 731 21.44 -22.51 34.89
CA GLU C 731 21.82 -23.91 35.00
C GLU C 731 20.57 -24.79 34.96
N ALA C 732 19.46 -24.26 35.48
CA ALA C 732 18.20 -24.98 35.41
C ALA C 732 17.74 -25.14 33.97
N ALA C 733 17.89 -24.09 33.16
CA ALA C 733 17.53 -24.14 31.75
C ALA C 733 18.59 -24.83 30.90
N LEU C 734 19.73 -25.21 31.50
CA LEU C 734 20.80 -25.88 30.76
C LEU C 734 20.44 -27.31 30.39
N ARG C 735 19.33 -27.85 30.91
CA ARG C 735 18.98 -29.23 30.64
C ARG C 735 18.76 -29.47 29.15
N ASP C 736 18.11 -28.53 28.46
CA ASP C 736 17.91 -28.68 27.02
C ASP C 736 19.23 -28.63 26.27
N LEU C 737 20.18 -27.81 26.72
CA LEU C 737 21.49 -27.71 26.09
C LEU C 737 22.30 -28.95 26.48
N ASP C 738 22.07 -30.02 25.73
CA ASP C 738 22.60 -31.33 26.13
C ASP C 738 24.10 -31.42 25.89
N GLU C 739 24.53 -31.31 24.63
CA GLU C 739 25.93 -31.48 24.30
C GLU C 739 26.68 -30.17 24.55
N GLU C 740 27.94 -30.12 24.12
CA GLU C 740 28.82 -28.99 24.43
C GLU C 740 28.43 -27.80 23.56
N GLY C 741 27.60 -26.91 24.10
CA GLY C 741 27.23 -25.67 23.43
C GLY C 741 26.04 -25.73 22.50
N VAL C 742 25.78 -26.89 21.91
CA VAL C 742 24.71 -27.07 20.95
C VAL C 742 23.51 -27.71 21.64
N VAL C 743 22.31 -27.22 21.33
CA VAL C 743 21.11 -27.82 21.88
C VAL C 743 20.84 -29.17 21.22
N ARG C 744 20.27 -30.09 21.99
CA ARG C 744 20.01 -31.43 21.47
C ARG C 744 18.89 -31.39 20.43
N ILE C 745 18.99 -32.30 19.46
CA ILE C 745 17.96 -32.41 18.44
C ILE C 745 16.67 -32.91 19.06
N GLY C 746 15.54 -32.46 18.53
CA GLY C 746 14.25 -32.93 18.97
C GLY C 746 13.73 -32.30 20.24
N ALA C 747 14.38 -31.27 20.75
CA ALA C 747 13.96 -30.60 21.97
C ALA C 747 13.17 -29.35 21.61
N GLU C 748 11.93 -29.28 22.08
CA GLU C 748 11.10 -28.11 21.82
C GLU C 748 11.68 -26.89 22.51
N VAL C 749 11.62 -25.75 21.82
CA VAL C 749 12.17 -24.49 22.33
C VAL C 749 11.09 -23.42 22.26
N LYS C 750 10.90 -22.71 23.34
CA LYS C 750 10.03 -21.56 23.45
C LYS C 750 10.85 -20.27 23.35
N PRO C 751 10.22 -19.13 23.09
CA PRO C 751 10.98 -17.87 23.08
C PRO C 751 11.67 -17.63 24.43
N GLY C 752 12.89 -17.12 24.37
CA GLY C 752 13.68 -16.88 25.55
C GLY C 752 14.46 -18.08 26.07
N ASP C 753 14.53 -19.16 25.29
CA ASP C 753 15.27 -20.36 25.69
C ASP C 753 16.61 -20.41 24.96
N ILE C 754 17.61 -20.94 25.66
CA ILE C 754 18.96 -20.98 25.12
C ILE C 754 19.03 -21.97 23.96
N LEU C 755 19.67 -21.54 22.86
CA LEU C 755 19.94 -22.40 21.73
C LEU C 755 21.41 -22.80 21.63
N VAL C 756 22.32 -21.82 21.66
CA VAL C 756 23.76 -22.06 21.63
C VAL C 756 24.41 -21.24 22.74
N GLY C 757 25.22 -21.89 23.57
CA GLY C 757 25.89 -21.21 24.65
C GLY C 757 27.28 -20.72 24.29
N ARG C 758 27.44 -19.41 24.15
CA ARG C 758 28.72 -18.79 23.82
C ARG C 758 29.14 -17.85 24.94
N THR C 759 30.42 -17.90 25.31
CA THR C 759 30.97 -17.10 26.39
C THR C 759 32.02 -16.15 25.83
N SER C 760 31.87 -14.86 26.12
CA SER C 760 32.84 -13.86 25.70
C SER C 760 33.67 -13.41 26.90
N PHE C 761 34.65 -12.55 26.64
CA PHE C 761 35.51 -12.03 27.71
C PHE C 761 34.96 -10.74 28.28
N VAL C 785 34.29 -14.04 32.67
CA VAL C 785 33.61 -14.33 31.41
C VAL C 785 32.18 -13.80 31.45
N LYS C 786 31.66 -13.47 30.26
CA LYS C 786 30.34 -12.88 30.12
C LYS C 786 29.47 -13.76 29.23
N ASP C 787 28.20 -13.88 29.59
CA ASP C 787 27.26 -14.74 28.86
C ASP C 787 26.71 -13.98 27.66
N THR C 788 27.07 -14.43 26.45
CA THR C 788 26.49 -13.93 25.20
C THR C 788 26.07 -15.16 24.40
N SER C 789 24.87 -15.65 24.68
CA SER C 789 24.38 -16.91 24.12
C SER C 789 23.18 -16.65 23.21
N LEU C 790 23.10 -17.40 22.12
CA LEU C 790 21.98 -17.29 21.20
C LEU C 790 20.73 -17.87 21.84
N ARG C 791 19.69 -17.06 21.95
CA ARG C 791 18.41 -17.48 22.50
C ARG C 791 17.34 -17.37 21.44
N VAL C 792 16.23 -18.05 21.67
CA VAL C 792 15.07 -17.97 20.78
C VAL C 792 14.52 -16.55 20.87
N PRO C 793 14.42 -15.83 19.76
CA PRO C 793 13.91 -14.45 19.82
C PRO C 793 12.45 -14.43 20.23
N PRO C 794 11.97 -13.32 20.78
CA PRO C 794 10.56 -13.23 21.14
C PRO C 794 9.67 -13.48 19.93
N GLY C 795 8.58 -14.21 20.16
CA GLY C 795 7.76 -14.67 19.07
C GLY C 795 7.42 -16.14 19.19
N GLU C 796 7.90 -16.95 18.26
CA GLU C 796 7.55 -18.37 18.21
C GLU C 796 8.80 -19.21 18.03
N GLY C 797 8.71 -20.45 18.48
CA GLY C 797 9.79 -21.41 18.31
C GLY C 797 9.22 -22.81 18.28
N GLY C 798 9.90 -23.70 17.55
CA GLY C 798 9.38 -25.05 17.36
C GLY C 798 10.30 -26.15 17.81
N ILE C 799 10.62 -27.07 16.90
CA ILE C 799 11.39 -28.28 17.20
C ILE C 799 12.73 -28.18 16.47
N VAL C 800 13.81 -28.40 17.20
CA VAL C 800 15.14 -28.44 16.58
C VAL C 800 15.26 -29.72 15.76
N VAL C 801 15.66 -29.57 14.50
CA VAL C 801 15.76 -30.70 13.58
C VAL C 801 17.20 -30.97 13.16
N ARG C 802 18.01 -29.93 12.97
CA ARG C 802 19.38 -30.10 12.51
C ARG C 802 20.27 -29.05 13.14
N THR C 803 21.54 -29.43 13.35
CA THR C 803 22.56 -28.51 13.83
C THR C 803 23.85 -28.80 13.07
N VAL C 804 24.50 -27.75 12.58
CA VAL C 804 25.75 -27.87 11.84
C VAL C 804 26.79 -26.98 12.47
N ARG C 805 28.01 -27.51 12.60
CA ARG C 805 29.13 -26.81 13.21
C ARG C 805 30.31 -26.78 12.24
N LEU C 806 30.85 -25.59 11.99
CA LEU C 806 32.03 -25.41 11.16
C LEU C 806 33.12 -24.78 12.01
N ARG C 807 34.30 -25.39 12.01
CA ARG C 807 35.42 -24.95 12.84
C ARG C 807 36.61 -24.61 11.95
N ARG C 808 37.72 -24.22 12.60
CA ARG C 808 38.94 -23.90 11.87
C ARG C 808 39.56 -25.14 11.22
N GLY C 809 39.22 -26.33 11.68
CA GLY C 809 39.73 -27.56 11.08
C GLY C 809 39.05 -27.81 9.75
N ASP C 810 39.36 -26.99 8.76
CA ASP C 810 38.63 -26.97 7.51
C ASP C 810 38.92 -28.22 6.67
N PRO C 811 37.94 -29.06 6.37
CA PRO C 811 38.13 -30.07 5.33
C PRO C 811 38.22 -29.42 3.97
N GLY C 812 37.21 -28.61 3.65
CA GLY C 812 37.20 -27.82 2.43
C GLY C 812 36.50 -26.49 2.60
N VAL C 813 36.20 -26.13 3.84
CA VAL C 813 35.37 -24.96 4.14
C VAL C 813 36.27 -23.74 4.32
N GLU C 814 35.74 -22.57 3.98
CA GLU C 814 36.39 -21.29 4.23
C GLU C 814 35.47 -20.42 5.07
N LEU C 815 36.08 -19.66 5.98
CA LEU C 815 35.32 -18.85 6.93
C LEU C 815 35.76 -17.40 6.84
N LYS C 816 34.91 -16.52 7.36
CA LYS C 816 35.25 -15.12 7.48
C LYS C 816 36.45 -14.96 8.40
N PRO C 817 37.53 -14.30 7.96
CA PRO C 817 38.71 -14.17 8.82
C PRO C 817 38.38 -13.47 10.13
N GLY C 818 39.01 -13.95 11.20
CA GLY C 818 38.72 -13.48 12.53
C GLY C 818 37.66 -14.27 13.27
N VAL C 819 36.98 -15.20 12.60
CA VAL C 819 35.94 -16.01 13.19
C VAL C 819 36.47 -17.44 13.31
N ARG C 820 36.55 -17.94 14.54
CA ARG C 820 37.11 -19.28 14.74
C ARG C 820 36.11 -20.37 14.39
N GLU C 821 34.82 -20.17 14.67
CA GLU C 821 33.85 -21.22 14.37
C GLU C 821 32.46 -20.61 14.24
N VAL C 822 31.54 -21.41 13.70
CA VAL C 822 30.15 -21.00 13.51
C VAL C 822 29.26 -22.21 13.68
N VAL C 823 28.06 -21.98 14.22
CA VAL C 823 27.07 -23.04 14.40
C VAL C 823 25.72 -22.53 13.94
N ARG C 824 25.02 -23.36 13.17
CA ARG C 824 23.70 -23.04 12.64
C ARG C 824 22.70 -24.10 13.10
N VAL C 825 21.56 -23.64 13.59
CA VAL C 825 20.51 -24.50 14.13
C VAL C 825 19.23 -24.27 13.34
N TYR C 826 18.62 -25.36 12.88
CA TYR C 826 17.36 -25.30 12.16
C TYR C 826 16.25 -25.71 13.10
N VAL C 827 15.24 -24.85 13.25
CA VAL C 827 14.11 -25.10 14.13
C VAL C 827 12.86 -25.16 13.26
N ALA C 828 12.14 -26.28 13.33
CA ALA C 828 10.96 -26.50 12.50
C ALA C 828 9.71 -26.47 13.37
N GLN C 829 8.67 -25.86 12.83
CA GLN C 829 7.38 -25.81 13.51
C GLN C 829 6.27 -26.09 12.51
N LYS C 830 5.14 -26.57 13.02
CA LYS C 830 4.04 -27.03 12.19
C LYS C 830 2.92 -25.99 12.27
N ARG C 831 3.00 -25.00 11.39
CA ARG C 831 2.00 -23.94 11.36
C ARG C 831 0.67 -24.47 10.85
N LYS C 832 -0.41 -24.07 11.52
CA LYS C 832 -1.76 -24.41 11.15
C LYS C 832 -2.55 -23.17 10.79
N LEU C 833 -3.63 -23.37 10.07
CA LEU C 833 -4.48 -22.26 9.65
C LEU C 833 -5.13 -21.61 10.87
N GLN C 834 -5.10 -20.28 10.91
CA GLN C 834 -5.72 -19.52 11.99
C GLN C 834 -6.24 -18.20 11.44
N VAL C 835 -6.59 -17.29 12.33
CA VAL C 835 -7.18 -16.02 11.92
C VAL C 835 -6.16 -15.17 11.18
N GLY C 836 -4.90 -15.20 11.63
CA GLY C 836 -3.88 -14.35 11.02
C GLY C 836 -3.64 -14.65 9.55
N ASP C 837 -3.73 -15.93 9.17
CA ASP C 837 -3.36 -16.33 7.81
C ASP C 837 -4.35 -15.78 6.79
N LYS C 838 -3.97 -15.88 5.52
CA LYS C 838 -4.80 -15.46 4.41
C LYS C 838 -4.85 -16.58 3.37
N LEU C 839 -6.01 -16.72 2.73
CA LEU C 839 -6.23 -17.71 1.69
C LEU C 839 -6.66 -17.04 0.41
N ALA C 840 -6.49 -17.74 -0.71
CA ALA C 840 -6.88 -17.19 -1.99
C ALA C 840 -7.03 -18.32 -3.00
N ASN C 841 -7.75 -18.02 -4.08
CA ASN C 841 -7.93 -18.97 -5.17
C ASN C 841 -7.15 -18.51 -6.40
N ARG C 842 -7.22 -19.31 -7.46
CA ARG C 842 -6.48 -19.01 -8.68
C ARG C 842 -7.05 -17.84 -9.45
N HIS C 843 -8.23 -17.33 -9.06
CA HIS C 843 -8.89 -16.25 -9.78
C HIS C 843 -8.68 -14.89 -9.12
N GLY C 844 -7.75 -14.80 -8.17
CA GLY C 844 -7.42 -13.53 -7.56
C GLY C 844 -8.33 -13.09 -6.43
N ASN C 845 -9.19 -13.98 -5.93
CA ASN C 845 -10.09 -13.62 -4.83
C ASN C 845 -9.33 -13.75 -3.51
N LYS C 846 -8.61 -12.69 -3.16
CA LYS C 846 -7.88 -12.66 -1.91
C LYS C 846 -8.84 -12.66 -0.73
N GLY C 847 -8.37 -13.14 0.41
CA GLY C 847 -9.17 -13.13 1.62
C GLY C 847 -8.33 -13.46 2.82
N VAL C 848 -8.81 -13.02 3.98
CA VAL C 848 -8.17 -13.28 5.26
C VAL C 848 -9.17 -14.00 6.15
N VAL C 849 -8.74 -15.10 6.77
CA VAL C 849 -9.61 -15.84 7.66
C VAL C 849 -9.99 -14.97 8.84
N ALA C 850 -11.29 -14.76 9.04
CA ALA C 850 -11.76 -13.88 10.10
C ALA C 850 -12.34 -14.64 11.29
N LYS C 851 -12.92 -15.80 11.08
CA LYS C 851 -13.48 -16.59 12.17
C LYS C 851 -13.45 -18.06 11.80
N ILE C 852 -13.15 -18.90 12.79
CA ILE C 852 -13.16 -20.35 12.63
C ILE C 852 -14.38 -20.87 13.36
N LEU C 853 -15.41 -21.19 12.62
CA LEU C 853 -16.65 -21.63 13.24
C LEU C 853 -16.58 -23.11 13.60
N PRO C 854 -17.29 -23.53 14.64
CA PRO C 854 -17.43 -24.97 14.91
C PRO C 854 -18.28 -25.64 13.84
N VAL C 855 -18.19 -26.97 13.80
CA VAL C 855 -18.88 -27.73 12.77
C VAL C 855 -20.40 -27.63 12.91
N GLU C 856 -20.90 -27.54 14.15
CA GLU C 856 -22.34 -27.66 14.37
C GLU C 856 -23.12 -26.48 13.78
N ASP C 857 -22.59 -25.27 13.87
CA ASP C 857 -23.35 -24.07 13.52
C ASP C 857 -23.07 -23.56 12.12
N MET C 858 -22.47 -24.35 11.28
CA MET C 858 -22.27 -23.83 9.94
C MET C 858 -23.36 -24.34 8.99
N PRO C 859 -23.60 -23.62 7.90
CA PRO C 859 -24.58 -24.09 6.91
C PRO C 859 -24.22 -25.47 6.39
N HIS C 860 -25.23 -26.30 6.20
CA HIS C 860 -25.04 -27.66 5.74
C HIS C 860 -26.11 -28.02 4.72
N LEU C 861 -25.78 -28.98 3.86
CA LEU C 861 -26.67 -29.49 2.82
C LEU C 861 -27.86 -30.19 3.45
N PRO C 862 -28.87 -30.62 2.67
CA PRO C 862 -29.91 -31.48 3.25
C PRO C 862 -29.35 -32.74 3.87
N ASP C 863 -28.24 -33.25 3.34
CA ASP C 863 -27.53 -34.34 3.98
C ASP C 863 -26.78 -33.83 5.22
N GLY C 864 -26.04 -34.72 5.86
CA GLY C 864 -25.29 -34.34 7.05
C GLY C 864 -24.03 -33.56 6.77
N THR C 865 -23.57 -33.51 5.53
CA THR C 865 -22.29 -32.88 5.22
C THR C 865 -22.41 -31.35 5.29
N PRO C 866 -21.58 -30.69 6.07
CA PRO C 866 -21.57 -29.22 6.10
C PRO C 866 -20.56 -28.62 5.13
N VAL C 867 -20.76 -27.34 4.84
CA VAL C 867 -19.81 -26.63 4.00
C VAL C 867 -18.54 -26.31 4.78
N ASP C 868 -17.44 -26.12 4.05
CA ASP C 868 -16.14 -25.87 4.65
C ASP C 868 -15.79 -24.39 4.71
N VAL C 869 -16.08 -23.64 3.66
CA VAL C 869 -15.71 -22.21 3.59
C VAL C 869 -16.88 -21.44 2.98
N ILE C 870 -17.12 -20.24 3.50
CA ILE C 870 -18.19 -19.38 3.05
C ILE C 870 -17.57 -18.11 2.48
N LEU C 871 -17.94 -17.77 1.26
CA LEU C 871 -17.37 -16.63 0.55
C LEU C 871 -18.43 -15.55 0.35
N ASN C 872 -18.03 -14.30 0.50
CA ASN C 872 -18.94 -13.18 0.33
C ASN C 872 -19.21 -12.96 -1.15
N PRO C 873 -20.47 -13.03 -1.60
CA PRO C 873 -20.75 -12.81 -3.03
C PRO C 873 -20.44 -11.40 -3.51
N LEU C 874 -20.43 -10.40 -2.62
CA LEU C 874 -20.30 -9.02 -3.05
C LEU C 874 -18.96 -8.73 -3.71
N GLY C 875 -17.97 -9.59 -3.52
CA GLY C 875 -16.71 -9.42 -4.21
C GLY C 875 -16.72 -9.84 -5.67
N VAL C 876 -17.76 -10.52 -6.11
CA VAL C 876 -17.87 -10.99 -7.49
C VAL C 876 -18.29 -9.87 -8.45
N PRO C 877 -19.36 -9.09 -8.17
CA PRO C 877 -19.81 -8.13 -9.18
C PRO C 877 -19.01 -6.85 -9.19
N SER C 878 -18.49 -6.43 -8.03
CA SER C 878 -17.66 -5.23 -7.99
C SER C 878 -16.45 -5.41 -8.90
N ARG C 879 -15.75 -6.52 -8.74
CA ARG C 879 -14.73 -6.89 -9.71
C ARG C 879 -15.39 -7.67 -10.85
N MET C 880 -14.56 -8.26 -11.72
CA MET C 880 -15.07 -9.11 -12.78
C MET C 880 -14.29 -10.43 -12.77
N ASN C 881 -14.69 -11.36 -11.90
CA ASN C 881 -14.12 -12.70 -11.84
C ASN C 881 -15.25 -13.73 -11.81
N LEU C 882 -15.76 -14.08 -12.99
CA LEU C 882 -16.78 -15.12 -13.10
C LEU C 882 -16.19 -16.51 -13.28
N GLY C 883 -14.87 -16.62 -13.48
CA GLY C 883 -14.25 -17.92 -13.60
C GLY C 883 -14.41 -18.76 -12.36
N GLN C 884 -14.37 -18.11 -11.19
CA GLN C 884 -14.54 -18.84 -9.94
C GLN C 884 -15.94 -19.41 -9.81
N ILE C 885 -16.95 -18.75 -10.38
CA ILE C 885 -18.31 -19.29 -10.34
C ILE C 885 -18.41 -20.55 -11.18
N LEU C 886 -17.82 -20.54 -12.38
CA LEU C 886 -17.81 -21.74 -13.20
C LEU C 886 -17.04 -22.86 -12.53
N GLU C 887 -15.91 -22.51 -11.89
CA GLU C 887 -15.14 -23.51 -11.16
C GLU C 887 -15.96 -24.09 -10.01
N THR C 888 -16.73 -23.25 -9.32
CA THR C 888 -17.58 -23.73 -8.24
C THR C 888 -18.65 -24.68 -8.75
N HIS C 889 -19.29 -24.35 -9.88
CA HIS C 889 -20.31 -25.24 -10.44
C HIS C 889 -19.69 -26.57 -10.86
N LEU C 890 -18.55 -26.53 -11.53
CA LEU C 890 -17.91 -27.76 -11.98
C LEU C 890 -17.42 -28.59 -10.80
N GLY C 891 -16.93 -27.94 -9.74
CA GLY C 891 -16.56 -28.66 -8.54
C GLY C 891 -17.74 -29.28 -7.84
N LEU C 892 -18.89 -28.59 -7.85
CA LEU C 892 -20.10 -29.18 -7.32
C LEU C 892 -20.49 -30.44 -8.09
N ALA C 893 -20.38 -30.39 -9.41
CA ALA C 893 -20.66 -31.57 -10.22
C ALA C 893 -19.68 -32.70 -9.89
N GLY C 894 -18.39 -32.37 -9.80
CA GLY C 894 -17.37 -33.39 -9.55
C GLY C 894 -17.37 -33.95 -8.15
N TYR C 895 -17.90 -33.21 -7.18
CA TYR C 895 -17.97 -33.72 -5.82
C TYR C 895 -18.89 -34.92 -5.72
N PHE C 896 -20.02 -34.89 -6.43
CA PHE C 896 -20.94 -36.02 -6.46
C PHE C 896 -20.54 -37.04 -7.52
N LEU C 897 -20.01 -36.60 -8.66
CA LEU C 897 -19.56 -37.55 -9.67
C LEU C 897 -18.23 -38.19 -9.32
N GLY C 898 -17.48 -37.62 -8.39
CA GLY C 898 -16.20 -38.18 -7.98
C GLY C 898 -15.18 -38.25 -9.08
N GLN C 899 -15.05 -37.18 -9.87
CA GLN C 899 -14.11 -37.17 -10.97
C GLN C 899 -13.54 -35.77 -11.13
N ARG C 900 -12.38 -35.70 -11.79
CA ARG C 900 -11.69 -34.44 -12.05
C ARG C 900 -11.87 -34.03 -13.50
N TYR C 901 -11.71 -32.73 -13.75
CA TYR C 901 -11.91 -32.17 -15.07
C TYR C 901 -10.71 -31.32 -15.47
N ILE C 902 -10.32 -31.45 -16.73
CA ILE C 902 -9.25 -30.65 -17.33
C ILE C 902 -9.87 -29.83 -18.45
N SER C 903 -9.76 -28.51 -18.34
CA SER C 903 -10.35 -27.60 -19.32
C SER C 903 -9.29 -26.57 -19.71
N PRO C 904 -8.99 -26.41 -21.00
CA PRO C 904 -8.04 -25.37 -21.41
C PRO C 904 -8.57 -23.98 -21.08
N ILE C 905 -7.65 -23.00 -21.13
CA ILE C 905 -7.99 -21.64 -20.72
C ILE C 905 -9.05 -21.05 -21.64
N PHE C 906 -8.89 -21.22 -22.96
CA PHE C 906 -9.81 -20.64 -23.93
C PHE C 906 -10.51 -21.71 -24.74
N ASP C 907 -10.46 -22.96 -24.30
CA ASP C 907 -11.23 -24.04 -24.90
C ASP C 907 -11.85 -24.91 -23.81
N GLY C 908 -12.36 -24.27 -22.76
CA GLY C 908 -12.91 -24.99 -21.63
C GLY C 908 -14.23 -25.68 -21.91
N ALA C 909 -15.01 -25.90 -20.87
CA ALA C 909 -16.28 -26.61 -20.99
C ALA C 909 -17.40 -25.62 -21.27
N LYS C 910 -18.18 -25.90 -22.31
CA LYS C 910 -19.35 -25.09 -22.60
C LYS C 910 -20.40 -25.25 -21.50
N GLU C 911 -21.23 -24.23 -21.34
CA GLU C 911 -22.29 -24.29 -20.34
C GLU C 911 -23.22 -25.48 -20.50
N PRO C 912 -23.65 -25.88 -21.70
CA PRO C 912 -24.45 -27.11 -21.80
C PRO C 912 -23.74 -28.35 -21.26
N GLU C 913 -22.43 -28.46 -21.46
CA GLU C 913 -21.69 -29.60 -20.93
C GLU C 913 -21.72 -29.61 -19.41
N ILE C 914 -21.49 -28.45 -18.79
CA ILE C 914 -21.54 -28.34 -17.34
C ILE C 914 -22.95 -28.64 -16.84
N LYS C 915 -23.97 -28.21 -17.59
CA LYS C 915 -25.34 -28.49 -17.21
C LYS C 915 -25.64 -29.99 -17.25
N GLU C 916 -25.16 -30.68 -18.29
CA GLU C 916 -25.37 -32.12 -18.36
C GLU C 916 -24.65 -32.84 -17.23
N LEU C 917 -23.43 -32.41 -16.92
CA LEU C 917 -22.70 -33.01 -15.80
C LEU C 917 -23.43 -32.77 -14.49
N LEU C 918 -23.97 -31.57 -14.29
CA LEU C 918 -24.73 -31.27 -13.09
C LEU C 918 -26.00 -32.10 -13.03
N ALA C 919 -26.63 -32.35 -14.17
CA ALA C 919 -27.81 -33.21 -14.21
C ALA C 919 -27.47 -34.62 -13.78
N GLN C 920 -26.35 -35.16 -14.28
CA GLN C 920 -25.93 -36.50 -13.85
C GLN C 920 -25.61 -36.52 -12.36
N ALA C 921 -24.93 -35.48 -11.87
CA ALA C 921 -24.59 -35.41 -10.45
C ALA C 921 -25.85 -35.35 -9.59
N PHE C 922 -26.84 -34.57 -10.01
CA PHE C 922 -28.09 -34.50 -9.25
C PHE C 922 -28.83 -35.83 -9.30
N GLU C 923 -28.81 -36.51 -10.45
CA GLU C 923 -29.42 -37.84 -10.52
C GLU C 923 -28.80 -38.77 -9.50
N VAL C 924 -27.46 -38.82 -9.46
CA VAL C 924 -26.79 -39.68 -8.50
C VAL C 924 -27.13 -39.28 -7.07
N TYR C 925 -27.07 -37.97 -6.78
CA TYR C 925 -27.28 -37.49 -5.42
C TYR C 925 -28.69 -37.79 -4.93
N PHE C 926 -29.70 -37.46 -5.73
CA PHE C 926 -31.07 -37.65 -5.26
C PHE C 926 -31.48 -39.12 -5.32
N GLY C 927 -30.89 -39.92 -6.21
CA GLY C 927 -31.10 -41.35 -6.14
C GLY C 927 -30.55 -41.96 -4.87
N LYS C 928 -29.36 -41.51 -4.46
CA LYS C 928 -28.83 -41.94 -3.18
C LYS C 928 -29.74 -41.49 -2.04
N ARG C 929 -30.28 -40.27 -2.14
CA ARG C 929 -31.20 -39.79 -1.12
C ARG C 929 -32.46 -40.66 -1.04
N LYS C 930 -33.04 -41.00 -2.19
CA LYS C 930 -34.25 -41.81 -2.22
C LYS C 930 -33.99 -43.27 -1.90
N GLY C 931 -32.73 -43.71 -1.95
CA GLY C 931 -32.44 -45.10 -1.63
C GLY C 931 -32.87 -45.50 -0.23
N GLU C 932 -32.74 -44.59 0.73
CA GLU C 932 -33.14 -44.85 2.11
C GLU C 932 -34.62 -44.60 2.34
N GLY C 933 -35.36 -44.11 1.34
CA GLY C 933 -36.78 -43.89 1.49
C GLY C 933 -37.14 -42.53 2.05
N PHE C 934 -36.63 -41.47 1.43
CA PHE C 934 -36.93 -40.10 1.84
C PHE C 934 -37.40 -39.30 0.63
N GLY C 935 -38.39 -38.44 0.85
CA GLY C 935 -38.92 -37.61 -0.21
C GLY C 935 -38.33 -36.21 -0.21
N VAL C 936 -39.18 -35.20 0.00
CA VAL C 936 -38.77 -33.80 0.02
C VAL C 936 -39.15 -33.21 1.37
N ASP C 937 -38.19 -32.58 2.02
CA ASP C 937 -38.44 -31.96 3.31
C ASP C 937 -39.38 -30.77 3.18
N LYS C 938 -40.11 -30.47 4.25
CA LYS C 938 -41.02 -29.34 4.25
C LYS C 938 -40.25 -28.02 4.11
N ARG C 939 -39.08 -27.94 4.74
CA ARG C 939 -38.22 -26.79 4.55
C ARG C 939 -37.84 -26.61 3.08
N GLU C 940 -37.52 -27.73 2.42
CA GLU C 940 -37.26 -27.67 0.99
C GLU C 940 -38.50 -27.23 0.22
N VAL C 941 -39.68 -27.65 0.68
CA VAL C 941 -40.91 -27.25 0.01
C VAL C 941 -41.11 -25.74 0.07
N GLU C 942 -40.91 -25.16 1.25
CA GLU C 942 -41.07 -23.71 1.37
C GLU C 942 -39.98 -22.96 0.63
N VAL C 943 -38.76 -23.50 0.61
CA VAL C 943 -37.70 -22.87 -0.17
C VAL C 943 -38.04 -22.89 -1.66
N LEU C 944 -38.57 -24.01 -2.14
CA LEU C 944 -38.95 -24.11 -3.54
C LEU C 944 -40.08 -23.16 -3.89
N ARG C 945 -41.08 -23.02 -3.00
CA ARG C 945 -42.16 -22.09 -3.32
C ARG C 945 -41.66 -20.65 -3.31
N ARG C 946 -40.77 -20.31 -2.37
CA ARG C 946 -40.20 -18.96 -2.36
C ARG C 946 -39.39 -18.69 -3.63
N ALA C 947 -38.60 -19.68 -4.07
CA ALA C 947 -37.85 -19.52 -5.32
C ALA C 947 -38.79 -19.43 -6.51
N GLU C 948 -39.93 -20.13 -6.46
CA GLU C 948 -40.94 -20.00 -7.50
C GLU C 948 -41.48 -18.59 -7.57
N LYS C 949 -41.70 -17.96 -6.41
CA LYS C 949 -42.07 -16.55 -6.39
C LYS C 949 -40.95 -15.66 -6.91
N LEU C 950 -39.70 -16.13 -6.91
CA LEU C 950 -38.58 -15.36 -7.43
C LEU C 950 -38.27 -15.67 -8.88
N GLY C 951 -38.99 -16.58 -9.52
CA GLY C 951 -38.78 -16.89 -10.91
C GLY C 951 -37.61 -17.80 -11.21
N LEU C 952 -36.95 -18.34 -10.19
CA LEU C 952 -35.83 -19.25 -10.43
C LEU C 952 -36.28 -20.54 -11.09
N VAL C 953 -37.43 -21.07 -10.67
CA VAL C 953 -37.93 -22.34 -11.17
C VAL C 953 -39.29 -22.12 -11.81
N THR C 954 -39.55 -22.84 -12.90
CA THR C 954 -40.84 -22.74 -13.57
C THR C 954 -41.94 -23.28 -12.67
N PRO C 955 -43.11 -22.64 -12.65
CA PRO C 955 -44.20 -23.09 -11.79
C PRO C 955 -44.96 -24.25 -12.42
N GLY C 956 -45.80 -24.88 -11.59
CA GLY C 956 -46.61 -26.00 -12.02
C GLY C 956 -45.90 -27.34 -12.04
N LYS C 957 -44.65 -27.39 -11.56
CA LYS C 957 -43.88 -28.61 -11.54
C LYS C 957 -43.73 -29.15 -10.12
N THR C 958 -43.58 -30.46 -10.02
CA THR C 958 -43.43 -31.11 -8.73
C THR C 958 -42.08 -30.77 -8.12
N PRO C 959 -41.91 -30.93 -6.80
CA PRO C 959 -40.62 -30.63 -6.18
C PRO C 959 -39.46 -31.41 -6.77
N GLU C 960 -39.72 -32.59 -7.34
CA GLU C 960 -38.66 -33.38 -7.96
C GLU C 960 -37.95 -32.60 -9.05
N GLU C 961 -38.65 -32.32 -10.14
CA GLU C 961 -38.01 -31.64 -11.27
C GLU C 961 -37.75 -30.16 -10.98
N GLN C 962 -38.50 -29.56 -10.05
CA GLN C 962 -38.18 -28.20 -9.63
C GLN C 962 -36.81 -28.16 -8.95
N LEU C 963 -36.55 -29.10 -8.05
CA LEU C 963 -35.24 -29.18 -7.41
C LEU C 963 -34.16 -29.56 -8.42
N LYS C 964 -34.50 -30.40 -9.40
CA LYS C 964 -33.53 -30.70 -10.45
C LYS C 964 -33.15 -29.46 -11.23
N GLU C 965 -34.14 -28.66 -11.64
CA GLU C 965 -33.87 -27.42 -12.37
C GLU C 965 -33.06 -26.45 -11.51
N LEU C 966 -33.35 -26.41 -10.21
CA LEU C 966 -32.56 -25.57 -9.32
C LEU C 966 -31.12 -26.05 -9.23
N PHE C 967 -30.92 -27.37 -9.23
CA PHE C 967 -29.57 -27.92 -9.23
C PHE C 967 -28.83 -27.56 -10.51
N LEU C 968 -29.54 -27.56 -11.63
CA LEU C 968 -28.93 -27.13 -12.89
C LEU C 968 -28.35 -25.72 -12.80
N GLN C 969 -28.97 -24.85 -12.01
CA GLN C 969 -28.43 -23.52 -11.80
C GLN C 969 -27.16 -23.53 -10.96
N GLY C 970 -26.81 -24.67 -10.35
CA GLY C 970 -25.70 -24.72 -9.43
C GLY C 970 -26.04 -24.35 -8.01
N LYS C 971 -27.31 -24.10 -7.71
CA LYS C 971 -27.76 -23.70 -6.38
C LYS C 971 -28.54 -24.84 -5.75
N VAL C 972 -28.29 -25.09 -4.46
CA VAL C 972 -29.01 -26.11 -3.72
C VAL C 972 -29.49 -25.49 -2.40
N VAL C 973 -30.46 -26.15 -1.79
CA VAL C 973 -31.02 -25.67 -0.53
C VAL C 973 -30.02 -25.92 0.59
N LEU C 974 -29.80 -24.91 1.42
CA LEU C 974 -28.93 -25.01 2.58
C LEU C 974 -29.75 -24.78 3.85
N TYR C 975 -29.26 -25.36 4.94
CA TYR C 975 -29.87 -25.18 6.26
C TYR C 975 -28.91 -24.36 7.11
N ASP C 976 -29.48 -23.48 7.94
CA ASP C 976 -28.66 -22.52 8.68
C ASP C 976 -27.70 -23.22 9.64
N GLY C 977 -28.17 -24.26 10.32
CA GLY C 977 -27.37 -24.97 11.30
C GLY C 977 -27.42 -24.38 12.68
N ARG C 978 -27.34 -23.05 12.78
CA ARG C 978 -27.52 -22.40 14.07
C ARG C 978 -28.98 -22.41 14.49
N THR C 979 -29.89 -22.16 13.55
CA THR C 979 -31.32 -22.13 13.84
C THR C 979 -32.05 -23.36 13.33
N GLY C 980 -31.50 -24.07 12.35
CA GLY C 980 -32.15 -25.21 11.76
C GLY C 980 -33.06 -24.86 10.58
N GLU C 981 -33.62 -23.65 10.57
CA GLU C 981 -34.43 -23.23 9.45
C GLU C 981 -33.56 -23.03 8.21
N PRO C 982 -34.09 -23.32 7.02
CA PRO C 982 -33.29 -23.18 5.81
C PRO C 982 -33.02 -21.73 5.49
N ILE C 983 -31.91 -21.48 4.80
CA ILE C 983 -31.61 -20.14 4.33
C ILE C 983 -32.59 -19.80 3.22
N GLU C 984 -33.29 -18.68 3.38
CA GLU C 984 -34.26 -18.25 2.37
C GLU C 984 -33.58 -18.10 1.02
N GLY C 985 -34.20 -18.65 -0.02
CA GLY C 985 -33.63 -18.64 -1.34
C GLY C 985 -32.53 -19.67 -1.48
N PRO C 986 -32.32 -20.16 -2.70
CA PRO C 986 -31.26 -21.16 -2.93
C PRO C 986 -29.88 -20.57 -2.77
N ILE C 987 -28.94 -21.42 -2.41
CA ILE C 987 -27.55 -21.02 -2.18
C ILE C 987 -26.65 -21.80 -3.13
N VAL C 988 -25.72 -21.10 -3.78
CA VAL C 988 -24.77 -21.75 -4.67
C VAL C 988 -23.60 -22.31 -3.86
N VAL C 989 -23.31 -23.60 -4.09
CA VAL C 989 -22.26 -24.30 -3.37
C VAL C 989 -21.49 -25.13 -4.38
N GLY C 990 -20.25 -25.45 -4.06
CA GLY C 990 -19.44 -26.26 -4.94
C GLY C 990 -18.10 -26.58 -4.31
N GLN C 991 -17.16 -27.04 -5.14
CA GLN C 991 -15.81 -27.33 -4.70
C GLN C 991 -14.86 -26.31 -5.31
N MET C 992 -14.06 -25.66 -4.47
CA MET C 992 -13.12 -24.65 -4.90
C MET C 992 -11.72 -25.03 -4.47
N PHE C 993 -10.74 -24.68 -5.30
CA PHE C 993 -9.32 -24.87 -4.99
C PHE C 993 -8.83 -23.62 -4.30
N ILE C 994 -8.68 -23.69 -2.99
CA ILE C 994 -8.26 -22.57 -2.16
C ILE C 994 -6.91 -22.91 -1.54
N MET C 995 -5.97 -21.99 -1.65
CA MET C 995 -4.58 -22.20 -1.26
C MET C 995 -4.16 -21.13 -0.27
N LYS C 996 -3.32 -21.52 0.68
CA LYS C 996 -2.80 -20.59 1.69
C LYS C 996 -1.54 -19.92 1.17
N LEU C 997 -1.53 -18.59 1.19
CA LEU C 997 -0.44 -17.83 0.62
C LEU C 997 0.76 -17.83 1.56
N TYR C 998 1.88 -17.30 1.05
CA TYR C 998 3.10 -17.20 1.84
C TYR C 998 2.86 -16.35 3.07
N HIS C 999 3.30 -16.85 4.23
CA HIS C 999 2.97 -16.25 5.52
C HIS C 999 4.25 -16.02 6.31
N MET C 1000 4.83 -14.84 6.15
CA MET C 1000 6.03 -14.46 6.90
C MET C 1000 5.60 -13.71 8.18
N VAL C 1001 6.57 -13.06 8.83
CA VAL C 1001 6.34 -12.33 10.07
C VAL C 1001 5.32 -11.19 9.92
N GLU C 1002 4.86 -10.94 8.69
CA GLU C 1002 3.97 -9.81 8.43
C GLU C 1002 2.77 -9.79 9.39
N ASP C 1003 2.18 -10.95 9.67
CA ASP C 1003 1.08 -11.00 10.62
C ASP C 1003 1.56 -10.86 12.05
N LYS C 1004 2.78 -11.28 12.34
CA LYS C 1004 3.30 -11.22 13.70
C LYS C 1004 3.34 -9.78 14.18
N MET C 1005 3.01 -9.58 15.45
CA MET C 1005 2.87 -8.25 16.02
C MET C 1005 4.23 -7.72 16.43
N HIS C 1006 4.73 -6.72 15.70
CA HIS C 1006 5.96 -6.06 16.09
C HIS C 1006 5.70 -5.04 17.19
N ALA C 1007 5.08 -5.49 18.28
CA ALA C 1007 4.70 -4.61 19.38
C ALA C 1007 5.83 -4.57 20.40
N ARG C 1008 6.37 -3.37 20.63
CA ARG C 1008 7.41 -3.17 21.62
C ARG C 1008 7.03 -2.01 22.52
N SER C 1009 7.58 -2.01 23.73
CA SER C 1009 7.45 -0.90 24.65
C SER C 1009 8.76 -0.19 24.93
N THR C 1010 9.88 -0.91 24.89
CA THR C 1010 11.20 -0.32 25.07
C THR C 1010 12.22 -1.23 24.42
N GLY C 1011 13.09 -0.66 23.59
CA GLY C 1011 14.06 -1.45 22.87
C GLY C 1011 15.29 -0.65 22.48
N PRO C 1012 16.03 -1.14 21.49
CA PRO C 1012 17.27 -0.47 21.08
C PRO C 1012 17.00 0.92 20.51
N TYR C 1013 17.99 1.79 20.66
CA TYR C 1013 17.95 3.13 20.11
C TYR C 1013 19.12 3.33 19.15
N SER C 1014 18.93 4.22 18.19
CA SER C 1014 19.98 4.48 17.21
C SER C 1014 21.08 5.34 17.83
N LEU C 1015 22.16 5.52 17.08
CA LEU C 1015 23.33 6.23 17.56
C LEU C 1015 23.26 7.74 17.29
N ILE C 1016 23.06 8.12 16.03
CA ILE C 1016 23.00 9.54 15.69
C ILE C 1016 21.84 10.21 16.41
N THR C 1017 20.62 9.77 16.12
CA THR C 1017 19.44 10.15 16.87
C THR C 1017 19.04 9.02 17.80
N GLN C 1018 18.30 9.36 18.84
CA GLN C 1018 17.86 8.38 19.82
C GLN C 1018 16.48 7.81 19.49
N GLN C 1019 16.05 7.93 18.24
CA GLN C 1019 14.81 7.31 17.83
C GLN C 1019 14.97 5.78 17.81
N PRO C 1020 14.07 5.04 18.45
CA PRO C 1020 14.31 3.60 18.65
C PRO C 1020 14.06 2.79 17.39
N LEU C 1021 15.02 1.95 17.04
CA LEU C 1021 14.85 0.97 15.96
C LEU C 1021 15.68 -0.26 16.30
N GLY C 1022 15.03 -1.41 16.31
CA GLY C 1022 15.66 -2.65 16.70
C GLY C 1022 15.87 -3.64 15.56
N GLY C 1023 14.98 -4.61 15.45
CA GLY C 1023 15.13 -5.66 14.46
C GLY C 1023 15.27 -7.04 15.06
N LYS C 1024 16.47 -7.63 14.94
CA LYS C 1024 16.69 -8.98 15.44
C LYS C 1024 16.48 -9.06 16.94
N ALA C 1025 16.99 -8.07 17.68
CA ALA C 1025 16.85 -8.09 19.14
C ALA C 1025 15.42 -7.77 19.55
N GLN C 1026 14.93 -6.59 19.18
CA GLN C 1026 13.57 -6.18 19.46
C GLN C 1026 12.91 -5.70 18.17
N PHE C 1027 11.57 -5.75 18.14
CA PHE C 1027 10.83 -5.50 16.92
C PHE C 1027 11.15 -4.13 16.31
N GLY C 1028 11.37 -3.14 17.15
CA GLY C 1028 11.57 -1.80 16.63
C GLY C 1028 10.29 -1.01 16.56
N GLY C 1029 10.42 0.30 16.69
CA GLY C 1029 9.25 1.16 16.77
C GLY C 1029 8.53 1.31 15.44
N GLN C 1030 7.26 1.66 15.56
CA GLN C 1030 6.41 1.88 14.40
C GLN C 1030 6.58 3.30 13.89
N ARG C 1031 6.52 3.45 12.57
CA ARG C 1031 6.73 4.74 11.95
C ARG C 1031 5.58 5.68 12.32
N PHE C 1032 5.88 6.96 12.52
CA PHE C 1032 4.81 7.95 12.64
C PHE C 1032 4.82 8.99 11.52
N GLY C 1033 5.85 9.03 10.69
CA GLY C 1033 5.93 9.82 9.47
C GLY C 1033 5.51 11.27 9.66
N GLU C 1034 5.00 11.86 8.58
CA GLU C 1034 4.43 13.20 8.62
C GLU C 1034 2.94 13.24 8.33
N MET C 1035 2.45 12.32 7.49
CA MET C 1035 1.01 12.26 7.23
C MET C 1035 0.25 11.94 8.51
N GLU C 1036 0.77 11.00 9.32
CA GLU C 1036 0.17 10.73 10.61
C GLU C 1036 0.28 11.94 11.53
N VAL C 1037 1.41 12.66 11.47
CA VAL C 1037 1.54 13.89 12.25
C VAL C 1037 0.51 14.92 11.78
N TRP C 1038 0.34 15.05 10.46
CA TRP C 1038 -0.65 15.99 9.94
C TRP C 1038 -2.05 15.64 10.41
N ALA C 1039 -2.40 14.35 10.39
CA ALA C 1039 -3.70 13.92 10.89
C ALA C 1039 -3.84 14.21 12.38
N LEU C 1040 -2.78 13.95 13.15
CA LEU C 1040 -2.85 14.13 14.59
C LEU C 1040 -3.04 15.60 14.96
N GLU C 1041 -2.36 16.50 14.26
CA GLU C 1041 -2.53 17.92 14.54
C GLU C 1041 -3.70 18.53 13.79
N ALA C 1042 -4.32 17.78 12.87
CA ALA C 1042 -5.60 18.22 12.31
C ALA C 1042 -6.69 18.20 13.38
N TYR C 1043 -6.65 17.20 14.26
CA TYR C 1043 -7.44 17.26 15.48
C TYR C 1043 -6.88 18.34 16.40
N GLY C 1044 -7.51 18.51 17.56
CA GLY C 1044 -6.96 19.41 18.54
C GLY C 1044 -5.87 18.83 19.39
N ALA C 1045 -5.49 17.58 19.14
CA ALA C 1045 -4.48 16.90 19.95
C ALA C 1045 -3.12 17.57 19.82
N ALA C 1046 -2.66 18.20 20.90
CA ALA C 1046 -1.34 18.82 20.94
C ALA C 1046 -0.42 18.12 21.93
N HIS C 1047 -0.94 17.71 23.09
CA HIS C 1047 -0.11 16.99 24.05
C HIS C 1047 0.22 15.59 23.57
N THR C 1048 -0.69 14.94 22.84
CA THR C 1048 -0.39 13.63 22.27
C THR C 1048 0.79 13.73 21.31
N LEU C 1049 0.76 14.72 20.42
CA LEU C 1049 1.87 14.92 19.50
C LEU C 1049 3.14 15.30 20.25
N GLN C 1050 3.01 16.12 21.30
CA GLN C 1050 4.17 16.54 22.05
C GLN C 1050 4.87 15.36 22.71
N GLU C 1051 4.09 14.45 23.32
CA GLU C 1051 4.73 13.31 23.96
C GLU C 1051 5.20 12.27 22.94
N MET C 1052 4.53 12.20 21.78
CA MET C 1052 4.91 11.18 20.82
C MET C 1052 6.06 11.63 19.93
N LEU C 1053 6.41 12.91 19.94
CA LEU C 1053 7.63 13.38 19.29
C LEU C 1053 8.81 13.48 20.23
N THR C 1054 8.58 13.71 21.52
CA THR C 1054 9.66 13.89 22.48
C THR C 1054 9.67 12.83 23.57
N LEU C 1055 8.55 12.65 24.28
CA LEU C 1055 8.55 11.75 25.42
C LEU C 1055 8.71 10.29 24.98
N LYS C 1056 7.98 9.87 23.96
CA LYS C 1056 8.00 8.50 23.49
C LYS C 1056 8.95 8.27 22.32
N SER C 1057 9.61 9.31 21.83
CA SER C 1057 10.47 9.17 20.65
C SER C 1057 11.93 9.50 20.92
N ASP C 1058 12.21 10.69 21.43
CA ASP C 1058 13.61 11.13 21.38
C ASP C 1058 14.18 11.59 22.71
N ASP C 1059 13.40 12.28 23.54
CA ASP C 1059 13.94 12.91 24.74
C ASP C 1059 14.35 11.82 25.73
N ILE C 1060 15.66 11.59 25.84
CA ILE C 1060 16.17 10.47 26.63
C ILE C 1060 15.85 10.66 28.11
N GLU C 1061 16.13 11.86 28.64
CA GLU C 1061 15.78 12.12 30.03
C GLU C 1061 14.27 12.09 30.22
N GLY C 1062 13.53 12.61 29.24
CA GLY C 1062 12.08 12.58 29.33
C GLY C 1062 11.52 11.18 29.32
N ARG C 1063 12.02 10.33 28.42
CA ARG C 1063 11.50 8.96 28.36
C ARG C 1063 11.90 8.16 29.59
N ASN C 1064 13.12 8.36 30.08
CA ASN C 1064 13.54 7.66 31.30
C ASN C 1064 12.68 8.09 32.49
N ALA C 1065 12.47 9.40 32.64
CA ALA C 1065 11.67 9.89 33.76
C ALA C 1065 10.22 9.44 33.64
N ALA C 1066 9.68 9.41 32.41
CA ALA C 1066 8.32 8.92 32.22
C ALA C 1066 8.21 7.45 32.59
N TYR C 1067 9.20 6.64 32.19
CA TYR C 1067 9.19 5.22 32.53
C TYR C 1067 9.22 5.04 34.05
N GLU C 1068 10.10 5.78 34.72
CA GLU C 1068 10.18 5.67 36.18
C GLU C 1068 8.89 6.12 36.85
N ALA C 1069 8.29 7.21 36.35
CA ALA C 1069 7.05 7.70 36.94
C ALA C 1069 5.91 6.71 36.74
N ILE C 1070 5.82 6.10 35.55
CA ILE C 1070 4.76 5.13 35.29
C ILE C 1070 4.95 3.91 36.18
N ILE C 1071 6.20 3.47 36.37
CA ILE C 1071 6.45 2.39 37.33
C ILE C 1071 6.01 2.81 38.72
N LYS C 1072 6.29 4.06 39.10
CA LYS C 1072 5.88 4.58 40.40
C LYS C 1072 4.39 4.90 40.46
N GLY C 1073 3.67 4.76 39.36
CA GLY C 1073 2.25 5.09 39.33
C GLY C 1073 1.95 6.57 39.48
N GLU C 1074 2.77 7.42 38.85
CA GLU C 1074 2.56 8.86 38.87
C GLU C 1074 2.52 9.38 37.44
N ASP C 1075 2.01 10.59 37.29
CA ASP C 1075 1.90 11.19 35.97
C ASP C 1075 3.29 11.47 35.38
N VAL C 1076 3.36 11.39 34.06
CA VAL C 1076 4.62 11.60 33.34
C VAL C 1076 5.05 13.05 33.48
N PRO C 1077 6.36 13.33 33.49
CA PRO C 1077 6.81 14.72 33.61
C PRO C 1077 6.73 15.47 32.29
N GLU C 1078 6.87 16.78 32.38
CA GLU C 1078 6.84 17.62 31.20
C GLU C 1078 8.04 17.35 30.31
N PRO C 1079 7.84 17.25 28.99
CA PRO C 1079 8.94 16.88 28.10
C PRO C 1079 9.93 18.03 27.91
N SER C 1080 11.09 17.67 27.39
CA SER C 1080 12.18 18.61 27.14
C SER C 1080 12.48 18.66 25.64
N VAL C 1081 13.55 19.36 25.29
CA VAL C 1081 13.93 19.52 23.89
C VAL C 1081 14.39 18.17 23.34
N PRO C 1082 13.83 17.69 22.23
CA PRO C 1082 14.25 16.40 21.69
C PRO C 1082 15.69 16.43 21.20
N GLU C 1083 16.34 15.26 21.27
CA GLU C 1083 17.73 15.15 20.85
C GLU C 1083 17.90 15.37 19.35
N SER C 1084 16.84 15.18 18.56
CA SER C 1084 16.95 15.42 17.12
C SER C 1084 17.20 16.90 16.83
N PHE C 1085 16.53 17.79 17.57
CA PHE C 1085 16.78 19.22 17.40
C PHE C 1085 18.18 19.59 17.83
N ARG C 1086 18.70 18.95 18.88
CA ARG C 1086 20.09 19.19 19.28
C ARG C 1086 21.05 18.72 18.20
N VAL C 1087 20.76 17.57 17.58
CA VAL C 1087 21.57 17.09 16.47
C VAL C 1087 21.54 18.08 15.32
N LEU C 1088 20.36 18.61 15.00
CA LEU C 1088 20.25 19.59 13.93
C LEU C 1088 21.04 20.86 14.26
N VAL C 1089 20.97 21.31 15.52
CA VAL C 1089 21.69 22.51 15.92
C VAL C 1089 23.19 22.29 15.78
N LYS C 1090 23.68 21.12 16.21
CA LYS C 1090 25.12 20.85 16.12
C LYS C 1090 25.57 20.70 14.67
N GLU C 1091 24.73 20.11 13.82
CA GLU C 1091 25.07 20.00 12.41
C GLU C 1091 25.10 21.38 11.75
N LEU C 1092 24.19 22.27 12.16
CA LEU C 1092 24.24 23.65 11.67
C LEU C 1092 25.52 24.34 12.14
N GLN C 1093 25.88 24.15 13.41
CA GLN C 1093 27.11 24.74 13.93
C GLN C 1093 28.35 24.13 13.29
N ALA C 1094 28.23 22.93 12.70
CA ALA C 1094 29.36 22.36 11.98
C ALA C 1094 29.74 23.24 10.79
N LEU C 1095 28.76 23.78 10.09
CA LEU C 1095 29.02 24.78 9.07
C LEU C 1095 29.30 26.13 9.73
N ALA C 1096 29.47 27.16 8.90
CA ALA C 1096 29.67 28.52 9.41
C ALA C 1096 28.42 29.11 10.04
N LEU C 1097 27.35 28.35 10.18
CA LEU C 1097 26.09 28.87 10.68
C LEU C 1097 26.18 29.14 12.18
N ASP C 1098 25.12 29.76 12.71
CA ASP C 1098 25.06 30.12 14.12
C ASP C 1098 23.60 30.16 14.53
N VAL C 1099 23.14 29.17 15.28
CA VAL C 1099 21.75 29.08 15.71
C VAL C 1099 21.70 28.94 17.22
N GLN C 1100 20.90 29.78 17.86
CA GLN C 1100 20.67 29.71 19.30
C GLN C 1100 19.23 30.10 19.58
N THR C 1101 18.64 29.45 20.58
CA THR C 1101 17.28 29.77 21.01
C THR C 1101 17.29 31.01 21.88
N LEU C 1102 16.26 31.85 21.70
CA LEU C 1102 16.16 33.11 22.42
C LEU C 1102 14.98 33.07 23.38
N ASP C 1103 15.07 33.90 24.42
CA ASP C 1103 14.00 34.07 25.39
C ASP C 1103 12.95 35.02 24.81
N GLU C 1104 12.04 35.49 25.67
CA GLU C 1104 11.08 36.50 25.24
C GLU C 1104 11.80 37.75 24.73
N LYS C 1105 12.82 38.19 25.46
CA LYS C 1105 13.71 39.24 24.99
C LYS C 1105 14.94 38.61 24.32
N ASP C 1106 15.89 39.45 23.92
CA ASP C 1106 17.09 39.00 23.22
C ASP C 1106 18.12 38.45 24.21
N ASN C 1107 17.70 37.45 24.97
CA ASN C 1107 18.58 36.75 25.91
C ASN C 1107 18.72 35.31 25.49
N PRO C 1108 19.92 34.86 25.09
CA PRO C 1108 20.09 33.47 24.65
C PRO C 1108 19.74 32.49 25.75
N VAL C 1109 19.10 31.39 25.37
CA VAL C 1109 18.72 30.32 26.27
C VAL C 1109 19.45 29.05 25.81
N ASP C 1110 20.26 28.47 26.69
CA ASP C 1110 21.03 27.29 26.35
C ASP C 1110 20.14 26.06 26.42
N ILE C 1111 19.95 25.39 25.29
CA ILE C 1111 19.15 24.17 25.26
C ILE C 1111 19.83 23.06 26.05
N PHE C 1112 21.16 22.98 25.96
CA PHE C 1112 21.92 22.07 26.80
C PHE C 1112 21.96 22.59 28.23
N GLU C 1113 22.09 21.66 29.18
CA GLU C 1113 22.13 22.02 30.58
C GLU C 1113 23.33 22.89 30.89
N GLY C 1114 24.53 22.35 30.74
CA GLY C 1114 25.74 23.11 30.89
C GLY C 1114 26.87 22.55 30.05
N LEU C 1115 26.54 21.57 29.20
CA LEU C 1115 27.56 20.84 28.46
C LEU C 1115 28.17 21.70 27.36
N ALA C 1116 27.38 22.58 26.75
CA ALA C 1116 27.92 23.48 25.74
C ALA C 1116 28.93 24.45 26.34
N SER C 1117 28.65 24.97 27.53
CA SER C 1117 29.57 25.87 28.20
C SER C 1117 30.86 25.16 28.56
N LYS C 1118 31.98 25.85 28.38
CA LYS C 1118 33.29 25.26 28.67
C LYS C 1118 33.58 25.30 30.16
N ARG C 1119 33.84 24.13 30.73
CA ARG C 1119 34.20 23.98 32.14
C ARG C 1119 33.17 24.60 33.09
N LYS D 2 15.55 27.75 32.58
CA LYS D 2 14.20 27.81 33.15
C LYS D 2 13.26 28.59 32.24
N LYS D 3 13.80 29.62 31.59
CA LYS D 3 13.01 30.44 30.69
C LYS D 3 12.60 29.64 29.45
N GLU D 4 11.41 29.94 28.95
CA GLU D 4 10.88 29.23 27.79
C GLU D 4 11.48 29.76 26.50
N VAL D 5 11.60 28.87 25.51
CA VAL D 5 12.12 29.23 24.20
C VAL D 5 11.03 29.98 23.43
N ARG D 6 11.38 31.13 22.87
CA ARG D 6 10.43 31.94 22.13
C ARG D 6 10.83 32.20 20.69
N LYS D 7 12.12 32.43 20.42
CA LYS D 7 12.59 32.71 19.08
C LYS D 7 13.83 31.88 18.79
N VAL D 8 14.05 31.61 17.50
CA VAL D 8 15.23 30.90 17.03
C VAL D 8 15.91 31.78 15.99
N ARG D 9 17.12 32.23 16.31
CA ARG D 9 17.88 33.11 15.42
C ARG D 9 18.98 32.34 14.71
N ILE D 10 19.11 32.59 13.41
CA ILE D 10 20.15 31.98 12.59
C ILE D 10 20.96 33.11 11.96
N ALA D 11 22.28 33.01 12.06
CA ALA D 11 23.16 34.06 11.54
C ALA D 11 24.53 33.46 11.26
N LEU D 12 25.41 34.30 10.73
CA LEU D 12 26.79 33.87 10.48
C LEU D 12 27.57 33.79 11.78
N ALA D 13 28.59 32.95 11.79
CA ALA D 13 29.44 32.75 12.94
C ALA D 13 30.83 33.31 12.67
N SER D 14 31.28 34.20 13.55
CA SER D 14 32.61 34.78 13.43
C SER D 14 33.67 33.73 13.77
N PRO D 15 34.90 33.91 13.27
CA PRO D 15 35.99 33.02 13.71
C PRO D 15 36.19 33.03 15.21
N GLU D 16 35.95 34.18 15.86
CA GLU D 16 35.96 34.22 17.32
C GLU D 16 34.89 33.30 17.90
N LYS D 17 33.70 33.28 17.28
CA LYS D 17 32.65 32.37 17.71
C LYS D 17 33.08 30.92 17.53
N ILE D 18 33.73 30.61 16.40
CA ILE D 18 34.18 29.23 16.15
C ILE D 18 35.18 28.81 17.20
N ARG D 19 36.14 29.69 17.51
CA ARG D 19 37.14 29.36 18.52
C ARG D 19 36.51 29.24 19.90
N SER D 20 35.49 30.06 20.19
CA SER D 20 34.80 29.95 21.47
C SER D 20 34.05 28.63 21.58
N TRP D 21 33.47 28.15 20.48
CA TRP D 21 32.76 26.88 20.50
C TRP D 21 33.70 25.73 20.83
N SER D 22 34.84 25.66 20.14
CA SER D 22 35.69 24.49 20.22
C SER D 22 36.56 24.51 21.46
N TYR D 23 36.95 23.31 21.91
CA TYR D 23 37.85 23.12 23.04
C TYR D 23 39.11 22.48 22.48
N GLY D 24 40.04 23.30 21.99
CA GLY D 24 41.25 22.81 21.38
C GLY D 24 41.09 22.55 19.89
N GLU D 25 42.22 22.26 19.25
CA GLU D 25 42.29 22.09 17.81
C GLU D 25 42.84 20.70 17.47
N VAL D 26 42.33 20.13 16.39
CA VAL D 26 42.77 18.83 15.89
C VAL D 26 43.82 19.05 14.81
N GLU D 27 44.89 18.25 14.85
CA GLU D 27 45.97 18.37 13.90
C GLU D 27 46.33 17.07 13.18
N LYS D 28 46.08 15.92 13.80
CA LYS D 28 46.46 14.65 13.20
C LYS D 28 45.28 14.02 12.48
N PRO D 29 45.45 13.53 11.25
CA PRO D 29 44.38 12.81 10.54
C PRO D 29 44.34 11.32 10.88
N GLU D 30 44.39 11.01 12.17
CA GLU D 30 44.39 9.63 12.66
C GLU D 30 43.15 9.44 13.52
N THR D 31 42.14 8.77 12.97
CA THR D 31 40.89 8.59 13.68
C THR D 31 41.05 7.74 14.94
N ILE D 32 41.38 6.46 14.76
CA ILE D 32 41.48 5.50 15.86
C ILE D 32 42.38 4.36 15.41
N ASN D 33 43.31 3.97 16.28
CA ASN D 33 44.18 2.84 15.97
C ASN D 33 43.40 1.54 16.06
N TYR D 34 43.73 0.60 15.17
CA TYR D 34 43.02 -0.68 15.15
C TYR D 34 43.36 -1.51 16.39
N ARG D 35 44.64 -1.60 16.74
CA ARG D 35 45.04 -2.39 17.90
C ARG D 35 44.53 -1.77 19.20
N THR D 36 44.83 -0.50 19.42
CA THR D 36 44.35 0.21 20.61
C THR D 36 42.99 0.81 20.29
N LEU D 37 41.93 0.17 20.80
CA LEU D 37 40.57 0.66 20.56
C LEU D 37 40.36 2.06 21.13
N LYS D 38 41.20 2.49 22.06
CA LYS D 38 41.13 3.84 22.57
C LYS D 38 41.55 4.84 21.49
N PRO D 39 41.15 6.10 21.64
CA PRO D 39 41.54 7.11 20.64
C PRO D 39 43.04 7.20 20.46
N GLU D 40 43.47 7.42 19.22
CA GLU D 40 44.89 7.37 18.89
C GLU D 40 45.63 8.60 19.38
N ARG D 41 45.25 9.77 18.89
CA ARG D 41 46.01 11.00 19.15
C ARG D 41 45.01 12.15 19.13
N ASP D 42 45.51 13.38 18.95
CA ASP D 42 44.74 14.61 18.96
C ASP D 42 43.76 14.72 17.78
N GLY D 43 43.60 13.66 16.99
CA GLY D 43 42.75 13.70 15.82
C GLY D 43 41.26 13.79 16.08
N LEU D 44 40.47 13.24 15.17
CA LEU D 44 39.03 13.45 15.14
C LEU D 44 38.29 12.83 16.31
N PHE D 45 38.95 11.97 17.10
CA PHE D 45 38.28 11.30 18.21
C PHE D 45 39.08 11.42 19.50
N ASP D 46 39.90 12.47 19.63
CA ASP D 46 40.79 12.58 20.78
C ASP D 46 40.00 12.63 22.08
N GLU D 47 40.56 11.99 23.11
CA GLU D 47 39.88 11.88 24.39
C GLU D 47 39.74 13.24 25.08
N ARG D 48 40.83 14.00 25.13
CA ARG D 48 40.85 15.26 25.87
C ARG D 48 40.28 16.42 25.09
N ILE D 49 39.97 16.24 23.81
CA ILE D 49 39.43 17.34 23.01
C ILE D 49 37.91 17.28 22.90
N PHE D 50 37.30 16.12 23.15
CA PHE D 50 35.84 15.98 23.08
C PHE D 50 35.22 15.42 24.34
N GLY D 51 36.01 15.00 25.33
CA GLY D 51 35.46 14.51 26.57
C GLY D 51 35.71 13.04 26.79
N PRO D 52 35.40 12.55 27.99
CA PRO D 52 35.68 11.15 28.32
C PRO D 52 34.80 10.20 27.52
N ILE D 53 35.42 9.14 26.98
CA ILE D 53 34.66 8.11 26.30
C ILE D 53 34.11 7.07 27.28
N LYS D 54 34.75 6.92 28.44
CA LYS D 54 34.27 6.01 29.47
C LYS D 54 33.15 6.68 30.26
N ASP D 55 32.25 5.86 30.80
CA ASP D 55 31.11 6.36 31.55
C ASP D 55 31.53 7.09 32.83
N THR D 81 31.25 12.99 34.18
CA THR D 81 30.25 13.21 33.15
C THR D 81 30.13 11.99 32.24
N LYS D 82 28.95 11.80 31.66
CA LYS D 82 28.72 10.69 30.74
C LYS D 82 29.41 10.97 29.40
N SER D 83 29.22 10.05 28.46
CA SER D 83 29.73 10.26 27.11
C SER D 83 28.95 11.32 26.34
N ILE D 84 27.81 11.78 26.88
CA ILE D 84 26.99 12.75 26.19
C ILE D 84 27.72 14.05 25.93
N VAL D 85 28.76 14.36 26.72
CA VAL D 85 29.56 15.55 26.46
C VAL D 85 30.20 15.45 25.08
N ARG D 86 30.67 14.26 24.71
CA ARG D 86 31.24 14.06 23.39
C ARG D 86 30.20 14.24 22.29
N ARG D 87 28.91 14.17 22.64
CA ARG D 87 27.86 14.44 21.67
C ARG D 87 27.72 15.93 21.38
N TYR D 88 28.23 16.79 22.25
CA TYR D 88 28.00 18.23 22.13
C TYR D 88 29.27 19.05 21.99
N ARG D 89 30.40 18.60 22.54
CA ARG D 89 31.64 19.34 22.37
C ARG D 89 32.09 19.29 20.90
N MET D 90 32.54 20.44 20.40
CA MET D 90 32.93 20.59 19.01
C MET D 90 34.42 20.90 18.93
N GLY D 91 35.01 20.58 17.78
CA GLY D 91 36.39 20.91 17.51
C GLY D 91 36.52 22.04 16.51
N HIS D 92 37.77 22.35 16.17
CA HIS D 92 38.01 23.35 15.13
C HIS D 92 39.37 23.08 14.50
N ILE D 93 39.48 23.50 13.24
CA ILE D 93 40.71 23.40 12.47
C ILE D 93 41.10 24.81 12.04
N GLU D 94 42.32 25.22 12.40
CA GLU D 94 42.82 26.55 12.06
C GLU D 94 43.55 26.45 10.73
N LEU D 95 42.88 26.84 9.65
CA LEU D 95 43.50 26.80 8.33
C LEU D 95 44.55 27.88 8.20
N ALA D 96 45.69 27.53 7.59
CA ALA D 96 46.73 28.52 7.33
C ALA D 96 46.35 29.46 6.19
N THR D 97 45.32 29.11 5.42
CA THR D 97 44.87 29.92 4.30
C THR D 97 43.36 30.12 4.41
N PRO D 98 42.87 31.35 4.24
CA PRO D 98 41.43 31.57 4.33
C PRO D 98 40.67 30.86 3.21
N ALA D 99 39.43 30.47 3.52
CA ALA D 99 38.55 29.83 2.56
C ALA D 99 37.15 30.39 2.73
N ALA D 100 36.36 30.31 1.67
CA ALA D 100 34.99 30.82 1.67
C ALA D 100 33.99 29.67 1.67
N HIS D 101 32.88 29.87 2.36
CA HIS D 101 31.80 28.88 2.37
C HIS D 101 31.30 28.65 0.96
N ILE D 102 31.14 27.38 0.59
CA ILE D 102 30.69 27.04 -0.76
C ILE D 102 29.27 27.55 -1.00
N TRP D 103 28.47 27.65 0.06
CA TRP D 103 27.09 28.11 -0.09
C TRP D 103 27.03 29.54 -0.60
N PHE D 104 27.91 30.41 -0.09
CA PHE D 104 27.88 31.82 -0.45
C PHE D 104 28.57 32.12 -1.77
N VAL D 105 29.19 31.13 -2.41
CA VAL D 105 29.82 31.33 -3.71
C VAL D 105 29.15 30.54 -4.82
N LYS D 106 28.43 29.47 -4.52
CA LYS D 106 27.83 28.62 -5.53
C LYS D 106 26.30 28.69 -5.54
N ASP D 107 25.69 29.47 -4.65
CA ASP D 107 24.25 29.68 -4.74
C ASP D 107 23.91 30.43 -6.01
N VAL D 108 22.69 30.22 -6.50
CA VAL D 108 22.29 30.82 -7.78
C VAL D 108 22.41 32.35 -7.74
N PRO D 109 21.89 33.06 -6.72
CA PRO D 109 22.41 34.40 -6.43
C PRO D 109 23.68 34.28 -5.61
N SER D 110 24.83 34.55 -6.23
CA SER D 110 26.10 34.49 -5.52
C SER D 110 26.17 35.65 -4.55
N LYS D 111 26.03 35.36 -3.25
CA LYS D 111 25.93 36.42 -2.25
C LYS D 111 27.22 37.23 -2.17
N ILE D 112 28.37 36.56 -2.18
CA ILE D 112 29.64 37.28 -2.29
C ILE D 112 29.73 37.97 -3.64
N GLY D 113 29.25 37.31 -4.70
CA GLY D 113 29.29 37.89 -6.03
C GLY D 113 28.32 39.02 -6.24
N THR D 114 27.27 39.12 -5.42
CA THR D 114 26.34 40.24 -5.52
C THR D 114 26.65 41.35 -4.53
N LEU D 115 27.33 41.05 -3.42
CA LEU D 115 27.78 42.10 -2.52
C LEU D 115 28.89 42.93 -3.17
N LEU D 116 29.81 42.26 -3.87
CA LEU D 116 30.85 42.92 -4.64
C LEU D 116 30.43 43.01 -6.10
N ASP D 117 31.15 43.84 -6.85
CA ASP D 117 30.89 44.01 -8.28
C ASP D 117 31.69 42.98 -9.09
N LEU D 118 31.41 41.71 -8.81
CA LEU D 118 32.09 40.59 -9.46
C LEU D 118 31.06 39.67 -10.10
N SER D 119 31.37 39.19 -11.30
CA SER D 119 30.47 38.29 -12.00
C SER D 119 30.43 36.95 -11.28
N ALA D 120 29.22 36.42 -11.07
CA ALA D 120 29.05 35.21 -10.28
C ALA D 120 29.62 33.98 -10.99
N THR D 121 29.30 33.82 -12.27
CA THR D 121 29.51 32.53 -12.93
C THR D 121 30.99 32.23 -13.13
N GLU D 122 31.75 33.18 -13.69
CA GLU D 122 33.12 32.87 -14.08
C GLU D 122 34.16 33.70 -13.34
N LEU D 123 33.95 35.02 -13.18
CA LEU D 123 34.95 35.85 -12.53
C LEU D 123 35.18 35.41 -11.08
N GLU D 124 34.09 35.14 -10.35
CA GLU D 124 34.23 34.79 -8.95
C GLU D 124 35.02 33.50 -8.77
N GLN D 125 34.72 32.48 -9.57
CA GLN D 125 35.39 31.20 -9.40
C GLN D 125 36.82 31.22 -9.95
N VAL D 126 37.05 31.95 -11.05
CA VAL D 126 38.39 32.01 -11.61
C VAL D 126 39.32 32.78 -10.67
N LEU D 127 38.79 33.81 -10.01
CA LEU D 127 39.53 34.44 -8.91
C LEU D 127 39.70 33.48 -7.75
N TYR D 128 38.66 32.72 -7.43
CA TYR D 128 38.59 31.96 -6.19
C TYR D 128 39.30 30.63 -6.28
N PHE D 129 39.51 30.10 -7.49
CA PHE D 129 40.32 28.90 -7.69
C PHE D 129 41.56 29.18 -8.53
N SER D 130 41.39 29.70 -9.74
CA SER D 130 42.46 29.77 -10.73
C SER D 130 43.42 30.91 -10.42
N LYS D 131 44.33 31.17 -11.35
CA LYS D 131 45.38 32.17 -11.19
C LYS D 131 44.91 33.49 -11.82
N TYR D 132 44.00 34.16 -11.12
CA TYR D 132 43.53 35.48 -11.52
C TYR D 132 43.63 36.43 -10.35
N ILE D 133 43.80 37.72 -10.66
CA ILE D 133 44.11 38.74 -9.67
C ILE D 133 43.08 39.86 -9.75
N VAL D 134 42.56 40.27 -8.59
CA VAL D 134 41.74 41.47 -8.47
C VAL D 134 42.46 42.45 -7.56
N LEU D 135 42.43 43.73 -7.94
CA LEU D 135 43.28 44.73 -7.29
C LEU D 135 42.53 46.05 -7.18
N ASP D 136 42.30 46.49 -5.94
CA ASP D 136 41.65 47.77 -5.66
C ASP D 136 42.59 48.97 -5.65
N PRO D 137 43.67 48.98 -4.83
CA PRO D 137 44.30 50.25 -4.45
C PRO D 137 44.91 51.07 -5.59
N LYS D 138 45.81 50.48 -6.37
CA LYS D 138 46.59 51.22 -7.36
C LYS D 138 46.33 50.66 -8.74
N GLY D 139 45.93 51.55 -9.66
CA GLY D 139 45.72 51.16 -11.04
C GLY D 139 46.07 52.24 -12.05
N ALA D 140 46.76 53.29 -11.59
CA ALA D 140 47.09 54.41 -12.47
C ALA D 140 48.10 54.02 -13.55
N ILE D 141 48.75 52.86 -13.43
CA ILE D 141 49.74 52.47 -14.43
C ILE D 141 49.05 52.22 -15.77
N LEU D 142 49.79 52.48 -16.85
CA LEU D 142 49.27 52.38 -18.21
C LEU D 142 49.83 51.15 -18.90
N ASN D 143 48.94 50.36 -19.50
CA ASN D 143 49.31 49.18 -20.28
C ASN D 143 48.48 49.11 -21.54
N GLY D 144 48.24 50.26 -22.18
CA GLY D 144 47.29 50.35 -23.26
C GLY D 144 45.84 50.44 -22.81
N VAL D 145 45.60 50.46 -21.50
CA VAL D 145 44.27 50.50 -20.92
C VAL D 145 44.26 51.62 -19.88
N PRO D 146 43.17 52.41 -19.78
CA PRO D 146 43.18 53.51 -18.81
C PRO D 146 43.19 53.05 -17.36
N VAL D 147 43.06 54.01 -16.43
CA VAL D 147 43.28 53.75 -15.02
C VAL D 147 42.47 52.54 -14.54
N GLU D 148 43.13 51.68 -13.78
CA GLU D 148 42.55 50.42 -13.31
C GLU D 148 41.99 50.60 -11.91
N LYS D 149 40.77 50.10 -11.68
CA LYS D 149 40.15 50.21 -10.36
C LYS D 149 39.92 48.87 -9.69
N ARG D 150 39.19 47.94 -10.33
CA ARG D 150 38.94 46.63 -9.74
C ARG D 150 38.85 45.56 -10.84
N GLN D 151 39.55 45.76 -11.96
CA GLN D 151 39.48 44.83 -13.08
C GLN D 151 40.05 43.48 -12.69
N LEU D 152 39.59 42.45 -13.41
CA LEU D 152 40.13 41.10 -13.26
C LEU D 152 41.11 40.86 -14.41
N LEU D 153 42.37 40.60 -14.06
CA LEU D 153 43.41 40.41 -15.05
C LEU D 153 44.15 39.11 -14.77
N THR D 154 44.60 38.48 -15.85
CA THR D 154 45.27 37.20 -15.73
C THR D 154 46.62 37.35 -15.03
N ASP D 155 47.09 36.24 -14.46
CA ASP D 155 48.34 36.27 -13.72
C ASP D 155 49.54 36.59 -14.60
N GLU D 156 49.46 36.29 -15.91
CA GLU D 156 50.59 36.55 -16.79
C GLU D 156 50.82 38.04 -16.99
N GLU D 157 49.77 38.77 -17.38
CA GLU D 157 49.93 40.20 -17.65
C GLU D 157 50.23 40.98 -16.37
N TYR D 158 49.64 40.58 -15.24
CA TYR D 158 50.02 41.20 -13.97
C TYR D 158 51.46 40.87 -13.60
N ARG D 159 51.89 39.62 -13.79
CA ARG D 159 53.25 39.27 -13.45
C ARG D 159 54.24 40.05 -14.31
N GLU D 160 53.81 40.43 -15.52
CA GLU D 160 54.63 41.29 -16.36
C GLU D 160 54.64 42.72 -15.82
N LEU D 161 53.46 43.33 -15.68
CA LEU D 161 53.41 44.74 -15.29
C LEU D 161 53.85 44.99 -13.84
N ARG D 162 54.01 43.92 -13.05
CA ARG D 162 54.59 44.05 -11.72
C ARG D 162 56.03 44.55 -11.78
N TYR D 163 56.81 44.05 -12.75
CA TYR D 163 58.24 44.32 -12.79
C TYR D 163 58.67 44.88 -14.14
N GLY D 164 57.76 45.57 -14.83
CA GLY D 164 58.12 46.29 -16.04
C GLY D 164 58.03 45.41 -17.27
N LYS D 165 59.07 45.44 -18.10
CA LYS D 165 59.14 44.61 -19.30
C LYS D 165 60.56 44.07 -19.39
N GLN D 166 60.75 42.83 -18.97
CA GLN D 166 62.07 42.25 -18.80
C GLN D 166 62.35 41.23 -19.91
N GLU D 167 63.56 41.29 -20.47
CA GLU D 167 64.01 40.31 -21.44
C GLU D 167 65.47 39.97 -21.16
N THR D 168 65.83 38.71 -21.39
CA THR D 168 67.18 38.23 -21.12
C THR D 168 67.72 37.52 -22.36
N TYR D 169 68.99 37.77 -22.67
CA TYR D 169 69.64 37.17 -23.83
C TYR D 169 71.02 36.65 -23.45
N PRO D 170 71.22 35.33 -23.45
CA PRO D 170 72.57 34.79 -23.20
C PRO D 170 73.52 35.18 -24.33
N LEU D 171 74.79 35.37 -23.97
CA LEU D 171 75.80 35.73 -24.95
C LEU D 171 76.93 34.72 -24.94
N PRO D 172 77.35 34.24 -26.11
CA PRO D 172 78.44 33.27 -26.18
C PRO D 172 79.73 33.85 -25.63
N PRO D 173 80.52 33.06 -24.90
CA PRO D 173 81.80 33.56 -24.38
C PRO D 173 82.81 33.76 -25.50
N GLY D 174 83.72 34.72 -25.28
CA GLY D 174 84.76 35.01 -26.23
C GLY D 174 84.36 35.87 -27.40
N VAL D 175 83.11 36.33 -27.46
CA VAL D 175 82.62 37.18 -28.53
C VAL D 175 82.10 38.48 -27.92
N ASP D 176 82.60 39.61 -28.42
CA ASP D 176 82.24 40.92 -27.89
C ASP D 176 81.12 41.51 -28.73
N ALA D 177 79.96 41.74 -28.12
CA ALA D 177 78.84 42.34 -28.82
C ALA D 177 79.08 43.83 -29.02
N LEU D 178 78.29 44.42 -29.93
CA LEU D 178 78.44 45.83 -30.28
C LEU D 178 77.68 46.76 -29.34
N VAL D 179 76.83 46.25 -28.48
CA VAL D 179 76.02 47.07 -27.58
C VAL D 179 76.70 47.13 -26.22
N LYS D 180 76.81 48.34 -25.67
CA LYS D 180 77.45 48.54 -24.38
C LYS D 180 76.40 48.45 -23.26
N ASP D 181 76.76 48.85 -22.05
CA ASP D 181 75.91 48.64 -20.90
C ASP D 181 74.75 49.62 -20.83
N GLY D 182 74.80 50.72 -21.58
CA GLY D 182 73.79 51.75 -21.46
C GLY D 182 73.18 52.21 -22.77
N GLU D 183 72.96 51.28 -23.70
CA GLU D 183 72.48 51.63 -25.03
C GLU D 183 70.97 51.49 -25.11
N GLU D 184 70.31 52.56 -25.54
CA GLU D 184 68.89 52.48 -25.86
C GLU D 184 68.69 51.71 -27.16
N VAL D 185 67.73 50.80 -27.16
CA VAL D 185 67.52 49.87 -28.26
C VAL D 185 66.07 49.96 -28.73
N VAL D 186 65.89 50.05 -30.04
CA VAL D 186 64.57 50.02 -30.65
C VAL D 186 64.43 48.70 -31.41
N LYS D 187 63.22 48.45 -31.92
CA LYS D 187 62.97 47.24 -32.68
C LYS D 187 63.80 47.23 -33.97
N GLY D 188 64.44 46.11 -34.25
CA GLY D 188 65.24 45.96 -35.45
C GLY D 188 66.71 46.27 -35.30
N GLN D 189 67.12 46.87 -34.18
CA GLN D 189 68.53 47.17 -33.97
C GLN D 189 69.32 45.88 -33.74
N GLU D 190 70.48 45.79 -34.38
CA GLU D 190 71.35 44.62 -34.28
C GLU D 190 72.27 44.80 -33.08
N LEU D 191 71.94 44.12 -31.98
CA LEU D 191 72.79 44.16 -30.80
C LEU D 191 74.13 43.47 -31.02
N ALA D 192 74.20 42.61 -32.03
CA ALA D 192 75.38 41.81 -32.34
C ALA D 192 75.25 41.39 -33.80
N PRO D 193 76.24 40.70 -34.38
CA PRO D 193 76.05 40.15 -35.73
C PRO D 193 74.85 39.22 -35.86
N GLY D 194 74.26 38.77 -34.75
CA GLY D 194 73.12 37.88 -34.81
C GLY D 194 72.02 38.12 -33.80
N VAL D 195 72.14 39.18 -33.00
CA VAL D 195 71.19 39.47 -31.92
C VAL D 195 70.42 40.73 -32.26
N VAL D 196 69.08 40.63 -32.23
CA VAL D 196 68.19 41.75 -32.52
C VAL D 196 67.05 41.73 -31.51
N SER D 197 66.70 42.91 -30.98
CA SER D 197 65.62 43.03 -30.03
C SER D 197 64.28 43.19 -30.76
N ARG D 198 63.22 43.50 -30.02
CA ARG D 198 61.88 43.61 -30.60
C ARG D 198 61.10 44.85 -30.19
N LEU D 199 61.52 45.58 -29.17
CA LEU D 199 60.73 46.71 -28.69
C LEU D 199 61.65 47.76 -28.05
N ASP D 200 61.10 48.95 -27.86
CA ASP D 200 61.87 50.06 -27.32
C ASP D 200 62.23 49.81 -25.86
N GLY D 201 63.49 50.04 -25.52
CA GLY D 201 63.94 49.84 -24.15
C GLY D 201 65.41 50.20 -24.03
N VAL D 202 66.04 49.71 -22.98
CA VAL D 202 67.46 49.89 -22.76
C VAL D 202 68.10 48.53 -22.53
N ALA D 203 69.24 48.30 -23.17
CA ALA D 203 69.93 47.01 -23.09
C ALA D 203 71.20 47.18 -22.27
N LEU D 204 71.28 46.43 -21.17
CA LEU D 204 72.47 46.41 -20.34
C LEU D 204 73.33 45.21 -20.73
N TYR D 205 74.61 45.46 -20.98
CA TYR D 205 75.53 44.46 -21.48
C TYR D 205 76.43 43.95 -20.36
N ARG D 206 76.79 42.67 -20.44
CA ARG D 206 77.65 42.04 -19.44
C ARG D 206 78.64 41.14 -20.16
N PHE D 207 79.92 41.52 -20.10
CA PHE D 207 81.01 40.80 -20.75
C PHE D 207 80.74 40.62 -22.25
N ALA D 391 77.81 38.03 -18.24
CA ALA D 391 77.94 37.80 -19.68
C ALA D 391 76.58 37.57 -20.31
N SER D 392 75.78 38.63 -20.41
CA SER D 392 74.43 38.52 -20.95
C SER D 392 73.92 39.90 -21.31
N ILE D 393 72.73 39.94 -21.91
CA ILE D 393 72.05 41.17 -22.28
C ILE D 393 70.73 41.23 -21.52
N LEU D 394 70.49 42.33 -20.83
CA LEU D 394 69.28 42.54 -20.05
C LEU D 394 68.52 43.71 -20.67
N VAL D 395 67.40 43.42 -21.31
CA VAL D 395 66.57 44.46 -21.93
C VAL D 395 65.47 44.84 -20.95
N VAL D 396 65.46 46.12 -20.56
CA VAL D 396 64.53 46.63 -19.56
C VAL D 396 63.77 47.81 -20.16
N LYS D 397 62.47 47.84 -19.92
CA LYS D 397 61.67 49.03 -20.21
C LYS D 397 61.80 49.98 -19.02
N ALA D 398 62.83 50.82 -19.09
CA ALA D 398 63.15 51.74 -18.01
C ALA D 398 63.91 52.92 -18.57
N ARG D 399 63.99 53.99 -17.77
CA ARG D 399 64.72 55.20 -18.14
C ARG D 399 65.92 55.33 -17.22
N VAL D 400 67.08 55.61 -17.81
CA VAL D 400 68.34 55.68 -17.08
C VAL D 400 68.77 57.14 -16.95
N TYR D 401 69.24 57.50 -15.77
CA TYR D 401 69.71 58.85 -15.47
C TYR D 401 71.07 58.78 -14.78
N PRO D 402 72.12 59.33 -15.38
CA PRO D 402 73.40 59.40 -14.69
C PRO D 402 73.37 60.43 -13.57
N PHE D 403 74.22 60.21 -12.57
CA PHE D 403 74.34 61.13 -11.45
C PHE D 403 75.71 60.96 -10.82
N GLU D 404 76.16 62.00 -10.13
CA GLU D 404 77.50 62.02 -9.53
C GLU D 404 77.50 62.42 -8.07
N ASP D 405 76.34 62.46 -7.41
CA ASP D 405 76.27 62.89 -6.01
C ASP D 405 75.57 61.85 -5.15
N ASP D 406 75.26 62.22 -3.91
CA ASP D 406 74.63 61.31 -2.97
C ASP D 406 73.22 60.93 -3.45
N VAL D 407 72.77 59.76 -3.02
CA VAL D 407 71.46 59.24 -3.39
C VAL D 407 70.43 59.68 -2.35
N GLU D 408 69.29 60.17 -2.84
CA GLU D 408 68.19 60.52 -1.96
C GLU D 408 67.22 59.35 -1.76
N VAL D 409 66.97 58.58 -2.81
CA VAL D 409 66.10 57.41 -2.75
C VAL D 409 66.97 56.17 -2.82
N SER D 410 66.82 55.28 -1.84
CA SER D 410 67.60 54.06 -1.79
C SER D 410 67.00 52.99 -2.70
N THR D 411 67.64 51.83 -2.73
CA THR D 411 67.17 50.73 -3.56
C THR D 411 65.96 50.05 -2.91
N GLY D 412 64.90 49.88 -3.69
CA GLY D 412 63.71 49.23 -3.20
C GLY D 412 62.48 50.12 -3.21
N ASP D 413 62.69 51.40 -2.88
CA ASP D 413 61.59 52.34 -2.85
C ASP D 413 61.06 52.62 -4.26
N ARG D 414 59.74 52.73 -4.36
CA ARG D 414 59.07 53.06 -5.61
C ARG D 414 58.60 54.51 -5.56
N VAL D 415 58.71 55.21 -6.69
CA VAL D 415 58.58 56.66 -6.71
C VAL D 415 57.50 57.06 -7.71
N ALA D 416 56.92 58.26 -7.48
CA ALA D 416 55.93 59.02 -8.21
C ALA D 416 56.59 60.23 -8.89
N PRO D 417 56.05 60.69 -10.02
CA PRO D 417 56.68 61.82 -10.72
C PRO D 417 56.73 63.07 -9.86
N GLY D 418 57.81 63.84 -10.05
CA GLY D 418 58.03 65.05 -9.30
C GLY D 418 58.82 64.90 -8.02
N ASP D 419 58.93 63.67 -7.51
CA ASP D 419 59.67 63.44 -6.27
C ASP D 419 61.17 63.39 -6.55
N VAL D 420 61.94 63.89 -5.58
CA VAL D 420 63.39 63.92 -5.70
C VAL D 420 63.93 62.50 -5.66
N LEU D 421 64.70 62.13 -6.68
CA LEU D 421 65.32 60.81 -6.75
C LEU D 421 66.69 60.79 -6.07
N ALA D 422 67.59 61.65 -6.54
CA ALA D 422 68.94 61.75 -6.00
C ALA D 422 69.52 63.09 -6.42
N ASP D 423 70.68 63.42 -5.84
CA ASP D 423 71.42 64.64 -6.17
C ASP D 423 70.58 65.89 -5.89
N GLY D 424 69.68 65.82 -4.91
CA GLY D 424 68.80 66.93 -4.66
C GLY D 424 67.81 67.14 -5.79
N GLY D 425 67.47 68.40 -6.03
CA GLY D 425 66.51 68.74 -7.07
C GLY D 425 67.02 68.55 -8.48
N LYS D 426 68.30 68.19 -8.65
CA LYS D 426 68.84 67.99 -9.99
C LYS D 426 68.15 66.83 -10.70
N VAL D 427 67.91 65.73 -9.98
CA VAL D 427 67.28 64.53 -10.53
C VAL D 427 65.95 64.31 -9.83
N LYS D 428 64.88 64.23 -10.62
CA LYS D 428 63.54 64.01 -10.09
C LYS D 428 62.84 62.95 -10.94
N SER D 429 61.86 62.28 -10.32
CA SER D 429 61.13 61.23 -11.00
C SER D 429 60.23 61.81 -12.08
N ASP D 430 60.01 61.02 -13.13
CA ASP D 430 59.17 61.41 -14.26
C ASP D 430 57.93 60.55 -14.42
N VAL D 431 58.01 59.26 -14.11
CA VAL D 431 56.89 58.34 -14.27
C VAL D 431 56.83 57.41 -13.06
N TYR D 432 55.69 56.74 -12.91
CA TYR D 432 55.53 55.75 -11.86
C TYR D 432 56.51 54.59 -12.07
N GLY D 433 57.12 54.12 -11.00
CA GLY D 433 58.02 53.00 -11.09
C GLY D 433 58.93 52.90 -9.89
N ARG D 434 59.85 51.94 -9.98
CA ARG D 434 60.80 51.64 -8.93
C ARG D 434 62.19 52.13 -9.31
N VAL D 435 62.99 52.47 -8.30
CA VAL D 435 64.31 53.05 -8.48
C VAL D 435 65.36 51.98 -8.17
N GLU D 436 66.29 51.79 -9.11
CA GLU D 436 67.42 50.88 -8.90
C GLU D 436 68.69 51.62 -9.24
N VAL D 437 69.63 51.66 -8.29
CA VAL D 437 70.87 52.42 -8.44
C VAL D 437 72.01 51.44 -8.67
N ASP D 438 72.73 51.61 -9.78
CA ASP D 438 73.91 50.80 -10.10
C ASP D 438 75.13 51.71 -10.10
N LEU D 439 76.01 51.50 -9.13
CA LEU D 439 77.21 52.33 -8.99
C LEU D 439 78.33 51.94 -9.93
N VAL D 440 78.18 50.83 -10.68
CA VAL D 440 79.22 50.45 -11.65
C VAL D 440 79.35 51.53 -12.72
N ARG D 441 78.22 51.99 -13.26
CA ARG D 441 78.18 53.15 -14.12
C ARG D 441 77.63 54.38 -13.40
N ASN D 442 77.24 54.23 -12.13
CA ASN D 442 76.74 55.33 -11.31
C ASN D 442 75.49 55.95 -11.95
N VAL D 443 74.48 55.10 -12.14
CA VAL D 443 73.28 55.48 -12.87
C VAL D 443 72.06 54.95 -12.12
N VAL D 444 70.98 55.74 -12.13
CA VAL D 444 69.70 55.34 -11.55
C VAL D 444 68.76 54.96 -12.69
N ARG D 445 68.23 53.74 -12.65
CA ARG D 445 67.24 53.29 -13.61
C ARG D 445 65.86 53.23 -12.95
N VAL D 446 64.87 53.79 -13.63
CA VAL D 446 63.50 53.83 -13.16
C VAL D 446 62.63 53.07 -14.16
N VAL D 447 62.05 51.96 -13.71
CA VAL D 447 61.14 51.17 -14.53
C VAL D 447 59.78 51.84 -14.53
N GLU D 448 58.87 51.37 -15.39
CA GLU D 448 57.50 51.88 -15.43
C GLU D 448 56.52 50.93 -14.77
N SER D 449 56.93 50.32 -13.65
CA SER D 449 56.07 49.47 -12.85
C SER D 449 56.08 49.99 -11.42
N TYR D 450 54.94 50.50 -10.96
CA TYR D 450 54.83 51.12 -9.64
C TYR D 450 54.23 50.12 -8.65
N ASP D 451 54.33 50.47 -7.37
CA ASP D 451 53.79 49.63 -6.31
C ASP D 451 52.30 49.38 -6.50
N ILE D 452 51.95 48.15 -6.80
CA ILE D 452 50.57 47.72 -6.96
C ILE D 452 50.39 46.43 -6.16
N ASP D 453 49.24 46.30 -5.52
CA ASP D 453 48.96 45.12 -4.69
C ASP D 453 49.00 43.85 -5.54
N ALA D 454 49.08 42.72 -4.87
CA ALA D 454 49.10 41.41 -5.52
C ALA D 454 48.45 40.40 -4.59
N ARG D 455 47.20 40.05 -4.88
CA ARG D 455 46.45 39.13 -4.04
C ARG D 455 45.73 38.10 -4.90
N MET D 456 45.59 36.90 -4.35
CA MET D 456 44.92 35.80 -5.04
C MET D 456 44.20 34.93 -4.02
N GLY D 457 43.20 34.20 -4.50
CA GLY D 457 42.48 33.28 -3.66
C GLY D 457 41.48 33.95 -2.74
N ALA D 458 40.88 33.12 -1.88
CA ALA D 458 39.85 33.60 -0.97
C ALA D 458 40.37 34.71 -0.07
N GLU D 459 41.65 34.64 0.31
CA GLU D 459 42.26 35.70 1.10
C GLU D 459 42.05 37.05 0.44
N ALA D 460 42.31 37.12 -0.87
CA ALA D 460 42.06 38.35 -1.62
C ALA D 460 40.62 38.81 -1.41
N ILE D 461 39.66 37.90 -1.56
CA ILE D 461 38.26 38.22 -1.33
C ILE D 461 38.09 38.82 0.06
N GLN D 462 38.72 38.21 1.07
CA GLN D 462 38.63 38.73 2.43
C GLN D 462 39.00 40.21 2.46
N GLN D 463 40.11 40.56 1.80
CA GLN D 463 40.54 41.96 1.79
C GLN D 463 39.45 42.85 1.24
N LEU D 464 38.81 42.43 0.14
CA LEU D 464 37.67 43.17 -0.37
C LEU D 464 36.61 43.34 0.72
N LEU D 465 36.21 42.24 1.35
CA LEU D 465 35.23 42.31 2.42
C LEU D 465 35.76 43.08 3.63
N LYS D 466 37.10 43.19 3.77
CA LYS D 466 37.63 44.05 4.82
C LYS D 466 37.42 45.51 4.51
N GLU D 467 37.58 45.90 3.24
CA GLU D 467 37.56 47.31 2.87
C GLU D 467 36.19 47.80 2.43
N LEU D 468 35.17 46.95 2.44
CA LEU D 468 33.85 47.35 2.00
C LEU D 468 33.05 47.90 3.18
N ASP D 469 32.54 49.11 3.02
CA ASP D 469 31.67 49.74 4.01
C ASP D 469 30.25 49.80 3.46
N LEU D 470 29.28 49.37 4.28
CA LEU D 470 27.93 49.15 3.79
C LEU D 470 27.15 50.44 3.59
N GLU D 471 27.40 51.46 4.42
CA GLU D 471 26.59 52.69 4.33
C GLU D 471 26.82 53.42 3.01
N ALA D 472 28.08 53.57 2.61
CA ALA D 472 28.38 54.26 1.36
C ALA D 472 27.84 53.49 0.16
N LEU D 473 27.99 52.16 0.18
CA LEU D 473 27.45 51.34 -0.90
C LEU D 473 25.94 51.44 -0.97
N GLU D 474 25.28 51.46 0.19
CA GLU D 474 23.82 51.59 0.22
C GLU D 474 23.37 52.92 -0.35
N LYS D 475 24.06 54.01 0.03
CA LYS D 475 23.71 55.32 -0.50
C LYS D 475 23.94 55.39 -2.00
N GLU D 476 25.06 54.84 -2.48
CA GLU D 476 25.33 54.82 -3.90
C GLU D 476 24.29 54.02 -4.67
N LEU D 477 23.88 52.87 -4.11
CA LEU D 477 22.85 52.07 -4.75
C LEU D 477 21.53 52.82 -4.82
N LEU D 478 21.16 53.52 -3.74
CA LEU D 478 19.94 54.32 -3.77
C LEU D 478 20.02 55.39 -4.85
N GLU D 479 21.15 56.09 -4.93
CA GLU D 479 21.31 57.17 -5.90
C GLU D 479 21.24 56.64 -7.33
N GLU D 480 21.90 55.52 -7.60
CA GLU D 480 21.94 54.98 -8.95
C GLU D 480 20.74 54.09 -9.25
N MET D 481 19.84 53.89 -8.29
CA MET D 481 18.58 53.18 -8.53
C MET D 481 17.41 54.12 -8.74
N LYS D 482 17.35 55.24 -8.00
CA LYS D 482 16.21 56.13 -8.12
C LYS D 482 16.12 56.79 -9.49
N HIS D 483 17.27 57.14 -10.07
CA HIS D 483 17.30 57.92 -11.31
C HIS D 483 16.93 57.10 -12.55
N PRO D 484 17.66 56.00 -12.88
CA PRO D 484 17.44 55.37 -14.18
C PRO D 484 16.18 54.54 -14.25
N SER D 485 16.00 53.83 -15.36
CA SER D 485 14.79 53.05 -15.61
C SER D 485 14.84 51.74 -14.83
N ARG D 486 13.86 50.87 -15.09
CA ARG D 486 13.75 49.61 -14.35
C ARG D 486 14.82 48.60 -14.73
N ALA D 487 15.41 48.75 -15.93
CA ALA D 487 16.39 47.76 -16.39
C ALA D 487 17.56 47.65 -15.43
N ARG D 488 18.17 48.78 -15.09
CA ARG D 488 19.28 48.76 -14.12
C ARG D 488 18.77 48.62 -12.70
N ARG D 489 17.64 49.25 -12.38
CA ARG D 489 17.15 49.24 -11.00
C ARG D 489 16.75 47.84 -10.55
N ALA D 490 16.47 46.93 -11.47
CA ALA D 490 16.23 45.54 -11.09
C ALA D 490 17.40 44.96 -10.32
N LYS D 491 18.57 44.88 -10.97
CA LYS D 491 19.76 44.38 -10.27
C LYS D 491 20.19 45.32 -9.16
N ALA D 492 19.92 46.62 -9.31
CA ALA D 492 20.26 47.56 -8.24
C ALA D 492 19.57 47.18 -6.94
N ARG D 493 18.25 47.00 -6.98
CA ARG D 493 17.53 46.58 -5.77
C ARG D 493 17.89 45.14 -5.39
N LYS D 494 18.22 44.29 -6.37
CA LYS D 494 18.58 42.92 -6.05
C LYS D 494 19.81 42.87 -5.15
N ARG D 495 20.81 43.69 -5.43
CA ARG D 495 21.97 43.74 -4.55
C ARG D 495 21.79 44.66 -3.35
N LEU D 496 20.93 45.67 -3.47
CA LEU D 496 20.66 46.57 -2.36
C LEU D 496 19.94 45.86 -1.23
N GLU D 497 19.08 44.89 -1.55
CA GLU D 497 18.43 44.12 -0.50
C GLU D 497 19.45 43.29 0.27
N VAL D 498 20.47 42.76 -0.41
CA VAL D 498 21.52 42.01 0.27
C VAL D 498 22.35 42.95 1.15
N VAL D 499 22.68 44.13 0.63
CA VAL D 499 23.45 45.10 1.40
C VAL D 499 22.69 45.50 2.66
N ARG D 500 21.39 45.77 2.52
CA ARG D 500 20.57 46.10 3.68
C ARG D 500 20.44 44.92 4.63
N ALA D 501 20.41 43.70 4.09
CA ALA D 501 20.33 42.51 4.93
C ALA D 501 21.56 42.40 5.82
N PHE D 502 22.75 42.65 5.28
CA PHE D 502 23.94 42.69 6.14
C PHE D 502 23.91 43.87 7.08
N LEU D 503 23.50 45.05 6.61
CA LEU D 503 23.62 46.25 7.42
C LEU D 503 22.69 46.21 8.64
N ASP D 504 21.45 45.76 8.45
CA ASP D 504 20.47 45.77 9.53
C ASP D 504 20.56 44.57 10.46
N SER D 505 21.29 43.52 10.08
CA SER D 505 21.31 42.28 10.84
C SER D 505 22.50 42.15 11.78
N GLY D 506 23.37 43.16 11.86
CA GLY D 506 24.52 43.04 12.73
C GLY D 506 25.75 42.51 12.02
N ASN D 507 25.94 41.19 12.07
CA ASN D 507 27.12 40.50 11.59
C ASN D 507 27.62 41.06 10.26
N ARG D 508 28.89 41.47 10.25
CA ARG D 508 29.52 42.03 9.07
C ARG D 508 29.91 40.91 8.09
N PRO D 509 30.03 41.22 6.81
CA PRO D 509 30.46 40.20 5.83
C PRO D 509 31.95 39.91 5.86
N GLU D 510 32.71 40.53 6.76
CA GLU D 510 34.15 40.26 6.84
C GLU D 510 34.42 38.80 7.11
N TRP D 511 33.67 38.21 8.06
CA TRP D 511 33.79 36.79 8.35
C TRP D 511 32.84 35.95 7.50
N MET D 512 32.35 36.51 6.39
CA MET D 512 31.48 35.72 5.52
C MET D 512 32.22 34.54 4.94
N ILE D 513 33.52 34.68 4.71
CA ILE D 513 34.41 33.56 4.45
C ILE D 513 34.94 33.08 5.80
N LEU D 514 35.24 31.79 5.89
CA LEU D 514 35.58 31.17 7.17
C LEU D 514 37.07 30.91 7.26
N GLU D 515 37.66 31.29 8.38
CA GLU D 515 39.07 31.05 8.67
C GLU D 515 39.31 29.76 9.45
N ALA D 516 38.47 29.48 10.44
CA ALA D 516 38.56 28.25 11.23
C ALA D 516 37.34 27.39 10.96
N VAL D 517 37.57 26.14 10.59
CA VAL D 517 36.48 25.23 10.23
C VAL D 517 36.02 24.46 11.46
N PRO D 518 34.73 24.52 11.81
CA PRO D 518 34.24 23.74 12.94
C PRO D 518 34.27 22.25 12.65
N VAL D 519 34.31 21.46 13.72
CA VAL D 519 34.42 20.01 13.64
C VAL D 519 33.29 19.39 14.46
N LEU D 520 32.51 18.52 13.82
CA LEU D 520 31.33 17.95 14.44
C LEU D 520 31.72 17.04 15.60
N PRO D 521 30.86 16.93 16.62
CA PRO D 521 31.15 16.04 17.74
C PRO D 521 31.31 14.61 17.28
N PRO D 522 32.19 13.84 17.93
CA PRO D 522 32.50 12.49 17.44
C PRO D 522 31.31 11.54 17.36
N ASP D 523 30.39 11.58 18.33
CA ASP D 523 29.26 10.66 18.29
C ASP D 523 28.30 10.98 17.14
N LEU D 524 28.34 12.21 16.63
CA LEU D 524 27.56 12.53 15.45
C LEU D 524 28.17 11.95 14.17
N ARG D 525 29.41 11.45 14.25
CA ARG D 525 30.07 10.79 13.12
C ARG D 525 30.88 9.61 13.65
N PRO D 526 30.22 8.63 14.26
CA PRO D 526 30.95 7.57 14.96
C PRO D 526 31.50 6.52 14.02
N MET D 527 32.54 5.83 14.51
CA MET D 527 33.11 4.65 13.86
C MET D 527 32.74 3.44 14.70
N VAL D 528 32.07 2.47 14.08
CA VAL D 528 31.51 1.34 14.80
C VAL D 528 32.15 0.05 14.28
N GLN D 529 32.52 -0.84 15.21
CA GLN D 529 32.89 -2.19 14.83
C GLN D 529 31.71 -2.88 14.16
N VAL D 530 31.99 -3.57 13.06
CA VAL D 530 30.93 -4.34 12.39
C VAL D 530 31.09 -5.82 12.71
N ASP D 531 32.23 -6.40 12.33
CA ASP D 531 32.55 -7.80 12.59
C ASP D 531 34.01 -8.04 12.25
N GLY D 532 34.70 -8.76 13.14
CA GLY D 532 36.09 -9.10 12.90
C GLY D 532 37.02 -7.90 12.85
N GLY D 533 36.74 -6.87 13.65
CA GLY D 533 37.60 -5.72 13.76
C GLY D 533 37.43 -4.65 12.70
N ARG D 534 36.59 -4.89 11.69
CA ARG D 534 36.40 -3.89 10.65
C ARG D 534 35.56 -2.72 11.17
N PHE D 535 35.88 -1.53 10.72
CA PHE D 535 35.23 -0.29 11.16
C PHE D 535 34.35 0.26 10.06
N ALA D 536 33.09 0.54 10.39
CA ALA D 536 32.20 1.29 9.53
C ALA D 536 32.16 2.74 10.02
N THR D 537 32.44 3.67 9.12
CA THR D 537 32.52 5.08 9.47
C THR D 537 31.71 5.91 8.50
N SER D 538 31.17 7.02 9.02
CA SER D 538 30.50 7.98 8.16
C SER D 538 31.51 8.71 7.28
N ASP D 539 31.02 9.22 6.15
CA ASP D 539 31.87 9.97 5.24
C ASP D 539 32.40 11.26 5.88
N LEU D 540 31.77 11.70 6.98
CA LEU D 540 32.26 12.89 7.67
C LEU D 540 33.68 12.69 8.17
N ASN D 541 33.96 11.51 8.72
CA ASN D 541 35.31 11.22 9.20
C ASN D 541 36.32 11.24 8.06
N ASP D 542 35.96 10.67 6.91
CA ASP D 542 36.86 10.67 5.76
C ASP D 542 37.13 12.09 5.28
N LEU D 543 36.08 12.91 5.17
CA LEU D 543 36.27 14.29 4.73
C LEU D 543 37.13 15.08 5.71
N TYR D 544 36.89 14.89 7.02
CA TYR D 544 37.70 15.57 8.03
C TYR D 544 39.15 15.12 7.97
N ARG D 545 39.38 13.81 7.78
CA ARG D 545 40.75 13.31 7.66
C ARG D 545 41.44 13.94 6.46
N ARG D 546 40.75 13.99 5.32
CA ARG D 546 41.35 14.58 4.12
C ARG D 546 41.68 16.04 4.34
N LEU D 547 40.74 16.80 4.92
CA LEU D 547 40.99 18.21 5.17
C LEU D 547 42.16 18.42 6.13
N ILE D 548 42.24 17.62 7.19
CA ILE D 548 43.31 17.76 8.16
C ILE D 548 44.65 17.45 7.50
N ASN D 549 44.71 16.37 6.72
CA ASN D 549 45.96 16.01 6.03
C ASN D 549 46.39 17.12 5.08
N ARG D 550 45.45 17.67 4.31
CA ARG D 550 45.80 18.70 3.34
C ARG D 550 46.26 19.98 4.04
N ASN D 551 45.59 20.35 5.13
CA ASN D 551 46.00 21.53 5.88
C ASN D 551 47.38 21.35 6.50
N ASN D 552 47.66 20.16 7.04
CA ASN D 552 48.98 19.89 7.58
C ASN D 552 50.05 19.96 6.50
N ARG D 553 49.76 19.41 5.32
CA ARG D 553 50.70 19.48 4.21
C ARG D 553 50.95 20.94 3.80
N LEU D 554 49.89 21.75 3.77
CA LEU D 554 50.06 23.15 3.40
C LEU D 554 50.89 23.89 4.44
N LYS D 555 50.65 23.63 5.73
CA LYS D 555 51.45 24.27 6.77
C LYS D 555 52.91 23.88 6.65
N LYS D 556 53.19 22.59 6.44
CA LYS D 556 54.57 22.15 6.30
C LYS D 556 55.23 22.77 5.07
N LEU D 557 54.51 22.80 3.95
CA LEU D 557 55.08 23.37 2.72
C LEU D 557 55.38 24.85 2.88
N LEU D 558 54.45 25.60 3.49
CA LEU D 558 54.70 27.01 3.74
C LEU D 558 55.86 27.20 4.71
N ALA D 559 56.04 26.27 5.64
CA ALA D 559 57.15 26.39 6.58
C ALA D 559 58.50 26.16 5.92
N GLN D 560 58.60 25.15 5.05
CA GLN D 560 59.91 24.77 4.53
C GLN D 560 60.39 25.75 3.46
N GLY D 561 59.64 25.90 2.37
CA GLY D 561 60.08 26.72 1.26
C GLY D 561 58.89 27.24 0.47
N ALA D 562 59.18 28.09 -0.51
CA ALA D 562 58.14 28.75 -1.30
C ALA D 562 58.39 28.58 -2.79
N PRO D 563 58.12 27.39 -3.34
CA PRO D 563 57.99 27.26 -4.80
C PRO D 563 56.60 27.70 -5.22
N GLU D 564 56.54 28.80 -5.98
CA GLU D 564 55.28 29.53 -6.14
C GLU D 564 54.22 28.67 -6.82
N ILE D 565 54.59 27.94 -7.88
CA ILE D 565 53.60 27.18 -8.62
C ILE D 565 53.05 26.02 -7.78
N ILE D 566 53.94 25.33 -7.06
CA ILE D 566 53.49 24.24 -6.19
C ILE D 566 52.61 24.80 -5.07
N ILE D 567 52.99 25.94 -4.50
CA ILE D 567 52.18 26.56 -3.45
C ILE D 567 50.79 26.91 -3.97
N ARG D 568 50.72 27.46 -5.19
CA ARG D 568 49.42 27.81 -5.76
C ARG D 568 48.57 26.57 -6.02
N ASN D 569 49.19 25.52 -6.55
CA ASN D 569 48.46 24.27 -6.77
C ASN D 569 47.93 23.72 -5.44
N GLU D 570 48.75 23.77 -4.40
CA GLU D 570 48.32 23.27 -3.09
C GLU D 570 47.22 24.14 -2.50
N LYS D 571 47.27 25.45 -2.75
CA LYS D 571 46.18 26.33 -2.32
C LYS D 571 44.87 25.96 -3.00
N ARG D 572 44.91 25.75 -4.32
CA ARG D 572 43.72 25.32 -5.04
C ARG D 572 43.20 24.00 -4.52
N MET D 573 44.10 23.06 -4.27
CA MET D 573 43.73 21.75 -3.74
C MET D 573 43.09 21.86 -2.35
N LEU D 574 43.65 22.69 -1.48
CA LEU D 574 43.07 22.88 -0.16
C LEU D 574 41.69 23.52 -0.25
N GLN D 575 41.53 24.51 -1.13
CA GLN D 575 40.23 25.14 -1.31
C GLN D 575 39.20 24.14 -1.79
N GLU D 576 39.59 23.28 -2.75
CA GLU D 576 38.69 22.25 -3.23
C GLU D 576 38.32 21.27 -2.13
N ALA D 577 39.29 20.91 -1.28
CA ALA D 577 39.00 20.01 -0.17
C ALA D 577 38.00 20.63 0.81
N VAL D 578 38.18 21.92 1.11
CA VAL D 578 37.25 22.60 2.02
C VAL D 578 35.85 22.63 1.41
N ASP D 579 35.76 22.97 0.13
CA ASP D 579 34.46 23.01 -0.53
C ASP D 579 33.80 21.63 -0.54
N ALA D 580 34.59 20.59 -0.81
CA ALA D 580 34.04 19.24 -0.83
C ALA D 580 33.53 18.84 0.55
N LEU D 581 34.26 19.20 1.61
CA LEU D 581 33.78 18.93 2.95
C LEU D 581 32.47 19.65 3.23
N LEU D 582 32.40 20.93 2.89
CA LEU D 582 31.19 21.71 3.16
C LEU D 582 30.02 21.20 2.33
N ASP D 583 30.24 20.91 1.05
CA ASP D 583 29.19 20.41 0.19
C ASP D 583 29.82 19.66 -0.98
N ASN D 584 29.34 18.44 -1.21
CA ASN D 584 29.91 17.56 -2.22
C ASN D 584 28.98 17.51 -3.43
N GLY D 585 29.55 17.70 -4.63
CA GLY D 585 28.82 17.64 -5.87
C GLY D 585 28.71 18.97 -6.59
N ARG D 586 28.88 20.08 -5.87
CA ARG D 586 28.78 21.39 -6.48
C ARG D 586 29.96 21.69 -7.41
N ARG D 587 31.09 21.03 -7.22
CA ARG D 587 32.25 21.18 -8.10
C ARG D 587 32.97 19.83 -8.14
N GLY D 588 32.81 19.12 -9.25
CA GLY D 588 33.35 17.78 -9.34
C GLY D 588 32.53 16.82 -8.48
N ALA D 589 33.12 15.65 -8.24
CA ALA D 589 32.51 14.62 -7.42
C ALA D 589 33.60 13.82 -6.71
N PRO D 590 34.13 14.34 -5.60
CA PRO D 590 35.04 13.54 -4.78
C PRO D 590 34.33 12.30 -4.26
N VAL D 591 35.05 11.19 -4.23
CA VAL D 591 34.48 9.87 -3.98
C VAL D 591 35.31 9.20 -2.90
N THR D 592 34.86 8.03 -2.45
CA THR D 592 35.57 7.26 -1.45
C THR D 592 36.80 6.61 -2.09
N ASN D 593 37.40 5.66 -1.38
CA ASN D 593 38.54 4.93 -1.91
C ASN D 593 38.17 4.29 -3.24
N PRO D 594 39.09 4.28 -4.21
CA PRO D 594 38.76 3.72 -5.53
C PRO D 594 38.31 2.27 -5.43
N GLY D 595 37.35 1.92 -6.29
CA GLY D 595 36.67 0.64 -6.25
C GLY D 595 35.23 0.73 -5.80
N SER D 596 34.86 1.80 -5.10
CA SER D 596 33.48 2.06 -4.68
C SER D 596 33.14 3.48 -5.14
N ASP D 597 32.50 3.59 -6.29
CA ASP D 597 32.19 4.90 -6.87
C ASP D 597 30.92 5.50 -6.29
N ARG D 598 30.85 5.60 -4.96
CA ARG D 598 29.75 6.26 -4.29
C ARG D 598 30.23 7.58 -3.72
N PRO D 599 29.67 8.71 -4.17
CA PRO D 599 30.15 10.01 -3.67
C PRO D 599 30.01 10.14 -2.17
N LEU D 600 30.97 10.81 -1.55
CA LEU D 600 30.96 11.01 -0.11
C LEU D 600 29.78 11.89 0.30
N ARG D 601 29.28 11.65 1.51
CA ARG D 601 28.14 12.37 2.05
C ARG D 601 28.65 13.54 2.89
N SER D 602 28.29 14.76 2.49
CA SER D 602 28.75 15.97 3.13
C SER D 602 27.68 16.50 4.09
N LEU D 603 27.94 17.69 4.66
CA LEU D 603 26.99 18.28 5.59
C LEU D 603 25.66 18.60 4.91
N THR D 604 25.72 19.12 3.68
CA THR D 604 24.50 19.45 2.96
C THR D 604 23.65 18.21 2.69
N ASP D 605 24.30 17.09 2.33
CA ASP D 605 23.56 15.85 2.11
C ASP D 605 22.88 15.38 3.38
N ILE D 606 23.55 15.56 4.52
CA ILE D 606 22.92 15.27 5.81
C ILE D 606 21.71 16.17 6.01
N LEU D 607 21.84 17.45 5.67
CA LEU D 607 20.76 18.40 5.89
C LEU D 607 19.65 18.22 4.85
N SER D 608 20.00 18.37 3.57
CA SER D 608 19.01 18.38 2.50
C SER D 608 18.62 16.96 2.12
N GLY D 609 17.87 16.83 1.03
CA GLY D 609 17.48 15.53 0.52
C GLY D 609 16.13 15.08 1.04
N LYS D 610 15.55 14.10 0.34
CA LYS D 610 14.30 13.51 0.79
C LYS D 610 14.48 12.77 2.09
N GLN D 611 15.69 12.29 2.38
CA GLN D 611 16.03 11.66 3.65
C GLN D 611 17.19 12.45 4.27
N GLY D 612 16.83 13.53 4.95
CA GLY D 612 17.81 14.37 5.63
C GLY D 612 17.39 14.67 7.05
N ARG D 613 18.20 15.46 7.76
CA ARG D 613 17.92 15.72 9.17
C ARG D 613 16.55 16.39 9.35
N PHE D 614 16.18 17.26 8.42
CA PHE D 614 14.89 17.92 8.52
C PHE D 614 13.73 16.95 8.32
N ARG D 615 13.88 16.00 7.40
CA ARG D 615 12.83 15.03 7.10
C ARG D 615 12.95 13.77 7.95
N GLN D 616 13.70 13.81 9.05
CA GLN D 616 13.70 12.76 10.05
C GLN D 616 13.44 13.26 11.46
N ASN D 617 13.47 14.57 11.70
CA ASN D 617 13.10 15.15 12.98
C ASN D 617 11.74 15.84 12.94
N LEU D 618 11.33 16.32 11.77
CA LEU D 618 9.98 16.86 11.61
C LEU D 618 8.91 15.78 11.74
N LEU D 619 9.30 14.50 11.65
CA LEU D 619 8.35 13.42 11.52
C LEU D 619 8.23 12.53 12.75
N GLY D 620 9.26 12.45 13.59
CA GLY D 620 9.25 11.50 14.68
C GLY D 620 9.09 10.10 14.13
N LYS D 621 10.11 9.63 13.41
CA LYS D 621 10.02 8.42 12.61
C LYS D 621 9.87 7.15 13.46
N ARG D 622 10.06 7.23 14.78
CA ARG D 622 10.10 6.05 15.61
C ARG D 622 9.35 6.33 16.91
N VAL D 623 8.60 5.35 17.40
CA VAL D 623 7.80 5.50 18.60
C VAL D 623 8.00 4.28 19.49
N ASP D 624 7.99 4.49 20.80
CA ASP D 624 8.19 3.41 21.75
C ASP D 624 6.97 2.48 21.82
N TYR D 625 5.85 2.98 22.32
CA TYR D 625 4.69 2.15 22.63
C TYR D 625 3.82 2.02 21.39
N SER D 626 4.24 1.13 20.49
CA SER D 626 3.55 0.95 19.22
C SER D 626 3.71 -0.48 18.76
N GLY D 627 2.78 -0.90 17.90
CA GLY D 627 2.82 -2.21 17.29
C GLY D 627 2.05 -2.16 15.98
N ARG D 628 2.04 -3.30 15.29
CA ARG D 628 1.26 -3.40 14.05
C ARG D 628 0.87 -4.85 13.84
N SER D 629 -0.26 -5.05 13.16
CA SER D 629 -0.76 -6.40 12.91
C SER D 629 -1.82 -6.35 11.84
N VAL D 630 -2.12 -7.52 11.28
CA VAL D 630 -3.19 -7.64 10.29
C VAL D 630 -4.53 -7.42 10.97
N ILE D 631 -5.49 -6.87 10.22
CA ILE D 631 -6.80 -6.52 10.74
C ILE D 631 -7.83 -7.51 10.20
N VAL D 632 -8.79 -7.86 11.05
CA VAL D 632 -9.92 -8.71 10.68
C VAL D 632 -11.20 -8.02 11.12
N VAL D 633 -12.32 -8.49 10.55
CA VAL D 633 -13.61 -7.85 10.80
C VAL D 633 -14.04 -8.08 12.24
N GLY D 634 -14.69 -7.08 12.82
CA GLY D 634 -15.07 -7.09 14.21
C GLY D 634 -16.57 -6.99 14.46
N PRO D 635 -17.37 -7.79 13.73
CA PRO D 635 -18.82 -7.52 13.70
C PRO D 635 -19.47 -7.51 15.08
N GLN D 636 -18.98 -8.29 16.03
CA GLN D 636 -19.55 -8.29 17.36
C GLN D 636 -19.19 -7.05 18.17
N LEU D 637 -18.23 -6.26 17.71
CA LEU D 637 -17.76 -5.10 18.46
C LEU D 637 -18.70 -3.91 18.26
N LYS D 638 -18.72 -3.04 19.26
CA LYS D 638 -19.40 -1.77 19.13
C LYS D 638 -18.51 -0.78 18.37
N LEU D 639 -19.11 0.34 17.95
CA LEU D 639 -18.40 1.28 17.10
C LEU D 639 -17.24 1.96 17.83
N HIS D 640 -17.29 2.04 19.17
CA HIS D 640 -16.24 2.67 19.95
C HIS D 640 -15.27 1.64 20.53
N GLN D 641 -15.15 0.48 19.90
CA GLN D 641 -14.32 -0.60 20.43
C GLN D 641 -13.48 -1.19 19.30
N CYS D 642 -12.35 -1.77 19.69
CA CYS D 642 -11.48 -2.49 18.77
C CYS D 642 -10.93 -3.71 19.49
N GLY D 643 -10.68 -4.77 18.71
CA GLY D 643 -10.15 -6.00 19.26
C GLY D 643 -8.64 -6.02 19.21
N LEU D 644 -8.02 -6.22 20.37
CA LEU D 644 -6.57 -6.22 20.49
C LEU D 644 -6.09 -7.59 20.95
N PRO D 645 -5.14 -8.21 20.24
CA PRO D 645 -4.59 -9.48 20.70
C PRO D 645 -3.97 -9.34 22.08
N LYS D 646 -4.16 -10.35 22.92
CA LYS D 646 -3.80 -10.22 24.33
C LYS D 646 -2.30 -10.19 24.54
N ARG D 647 -1.52 -10.86 23.69
CA ARG D 647 -0.07 -10.83 23.86
C ARG D 647 0.49 -9.44 23.54
N MET D 648 0.10 -8.87 22.41
CA MET D 648 0.58 -7.53 22.09
C MET D 648 -0.02 -6.48 23.02
N ALA D 649 -1.23 -6.71 23.52
CA ALA D 649 -1.79 -5.80 24.52
C ALA D 649 -0.99 -5.85 25.81
N LEU D 650 -0.60 -7.05 26.25
CA LEU D 650 0.23 -7.19 27.43
C LEU D 650 1.58 -6.53 27.23
N GLU D 651 2.17 -6.70 26.05
CA GLU D 651 3.48 -6.10 25.80
C GLU D 651 3.39 -4.58 25.74
N LEU D 652 2.36 -4.05 25.10
CA LEU D 652 2.23 -2.60 24.95
C LEU D 652 2.04 -1.91 26.30
N PHE D 653 1.21 -2.50 27.16
CA PHE D 653 0.93 -1.94 28.48
C PHE D 653 1.83 -2.50 29.57
N LYS D 654 3.08 -2.83 29.23
CA LYS D 654 3.96 -3.51 30.18
C LYS D 654 4.19 -2.71 31.46
N PRO D 655 4.59 -1.43 31.43
CA PRO D 655 4.80 -0.72 32.70
C PRO D 655 3.54 -0.58 33.53
N PHE D 656 2.40 -0.34 32.88
CA PHE D 656 1.13 -0.26 33.60
C PHE D 656 0.80 -1.61 34.25
N LEU D 657 1.04 -2.71 33.54
CA LEU D 657 0.82 -4.02 34.11
C LEU D 657 1.73 -4.28 35.30
N LEU D 658 3.00 -3.86 35.19
CA LEU D 658 3.93 -4.02 36.29
C LEU D 658 3.44 -3.27 37.52
N LYS D 659 3.00 -2.01 37.33
CA LYS D 659 2.49 -1.24 38.46
C LYS D 659 1.25 -1.90 39.05
N LYS D 660 0.34 -2.38 38.21
CA LYS D 660 -0.89 -2.98 38.70
C LYS D 660 -0.61 -4.24 39.52
N MET D 661 0.30 -5.09 39.04
CA MET D 661 0.62 -6.30 39.79
C MET D 661 1.51 -6.01 40.99
N GLU D 662 2.19 -4.86 41.02
CA GLU D 662 2.85 -4.42 42.23
C GLU D 662 1.85 -3.94 43.26
N GLU D 663 0.73 -3.38 42.81
CA GLU D 663 -0.32 -2.97 43.74
C GLU D 663 -0.85 -4.15 44.53
N LYS D 664 -1.05 -5.28 43.86
CA LYS D 664 -1.47 -6.51 44.51
C LYS D 664 -0.25 -7.40 44.77
N GLY D 665 -0.49 -8.64 45.19
CA GLY D 665 0.58 -9.49 45.68
C GLY D 665 1.19 -10.44 44.67
N ILE D 666 1.04 -10.13 43.37
CA ILE D 666 1.59 -11.00 42.34
C ILE D 666 3.11 -11.05 42.42
N ALA D 667 3.74 -9.89 42.59
CA ALA D 667 5.20 -9.82 42.66
C ALA D 667 5.63 -8.91 43.79
N PRO D 668 6.78 -9.21 44.42
CA PRO D 668 7.28 -8.34 45.49
C PRO D 668 7.73 -6.97 45.00
N ASN D 669 8.57 -6.95 43.97
CA ASN D 669 9.10 -5.70 43.43
C ASN D 669 9.02 -5.75 41.91
N VAL D 670 9.29 -4.60 41.29
CA VAL D 670 9.12 -4.48 39.84
C VAL D 670 10.10 -5.38 39.09
N LYS D 671 11.30 -5.60 39.64
CA LYS D 671 12.23 -6.52 39.01
C LYS D 671 11.67 -7.94 38.96
N ALA D 672 11.04 -8.37 40.05
CA ALA D 672 10.41 -9.69 40.07
C ALA D 672 9.30 -9.77 39.04
N ALA D 673 8.49 -8.72 38.92
CA ALA D 673 7.43 -8.71 37.91
C ALA D 673 8.00 -8.78 36.50
N ARG D 674 9.08 -8.03 36.24
CA ARG D 674 9.68 -8.04 34.91
C ARG D 674 10.25 -9.41 34.56
N ARG D 675 10.94 -10.06 35.51
CA ARG D 675 11.47 -11.38 35.21
C ARG D 675 10.36 -12.41 35.14
N MET D 676 9.23 -12.17 35.82
CA MET D 676 8.07 -13.04 35.65
C MET D 676 7.49 -12.93 34.26
N LEU D 677 7.42 -11.71 33.72
CA LEU D 677 6.81 -11.48 32.42
C LEU D 677 7.78 -11.68 31.25
N GLU D 678 9.08 -11.87 31.52
CA GLU D 678 10.03 -12.00 30.43
C GLU D 678 9.90 -13.34 29.70
N ARG D 679 9.33 -14.35 30.35
CA ARG D 679 9.16 -15.66 29.75
C ARG D 679 7.69 -16.08 29.87
N GLN D 680 7.09 -16.44 28.74
CA GLN D 680 5.65 -16.62 28.65
C GLN D 680 5.16 -17.87 29.38
N ARG D 681 6.06 -18.76 29.77
CA ARG D 681 5.66 -19.94 30.52
C ARG D 681 5.21 -19.62 31.93
N ASP D 682 5.39 -18.37 32.38
CA ASP D 682 4.94 -17.93 33.70
C ASP D 682 3.60 -17.21 33.65
N ILE D 683 2.90 -17.24 32.51
CA ILE D 683 1.64 -16.53 32.39
C ILE D 683 0.60 -17.15 33.32
N LYS D 684 -0.23 -16.29 33.92
CA LYS D 684 -1.22 -16.72 34.88
C LYS D 684 -2.53 -15.97 34.63
N ASP D 685 -3.62 -16.55 35.13
CA ASP D 685 -4.93 -15.91 34.98
C ASP D 685 -4.99 -14.59 35.76
N GLU D 686 -4.29 -14.51 36.88
CA GLU D 686 -4.25 -13.26 37.63
C GLU D 686 -3.59 -12.15 36.81
N VAL D 687 -2.56 -12.48 36.02
CA VAL D 687 -1.94 -11.50 35.15
C VAL D 687 -2.94 -10.98 34.13
N TRP D 688 -3.74 -11.88 33.54
CA TRP D 688 -4.75 -11.45 32.58
C TRP D 688 -5.81 -10.59 33.24
N ASP D 689 -6.23 -10.93 34.46
CA ASP D 689 -7.20 -10.10 35.17
C ASP D 689 -6.63 -8.71 35.45
N ALA D 690 -5.36 -8.64 35.86
CA ALA D 690 -4.72 -7.35 36.08
C ALA D 690 -4.65 -6.54 34.79
N LEU D 691 -4.30 -7.20 33.67
CA LEU D 691 -4.24 -6.51 32.39
C LEU D 691 -5.61 -5.98 31.99
N GLU D 692 -6.66 -6.76 32.22
CA GLU D 692 -8.01 -6.29 31.94
C GLU D 692 -8.36 -5.09 32.81
N GLU D 693 -7.93 -5.12 34.07
CA GLU D 693 -8.18 -3.98 34.96
C GLU D 693 -7.43 -2.73 34.52
N VAL D 694 -6.23 -2.89 33.94
CA VAL D 694 -5.44 -1.74 33.53
C VAL D 694 -6.13 -0.97 32.41
N ILE D 695 -6.66 -1.69 31.42
CA ILE D 695 -7.14 -1.06 30.20
C ILE D 695 -8.65 -0.82 30.23
N HIS D 696 -9.23 -0.75 31.43
CA HIS D 696 -10.67 -0.53 31.54
C HIS D 696 -11.08 0.79 30.90
N GLY D 697 -10.32 1.85 31.13
CA GLY D 697 -10.66 3.16 30.60
C GLY D 697 -9.70 3.69 29.55
N LYS D 698 -8.58 2.98 29.35
CA LYS D 698 -7.59 3.45 28.39
C LYS D 698 -8.10 3.30 26.96
N VAL D 699 -7.52 4.09 26.06
CA VAL D 699 -7.82 4.04 24.64
C VAL D 699 -6.52 3.96 23.87
N VAL D 700 -6.59 3.39 22.66
CA VAL D 700 -5.43 3.24 21.80
C VAL D 700 -5.75 3.85 20.44
N LEU D 701 -4.71 4.31 19.76
CA LEU D 701 -4.84 4.97 18.47
C LEU D 701 -4.52 3.98 17.36
N LEU D 702 -5.49 3.71 16.50
CA LEU D 702 -5.31 2.84 15.36
C LEU D 702 -5.06 3.68 14.11
N ASN D 703 -4.15 3.21 13.26
CA ASN D 703 -3.63 3.97 12.15
C ASN D 703 -3.46 3.07 10.94
N ARG D 704 -3.77 3.59 9.77
CA ARG D 704 -3.53 2.92 8.49
C ARG D 704 -2.32 3.55 7.82
N ALA D 705 -1.53 2.73 7.12
CA ALA D 705 -0.23 3.19 6.64
C ALA D 705 -0.31 4.44 5.77
N PRO D 706 -1.15 4.51 4.71
CA PRO D 706 -1.36 5.81 4.05
C PRO D 706 -2.40 6.64 4.78
N THR D 707 -1.94 7.70 5.44
CA THR D 707 -2.82 8.58 6.20
C THR D 707 -3.21 9.74 5.30
N LEU D 708 -4.24 9.52 4.49
CA LEU D 708 -4.65 10.51 3.50
C LEU D 708 -5.35 11.71 4.12
N HIS D 709 -6.20 11.48 5.12
CA HIS D 709 -6.98 12.57 5.72
C HIS D 709 -6.98 12.38 7.23
N ARG D 710 -7.79 13.20 7.90
CA ARG D 710 -7.77 13.25 9.37
C ARG D 710 -8.25 11.96 9.99
N LEU D 711 -9.09 11.21 9.29
CA LEU D 711 -9.68 9.99 9.86
C LEU D 711 -8.77 8.77 9.75
N GLY D 712 -7.54 8.95 9.26
CA GLY D 712 -6.59 7.84 9.26
C GLY D 712 -6.04 7.50 10.63
N ILE D 713 -6.28 8.36 11.62
CA ILE D 713 -5.93 8.09 13.02
C ILE D 713 -7.23 8.10 13.80
N GLN D 714 -7.51 7.01 14.52
CA GLN D 714 -8.75 6.97 15.28
C GLN D 714 -8.56 6.27 16.62
N ALA D 715 -9.13 6.85 17.66
CA ALA D 715 -9.04 6.27 18.99
C ALA D 715 -10.11 5.21 19.18
N PHE D 716 -9.77 4.18 19.96
CA PHE D 716 -10.68 3.08 20.22
C PHE D 716 -10.47 2.58 21.64
N GLN D 717 -11.50 1.93 22.18
CA GLN D 717 -11.39 1.27 23.47
C GLN D 717 -11.00 -0.18 23.25
N PRO D 718 -9.81 -0.61 23.65
CA PRO D 718 -9.37 -1.96 23.33
C PRO D 718 -10.14 -3.01 24.12
N VAL D 719 -10.41 -4.13 23.46
CA VAL D 719 -11.04 -5.30 24.07
C VAL D 719 -10.12 -6.49 23.85
N LEU D 720 -9.76 -7.17 24.93
CA LEU D 720 -8.83 -8.29 24.83
C LEU D 720 -9.48 -9.44 24.08
N VAL D 721 -8.77 -9.94 23.06
CA VAL D 721 -9.24 -11.05 22.24
C VAL D 721 -8.13 -12.08 22.11
N GLU D 722 -8.52 -13.29 21.73
CA GLU D 722 -7.59 -14.39 21.53
C GLU D 722 -7.30 -14.52 20.04
N GLY D 723 -6.04 -14.39 19.68
CA GLY D 723 -5.63 -14.50 18.29
C GLY D 723 -4.42 -13.63 18.02
N GLN D 724 -4.15 -13.44 16.73
CA GLN D 724 -3.02 -12.63 16.29
C GLN D 724 -3.43 -11.36 15.56
N SER D 725 -4.66 -11.28 15.06
CA SER D 725 -5.10 -10.15 14.27
C SER D 725 -5.85 -9.14 15.14
N ILE D 726 -5.97 -7.93 14.60
CA ILE D 726 -6.67 -6.85 15.27
C ILE D 726 -8.09 -6.81 14.73
N GLN D 727 -9.07 -6.90 15.63
CA GLN D 727 -10.46 -6.86 15.22
C GLN D 727 -10.91 -5.41 15.03
N LEU D 728 -11.45 -5.12 13.85
CA LEU D 728 -11.84 -3.77 13.47
C LEU D 728 -13.32 -3.73 13.16
N HIS D 729 -13.99 -2.68 13.62
CA HIS D 729 -15.42 -2.53 13.37
C HIS D 729 -15.66 -2.35 11.87
N PRO D 730 -16.66 -3.02 11.30
CA PRO D 730 -16.88 -2.90 9.85
C PRO D 730 -17.23 -1.49 9.41
N LEU D 731 -17.93 -0.71 10.24
CA LEU D 731 -18.40 0.60 9.82
C LEU D 731 -17.27 1.59 9.58
N VAL D 732 -16.09 1.36 10.14
CA VAL D 732 -14.94 2.22 9.89
C VAL D 732 -14.08 1.69 8.75
N CYS D 733 -14.60 0.71 7.98
CA CYS D 733 -13.88 0.20 6.82
C CYS D 733 -13.77 1.23 5.70
N GLU D 734 -14.51 2.33 5.78
CA GLU D 734 -14.44 3.38 4.79
C GLU D 734 -13.71 4.63 5.28
N ALA D 735 -13.73 4.91 6.58
CA ALA D 735 -12.91 5.99 7.11
C ALA D 735 -11.44 5.74 6.82
N PHE D 736 -10.95 4.57 7.21
CA PHE D 736 -9.72 4.04 6.63
C PHE D 736 -10.03 3.45 5.27
N ASN D 737 -9.03 3.45 4.39
CA ASN D 737 -9.17 2.75 3.12
C ASN D 737 -8.75 1.29 3.27
N ALA D 738 -9.31 0.64 4.29
CA ALA D 738 -8.85 -0.67 4.74
C ALA D 738 -9.92 -1.72 4.47
N ASP D 739 -9.64 -2.61 3.52
CA ASP D 739 -10.41 -3.83 3.36
C ASP D 739 -9.77 -4.91 4.23
N PHE D 740 -10.13 -6.17 4.00
CA PHE D 740 -9.59 -7.29 4.76
C PHE D 740 -8.93 -8.32 3.85
N ASP D 741 -8.16 -7.85 2.87
CA ASP D 741 -7.45 -8.72 1.94
C ASP D 741 -5.99 -8.92 2.34
N GLY D 742 -5.63 -8.67 3.59
CA GLY D 742 -4.27 -8.86 4.06
C GLY D 742 -3.56 -7.61 4.51
N ASP D 743 -4.22 -6.45 4.49
CA ASP D 743 -3.59 -5.22 4.92
C ASP D 743 -3.43 -5.20 6.43
N GLN D 744 -2.43 -4.46 6.90
CA GLN D 744 -2.13 -4.35 8.31
C GLN D 744 -2.31 -2.91 8.79
N MET D 745 -2.56 -2.78 10.08
CA MET D 745 -2.72 -1.48 10.73
C MET D 745 -1.86 -1.43 11.98
N ALA D 746 -1.51 -0.21 12.36
CA ALA D 746 -0.64 0.05 13.50
C ALA D 746 -1.46 0.57 14.68
N VAL D 747 -0.94 0.32 15.88
CA VAL D 747 -1.58 0.72 17.13
C VAL D 747 -0.56 1.46 17.98
N HIS D 748 -0.98 2.57 18.59
CA HIS D 748 -0.15 3.36 19.49
C HIS D 748 -0.90 3.56 20.80
N VAL D 749 -0.14 3.73 21.87
CA VAL D 749 -0.68 3.86 23.21
C VAL D 749 -0.21 5.19 23.80
N PRO D 750 -1.08 6.20 23.84
CA PRO D 750 -0.75 7.41 24.60
C PRO D 750 -0.64 7.12 26.09
N LEU D 751 0.24 7.87 26.75
CA LEU D 751 0.58 7.61 28.15
C LEU D 751 -0.05 8.61 29.12
N SER D 752 0.15 9.90 28.90
CA SER D 752 -0.31 10.90 29.85
C SER D 752 -1.83 10.94 29.91
N SER D 753 -2.36 11.26 31.10
CA SER D 753 -3.80 11.42 31.25
C SER D 753 -4.32 12.57 30.38
N PHE D 754 -3.49 13.59 30.15
CA PHE D 754 -3.88 14.67 29.26
C PHE D 754 -4.13 14.14 27.85
N ALA D 755 -3.19 13.36 27.32
CA ALA D 755 -3.35 12.78 26.01
C ALA D 755 -4.47 11.74 25.98
N GLN D 756 -4.65 11.01 27.07
CA GLN D 756 -5.76 10.06 27.13
C GLN D 756 -7.10 10.76 27.02
N ALA D 757 -7.27 11.88 27.75
CA ALA D 757 -8.49 12.66 27.64
C ALA D 757 -8.66 13.22 26.23
N GLU D 758 -7.58 13.73 25.65
CA GLU D 758 -7.64 14.23 24.27
C GLU D 758 -8.14 13.15 23.32
N ALA D 759 -7.52 11.97 23.37
CA ALA D 759 -7.88 10.89 22.46
C ALA D 759 -9.32 10.43 22.69
N ARG D 760 -9.73 10.33 23.95
CA ARG D 760 -11.07 9.81 24.24
C ARG D 760 -12.15 10.83 23.92
N ILE D 761 -11.82 12.11 23.89
CA ILE D 761 -12.83 13.13 23.63
C ILE D 761 -12.89 13.49 22.15
N GLN D 762 -11.77 13.90 21.55
CA GLN D 762 -11.79 14.50 20.23
C GLN D 762 -11.19 13.63 19.14
N MET D 763 -10.74 12.41 19.46
CA MET D 763 -10.32 11.46 18.44
C MET D 763 -11.02 10.12 18.54
N LEU D 764 -11.97 9.95 19.46
CA LEU D 764 -12.73 8.71 19.53
C LEU D 764 -13.56 8.54 18.27
N SER D 765 -13.63 7.30 17.79
CA SER D 765 -14.35 7.03 16.54
C SER D 765 -15.84 7.30 16.68
N ALA D 766 -16.39 7.20 17.90
CA ALA D 766 -17.81 7.44 18.11
C ALA D 766 -18.19 8.90 17.91
N HIS D 767 -17.23 9.82 18.03
CA HIS D 767 -17.51 11.24 17.89
C HIS D 767 -17.24 11.77 16.49
N ASN D 768 -16.66 10.96 15.60
CA ASN D 768 -16.33 11.37 14.24
C ASN D 768 -17.19 10.56 13.29
N LEU D 769 -18.40 11.05 13.01
CA LEU D 769 -19.31 10.39 12.09
C LEU D 769 -19.47 11.09 10.76
N LEU D 770 -19.07 12.36 10.67
CA LEU D 770 -19.23 13.14 9.44
C LEU D 770 -17.86 13.57 8.94
N SER D 771 -17.78 13.79 7.62
CA SER D 771 -16.52 14.18 7.01
C SER D 771 -16.12 15.58 7.43
N PRO D 772 -14.82 15.87 7.44
CA PRO D 772 -14.39 17.27 7.50
C PRO D 772 -14.35 17.94 6.14
N ALA D 773 -14.29 17.18 5.06
CA ALA D 773 -14.30 17.76 3.72
C ALA D 773 -15.69 18.23 3.33
N SER D 774 -16.73 17.57 3.83
CA SER D 774 -18.11 17.93 3.53
C SER D 774 -19.00 17.38 4.62
N GLY D 775 -20.30 17.60 4.49
CA GLY D 775 -21.24 17.11 5.47
C GLY D 775 -21.61 15.65 5.34
N GLU D 776 -21.11 14.97 4.32
CA GLU D 776 -21.47 13.57 4.11
C GLU D 776 -20.89 12.71 5.22
N PRO D 777 -21.70 11.85 5.86
CA PRO D 777 -21.16 10.98 6.92
C PRO D 777 -20.22 9.93 6.37
N LEU D 778 -19.28 9.50 7.22
CA LEU D 778 -18.39 8.40 6.91
C LEU D 778 -18.74 7.12 7.65
N ALA D 779 -19.51 7.21 8.74
CA ALA D 779 -19.97 6.05 9.48
C ALA D 779 -21.27 5.49 8.91
N LYS D 780 -21.56 5.78 7.64
CA LYS D 780 -22.78 5.29 7.01
C LYS D 780 -22.75 3.77 6.91
N PRO D 781 -23.90 3.12 6.83
CA PRO D 781 -23.93 1.66 6.64
C PRO D 781 -23.18 1.26 5.39
N SER D 782 -22.45 0.15 5.49
CA SER D 782 -21.58 -0.31 4.42
C SER D 782 -22.32 -1.28 3.50
N ARG D 783 -21.57 -1.99 2.67
CA ARG D 783 -22.15 -2.76 1.57
C ARG D 783 -23.11 -3.84 2.08
N ASP D 784 -22.66 -4.67 3.02
CA ASP D 784 -23.50 -5.77 3.49
C ASP D 784 -24.75 -5.27 4.22
N ILE D 785 -24.58 -4.23 5.06
CA ILE D 785 -25.73 -3.69 5.78
C ILE D 785 -26.73 -3.11 4.80
N ILE D 786 -26.23 -2.39 3.79
CA ILE D 786 -27.11 -1.82 2.76
C ILE D 786 -27.86 -2.93 2.04
N LEU D 787 -27.16 -4.02 1.69
CA LEU D 787 -27.82 -5.12 1.00
C LEU D 787 -28.92 -5.74 1.86
N GLY D 788 -28.63 -5.98 3.14
CA GLY D 788 -29.63 -6.57 4.01
C GLY D 788 -30.84 -5.67 4.19
N LEU D 789 -30.60 -4.37 4.41
CA LEU D 789 -31.70 -3.45 4.62
C LEU D 789 -32.51 -3.24 3.35
N TYR D 790 -31.87 -3.30 2.18
CA TYR D 790 -32.62 -3.23 0.94
C TYR D 790 -33.47 -4.47 0.75
N TYR D 791 -32.94 -5.65 1.08
CA TYR D 791 -33.71 -6.87 0.92
C TYR D 791 -34.92 -6.89 1.86
N ILE D 792 -34.73 -6.45 3.11
CA ILE D 792 -35.85 -6.49 4.05
C ILE D 792 -36.91 -5.45 3.70
N THR D 793 -36.53 -4.34 3.10
CA THR D 793 -37.44 -3.24 2.84
C THR D 793 -37.79 -3.12 1.35
N GLN D 794 -37.96 -4.26 0.69
CA GLN D 794 -38.34 -4.30 -0.72
C GLN D 794 -39.73 -4.92 -0.83
N VAL D 795 -40.50 -4.42 -1.80
CA VAL D 795 -41.85 -4.90 -2.07
C VAL D 795 -41.86 -5.59 -3.42
N ARG D 796 -42.40 -6.80 -3.47
CA ARG D 796 -42.44 -7.60 -4.68
C ARG D 796 -43.84 -7.56 -5.30
N LYS D 797 -43.88 -7.56 -6.62
CA LYS D 797 -45.12 -7.63 -7.38
C LYS D 797 -44.90 -8.56 -8.56
N GLU D 798 -45.89 -9.43 -8.84
CA GLU D 798 -45.70 -10.49 -9.82
C GLU D 798 -46.61 -10.34 -11.03
N LYS D 799 -47.92 -10.30 -10.86
CA LYS D 799 -48.83 -10.46 -11.99
C LYS D 799 -50.25 -10.16 -11.55
N LYS D 800 -51.05 -9.65 -12.49
CA LYS D 800 -52.50 -9.49 -12.29
C LYS D 800 -53.19 -10.35 -13.35
N GLY D 801 -54.05 -11.25 -12.91
CA GLY D 801 -54.73 -12.18 -13.79
C GLY D 801 -56.22 -12.01 -13.94
N ALA D 802 -56.85 -11.20 -13.08
CA ALA D 802 -58.29 -11.01 -13.10
C ALA D 802 -58.63 -9.53 -13.20
N GLY D 803 -59.92 -9.24 -13.21
CA GLY D 803 -60.39 -7.87 -13.26
C GLY D 803 -59.95 -7.04 -12.08
N LEU D 804 -59.04 -6.08 -12.31
CA LEU D 804 -58.49 -5.26 -11.25
C LEU D 804 -59.51 -4.33 -10.63
N GLU D 805 -60.68 -4.16 -11.24
CA GLU D 805 -61.69 -3.23 -10.74
C GLU D 805 -62.16 -3.62 -9.34
N PHE D 806 -61.84 -2.80 -8.35
CA PHE D 806 -62.21 -3.08 -6.97
C PHE D 806 -62.82 -1.90 -6.21
N ALA D 807 -62.59 -0.66 -6.65
CA ALA D 807 -63.08 0.48 -5.88
C ALA D 807 -64.60 0.51 -5.83
N THR D 808 -65.26 0.20 -6.95
CA THR D 808 -66.71 0.29 -7.04
C THR D 808 -67.43 -0.87 -6.34
N PRO D 809 -67.19 -2.13 -6.69
CA PRO D 809 -68.07 -3.20 -6.21
C PRO D 809 -67.72 -3.63 -4.80
N GLU D 810 -68.71 -3.53 -3.90
CA GLU D 810 -68.54 -4.01 -2.54
C GLU D 810 -68.69 -5.53 -2.42
N GLU D 811 -69.32 -6.17 -3.40
CA GLU D 811 -69.38 -7.63 -3.43
C GLU D 811 -68.14 -8.25 -4.06
N ALA D 812 -67.27 -7.44 -4.66
CA ALA D 812 -66.08 -7.97 -5.30
C ALA D 812 -65.06 -8.50 -4.29
N LEU D 813 -65.18 -8.14 -3.01
CA LEU D 813 -64.21 -8.62 -2.03
C LEU D 813 -64.26 -10.13 -1.92
N ALA D 814 -65.46 -10.71 -1.82
CA ALA D 814 -65.60 -12.16 -1.71
C ALA D 814 -65.18 -12.84 -3.01
N ALA D 815 -65.55 -12.25 -4.15
CA ALA D 815 -65.18 -12.84 -5.44
C ALA D 815 -63.66 -12.89 -5.62
N HIS D 816 -62.97 -11.81 -5.26
CA HIS D 816 -61.53 -11.80 -5.40
C HIS D 816 -60.83 -12.63 -4.33
N GLU D 817 -61.43 -12.75 -3.14
CA GLU D 817 -60.89 -13.70 -2.17
C GLU D 817 -60.99 -15.13 -2.67
N ARG D 818 -62.12 -15.47 -3.29
CA ARG D 818 -62.26 -16.79 -3.92
C ARG D 818 -61.27 -16.97 -5.06
N GLY D 819 -61.04 -15.92 -5.85
CA GLY D 819 -60.06 -15.99 -6.91
C GLY D 819 -58.66 -16.24 -6.38
N GLU D 820 -58.30 -15.58 -5.28
CA GLU D 820 -57.02 -15.85 -4.64
C GLU D 820 -56.97 -17.24 -4.02
N VAL D 821 -58.12 -17.79 -3.62
CA VAL D 821 -58.15 -19.18 -3.15
C VAL D 821 -57.71 -20.11 -4.27
N ALA D 822 -58.21 -19.88 -5.48
CA ALA D 822 -57.69 -20.55 -6.67
C ALA D 822 -56.45 -19.81 -7.15
N LEU D 823 -55.99 -20.13 -8.36
CA LEU D 823 -54.83 -19.47 -8.95
C LEU D 823 -55.20 -18.30 -9.85
N ASN D 824 -56.35 -17.66 -9.59
CA ASN D 824 -56.77 -16.55 -10.44
C ASN D 824 -55.88 -15.33 -10.24
N ALA D 825 -55.58 -15.00 -9.00
CA ALA D 825 -54.80 -13.80 -8.70
C ALA D 825 -53.81 -14.08 -7.57
N PRO D 826 -52.57 -13.61 -7.70
CA PRO D 826 -51.59 -13.80 -6.61
C PRO D 826 -51.87 -12.89 -5.42
N ILE D 827 -51.17 -13.12 -4.31
CA ILE D 827 -51.37 -12.30 -3.12
C ILE D 827 -50.88 -10.88 -3.33
N LYS D 828 -49.75 -10.71 -4.01
CA LYS D 828 -49.28 -9.38 -4.36
C LYS D 828 -49.76 -9.00 -5.76
N VAL D 829 -51.06 -9.09 -5.99
CA VAL D 829 -51.64 -8.79 -7.29
C VAL D 829 -51.61 -7.29 -7.52
N ALA D 830 -51.41 -6.89 -8.78
CA ALA D 830 -51.41 -5.47 -9.15
C ALA D 830 -52.83 -5.02 -9.44
N GLY D 831 -53.61 -4.90 -8.37
CA GLY D 831 -54.98 -4.45 -8.49
C GLY D 831 -55.07 -2.95 -8.76
N ARG D 832 -56.30 -2.51 -9.03
CA ARG D 832 -56.54 -1.10 -9.32
C ARG D 832 -56.24 -0.24 -8.09
N GLU D 833 -56.91 -0.51 -6.98
CA GLU D 833 -56.70 0.23 -5.74
C GLU D 833 -55.86 -0.52 -4.73
N THR D 834 -56.25 -1.76 -4.40
CA THR D 834 -55.57 -2.55 -3.39
C THR D 834 -55.34 -3.97 -3.89
N SER D 835 -54.29 -4.60 -3.38
CA SER D 835 -54.04 -6.00 -3.63
C SER D 835 -54.85 -6.87 -2.68
N VAL D 836 -55.02 -8.14 -3.05
CA VAL D 836 -55.75 -9.06 -2.19
C VAL D 836 -55.00 -9.35 -0.91
N GLY D 837 -53.69 -9.10 -0.87
CA GLY D 837 -52.94 -9.26 0.36
C GLY D 837 -53.36 -8.26 1.42
N ARG D 838 -53.58 -7.01 1.01
CA ARG D 838 -54.06 -6.00 1.95
C ARG D 838 -55.46 -6.33 2.46
N LEU D 839 -56.28 -6.97 1.62
CA LEU D 839 -57.63 -7.33 2.04
C LEU D 839 -57.61 -8.52 3.00
N LYS D 840 -56.78 -9.52 2.71
CA LYS D 840 -56.84 -10.78 3.47
C LYS D 840 -56.33 -10.59 4.89
N TYR D 841 -55.19 -9.93 5.05
CA TYR D 841 -54.53 -9.79 6.34
C TYR D 841 -54.56 -8.34 6.79
N VAL D 842 -55.10 -8.10 7.98
CA VAL D 842 -55.04 -6.81 8.65
C VAL D 842 -54.59 -7.05 10.08
N PHE D 843 -53.59 -6.29 10.52
CA PHE D 843 -52.95 -6.51 11.80
C PHE D 843 -53.17 -5.31 12.71
N ALA D 844 -53.59 -5.60 13.96
CA ALA D 844 -53.84 -4.53 14.92
C ALA D 844 -52.55 -3.82 15.31
N ASN D 845 -51.47 -4.56 15.49
CA ASN D 845 -50.20 -4.02 15.95
C ASN D 845 -49.08 -4.59 15.10
N PRO D 846 -47.94 -3.90 15.02
CA PRO D 846 -46.78 -4.47 14.34
C PRO D 846 -46.32 -5.79 14.93
N ASP D 847 -46.49 -5.97 16.24
CA ASP D 847 -46.11 -7.24 16.86
C ASP D 847 -46.89 -8.40 16.28
N GLU D 848 -48.20 -8.21 16.05
CA GLU D 848 -48.99 -9.27 15.44
C GLU D 848 -48.52 -9.59 14.04
N ALA D 849 -48.19 -8.56 13.26
CA ALA D 849 -47.70 -8.79 11.90
C ALA D 849 -46.38 -9.56 11.90
N LEU D 850 -45.46 -9.17 12.78
CA LEU D 850 -44.17 -9.87 12.83
C LEU D 850 -44.33 -11.29 13.37
N LEU D 851 -45.26 -11.51 14.30
CA LEU D 851 -45.51 -12.86 14.79
C LEU D 851 -46.11 -13.73 13.69
N ALA D 852 -47.00 -13.17 12.88
CA ALA D 852 -47.54 -13.91 11.75
C ALA D 852 -46.45 -14.20 10.72
N VAL D 853 -45.51 -13.27 10.54
CA VAL D 853 -44.36 -13.54 9.68
C VAL D 853 -43.53 -14.70 10.23
N ALA D 854 -43.35 -14.73 11.55
CA ALA D 854 -42.58 -15.80 12.18
C ALA D 854 -43.22 -17.16 11.94
N HIS D 855 -44.53 -17.21 11.73
CA HIS D 855 -45.23 -18.45 11.45
C HIS D 855 -45.22 -18.82 9.97
N GLY D 856 -44.57 -18.01 9.13
CA GLY D 856 -44.49 -18.31 7.71
C GLY D 856 -45.72 -18.01 6.91
N ILE D 857 -46.72 -17.35 7.50
CA ILE D 857 -47.94 -17.05 6.76
C ILE D 857 -47.69 -16.00 5.69
N VAL D 858 -46.95 -14.94 6.03
CA VAL D 858 -46.64 -13.86 5.10
C VAL D 858 -45.15 -13.55 5.19
N ASP D 859 -44.55 -13.28 4.03
CA ASP D 859 -43.14 -12.93 3.98
C ASP D 859 -42.95 -11.46 4.33
N LEU D 860 -41.68 -11.08 4.53
CA LEU D 860 -41.35 -9.70 4.81
C LEU D 860 -41.54 -8.80 3.60
N GLN D 861 -41.66 -9.38 2.40
CA GLN D 861 -41.83 -8.63 1.17
C GLN D 861 -43.27 -8.62 0.67
N ASP D 862 -44.23 -8.71 1.60
CA ASP D 862 -45.63 -8.85 1.26
C ASP D 862 -46.39 -7.57 1.58
N VAL D 863 -47.19 -7.09 0.63
CA VAL D 863 -48.06 -5.95 0.90
C VAL D 863 -49.18 -6.39 1.84
N VAL D 864 -49.44 -5.57 2.86
CA VAL D 864 -50.40 -5.92 3.89
C VAL D 864 -50.79 -4.65 4.63
N THR D 865 -51.98 -4.64 5.21
CA THR D 865 -52.49 -3.51 5.97
C THR D 865 -52.16 -3.71 7.44
N VAL D 866 -51.44 -2.76 8.03
CA VAL D 866 -51.04 -2.80 9.43
C VAL D 866 -51.51 -1.52 10.10
N ARG D 867 -52.15 -1.65 11.26
CA ARG D 867 -52.62 -0.50 12.03
C ARG D 867 -51.47 -0.04 12.91
N TYR D 868 -50.81 1.04 12.51
CA TYR D 868 -49.70 1.58 13.27
C TYR D 868 -50.26 2.42 14.42
N MET D 869 -49.42 3.26 15.01
CA MET D 869 -49.82 4.00 16.21
C MET D 869 -51.08 4.83 15.98
N GLY D 870 -51.24 5.38 14.78
CA GLY D 870 -52.39 6.23 14.53
C GLY D 870 -53.07 6.07 13.19
N LYS D 871 -52.50 5.23 12.32
CA LYS D 871 -52.99 5.13 10.95
C LYS D 871 -52.93 3.68 10.48
N ARG D 872 -53.68 3.40 9.42
CA ARG D 872 -53.64 2.12 8.74
C ARG D 872 -52.77 2.26 7.49
N LEU D 873 -51.67 1.50 7.44
CA LEU D 873 -50.68 1.62 6.38
C LEU D 873 -50.66 0.35 5.54
N GLU D 874 -50.68 0.52 4.22
CA GLU D 874 -50.56 -0.60 3.28
C GLU D 874 -49.08 -0.73 2.93
N THR D 875 -48.35 -1.45 3.78
CA THR D 875 -46.91 -1.56 3.67
C THR D 875 -46.49 -3.01 3.82
N SER D 876 -45.20 -3.23 3.89
CA SER D 876 -44.72 -4.58 4.09
C SER D 876 -44.26 -4.77 5.53
N PRO D 877 -44.33 -6.00 6.06
CA PRO D 877 -43.79 -6.25 7.40
C PRO D 877 -42.31 -5.94 7.51
N GLY D 878 -41.57 -6.04 6.40
CA GLY D 878 -40.17 -5.65 6.43
C GLY D 878 -39.97 -4.17 6.69
N ARG D 879 -40.76 -3.33 6.04
CA ARG D 879 -40.68 -1.89 6.27
C ARG D 879 -41.10 -1.54 7.69
N ILE D 880 -42.15 -2.19 8.20
CA ILE D 880 -42.58 -1.97 9.57
C ILE D 880 -41.48 -2.39 10.54
N LEU D 881 -40.82 -3.52 10.26
CA LEU D 881 -39.73 -3.97 11.12
C LEU D 881 -38.56 -3.00 11.08
N PHE D 882 -38.25 -2.44 9.91
CA PHE D 882 -37.19 -1.44 9.83
C PHE D 882 -37.55 -0.20 10.63
N ALA D 883 -38.81 0.24 10.53
CA ALA D 883 -39.26 1.39 11.31
C ALA D 883 -39.15 1.11 12.80
N ARG D 884 -39.51 -0.11 13.22
CA ARG D 884 -39.37 -0.48 14.63
C ARG D 884 -37.91 -0.54 15.05
N ILE D 885 -37.04 -1.00 14.16
CA ILE D 885 -35.60 -1.03 14.46
C ILE D 885 -35.10 0.37 14.72
N VAL D 886 -35.49 1.32 13.86
CA VAL D 886 -35.10 2.71 14.06
C VAL D 886 -35.69 3.26 15.35
N ALA D 887 -36.95 2.90 15.64
CA ALA D 887 -37.64 3.45 16.81
C ALA D 887 -37.07 2.89 18.12
N GLU D 888 -36.52 1.67 18.10
CA GLU D 888 -35.91 1.10 19.29
C GLU D 888 -34.44 1.47 19.43
N ALA D 889 -33.76 1.74 18.32
CA ALA D 889 -32.38 2.20 18.40
C ALA D 889 -32.30 3.53 19.14
N VAL D 890 -33.24 4.43 18.87
CA VAL D 890 -33.38 5.67 19.61
C VAL D 890 -34.48 5.50 20.65
N GLU D 891 -34.58 6.46 21.55
CA GLU D 891 -35.57 6.34 22.63
C GLU D 891 -36.98 6.67 22.15
N ASP D 892 -37.20 7.90 21.72
CA ASP D 892 -38.53 8.31 21.28
C ASP D 892 -38.86 7.70 19.92
N GLU D 893 -40.15 7.43 19.72
CA GLU D 893 -40.63 6.82 18.48
C GLU D 893 -41.24 7.82 17.51
N LYS D 894 -41.81 8.93 18.01
CA LYS D 894 -42.36 9.93 17.12
C LYS D 894 -41.28 10.57 16.26
N VAL D 895 -40.16 10.95 16.88
CA VAL D 895 -39.04 11.51 16.11
C VAL D 895 -38.51 10.49 15.13
N ALA D 896 -38.37 9.24 15.56
CA ALA D 896 -37.89 8.18 14.67
C ALA D 896 -38.85 7.98 13.49
N TRP D 897 -40.16 8.05 13.75
CA TRP D 897 -41.11 7.93 12.66
C TRP D 897 -41.00 9.09 11.69
N GLU D 898 -40.77 10.30 12.21
CA GLU D 898 -40.75 11.46 11.32
C GLU D 898 -39.42 11.65 10.60
N LEU D 899 -38.36 10.96 11.02
CA LEU D 899 -37.07 11.08 10.33
C LEU D 899 -36.79 9.93 9.38
N ILE D 900 -37.81 9.14 9.03
CA ILE D 900 -37.66 8.06 8.07
C ILE D 900 -38.69 8.20 6.97
N GLN D 901 -38.45 7.48 5.87
CA GLN D 901 -39.38 7.40 4.75
C GLN D 901 -39.64 5.93 4.46
N LEU D 902 -40.78 5.42 4.95
CA LEU D 902 -41.11 4.01 4.86
C LEU D 902 -41.90 3.66 3.60
N ASP D 903 -41.84 4.51 2.57
CA ASP D 903 -42.53 4.24 1.31
C ASP D 903 -41.60 3.85 0.18
N VAL D 904 -40.29 3.74 0.45
CA VAL D 904 -39.31 3.42 -0.60
C VAL D 904 -38.32 2.41 -0.06
N PRO D 905 -37.72 1.63 -0.97
CA PRO D 905 -36.64 0.73 -0.56
C PRO D 905 -35.46 1.53 0.01
N GLN D 906 -34.77 0.93 0.98
CA GLN D 906 -33.71 1.60 1.71
C GLN D 906 -32.42 1.52 0.90
N GLU D 907 -32.29 2.43 -0.06
CA GLU D 907 -31.06 2.56 -0.82
C GLU D 907 -30.00 3.26 0.02
N LYS D 908 -28.75 3.24 -0.47
CA LYS D 908 -27.65 3.79 0.32
C LYS D 908 -27.80 5.29 0.54
N ASN D 909 -28.37 6.02 -0.42
CA ASN D 909 -28.63 7.43 -0.21
C ASN D 909 -29.67 7.64 0.89
N SER D 910 -30.68 6.78 0.95
CA SER D 910 -31.66 6.87 2.02
C SER D 910 -31.01 6.65 3.38
N LEU D 911 -30.11 5.67 3.48
CA LEU D 911 -29.41 5.44 4.74
C LEU D 911 -28.53 6.61 5.12
N LYS D 912 -27.83 7.19 4.14
CA LYS D 912 -26.98 8.33 4.42
C LYS D 912 -27.80 9.52 4.93
N ASP D 913 -28.93 9.80 4.26
CA ASP D 913 -29.80 10.89 4.71
C ASP D 913 -30.36 10.59 6.10
N LEU D 914 -30.72 9.33 6.36
CA LEU D 914 -31.22 8.95 7.68
C LEU D 914 -30.18 9.20 8.75
N VAL D 915 -28.92 8.81 8.48
CA VAL D 915 -27.85 9.01 9.45
C VAL D 915 -27.62 10.50 9.69
N TYR D 916 -27.60 11.29 8.62
CA TYR D 916 -27.38 12.72 8.78
C TYR D 916 -28.50 13.37 9.58
N GLN D 917 -29.75 13.01 9.30
CA GLN D 917 -30.87 13.58 10.04
C GLN D 917 -30.83 13.17 11.51
N ALA D 918 -30.51 11.90 11.78
CA ALA D 918 -30.41 11.44 13.16
C ALA D 918 -29.31 12.18 13.90
N PHE D 919 -28.16 12.39 13.25
CA PHE D 919 -27.09 13.14 13.89
C PHE D 919 -27.51 14.58 14.17
N LEU D 920 -28.21 15.19 13.22
CA LEU D 920 -28.63 16.58 13.40
C LEU D 920 -29.64 16.72 14.53
N ARG D 921 -30.62 15.82 14.61
CA ARG D 921 -31.75 16.00 15.51
C ARG D 921 -31.61 15.27 16.84
N LEU D 922 -30.65 14.37 16.98
CA LEU D 922 -30.51 13.59 18.21
C LEU D 922 -29.19 13.81 18.92
N GLY D 923 -28.06 13.73 18.21
CA GLY D 923 -26.78 13.94 18.84
C GLY D 923 -25.74 12.90 18.50
N MET D 924 -24.85 12.60 19.44
CA MET D 924 -23.73 11.69 19.19
C MET D 924 -24.05 10.26 19.62
N GLU D 925 -24.42 10.06 20.88
CA GLU D 925 -24.63 8.71 21.40
C GLU D 925 -25.77 8.01 20.67
N LYS D 926 -26.89 8.71 20.46
CA LYS D 926 -28.04 8.09 19.82
C LYS D 926 -27.74 7.69 18.39
N THR D 927 -26.99 8.53 17.67
CA THR D 927 -26.61 8.19 16.30
C THR D 927 -25.73 6.95 16.28
N ALA D 928 -24.79 6.84 17.22
CA ALA D 928 -23.93 5.67 17.28
C ALA D 928 -24.73 4.41 17.59
N ARG D 929 -25.68 4.50 18.53
CA ARG D 929 -26.52 3.34 18.84
C ARG D 929 -27.37 2.94 17.65
N LEU D 930 -27.91 3.93 16.93
CA LEU D 930 -28.68 3.63 15.72
C LEU D 930 -27.82 2.95 14.68
N LEU D 931 -26.58 3.42 14.51
CA LEU D 931 -25.68 2.79 13.55
C LEU D 931 -25.37 1.35 13.94
N ASP D 932 -25.13 1.11 15.23
CA ASP D 932 -24.86 -0.25 15.69
C ASP D 932 -26.05 -1.17 15.43
N ALA D 933 -27.26 -0.70 15.75
CA ALA D 933 -28.45 -1.49 15.53
C ALA D 933 -28.64 -1.78 14.04
N LEU D 934 -28.44 -0.76 13.20
CA LEU D 934 -28.58 -0.94 11.75
C LEU D 934 -27.58 -1.97 11.25
N LYS D 935 -26.33 -1.89 11.70
CA LYS D 935 -25.31 -2.84 11.27
C LYS D 935 -25.68 -4.26 11.69
N TYR D 936 -26.10 -4.44 12.94
CA TYR D 936 -26.42 -5.78 13.43
C TYR D 936 -27.59 -6.37 12.65
N TYR D 937 -28.66 -5.61 12.46
CA TYR D 937 -29.82 -6.14 11.77
C TYR D 937 -29.54 -6.36 10.28
N GLY D 938 -28.73 -5.48 9.69
CA GLY D 938 -28.34 -5.69 8.30
C GLY D 938 -27.56 -6.98 8.11
N PHE D 939 -26.61 -7.25 9.01
CA PHE D 939 -25.90 -8.53 8.98
C PHE D 939 -26.86 -9.71 9.13
N THR D 940 -27.75 -9.66 10.13
CA THR D 940 -28.63 -10.79 10.36
C THR D 940 -29.53 -11.06 9.16
N PHE D 941 -30.13 -10.01 8.59
CA PHE D 941 -31.08 -10.21 7.51
C PHE D 941 -30.38 -10.48 6.18
N SER D 942 -29.15 -9.99 5.98
CA SER D 942 -28.39 -10.40 4.81
C SER D 942 -28.02 -11.87 4.89
N THR D 943 -27.72 -12.36 6.11
CA THR D 943 -27.42 -13.77 6.28
C THR D 943 -28.66 -14.62 6.00
N THR D 944 -29.78 -14.29 6.62
CA THR D 944 -30.98 -15.11 6.47
C THR D 944 -31.62 -14.96 5.10
N SER D 945 -31.38 -13.86 4.39
CA SER D 945 -32.03 -13.64 3.11
C SER D 945 -31.42 -14.47 2.00
N GLY D 946 -30.15 -14.83 2.09
CA GLY D 946 -29.52 -15.70 1.13
C GLY D 946 -29.32 -15.11 -0.25
N ILE D 947 -28.43 -14.13 -0.37
CA ILE D 947 -28.08 -13.55 -1.65
C ILE D 947 -26.87 -14.31 -2.20
N THR D 948 -27.02 -14.92 -3.36
CA THR D 948 -25.95 -15.70 -3.98
C THR D 948 -25.83 -15.32 -5.45
N ILE D 949 -24.63 -15.49 -5.99
CA ILE D 949 -24.35 -15.17 -7.38
C ILE D 949 -23.95 -16.45 -8.11
N GLY D 950 -24.73 -16.82 -9.12
CA GLY D 950 -24.39 -17.91 -10.01
C GLY D 950 -24.20 -17.40 -11.44
N ILE D 951 -23.77 -18.31 -12.30
CA ILE D 951 -23.58 -17.93 -13.70
C ILE D 951 -24.91 -17.64 -14.37
N ASP D 952 -25.99 -18.28 -13.91
CA ASP D 952 -27.31 -17.99 -14.45
C ASP D 952 -27.87 -16.65 -13.96
N ASP D 953 -27.31 -16.11 -12.87
CA ASP D 953 -27.74 -14.80 -12.40
C ASP D 953 -27.30 -13.67 -13.31
N ALA D 954 -26.27 -13.90 -14.13
CA ALA D 954 -25.85 -12.92 -15.14
C ALA D 954 -26.69 -13.16 -16.40
N VAL D 955 -27.95 -12.73 -16.32
CA VAL D 955 -28.90 -12.97 -17.39
C VAL D 955 -28.56 -12.09 -18.58
N ILE D 956 -28.52 -12.69 -19.77
CA ILE D 956 -28.25 -11.97 -21.01
C ILE D 956 -29.58 -11.69 -21.68
N PRO D 957 -30.01 -10.42 -21.80
CA PRO D 957 -31.26 -10.13 -22.50
C PRO D 957 -31.17 -10.53 -23.97
N GLU D 958 -32.27 -11.08 -24.49
CA GLU D 958 -32.28 -11.56 -25.87
C GLU D 958 -32.31 -10.41 -26.87
N GLU D 959 -32.96 -9.30 -26.52
CA GLU D 959 -33.10 -8.20 -27.47
C GLU D 959 -31.74 -7.65 -27.88
N LYS D 960 -30.81 -7.58 -26.93
CA LYS D 960 -29.47 -7.08 -27.25
C LYS D 960 -28.88 -7.85 -28.42
N LYS D 961 -29.22 -9.13 -28.55
CA LYS D 961 -28.78 -9.92 -29.69
C LYS D 961 -29.06 -9.19 -31.00
N GLN D 962 -30.34 -8.94 -31.29
CA GLN D 962 -30.65 -8.27 -32.54
C GLN D 962 -30.06 -6.88 -32.58
N TYR D 963 -29.89 -6.25 -31.41
CA TYR D 963 -29.23 -4.96 -31.35
C TYR D 963 -27.87 -5.03 -32.05
N LEU D 964 -27.05 -6.01 -31.64
CA LEU D 964 -25.76 -6.20 -32.31
C LEU D 964 -25.96 -6.35 -33.81
N GLU D 965 -26.90 -7.21 -34.21
CA GLU D 965 -27.17 -7.39 -35.63
C GLU D 965 -27.44 -6.06 -36.29
N GLU D 966 -28.34 -5.27 -35.69
CA GLU D 966 -28.63 -3.95 -36.24
C GLU D 966 -27.34 -3.14 -36.36
N ALA D 967 -26.60 -3.05 -35.27
CA ALA D 967 -25.32 -2.34 -35.30
C ALA D 967 -24.43 -2.92 -36.38
N ASP D 968 -24.33 -4.25 -36.44
CA ASP D 968 -23.53 -4.90 -37.46
C ASP D 968 -23.96 -4.44 -38.84
N ARG D 969 -25.27 -4.47 -39.11
CA ARG D 969 -25.77 -3.99 -40.38
C ARG D 969 -25.34 -2.55 -40.61
N LYS D 970 -25.57 -1.68 -39.62
CA LYS D 970 -25.13 -0.30 -39.73
C LYS D 970 -23.62 -0.26 -39.97
N LEU D 971 -22.88 -1.07 -39.22
CA LEU D 971 -21.43 -1.17 -39.43
C LEU D 971 -21.13 -1.43 -40.90
N LEU D 972 -21.76 -2.47 -41.46
CA LEU D 972 -21.52 -2.81 -42.85
C LEU D 972 -21.83 -1.62 -43.74
N GLN D 973 -22.94 -0.94 -43.47
CA GLN D 973 -23.28 0.26 -44.25
C GLN D 973 -22.15 1.26 -44.20
N ILE D 974 -21.68 1.59 -43.00
CA ILE D 974 -20.57 2.54 -42.89
C ILE D 974 -19.38 2.04 -43.68
N GLU D 975 -19.13 0.72 -43.60
CA GLU D 975 -18.02 0.14 -44.35
C GLU D 975 -18.14 0.47 -45.84
N GLN D 976 -19.31 0.20 -46.43
CA GLN D 976 -19.45 0.52 -47.84
C GLN D 976 -19.46 2.02 -48.05
N ALA D 977 -19.96 2.78 -47.07
CA ALA D 977 -19.90 4.23 -47.15
C ALA D 977 -18.45 4.71 -47.24
N TYR D 978 -17.50 3.92 -46.70
CA TYR D 978 -16.11 4.28 -46.84
C TYR D 978 -15.54 3.85 -48.18
N GLU D 979 -16.05 2.76 -48.75
CA GLU D 979 -15.48 2.27 -50.00
C GLU D 979 -15.95 3.06 -51.21
N MET D 980 -16.96 3.91 -51.05
CA MET D 980 -17.41 4.80 -52.12
C MET D 980 -16.73 6.16 -52.07
N GLY D 981 -15.88 6.41 -51.08
CA GLY D 981 -15.15 7.64 -50.98
C GLY D 981 -15.90 8.81 -50.37
N PHE D 982 -17.08 8.56 -49.77
CA PHE D 982 -17.87 9.64 -49.20
C PHE D 982 -17.35 10.13 -47.86
N LEU D 983 -16.49 9.36 -47.20
CA LEU D 983 -16.01 9.70 -45.87
C LEU D 983 -14.49 9.61 -45.82
N THR D 984 -13.91 10.37 -44.89
CA THR D 984 -12.48 10.34 -44.64
C THR D 984 -12.18 9.37 -43.50
N ASP D 985 -10.89 9.18 -43.22
CA ASP D 985 -10.49 8.29 -42.13
C ASP D 985 -10.98 8.81 -40.79
N ARG D 986 -10.80 10.10 -40.53
CA ARG D 986 -11.27 10.68 -39.27
C ARG D 986 -12.79 10.61 -39.17
N GLU D 987 -13.49 10.91 -40.26
CA GLU D 987 -14.94 10.85 -40.26
C GLU D 987 -15.43 9.42 -40.00
N ARG D 988 -14.80 8.45 -40.67
CA ARG D 988 -15.19 7.06 -40.46
C ARG D 988 -14.92 6.61 -39.03
N TYR D 989 -13.77 7.00 -38.47
CA TYR D 989 -13.46 6.63 -37.09
C TYR D 989 -14.47 7.25 -36.14
N ASP D 990 -14.82 8.52 -36.35
CA ASP D 990 -15.80 9.17 -35.48
C ASP D 990 -17.17 8.49 -35.60
N GLN D 991 -17.58 8.13 -36.81
CA GLN D 991 -18.86 7.48 -36.99
C GLN D 991 -18.89 6.12 -36.30
N ILE D 992 -17.82 5.34 -36.43
CA ILE D 992 -17.76 4.03 -35.78
C ILE D 992 -17.80 4.19 -34.26
N LEU D 993 -17.02 5.14 -33.74
CA LEU D 993 -16.99 5.36 -32.30
C LEU D 993 -18.36 5.78 -31.78
N GLN D 994 -19.03 6.70 -32.49
CA GLN D 994 -20.35 7.15 -32.06
C GLN D 994 -21.36 6.01 -32.10
N LEU D 995 -21.34 5.22 -33.17
CA LEU D 995 -22.28 4.11 -33.29
C LEU D 995 -22.10 3.11 -32.16
N TRP D 996 -20.85 2.76 -31.86
CA TRP D 996 -20.62 1.75 -30.83
C TRP D 996 -20.91 2.30 -29.44
N THR D 997 -20.54 3.57 -29.18
CA THR D 997 -20.84 4.14 -27.87
C THR D 997 -22.33 4.40 -27.69
N GLU D 998 -23.09 4.49 -28.78
CA GLU D 998 -24.55 4.59 -28.65
C GLU D 998 -25.17 3.23 -28.41
N THR D 999 -24.74 2.20 -29.15
CA THR D 999 -25.31 0.88 -28.95
C THR D 999 -24.91 0.30 -27.59
N THR D 1000 -23.78 0.72 -27.04
CA THR D 1000 -23.42 0.28 -25.69
C THR D 1000 -24.40 0.82 -24.66
N GLU D 1001 -24.74 2.10 -24.76
CA GLU D 1001 -25.73 2.68 -23.85
C GLU D 1001 -27.10 2.04 -24.06
N LYS D 1002 -27.45 1.76 -25.32
CA LYS D 1002 -28.72 1.11 -25.60
C LYS D 1002 -28.77 -0.28 -24.96
N VAL D 1003 -27.67 -1.03 -25.04
CA VAL D 1003 -27.62 -2.36 -24.44
C VAL D 1003 -27.70 -2.26 -22.93
N THR D 1004 -27.04 -1.26 -22.33
CA THR D 1004 -27.14 -1.08 -20.88
C THR D 1004 -28.58 -0.79 -20.47
N GLN D 1005 -29.26 0.10 -21.20
CA GLN D 1005 -30.65 0.40 -20.91
C GLN D 1005 -31.53 -0.85 -21.04
N ALA D 1006 -31.30 -1.64 -22.08
CA ALA D 1006 -32.07 -2.86 -22.27
C ALA D 1006 -31.83 -3.85 -21.13
N VAL D 1007 -30.57 -3.98 -20.70
CA VAL D 1007 -30.24 -4.89 -19.62
C VAL D 1007 -30.95 -4.49 -18.34
N PHE D 1008 -30.88 -3.20 -18.00
CA PHE D 1008 -31.53 -2.75 -16.77
C PHE D 1008 -33.05 -2.85 -16.87
N LYS D 1009 -33.61 -2.58 -18.05
CA LYS D 1009 -35.05 -2.73 -18.23
C LYS D 1009 -35.47 -4.20 -18.06
N ASN D 1010 -34.68 -5.12 -18.59
CA ASN D 1010 -34.97 -6.54 -18.42
C ASN D 1010 -34.90 -6.94 -16.95
N PHE D 1011 -33.88 -6.44 -16.24
CA PHE D 1011 -33.77 -6.75 -14.82
C PHE D 1011 -34.96 -6.21 -14.04
N GLU D 1012 -35.40 -4.99 -14.36
CA GLU D 1012 -36.57 -4.42 -13.68
C GLU D 1012 -37.82 -5.23 -13.97
N GLU D 1013 -38.02 -5.60 -15.23
CA GLU D 1013 -39.29 -6.20 -15.64
C GLU D 1013 -39.40 -7.66 -15.21
N ASN D 1014 -38.34 -8.45 -15.38
CA ASN D 1014 -38.44 -9.90 -15.25
C ASN D 1014 -37.93 -10.43 -13.93
N TYR D 1015 -36.77 -9.97 -13.46
CA TYR D 1015 -36.12 -10.49 -12.26
C TYR D 1015 -35.83 -9.34 -11.32
N PRO D 1016 -36.84 -8.82 -10.61
CA PRO D 1016 -36.57 -7.76 -9.63
C PRO D 1016 -35.62 -8.18 -8.54
N PHE D 1017 -35.70 -9.42 -8.08
CA PHE D 1017 -34.80 -9.93 -7.04
C PHE D 1017 -33.62 -10.67 -7.66
N ASN D 1018 -32.92 -10.03 -8.57
CA ASN D 1018 -31.69 -10.63 -9.08
C ASN D 1018 -30.50 -10.09 -8.30
N PRO D 1019 -29.58 -10.94 -7.84
CA PRO D 1019 -28.49 -10.45 -6.99
C PRO D 1019 -27.68 -9.34 -7.62
N LEU D 1020 -27.37 -9.44 -8.91
CA LEU D 1020 -26.64 -8.37 -9.59
C LEU D 1020 -27.46 -7.09 -9.62
N TYR D 1021 -28.72 -7.20 -10.03
CA TYR D 1021 -29.60 -6.03 -10.08
C TYR D 1021 -29.85 -5.46 -8.69
N VAL D 1022 -30.04 -6.32 -7.70
CA VAL D 1022 -30.28 -5.85 -6.34
C VAL D 1022 -29.06 -5.10 -5.81
N MET D 1023 -27.86 -5.63 -6.04
CA MET D 1023 -26.65 -4.94 -5.61
C MET D 1023 -26.44 -3.64 -6.38
N ALA D 1024 -26.84 -3.60 -7.66
CA ALA D 1024 -26.67 -2.37 -8.43
C ALA D 1024 -27.64 -1.28 -7.97
N GLN D 1025 -28.90 -1.64 -7.72
CA GLN D 1025 -29.88 -0.66 -7.28
C GLN D 1025 -29.48 -0.06 -5.94
N SER D 1026 -29.20 -0.90 -4.95
CA SER D 1026 -28.67 -0.41 -3.69
C SER D 1026 -27.23 0.06 -3.89
N GLY D 1027 -26.67 0.64 -2.83
CA GLY D 1027 -25.32 1.15 -2.91
C GLY D 1027 -24.28 0.15 -2.46
N ALA D 1028 -24.66 -1.14 -2.43
CA ALA D 1028 -23.76 -2.17 -1.93
C ALA D 1028 -22.50 -2.27 -2.78
N ARG D 1029 -22.63 -2.74 -4.02
CA ARG D 1029 -21.47 -2.89 -4.90
C ARG D 1029 -21.92 -2.75 -6.35
N GLY D 1030 -20.97 -2.44 -7.21
CA GLY D 1030 -21.19 -2.48 -8.64
C GLY D 1030 -21.72 -1.18 -9.20
N ASN D 1031 -21.55 -1.02 -10.50
CA ASN D 1031 -22.04 0.09 -11.29
C ASN D 1031 -22.72 -0.45 -12.53
N PRO D 1032 -23.59 0.34 -13.17
CA PRO D 1032 -24.21 -0.13 -14.41
C PRO D 1032 -23.22 -0.55 -15.49
N GLN D 1033 -22.07 0.12 -15.57
CA GLN D 1033 -21.04 -0.28 -16.52
C GLN D 1033 -20.51 -1.66 -16.20
N GLN D 1034 -20.25 -1.94 -14.92
CA GLN D 1034 -19.76 -3.26 -14.53
C GLN D 1034 -20.82 -4.34 -14.79
N ILE D 1035 -22.09 -4.05 -14.51
CA ILE D 1035 -23.15 -5.01 -14.77
C ILE D 1035 -23.27 -5.27 -16.26
N ARG D 1036 -23.12 -4.24 -17.09
CA ARG D 1036 -23.12 -4.43 -18.53
C ARG D 1036 -21.95 -5.30 -18.95
N GLN D 1037 -20.76 -5.05 -18.41
CA GLN D 1037 -19.60 -5.85 -18.76
C GLN D 1037 -19.80 -7.31 -18.37
N LEU D 1038 -20.51 -7.55 -17.27
CA LEU D 1038 -20.80 -8.92 -16.85
C LEU D 1038 -21.82 -9.58 -17.78
N CYS D 1039 -22.89 -8.86 -18.11
CA CYS D 1039 -24.03 -9.46 -18.80
C CYS D 1039 -24.19 -8.98 -20.25
N GLY D 1040 -23.76 -7.77 -20.58
CA GLY D 1040 -23.96 -7.24 -21.92
C GLY D 1040 -22.71 -7.35 -22.77
N LEU D 1041 -21.97 -6.25 -22.90
CA LEU D 1041 -20.74 -6.26 -23.67
C LEU D 1041 -19.85 -5.11 -23.22
N ARG D 1042 -18.54 -5.38 -23.16
CA ARG D 1042 -17.54 -4.34 -22.89
C ARG D 1042 -16.94 -3.91 -24.22
N GLY D 1043 -17.71 -3.12 -24.96
CA GLY D 1043 -17.37 -2.77 -26.33
C GLY D 1043 -16.09 -2.00 -26.54
N LEU D 1044 -16.05 -0.75 -26.08
CA LEU D 1044 -14.99 0.17 -26.46
C LEU D 1044 -13.78 -0.02 -25.54
N MET D 1045 -12.61 -0.16 -26.14
CA MET D 1045 -11.36 -0.34 -25.39
C MET D 1045 -10.33 0.67 -25.87
N GLN D 1046 -9.71 1.38 -24.94
CA GLN D 1046 -8.78 2.43 -25.28
C GLN D 1046 -7.43 1.86 -25.70
N LYS D 1047 -6.85 2.46 -26.74
CA LYS D 1047 -5.53 2.11 -27.23
C LYS D 1047 -4.47 2.72 -26.31
N PRO D 1048 -3.29 2.10 -26.23
CA PRO D 1048 -2.20 2.71 -25.46
C PRO D 1048 -1.84 4.11 -25.92
N SER D 1049 -2.04 4.42 -27.19
CA SER D 1049 -1.79 5.78 -27.68
C SER D 1049 -2.77 6.80 -27.12
N GLY D 1050 -3.84 6.36 -26.47
CA GLY D 1050 -4.84 7.24 -25.90
C GLY D 1050 -6.16 7.24 -26.65
N GLU D 1051 -6.18 6.76 -27.88
CA GLU D 1051 -7.42 6.67 -28.64
C GLU D 1051 -8.14 5.37 -28.30
N THR D 1052 -9.17 5.04 -29.06
CA THR D 1052 -10.00 3.86 -28.80
C THR D 1052 -9.96 2.94 -30.01
N PHE D 1053 -9.98 1.63 -29.75
CA PHE D 1053 -9.95 0.65 -30.82
C PHE D 1053 -11.20 0.74 -31.69
N GLU D 1054 -11.01 0.57 -33.00
CA GLU D 1054 -12.14 0.55 -33.91
C GLU D 1054 -13.03 -0.66 -33.69
N VAL D 1055 -12.42 -1.83 -33.52
CA VAL D 1055 -13.16 -3.08 -33.33
C VAL D 1055 -13.52 -3.20 -31.86
N PRO D 1056 -14.78 -3.36 -31.50
CA PRO D 1056 -15.16 -3.51 -30.10
C PRO D 1056 -15.06 -4.98 -29.67
N VAL D 1057 -15.43 -5.22 -28.42
CA VAL D 1057 -15.47 -6.56 -27.85
C VAL D 1057 -16.94 -6.95 -27.73
N ARG D 1058 -17.39 -7.84 -28.61
CA ARG D 1058 -18.79 -8.23 -28.63
C ARG D 1058 -19.17 -9.09 -27.43
N SER D 1059 -18.27 -9.95 -26.98
CA SER D 1059 -18.59 -10.90 -25.92
C SER D 1059 -18.51 -10.23 -24.55
N SER D 1060 -19.03 -10.94 -23.55
CA SER D 1060 -19.00 -10.49 -22.16
C SER D 1060 -18.39 -11.60 -21.31
N PHE D 1061 -18.36 -11.36 -20.00
CA PHE D 1061 -17.81 -12.36 -19.08
C PHE D 1061 -18.79 -13.49 -18.79
N ARG D 1062 -20.08 -13.29 -19.02
CA ARG D 1062 -21.01 -14.42 -18.99
C ARG D 1062 -20.67 -15.42 -20.08
N GLU D 1063 -20.37 -14.91 -21.28
CA GLU D 1063 -19.83 -15.72 -22.36
C GLU D 1063 -18.31 -15.79 -22.21
N GLY D 1064 -17.63 -16.30 -23.23
CA GLY D 1064 -16.18 -16.42 -23.22
C GLY D 1064 -15.56 -15.41 -24.16
N LEU D 1065 -14.62 -14.63 -23.63
CA LEU D 1065 -13.88 -13.68 -24.45
C LEU D 1065 -12.91 -14.41 -25.38
N THR D 1066 -12.79 -13.90 -26.60
CA THR D 1066 -11.79 -14.41 -27.53
C THR D 1066 -10.40 -13.99 -27.05
N VAL D 1067 -9.38 -14.71 -27.54
CA VAL D 1067 -8.01 -14.42 -27.13
C VAL D 1067 -7.63 -12.98 -27.48
N LEU D 1068 -8.03 -12.51 -28.67
CA LEU D 1068 -7.70 -11.16 -29.09
C LEU D 1068 -8.35 -10.13 -28.18
N GLU D 1069 -9.60 -10.37 -27.77
CA GLU D 1069 -10.29 -9.44 -26.89
C GLU D 1069 -9.59 -9.34 -25.54
N TYR D 1070 -9.15 -10.47 -25.00
CA TYR D 1070 -8.43 -10.45 -23.72
C TYR D 1070 -7.09 -9.75 -23.87
N PHE D 1071 -6.39 -10.00 -24.97
CA PHE D 1071 -5.12 -9.32 -25.21
C PHE D 1071 -5.32 -7.82 -25.33
N ILE D 1072 -6.46 -7.40 -25.89
CA ILE D 1072 -6.76 -5.98 -26.01
C ILE D 1072 -7.07 -5.39 -24.63
N SER D 1073 -7.84 -6.09 -23.81
CA SER D 1073 -8.17 -5.60 -22.48
C SER D 1073 -6.94 -5.53 -21.57
N SER D 1074 -5.93 -6.34 -21.84
CA SER D 1074 -4.69 -6.24 -21.07
C SER D 1074 -4.05 -4.86 -21.22
N HIS D 1075 -4.24 -4.22 -22.39
CA HIS D 1075 -3.77 -2.85 -22.57
C HIS D 1075 -4.34 -1.92 -21.50
N GLY D 1076 -5.67 -1.96 -21.35
CA GLY D 1076 -6.32 -1.11 -20.35
C GLY D 1076 -5.93 -1.48 -18.94
N ALA D 1077 -5.75 -2.77 -18.67
CA ALA D 1077 -5.33 -3.19 -17.34
C ALA D 1077 -3.96 -2.61 -16.99
N ARG D 1078 -3.01 -2.72 -17.91
CA ARG D 1078 -1.67 -2.18 -17.68
C ARG D 1078 -1.71 -0.66 -17.55
N LYS D 1079 -2.51 0.00 -18.39
CA LYS D 1079 -2.65 1.45 -18.29
C LYS D 1079 -3.18 1.86 -16.93
N GLY D 1080 -4.20 1.17 -16.43
CA GLY D 1080 -4.74 1.48 -15.12
C GLY D 1080 -3.72 1.27 -14.01
N GLY D 1081 -2.98 0.16 -14.07
CA GLY D 1081 -1.98 -0.09 -13.05
C GLY D 1081 -0.91 0.98 -13.00
N ALA D 1082 -0.35 1.33 -14.17
CA ALA D 1082 0.68 2.36 -14.21
C ALA D 1082 0.14 3.72 -13.80
N ASP D 1083 -1.08 4.05 -14.25
CA ASP D 1083 -1.68 5.33 -13.91
C ASP D 1083 -1.88 5.45 -12.42
N THR D 1084 -2.35 4.40 -11.76
CA THR D 1084 -2.44 4.41 -10.31
C THR D 1084 -1.06 4.62 -9.69
N ALA D 1085 -0.09 3.79 -10.11
CA ALA D 1085 1.23 3.80 -9.46
C ALA D 1085 1.95 5.12 -9.60
N LEU D 1086 1.59 5.95 -10.58
CA LEU D 1086 2.22 7.27 -10.70
C LEU D 1086 1.35 8.42 -10.21
N ARG D 1087 0.04 8.38 -10.48
CA ARG D 1087 -0.83 9.44 -10.00
C ARG D 1087 -0.90 9.48 -8.48
N THR D 1088 -0.71 8.33 -7.81
CA THR D 1088 -0.62 8.37 -6.36
C THR D 1088 0.54 9.24 -5.90
N ALA D 1089 1.71 9.07 -6.53
CA ALA D 1089 2.87 9.89 -6.18
C ALA D 1089 2.63 11.36 -6.48
N ASP D 1090 2.03 11.66 -7.63
CA ASP D 1090 1.75 13.06 -7.97
C ASP D 1090 0.79 13.69 -6.96
N SER D 1091 -0.27 12.95 -6.59
CA SER D 1091 -1.22 13.46 -5.62
C SER D 1091 -0.56 13.66 -4.26
N GLY D 1092 0.34 12.76 -3.87
CA GLY D 1092 1.06 12.94 -2.61
C GLY D 1092 1.92 14.19 -2.61
N TYR D 1093 2.61 14.45 -3.72
CA TYR D 1093 3.41 15.66 -3.81
C TYR D 1093 2.53 16.91 -3.73
N LEU D 1094 1.39 16.89 -4.42
CA LEU D 1094 0.47 18.02 -4.33
C LEU D 1094 -0.03 18.23 -2.90
N THR D 1095 -0.37 17.13 -2.22
CA THR D 1095 -0.84 17.22 -0.85
C THR D 1095 0.23 17.81 0.06
N ARG D 1096 1.49 17.39 -0.11
CA ARG D 1096 2.56 17.95 0.71
C ARG D 1096 2.71 19.44 0.45
N LYS D 1097 2.66 19.85 -0.82
CA LYS D 1097 2.73 21.28 -1.15
C LYS D 1097 1.64 22.06 -0.43
N LEU D 1098 0.39 21.57 -0.53
CA LEU D 1098 -0.73 22.28 0.07
C LEU D 1098 -0.62 22.33 1.59
N VAL D 1099 -0.23 21.22 2.21
CA VAL D 1099 -0.10 21.20 3.67
C VAL D 1099 0.96 22.21 4.12
N ASP D 1100 2.11 22.22 3.44
CA ASP D 1100 3.17 23.12 3.88
C ASP D 1100 2.80 24.58 3.64
N VAL D 1101 2.11 24.88 2.53
CA VAL D 1101 1.76 26.28 2.27
C VAL D 1101 0.65 26.74 3.21
N THR D 1102 -0.22 25.83 3.66
CA THR D 1102 -1.43 26.19 4.37
C THR D 1102 -1.33 25.91 5.87
N HIS D 1103 -0.21 25.34 6.33
CA HIS D 1103 -0.10 24.87 7.72
C HIS D 1103 -0.20 25.99 8.75
N GLU D 1104 -0.04 27.26 8.35
CA GLU D 1104 -0.03 28.35 9.30
C GLU D 1104 -1.42 28.86 9.67
N ILE D 1105 -2.46 28.37 9.02
CA ILE D 1105 -3.81 28.89 9.22
C ILE D 1105 -4.45 28.19 10.41
N VAL D 1106 -4.75 28.95 11.45
CA VAL D 1106 -5.41 28.46 12.65
C VAL D 1106 -6.45 29.50 13.06
N VAL D 1107 -7.63 29.03 13.47
CA VAL D 1107 -8.70 29.96 13.85
C VAL D 1107 -8.47 30.48 15.27
N ARG D 1108 -7.74 31.59 15.37
CA ARG D 1108 -7.58 32.33 16.61
C ARG D 1108 -8.19 33.70 16.37
N GLU D 1109 -9.15 34.08 17.21
CA GLU D 1109 -9.94 35.23 16.79
C GLU D 1109 -10.77 35.80 17.92
N ALA D 1110 -10.88 37.12 17.90
CA ALA D 1110 -12.09 37.83 18.24
C ALA D 1110 -12.76 38.23 16.92
N ASP D 1111 -14.10 38.32 16.94
CA ASP D 1111 -14.83 38.48 15.69
C ASP D 1111 -14.35 39.72 14.95
N CYS D 1112 -13.68 39.53 13.82
CA CYS D 1112 -13.11 40.63 13.08
C CYS D 1112 -14.19 41.51 12.48
N GLY D 1113 -13.98 42.83 12.56
CA GLY D 1113 -14.94 43.78 12.03
C GLY D 1113 -14.86 43.89 10.53
N THR D 1114 -15.11 42.79 9.83
CA THR D 1114 -15.01 42.73 8.39
C THR D 1114 -16.34 43.15 7.78
N THR D 1115 -16.38 44.34 7.18
CA THR D 1115 -17.52 44.75 6.37
C THR D 1115 -17.31 44.36 4.92
N ASN D 1116 -16.98 43.09 4.70
CA ASN D 1116 -16.71 42.56 3.38
C ASN D 1116 -17.21 41.13 3.33
N TYR D 1117 -17.41 40.63 2.13
CA TYR D 1117 -18.06 39.34 1.93
C TYR D 1117 -17.85 38.89 0.48
N ILE D 1118 -18.45 37.76 0.14
CA ILE D 1118 -18.51 37.29 -1.24
C ILE D 1118 -19.95 36.92 -1.56
N SER D 1119 -20.37 37.19 -2.79
CA SER D 1119 -21.71 36.86 -3.26
C SER D 1119 -21.62 35.56 -4.04
N VAL D 1120 -22.04 34.46 -3.42
CA VAL D 1120 -22.05 33.16 -4.08
C VAL D 1120 -23.20 33.14 -5.08
N PRO D 1121 -22.93 32.86 -6.36
CA PRO D 1121 -24.00 32.80 -7.34
C PRO D 1121 -24.87 31.56 -7.17
N LEU D 1122 -26.09 31.65 -7.69
CA LEU D 1122 -27.02 30.53 -7.69
C LEU D 1122 -27.41 30.09 -9.09
N PHE D 1123 -26.91 30.77 -10.12
CA PHE D 1123 -27.25 30.44 -11.50
C PHE D 1123 -25.98 30.28 -12.33
N GLN D 1124 -25.98 29.27 -13.20
CA GLN D 1124 -24.85 29.06 -14.10
C GLN D 1124 -24.82 30.16 -15.14
N PRO D 1125 -23.74 30.93 -15.25
CA PRO D 1125 -23.74 32.05 -16.20
C PRO D 1125 -23.70 31.62 -17.66
N ASP D 1126 -23.21 30.42 -17.96
CA ASP D 1126 -23.10 29.99 -19.35
C ASP D 1126 -23.16 28.46 -19.40
N GLU D 1127 -24.34 27.93 -19.71
CA GLU D 1127 -24.47 26.54 -20.13
C GLU D 1127 -24.77 26.42 -21.62
N VAL D 1128 -25.42 27.43 -22.20
CA VAL D 1128 -25.54 27.60 -23.64
C VAL D 1128 -24.85 28.93 -23.91
N THR D 1129 -24.75 29.34 -25.17
CA THR D 1129 -24.04 30.57 -25.52
C THR D 1129 -24.56 31.76 -24.71
N ARG D 1130 -25.87 31.92 -24.63
CA ARG D 1130 -26.48 33.00 -23.86
C ARG D 1130 -27.74 32.46 -23.18
N SER D 1131 -27.60 32.06 -21.91
CA SER D 1131 -28.72 31.55 -21.13
C SER D 1131 -28.30 31.44 -19.67
N LEU D 1132 -29.28 31.53 -18.78
CA LEU D 1132 -29.07 31.40 -17.34
C LEU D 1132 -29.95 30.28 -16.81
N ARG D 1133 -29.35 29.39 -16.01
CA ARG D 1133 -30.11 28.33 -15.36
C ARG D 1133 -29.57 28.11 -13.96
N LEU D 1134 -30.42 27.55 -13.11
CA LEU D 1134 -30.04 27.29 -11.72
C LEU D 1134 -28.92 26.26 -11.67
N ARG D 1135 -27.97 26.49 -10.77
CA ARG D 1135 -26.87 25.55 -10.57
C ARG D 1135 -27.38 24.25 -9.96
N LYS D 1136 -26.56 23.21 -10.04
CA LYS D 1136 -26.91 21.93 -9.47
C LYS D 1136 -27.00 22.01 -7.96
N ARG D 1137 -27.84 21.16 -7.38
CA ARG D 1137 -28.06 21.20 -5.93
C ARG D 1137 -26.78 20.91 -5.16
N ALA D 1138 -25.98 19.96 -5.64
CA ALA D 1138 -24.74 19.63 -4.96
C ALA D 1138 -23.78 20.81 -4.93
N ASP D 1139 -23.66 21.52 -6.05
CA ASP D 1139 -22.77 22.68 -6.10
C ASP D 1139 -23.23 23.79 -5.17
N ILE D 1140 -24.54 24.05 -5.15
CA ILE D 1140 -25.06 25.09 -4.27
C ILE D 1140 -24.86 24.70 -2.80
N GLU D 1141 -25.07 23.42 -2.48
CA GLU D 1141 -24.84 22.97 -1.11
C GLU D 1141 -23.37 23.10 -0.73
N ALA D 1142 -22.46 22.74 -1.63
CA ALA D 1142 -21.03 22.86 -1.35
C ALA D 1142 -20.58 24.32 -1.29
N GLY D 1143 -21.34 25.23 -1.87
CA GLY D 1143 -20.98 26.63 -1.81
C GLY D 1143 -21.60 27.41 -0.67
N LEU D 1144 -22.75 26.95 -0.17
CA LEU D 1144 -23.52 27.70 0.82
C LEU D 1144 -23.62 27.04 2.18
N TYR D 1145 -23.69 25.72 2.24
CA TYR D 1145 -23.90 25.04 3.52
C TYR D 1145 -22.76 25.36 4.48
N GLY D 1146 -23.12 25.74 5.70
CA GLY D 1146 -22.13 26.03 6.71
C GLY D 1146 -21.49 27.40 6.63
N ARG D 1147 -22.07 28.33 5.86
CA ARG D 1147 -21.53 29.67 5.78
C ARG D 1147 -22.29 30.60 6.72
N VAL D 1148 -21.81 31.84 6.82
CA VAL D 1148 -22.42 32.87 7.64
C VAL D 1148 -22.92 33.97 6.73
N LEU D 1149 -24.19 34.34 6.89
CA LEU D 1149 -24.78 35.36 6.03
C LEU D 1149 -24.13 36.71 6.29
N ALA D 1150 -23.72 37.37 5.20
CA ALA D 1150 -23.10 38.69 5.33
C ALA D 1150 -24.08 39.72 5.87
N ARG D 1151 -25.29 39.75 5.32
CA ARG D 1151 -26.31 40.69 5.73
C ARG D 1151 -27.67 40.00 5.70
N GLU D 1152 -28.62 40.57 6.44
CA GLU D 1152 -29.95 40.00 6.54
C GLU D 1152 -30.61 39.94 5.17
N VAL D 1153 -31.24 38.81 4.88
CA VAL D 1153 -31.97 38.61 3.64
C VAL D 1153 -33.30 37.92 3.95
N GLU D 1154 -34.38 38.45 3.38
CA GLU D 1154 -35.70 37.84 3.48
C GLU D 1154 -36.17 37.50 2.07
N VAL D 1155 -36.40 36.21 1.81
CA VAL D 1155 -36.61 35.72 0.45
C VAL D 1155 -38.01 35.13 0.27
N LEU D 1156 -38.53 34.43 1.27
CA LEU D 1156 -39.82 33.77 1.17
C LEU D 1156 -40.65 34.01 2.43
N GLY D 1157 -40.68 35.25 2.88
CA GLY D 1157 -41.42 35.58 4.10
C GLY D 1157 -40.73 35.17 5.38
N VAL D 1158 -39.48 34.72 5.30
CA VAL D 1158 -38.71 34.32 6.48
C VAL D 1158 -37.48 35.23 6.57
N ARG D 1159 -37.25 35.77 7.77
CA ARG D 1159 -36.18 36.74 7.98
C ARG D 1159 -34.92 35.99 8.39
N LEU D 1160 -34.00 35.80 7.44
CA LEU D 1160 -32.70 35.21 7.74
C LEU D 1160 -31.79 36.31 8.25
N GLU D 1161 -31.63 36.38 9.57
CA GLU D 1161 -30.91 37.47 10.19
C GLU D 1161 -29.43 37.43 9.83
N GLU D 1162 -28.81 38.62 9.79
CA GLU D 1162 -27.40 38.72 9.51
C GLU D 1162 -26.58 38.04 10.61
N GLY D 1163 -25.58 37.28 10.21
CA GLY D 1163 -24.76 36.54 11.16
C GLY D 1163 -25.31 35.18 11.55
N ARG D 1164 -26.20 34.61 10.75
CA ARG D 1164 -26.81 33.32 11.05
C ARG D 1164 -26.17 32.25 10.17
N TYR D 1165 -25.71 31.17 10.80
CA TYR D 1165 -25.11 30.07 10.05
C TYR D 1165 -26.15 29.37 9.20
N LEU D 1166 -25.78 29.05 7.96
CA LEU D 1166 -26.68 28.43 7.02
C LEU D 1166 -26.66 26.92 7.22
N SER D 1167 -27.73 26.37 7.78
CA SER D 1167 -27.88 24.93 7.91
C SER D 1167 -28.39 24.35 6.60
N MET D 1168 -28.55 23.02 6.57
CA MET D 1168 -29.00 22.36 5.35
C MET D 1168 -30.41 22.78 4.98
N ASP D 1169 -31.28 22.96 5.98
CA ASP D 1169 -32.64 23.42 5.71
C ASP D 1169 -32.64 24.81 5.09
N ASP D 1170 -31.78 25.69 5.58
CA ASP D 1170 -31.68 27.03 5.00
C ASP D 1170 -31.20 26.95 3.55
N VAL D 1171 -30.26 26.06 3.25
CA VAL D 1171 -29.80 25.89 1.89
C VAL D 1171 -30.93 25.40 0.99
N HIS D 1172 -31.72 24.43 1.48
CA HIS D 1172 -32.85 23.95 0.70
C HIS D 1172 -33.87 25.06 0.46
N LEU D 1173 -34.13 25.86 1.49
CA LEU D 1173 -35.07 26.97 1.34
C LEU D 1173 -34.57 27.99 0.32
N LEU D 1174 -33.28 28.30 0.36
CA LEU D 1174 -32.72 29.25 -0.60
C LEU D 1174 -32.79 28.69 -2.02
N ILE D 1175 -32.53 27.38 -2.18
CA ILE D 1175 -32.61 26.77 -3.50
C ILE D 1175 -34.05 26.83 -4.02
N LYS D 1176 -35.03 26.53 -3.16
CA LYS D 1176 -36.42 26.59 -3.57
C LYS D 1176 -36.81 28.02 -3.94
N ALA D 1177 -36.36 29.00 -3.17
CA ALA D 1177 -36.66 30.39 -3.48
C ALA D 1177 -36.05 30.82 -4.81
N ALA D 1178 -34.80 30.40 -5.06
CA ALA D 1178 -34.16 30.72 -6.33
C ALA D 1178 -34.89 30.06 -7.49
N GLU D 1179 -35.40 28.85 -7.28
CA GLU D 1179 -36.24 28.21 -8.29
C GLU D 1179 -37.50 29.04 -8.53
N ALA D 1180 -38.10 29.57 -7.46
CA ALA D 1180 -39.25 30.45 -7.63
C ALA D 1180 -38.88 31.76 -8.31
N GLY D 1181 -37.65 32.23 -8.11
CA GLY D 1181 -37.18 33.40 -8.83
C GLY D 1181 -37.17 34.68 -8.02
N GLU D 1182 -36.69 34.62 -6.77
CA GLU D 1182 -36.60 35.79 -5.91
C GLU D 1182 -35.20 36.39 -5.86
N ILE D 1183 -34.18 35.56 -5.63
CA ILE D 1183 -32.80 36.03 -5.52
C ILE D 1183 -31.91 35.18 -6.43
N GLN D 1184 -30.75 35.75 -6.77
CA GLN D 1184 -29.78 35.09 -7.62
C GLN D 1184 -28.40 34.92 -6.99
N GLU D 1185 -28.03 35.77 -6.03
CA GLU D 1185 -26.75 35.67 -5.35
C GLU D 1185 -26.96 35.77 -3.86
N VAL D 1186 -26.18 35.01 -3.10
CA VAL D 1186 -26.27 34.98 -1.64
C VAL D 1186 -25.02 35.64 -1.08
N PRO D 1187 -25.15 36.76 -0.37
CA PRO D 1187 -23.97 37.41 0.25
C PRO D 1187 -23.61 36.74 1.56
N VAL D 1188 -22.44 36.10 1.60
CA VAL D 1188 -22.00 35.38 2.78
C VAL D 1188 -20.56 35.75 3.09
N ARG D 1189 -20.19 35.58 4.36
CA ARG D 1189 -18.81 35.73 4.78
C ARG D 1189 -17.97 34.60 4.21
N SER D 1190 -16.68 34.89 4.01
CA SER D 1190 -15.75 33.91 3.45
C SER D 1190 -14.38 34.14 4.06
N PRO D 1191 -13.55 33.11 4.15
CA PRO D 1191 -12.16 33.34 4.57
C PRO D 1191 -11.41 34.30 3.67
N LEU D 1192 -11.76 34.35 2.38
CA LEU D 1192 -11.08 35.22 1.44
C LEU D 1192 -11.10 36.69 1.85
N THR D 1193 -12.10 37.09 2.63
CA THR D 1193 -12.23 38.47 3.07
C THR D 1193 -11.91 38.66 4.55
N CYS D 1194 -11.49 37.61 5.24
CA CYS D 1194 -11.20 37.71 6.66
C CYS D 1194 -9.97 38.57 6.90
N GLN D 1195 -9.98 39.32 8.01
CA GLN D 1195 -8.91 40.23 8.35
C GLN D 1195 -8.02 39.71 9.48
N THR D 1196 -8.11 38.43 9.80
CA THR D 1196 -7.29 37.86 10.86
C THR D 1196 -5.82 37.87 10.46
N ARG D 1197 -4.94 38.06 11.45
CA ARG D 1197 -3.50 38.13 11.19
C ARG D 1197 -3.00 36.83 10.58
N TYR D 1198 -3.07 35.73 11.33
CA TYR D 1198 -2.60 34.43 10.90
C TYR D 1198 -3.74 33.42 11.10
N GLY D 1199 -4.56 33.26 10.07
CA GLY D 1199 -5.70 32.37 10.11
C GLY D 1199 -6.96 33.10 9.72
N VAL D 1200 -8.09 32.54 10.12
CA VAL D 1200 -9.40 33.13 9.86
C VAL D 1200 -10.20 33.12 11.15
N CYS D 1201 -11.21 33.98 11.20
CA CYS D 1201 -12.03 34.05 12.41
C CYS D 1201 -13.14 33.00 12.35
N GLN D 1202 -13.84 32.85 13.48
CA GLN D 1202 -14.92 31.87 13.56
C GLN D 1202 -16.04 32.20 12.58
N LYS D 1203 -16.42 33.47 12.49
CA LYS D 1203 -17.51 33.87 11.60
C LYS D 1203 -17.10 33.72 10.13
N CYS D 1204 -15.93 34.24 9.76
CA CYS D 1204 -15.52 34.17 8.37
C CYS D 1204 -15.16 32.75 7.93
N TYR D 1205 -14.86 31.84 8.86
CA TYR D 1205 -14.60 30.47 8.44
C TYR D 1205 -15.90 29.75 8.11
N GLY D 1206 -16.76 29.56 9.11
CA GLY D 1206 -18.04 28.95 8.84
C GLY D 1206 -18.58 28.00 9.88
N TYR D 1207 -19.26 26.95 9.42
CA TYR D 1207 -20.09 26.10 10.26
C TYR D 1207 -19.92 24.61 10.01
N ASP D 1208 -19.28 24.21 8.91
CA ASP D 1208 -19.12 22.80 8.59
C ASP D 1208 -17.92 22.21 9.31
N LEU D 1209 -18.13 21.08 9.98
CA LEU D 1209 -17.08 20.38 10.70
C LEU D 1209 -17.41 18.88 10.69
N SER D 1210 -16.68 18.12 11.49
CA SER D 1210 -17.11 16.76 11.80
C SER D 1210 -18.44 16.78 12.53
N MET D 1211 -18.60 17.73 13.45
CA MET D 1211 -19.89 18.02 14.05
C MET D 1211 -20.65 18.98 13.14
N ALA D 1212 -21.80 19.47 13.59
CA ALA D 1212 -22.53 20.49 12.86
C ALA D 1212 -22.32 21.88 13.43
N ARG D 1213 -22.10 21.99 14.73
CA ARG D 1213 -21.99 23.28 15.40
C ARG D 1213 -20.87 24.13 14.80
N PRO D 1214 -20.91 25.45 15.02
CA PRO D 1214 -19.86 26.32 14.48
C PRO D 1214 -18.48 25.93 14.99
N VAL D 1215 -17.47 26.33 14.22
CA VAL D 1215 -16.10 25.90 14.48
C VAL D 1215 -15.63 26.41 15.84
N SER D 1216 -14.96 25.55 16.59
CA SER D 1216 -14.35 25.95 17.83
C SER D 1216 -13.10 26.78 17.57
N ILE D 1217 -12.83 27.73 18.47
CA ILE D 1217 -11.68 28.61 18.32
C ILE D 1217 -10.42 27.84 18.69
N GLY D 1218 -9.43 27.86 17.80
CA GLY D 1218 -8.18 27.17 18.02
C GLY D 1218 -7.97 25.93 17.16
N GLU D 1219 -8.87 25.63 16.24
CA GLU D 1219 -8.74 24.46 15.38
C GLU D 1219 -7.85 24.79 14.17
N ALA D 1220 -6.92 23.90 13.88
CA ALA D 1220 -6.04 24.09 12.73
C ALA D 1220 -6.81 23.79 11.44
N VAL D 1221 -7.54 24.78 10.93
CA VAL D 1221 -8.34 24.57 9.73
C VAL D 1221 -7.48 24.43 8.49
N GLY D 1222 -6.25 24.95 8.50
CA GLY D 1222 -5.42 24.88 7.32
C GLY D 1222 -5.01 23.47 6.95
N ILE D 1223 -4.57 22.68 7.93
CA ILE D 1223 -4.11 21.33 7.65
C ILE D 1223 -5.28 20.43 7.26
N VAL D 1224 -6.41 20.55 7.94
CA VAL D 1224 -7.56 19.75 7.56
C VAL D 1224 -8.07 20.17 6.18
N ALA D 1225 -7.96 21.46 5.85
CA ALA D 1225 -8.33 21.91 4.51
C ALA D 1225 -7.43 21.28 3.46
N ALA D 1226 -6.11 21.30 3.69
CA ALA D 1226 -5.18 20.71 2.74
C ALA D 1226 -5.41 19.22 2.59
N GLN D 1227 -5.64 18.52 3.71
CA GLN D 1227 -5.92 17.09 3.65
C GLN D 1227 -7.21 16.81 2.88
N SER D 1228 -8.24 17.62 3.11
CA SER D 1228 -9.51 17.44 2.41
C SER D 1228 -9.33 17.63 0.91
N ILE D 1229 -8.52 18.61 0.51
CA ILE D 1229 -8.29 18.82 -0.91
C ILE D 1229 -7.46 17.68 -1.50
N GLY D 1230 -6.44 17.21 -0.78
CA GLY D 1230 -5.51 16.26 -1.35
C GLY D 1230 -5.95 14.81 -1.31
N GLU D 1231 -6.86 14.47 -0.40
CA GLU D 1231 -7.28 13.07 -0.27
C GLU D 1231 -7.93 12.51 -1.53
N PRO D 1232 -8.89 13.19 -2.18
CA PRO D 1232 -9.48 12.62 -3.39
C PRO D 1232 -8.53 12.52 -4.56
N GLY D 1233 -7.39 13.23 -4.53
CA GLY D 1233 -6.47 13.19 -5.64
C GLY D 1233 -5.92 11.82 -5.92
N THR D 1234 -5.67 11.03 -4.88
CA THR D 1234 -5.19 9.67 -5.08
C THR D 1234 -6.24 8.76 -5.70
N GLN D 1235 -7.53 9.06 -5.51
CA GLN D 1235 -8.62 8.31 -6.11
C GLN D 1235 -9.22 9.06 -7.28
N LEU D 1236 -8.39 9.79 -8.03
CA LEU D 1236 -8.86 10.56 -9.17
C LEU D 1236 -8.31 9.97 -10.46
N GLY D 1255 -7.09 15.58 -15.60
CA GLY D 1255 -7.76 16.05 -14.40
C GLY D 1255 -6.79 16.57 -13.34
N LEU D 1256 -5.99 15.66 -12.80
CA LEU D 1256 -5.00 16.06 -11.79
C LEU D 1256 -3.98 17.08 -12.30
N PRO D 1257 -3.42 16.96 -13.51
CA PRO D 1257 -2.54 18.04 -13.99
C PRO D 1257 -3.21 19.40 -14.04
N ARG D 1258 -4.51 19.44 -14.34
CA ARG D 1258 -5.24 20.70 -14.28
C ARG D 1258 -5.24 21.26 -12.85
N VAL D 1259 -5.45 20.39 -11.86
CA VAL D 1259 -5.39 20.81 -10.47
C VAL D 1259 -4.01 21.36 -10.14
N ILE D 1260 -2.96 20.68 -10.63
CA ILE D 1260 -1.60 21.12 -10.36
C ILE D 1260 -1.36 22.50 -10.96
N GLU D 1261 -1.78 22.70 -12.21
CA GLU D 1261 -1.52 23.98 -12.87
C GLU D 1261 -2.40 25.10 -12.33
N LEU D 1262 -3.52 24.78 -11.68
CA LEU D 1262 -4.29 25.81 -11.00
C LEU D 1262 -3.70 26.17 -9.65
N PHE D 1263 -3.35 25.17 -8.84
CA PHE D 1263 -2.79 25.46 -7.52
C PHE D 1263 -1.41 26.09 -7.63
N GLU D 1264 -0.56 25.56 -8.49
CA GLU D 1264 0.71 26.20 -8.84
C GLU D 1264 0.44 27.09 -10.04
N ALA D 1265 0.28 28.40 -9.80
CA ALA D 1265 -0.12 29.34 -10.84
C ALA D 1265 0.85 29.30 -12.01
N ARG D 1266 0.38 28.81 -13.15
CA ARG D 1266 1.21 28.64 -14.34
C ARG D 1266 0.48 29.23 -15.55
N ARG D 1267 1.17 29.23 -16.69
CA ARG D 1267 0.59 29.69 -17.94
C ARG D 1267 0.15 28.49 -18.73
N PRO D 1268 -1.15 28.24 -18.88
CA PRO D 1268 -1.60 27.07 -19.64
C PRO D 1268 -1.18 27.15 -21.10
N LYS D 1269 -0.94 25.99 -21.70
CA LYS D 1269 -0.52 25.93 -23.09
C LYS D 1269 -1.61 26.47 -24.01
N ALA D 1270 -2.86 26.08 -23.77
CA ALA D 1270 -3.99 26.56 -24.55
C ALA D 1270 -4.59 27.81 -23.91
N LYS D 1271 -3.79 28.88 -23.89
CA LYS D 1271 -4.22 30.13 -23.29
C LYS D 1271 -5.36 30.75 -24.09
N ALA D 1272 -6.34 31.28 -23.38
CA ALA D 1272 -7.47 31.97 -24.00
C ALA D 1272 -7.26 33.48 -23.89
N VAL D 1273 -7.35 34.16 -25.03
CA VAL D 1273 -7.15 35.61 -25.06
C VAL D 1273 -8.31 36.29 -24.36
N ILE D 1274 -7.98 37.24 -23.48
CA ILE D 1274 -8.97 38.00 -22.73
C ILE D 1274 -8.73 39.48 -22.93
N SER D 1275 -9.78 40.26 -22.74
CA SER D 1275 -9.71 41.72 -22.84
C SER D 1275 -9.54 42.32 -21.45
N GLU D 1276 -8.82 43.44 -21.38
CA GLU D 1276 -8.54 44.09 -20.12
C GLU D 1276 -9.34 45.37 -19.90
N ILE D 1277 -10.03 45.87 -20.92
CA ILE D 1277 -10.79 47.12 -20.82
C ILE D 1277 -12.13 46.92 -21.51
N ASP D 1278 -13.17 47.54 -20.94
CA ASP D 1278 -14.51 47.44 -21.52
C ASP D 1278 -14.53 48.04 -22.92
N GLY D 1279 -15.40 47.49 -23.76
CA GLY D 1279 -15.53 47.96 -25.12
C GLY D 1279 -16.50 47.10 -25.90
N VAL D 1280 -16.49 47.29 -27.22
CA VAL D 1280 -17.33 46.51 -28.11
C VAL D 1280 -16.43 45.66 -29.01
N VAL D 1281 -17.00 44.58 -29.54
CA VAL D 1281 -16.25 43.58 -30.30
C VAL D 1281 -16.42 43.87 -31.78
N ARG D 1282 -15.28 43.96 -32.49
CA ARG D 1282 -15.27 44.08 -33.94
C ARG D 1282 -14.42 42.93 -34.49
N ILE D 1283 -15.07 41.98 -35.16
CA ILE D 1283 -14.41 40.79 -35.68
C ILE D 1283 -14.05 41.01 -37.14
N GLU D 1284 -12.80 40.76 -37.49
CA GLU D 1284 -12.35 40.74 -38.87
C GLU D 1284 -11.74 39.37 -39.16
N GLU D 1285 -12.21 38.76 -40.25
CA GLU D 1285 -11.95 37.35 -40.57
C GLU D 1285 -10.82 37.18 -41.57
N THR D 1286 -9.77 37.99 -41.47
CA THR D 1286 -8.61 37.86 -42.35
C THR D 1286 -8.06 36.45 -42.29
N GLU D 1287 -7.81 35.86 -43.47
CA GLU D 1287 -7.45 34.46 -43.54
C GLU D 1287 -6.11 34.17 -42.88
N GLU D 1288 -5.21 35.15 -42.85
CA GLU D 1288 -3.92 34.95 -42.19
C GLU D 1288 -4.10 34.77 -40.69
N LYS D 1289 -4.87 35.66 -40.05
CA LYS D 1289 -5.07 35.61 -38.61
C LYS D 1289 -6.27 36.49 -38.28
N LEU D 1290 -7.24 35.94 -37.55
CA LEU D 1290 -8.43 36.71 -37.19
C LEU D 1290 -8.03 37.87 -36.30
N SER D 1291 -8.64 39.04 -36.52
CA SER D 1291 -8.35 40.21 -35.70
C SER D 1291 -9.61 40.64 -34.97
N VAL D 1292 -9.57 40.56 -33.64
CA VAL D 1292 -10.68 41.00 -32.81
C VAL D 1292 -10.30 42.33 -32.16
N PHE D 1293 -11.16 43.33 -32.33
CA PHE D 1293 -10.90 44.69 -31.90
C PHE D 1293 -11.83 45.03 -30.74
N VAL D 1294 -11.26 45.41 -29.61
CA VAL D 1294 -12.01 45.98 -28.51
C VAL D 1294 -12.05 47.49 -28.75
N GLU D 1295 -13.20 47.98 -29.19
CA GLU D 1295 -13.37 49.38 -29.57
C GLU D 1295 -13.97 50.15 -28.41
N SER D 1296 -13.38 51.30 -28.09
CA SER D 1296 -13.85 52.19 -27.06
C SER D 1296 -13.95 53.61 -27.62
N GLU D 1297 -14.39 54.54 -26.78
CA GLU D 1297 -14.61 55.91 -27.24
C GLU D 1297 -13.30 56.58 -27.67
N GLY D 1298 -12.24 56.41 -26.88
CA GLY D 1298 -11.02 57.13 -27.14
C GLY D 1298 -9.86 56.30 -27.66
N PHE D 1299 -10.04 54.99 -27.72
CA PHE D 1299 -8.96 54.11 -28.15
C PHE D 1299 -9.54 52.77 -28.57
N SER D 1300 -8.72 51.99 -29.29
CA SER D 1300 -9.09 50.66 -29.74
C SER D 1300 -7.92 49.72 -29.53
N LYS D 1301 -8.20 48.55 -28.95
CA LYS D 1301 -7.20 47.51 -28.78
C LYS D 1301 -7.42 46.41 -29.81
N GLU D 1302 -6.32 45.77 -30.21
CA GLU D 1302 -6.36 44.76 -31.25
C GLU D 1302 -5.74 43.47 -30.74
N TYR D 1303 -6.37 42.34 -31.07
CA TYR D 1303 -5.86 41.03 -30.70
C TYR D 1303 -5.88 40.11 -31.92
N LYS D 1304 -4.81 39.33 -32.07
CA LYS D 1304 -4.64 38.41 -33.18
C LYS D 1304 -4.90 36.98 -32.70
N LEU D 1305 -5.79 36.28 -33.39
CA LEU D 1305 -6.18 34.92 -33.06
C LEU D 1305 -5.85 34.00 -34.22
N PRO D 1306 -5.04 32.95 -34.03
CA PRO D 1306 -4.70 32.05 -35.13
C PRO D 1306 -5.88 31.20 -35.59
N LYS D 1307 -5.61 30.28 -36.52
CA LYS D 1307 -6.68 29.42 -37.04
C LYS D 1307 -7.25 28.53 -35.94
N GLU D 1308 -6.39 27.96 -35.10
CA GLU D 1308 -6.85 27.08 -34.04
C GLU D 1308 -7.56 27.82 -32.92
N ALA D 1309 -7.51 29.16 -32.90
CA ALA D 1309 -8.16 29.95 -31.86
C ALA D 1309 -9.65 29.96 -32.12
N ARG D 1310 -10.35 29.01 -31.52
CA ARG D 1310 -11.80 28.86 -31.67
C ARG D 1310 -12.48 29.70 -30.60
N LEU D 1311 -12.97 30.88 -31.00
CA LEU D 1311 -13.52 31.86 -30.06
C LEU D 1311 -14.98 31.55 -29.76
N LEU D 1312 -15.60 32.40 -28.92
CA LEU D 1312 -16.97 32.19 -28.48
C LEU D 1312 -17.78 33.48 -28.45
N VAL D 1313 -17.33 34.54 -29.10
CA VAL D 1313 -18.03 35.81 -29.09
C VAL D 1313 -18.51 36.14 -30.50
N LYS D 1314 -19.55 36.96 -30.57
CA LYS D 1314 -20.11 37.40 -31.83
C LYS D 1314 -19.74 38.86 -32.09
N ASP D 1315 -19.69 39.21 -33.37
CA ASP D 1315 -19.33 40.57 -33.76
C ASP D 1315 -20.38 41.56 -33.27
N GLY D 1316 -19.92 42.69 -32.76
CA GLY D 1316 -20.79 43.73 -32.25
C GLY D 1316 -21.20 43.59 -30.81
N ASP D 1317 -20.85 42.48 -30.16
CA ASP D 1317 -21.22 42.28 -28.76
C ASP D 1317 -20.35 43.14 -27.85
N TYR D 1318 -20.96 43.63 -26.78
CA TYR D 1318 -20.22 44.38 -25.77
C TYR D 1318 -19.35 43.43 -24.96
N VAL D 1319 -18.08 43.80 -24.77
CA VAL D 1319 -17.12 42.97 -24.07
C VAL D 1319 -16.58 43.75 -22.87
N GLU D 1320 -16.43 43.08 -21.75
CA GLU D 1320 -15.95 43.68 -20.52
C GLU D 1320 -14.53 43.20 -20.23
N ALA D 1321 -13.92 43.82 -19.21
CA ALA D 1321 -12.56 43.48 -18.83
C ALA D 1321 -12.52 42.05 -18.29
N GLY D 1322 -11.52 41.30 -18.74
CA GLY D 1322 -11.35 39.92 -18.31
C GLY D 1322 -12.25 38.92 -18.99
N GLN D 1323 -13.10 39.35 -19.91
CA GLN D 1323 -13.99 38.42 -20.59
C GLN D 1323 -13.18 37.58 -21.59
N PRO D 1324 -13.27 36.26 -21.52
CA PRO D 1324 -12.47 35.43 -22.43
C PRO D 1324 -12.94 35.57 -23.88
N LEU D 1325 -12.09 36.18 -24.72
CA LEU D 1325 -12.43 36.34 -26.13
C LEU D 1325 -12.51 35.00 -26.84
N THR D 1326 -11.59 34.08 -26.51
CA THR D 1326 -11.55 32.77 -27.12
C THR D 1326 -11.81 31.70 -26.07
N ARG D 1327 -12.20 30.51 -26.55
CA ARG D 1327 -12.45 29.38 -25.68
C ARG D 1327 -11.14 28.69 -25.35
N GLY D 1328 -10.92 28.45 -24.06
CA GLY D 1328 -9.70 27.82 -23.59
C GLY D 1328 -9.41 28.24 -22.17
N ALA D 1329 -8.26 27.80 -21.68
CA ALA D 1329 -7.83 28.13 -20.33
C ALA D 1329 -7.36 29.58 -20.25
N ILE D 1330 -7.53 30.16 -19.07
CA ILE D 1330 -7.20 31.57 -18.82
C ILE D 1330 -6.01 31.63 -17.88
N ASP D 1331 -5.00 32.41 -18.25
CA ASP D 1331 -3.83 32.58 -17.40
C ASP D 1331 -4.22 33.41 -16.18
N PRO D 1332 -4.01 32.92 -14.96
CA PRO D 1332 -4.43 33.68 -13.77
C PRO D 1332 -3.73 35.02 -13.63
N HIS D 1333 -2.48 35.13 -14.06
CA HIS D 1333 -1.72 36.36 -13.82
C HIS D 1333 -2.27 37.52 -14.64
N GLN D 1334 -2.50 37.30 -15.94
CA GLN D 1334 -3.07 38.37 -16.76
C GLN D 1334 -4.51 38.68 -16.35
N LEU D 1335 -5.25 37.67 -15.89
CA LEU D 1335 -6.59 37.92 -15.38
C LEU D 1335 -6.56 38.81 -14.15
N LEU D 1336 -5.61 38.56 -13.23
CA LEU D 1336 -5.45 39.42 -12.07
C LEU D 1336 -5.05 40.83 -12.48
N GLU D 1337 -4.16 40.94 -13.46
CA GLU D 1337 -3.77 42.27 -13.94
C GLU D 1337 -4.95 43.01 -14.55
N ALA D 1338 -5.86 42.27 -15.18
CA ALA D 1338 -6.99 42.89 -15.88
C ALA D 1338 -8.12 43.25 -14.91
N LYS D 1339 -8.73 42.23 -14.29
CA LYS D 1339 -9.92 42.49 -13.49
C LYS D 1339 -9.58 42.85 -12.05
N GLY D 1340 -8.87 41.96 -11.34
CA GLY D 1340 -8.49 42.22 -9.99
C GLY D 1340 -8.39 40.98 -9.13
N PRO D 1341 -8.17 41.16 -7.83
CA PRO D 1341 -7.96 40.02 -6.93
C PRO D 1341 -9.20 39.16 -6.73
N GLU D 1342 -10.35 39.79 -6.49
CA GLU D 1342 -11.57 39.04 -6.22
C GLU D 1342 -11.97 38.18 -7.42
N ALA D 1343 -11.88 38.74 -8.61
CA ALA D 1343 -12.27 38.00 -9.81
C ALA D 1343 -11.38 36.79 -10.03
N VAL D 1344 -10.07 36.96 -9.87
CA VAL D 1344 -9.16 35.83 -10.07
C VAL D 1344 -9.33 34.80 -8.96
N GLU D 1345 -9.64 35.24 -7.73
CA GLU D 1345 -9.93 34.28 -6.66
C GLU D 1345 -11.15 33.45 -7.00
N ARG D 1346 -12.22 34.10 -7.46
CA ARG D 1346 -13.42 33.36 -7.83
C ARG D 1346 -13.14 32.41 -8.98
N TYR D 1347 -12.38 32.85 -9.98
CA TYR D 1347 -12.05 32.00 -11.11
C TYR D 1347 -11.24 30.78 -10.66
N LEU D 1348 -10.26 30.98 -9.79
CA LEU D 1348 -9.47 29.86 -9.28
C LEU D 1348 -10.34 28.87 -8.52
N VAL D 1349 -11.22 29.38 -7.65
CA VAL D 1349 -12.06 28.50 -6.85
C VAL D 1349 -12.99 27.69 -7.76
N GLU D 1350 -13.62 28.36 -8.73
CA GLU D 1350 -14.55 27.67 -9.62
C GLU D 1350 -13.82 26.64 -10.48
N GLU D 1351 -12.65 26.99 -11.01
CA GLU D 1351 -11.92 26.06 -11.85
C GLU D 1351 -11.45 24.84 -11.06
N ILE D 1352 -11.00 25.05 -9.83
CA ILE D 1352 -10.58 23.93 -9.00
C ILE D 1352 -11.78 23.04 -8.66
N GLN D 1353 -12.95 23.65 -8.40
CA GLN D 1353 -14.12 22.86 -8.07
C GLN D 1353 -14.66 22.11 -9.29
N LYS D 1354 -14.43 22.63 -10.49
CA LYS D 1354 -14.97 21.99 -11.69
C LYS D 1354 -14.44 20.57 -11.86
N VAL D 1355 -13.13 20.39 -11.76
CA VAL D 1355 -12.54 19.08 -12.00
C VAL D 1355 -12.94 18.10 -10.90
N TYR D 1356 -13.06 18.58 -9.66
CA TYR D 1356 -13.48 17.70 -8.57
C TYR D 1356 -14.94 17.29 -8.74
N ARG D 1357 -15.78 18.20 -9.23
CA ARG D 1357 -17.16 17.84 -9.53
C ARG D 1357 -17.23 16.82 -10.66
N ALA D 1358 -16.36 16.97 -11.66
CA ALA D 1358 -16.38 16.06 -12.81
C ALA D 1358 -16.09 14.62 -12.40
N GLN D 1359 -15.34 14.43 -11.31
CA GLN D 1359 -15.02 13.09 -10.83
C GLN D 1359 -15.99 12.58 -9.79
N GLY D 1360 -17.04 13.34 -9.48
CA GLY D 1360 -18.02 12.92 -8.50
C GLY D 1360 -17.64 13.20 -7.06
N VAL D 1361 -16.49 13.82 -6.81
CA VAL D 1361 -16.07 14.12 -5.45
C VAL D 1361 -16.83 15.34 -4.94
N LYS D 1362 -17.39 15.22 -3.74
CA LYS D 1362 -18.09 16.32 -3.09
C LYS D 1362 -17.14 16.98 -2.11
N LEU D 1363 -16.58 18.12 -2.49
CA LEU D 1363 -15.62 18.83 -1.66
C LEU D 1363 -16.11 20.26 -1.47
N HIS D 1364 -16.07 20.73 -0.23
CA HIS D 1364 -16.57 22.05 0.09
C HIS D 1364 -15.60 23.13 -0.40
N ASP D 1365 -16.08 24.36 -0.45
CA ASP D 1365 -15.29 25.48 -0.96
C ASP D 1365 -14.47 26.18 0.12
N LYS D 1366 -14.69 25.86 1.40
CA LYS D 1366 -13.93 26.52 2.46
C LYS D 1366 -12.44 26.22 2.33
N HIS D 1367 -12.10 24.97 2.06
CA HIS D 1367 -10.70 24.57 1.98
C HIS D 1367 -10.01 25.22 0.78
N ILE D 1368 -10.68 25.22 -0.37
CA ILE D 1368 -10.12 25.85 -1.56
C ILE D 1368 -9.95 27.34 -1.33
N GLU D 1369 -10.90 27.97 -0.62
CA GLU D 1369 -10.77 29.39 -0.32
C GLU D 1369 -9.61 29.67 0.62
N ILE D 1370 -9.40 28.80 1.62
CA ILE D 1370 -8.23 28.94 2.50
C ILE D 1370 -6.96 28.88 1.67
N VAL D 1371 -6.85 27.88 0.79
CA VAL D 1371 -5.61 27.73 0.02
C VAL D 1371 -5.42 28.90 -0.94
N VAL D 1372 -6.50 29.41 -1.54
CA VAL D 1372 -6.38 30.53 -2.46
C VAL D 1372 -5.97 31.80 -1.72
N ARG D 1373 -6.54 32.02 -0.53
CA ARG D 1373 -6.14 33.17 0.26
C ARG D 1373 -4.65 33.08 0.63
N GLN D 1374 -4.19 31.90 1.05
CA GLN D 1374 -2.76 31.73 1.31
C GLN D 1374 -1.94 31.84 0.04
N MET D 1375 -2.55 31.66 -1.13
CA MET D 1375 -1.82 31.72 -2.39
C MET D 1375 -1.42 33.14 -2.75
N MET D 1376 -2.26 34.13 -2.45
CA MET D 1376 -2.04 35.51 -2.87
C MET D 1376 -2.02 36.45 -1.67
N LYS D 1377 -1.40 36.03 -0.58
CA LYS D 1377 -1.24 36.89 0.59
C LYS D 1377 -0.05 37.84 0.46
N TYR D 1378 0.41 38.10 -0.75
CA TYR D 1378 1.61 38.88 -1.00
C TYR D 1378 1.31 40.04 -1.93
N VAL D 1379 1.89 41.19 -1.63
CA VAL D 1379 1.78 42.38 -2.45
C VAL D 1379 3.17 42.97 -2.65
N GLU D 1380 3.35 43.69 -3.75
CA GLU D 1380 4.59 44.41 -4.00
C GLU D 1380 4.26 45.87 -4.22
N VAL D 1381 5.02 46.75 -3.57
CA VAL D 1381 4.68 48.17 -3.53
C VAL D 1381 5.19 48.86 -4.80
N THR D 1382 4.46 49.89 -5.23
CA THR D 1382 4.86 50.69 -6.38
C THR D 1382 5.40 52.05 -6.00
N ASP D 1383 4.73 52.76 -5.09
CA ASP D 1383 5.23 54.02 -4.58
C ASP D 1383 5.97 53.74 -3.28
N PRO D 1384 7.30 53.88 -3.23
CA PRO D 1384 8.04 53.48 -2.04
C PRO D 1384 7.68 54.33 -0.83
N GLY D 1385 7.72 53.70 0.34
CA GLY D 1385 7.54 54.38 1.61
C GLY D 1385 8.86 54.47 2.35
N ASP D 1386 9.06 53.58 3.32
CA ASP D 1386 10.32 53.47 4.04
C ASP D 1386 11.14 52.27 3.56
N SER D 1387 10.79 51.69 2.42
CA SER D 1387 11.48 50.52 1.90
C SER D 1387 11.61 50.66 0.39
N ARG D 1388 12.22 49.65 -0.24
CA ARG D 1388 12.39 49.65 -1.68
C ARG D 1388 11.02 49.45 -2.35
N LEU D 1389 10.99 49.72 -3.67
CA LEU D 1389 9.71 49.64 -4.39
C LEU D 1389 9.45 48.24 -4.94
N LEU D 1390 10.32 47.75 -5.83
CA LEU D 1390 10.00 46.51 -6.52
C LEU D 1390 10.31 45.29 -5.67
N GLU D 1391 9.77 45.25 -4.46
CA GLU D 1391 9.93 44.11 -3.56
C GLU D 1391 8.56 43.66 -3.07
N GLY D 1392 8.37 42.34 -3.00
CA GLY D 1392 7.09 41.81 -2.60
C GLY D 1392 7.12 41.05 -1.29
N GLN D 1393 6.18 41.37 -0.40
CA GLN D 1393 6.08 40.68 0.89
C GLN D 1393 4.63 40.71 1.35
N VAL D 1394 4.41 40.36 2.62
CA VAL D 1394 3.07 40.06 3.11
C VAL D 1394 2.15 41.27 2.98
N LEU D 1395 0.92 41.01 2.53
CA LEU D 1395 -0.09 42.05 2.44
C LEU D 1395 -0.41 42.63 3.82
N GLU D 1396 -0.52 41.77 4.82
CA GLU D 1396 -0.94 42.22 6.15
C GLU D 1396 0.15 43.10 6.78
N LYS D 1397 1.42 42.77 6.55
CA LYS D 1397 2.50 43.63 7.04
C LYS D 1397 2.45 45.00 6.39
N TRP D 1398 2.17 45.06 5.10
CA TRP D 1398 2.05 46.36 4.43
C TRP D 1398 0.84 47.13 4.95
N ASP D 1399 -0.25 46.42 5.27
CA ASP D 1399 -1.40 47.10 5.87
C ASP D 1399 -1.03 47.70 7.23
N VAL D 1400 -0.31 46.95 8.05
CA VAL D 1400 0.13 47.48 9.34
C VAL D 1400 1.04 48.68 9.15
N GLU D 1401 1.96 48.59 8.19
CA GLU D 1401 2.87 49.71 7.92
C GLU D 1401 2.11 50.93 7.46
N ALA D 1402 1.10 50.76 6.60
CA ALA D 1402 0.30 51.88 6.14
C ALA D 1402 -0.47 52.52 7.28
N LEU D 1403 -1.08 51.70 8.15
CA LEU D 1403 -1.80 52.24 9.29
C LEU D 1403 -0.88 53.00 10.23
N ASN D 1404 0.32 52.47 10.47
CA ASN D 1404 1.28 53.17 11.31
C ASN D 1404 1.74 54.49 10.67
N GLU D 1405 1.97 54.47 9.35
CA GLU D 1405 2.53 55.64 8.69
C GLU D 1405 1.51 56.77 8.56
N ARG D 1406 0.28 56.44 8.17
CA ARG D 1406 -0.70 57.49 7.91
C ARG D 1406 -1.33 58.03 9.19
N LEU D 1407 -1.85 57.13 10.03
CA LEU D 1407 -2.64 57.54 11.18
C LEU D 1407 -1.87 57.51 12.50
N ILE D 1408 -1.23 56.38 12.82
CA ILE D 1408 -0.56 56.25 14.11
C ILE D 1408 0.59 57.24 14.22
N ALA D 1409 1.39 57.36 13.18
CA ALA D 1409 2.51 58.30 13.16
C ALA D 1409 2.26 59.38 12.12
N GLU D 1410 3.00 60.48 12.26
CA GLU D 1410 2.90 61.58 11.31
C GLU D 1410 3.68 61.27 10.04
N GLY D 1411 3.21 61.83 8.93
CA GLY D 1411 3.85 61.60 7.64
C GLY D 1411 2.98 60.81 6.69
N LYS D 1412 2.33 61.51 5.75
CA LYS D 1412 1.43 60.88 4.79
C LYS D 1412 2.25 60.41 3.59
N THR D 1413 2.77 59.19 3.69
CA THR D 1413 3.50 58.55 2.61
C THR D 1413 2.72 57.34 2.13
N PRO D 1414 1.88 57.46 1.10
CA PRO D 1414 1.09 56.32 0.63
C PRO D 1414 2.00 55.22 0.10
N VAL D 1415 1.90 54.04 0.69
CA VAL D 1415 2.65 52.86 0.22
C VAL D 1415 1.74 52.18 -0.81
N ALA D 1416 1.78 52.70 -2.03
CA ALA D 1416 0.90 52.23 -3.09
C ALA D 1416 1.41 50.88 -3.60
N TRP D 1417 0.67 49.82 -3.30
CA TRP D 1417 1.06 48.47 -3.66
C TRP D 1417 0.11 47.90 -4.70
N LYS D 1418 0.49 46.72 -5.22
CA LYS D 1418 -0.39 45.92 -6.04
C LYS D 1418 -0.27 44.46 -5.59
N PRO D 1419 -1.37 43.72 -5.58
CA PRO D 1419 -1.31 42.31 -5.16
C PRO D 1419 -0.58 41.47 -6.21
N LEU D 1420 0.24 40.55 -5.73
CA LEU D 1420 1.00 39.65 -6.59
C LEU D 1420 0.53 38.23 -6.35
N LEU D 1421 0.18 37.54 -7.42
CA LEU D 1421 -0.26 36.15 -7.34
C LEU D 1421 0.89 35.24 -7.73
N MET D 1422 1.28 34.37 -6.80
CA MET D 1422 2.37 33.43 -7.02
C MET D 1422 1.88 32.02 -6.68
N GLY D 1423 2.54 31.05 -7.27
CA GLY D 1423 2.15 29.66 -7.10
C GLY D 1423 2.25 29.20 -5.65
N VAL D 1424 1.77 27.98 -5.43
CA VAL D 1424 1.78 27.39 -4.10
C VAL D 1424 3.20 27.21 -3.59
N THR D 1425 4.10 26.75 -4.46
CA THR D 1425 5.48 26.50 -4.06
C THR D 1425 6.19 27.81 -3.69
N LYS D 1426 6.02 28.84 -4.51
CA LYS D 1426 6.67 30.12 -4.24
C LYS D 1426 6.14 30.74 -2.95
N SER D 1427 4.82 30.66 -2.73
CA SER D 1427 4.24 31.19 -1.51
C SER D 1427 4.75 30.45 -0.29
N ALA D 1428 4.86 29.12 -0.38
CA ALA D 1428 5.36 28.34 0.74
C ALA D 1428 6.83 28.65 1.02
N LEU D 1429 7.63 28.81 -0.03
CA LEU D 1429 9.06 29.04 0.16
C LEU D 1429 9.34 30.39 0.78
N SER D 1430 8.71 31.44 0.27
CA SER D 1430 8.94 32.81 0.75
C SER D 1430 8.03 33.06 1.95
N THR D 1431 8.54 32.77 3.14
CA THR D 1431 7.80 32.98 4.37
C THR D 1431 8.70 33.64 5.40
N LYS D 1432 8.07 34.32 6.37
CA LYS D 1432 8.84 34.98 7.42
C LYS D 1432 9.62 33.98 8.26
N SER D 1433 9.00 32.85 8.60
CA SER D 1433 9.68 31.84 9.40
C SER D 1433 10.55 30.96 8.50
N TRP D 1434 11.84 30.90 8.82
CA TRP D 1434 12.79 30.17 7.98
C TRP D 1434 12.79 28.67 8.25
N LEU D 1435 12.28 28.24 9.40
CA LEU D 1435 12.31 26.80 9.73
C LEU D 1435 11.45 26.01 8.76
N SER D 1436 10.21 26.46 8.53
CA SER D 1436 9.31 25.74 7.63
C SER D 1436 9.84 25.75 6.20
N ALA D 1437 10.34 26.91 5.74
CA ALA D 1437 10.88 26.98 4.39
C ALA D 1437 12.09 26.07 4.23
N ALA D 1438 12.97 26.03 5.23
CA ALA D 1438 14.12 25.15 5.17
C ALA D 1438 13.70 23.68 5.15
N SER D 1439 12.70 23.33 5.96
CA SER D 1439 12.29 21.93 6.05
C SER D 1439 11.38 21.52 4.91
N PHE D 1440 10.93 22.46 4.08
CA PHE D 1440 9.92 22.14 3.06
C PHE D 1440 10.54 21.67 1.74
N GLN D 1441 11.28 22.56 1.08
CA GLN D 1441 11.72 22.29 -0.28
C GLN D 1441 13.23 22.23 -0.42
N ASN D 1442 13.94 23.32 -0.08
CA ASN D 1442 15.36 23.45 -0.39
C ASN D 1442 16.06 24.06 0.81
N THR D 1443 16.85 23.25 1.52
CA THR D 1443 17.53 23.74 2.71
C THR D 1443 18.61 24.75 2.36
N THR D 1444 19.30 24.55 1.23
CA THR D 1444 20.48 25.36 0.93
C THR D 1444 20.13 26.84 0.76
N HIS D 1445 19.26 27.15 -0.20
CA HIS D 1445 18.94 28.55 -0.50
C HIS D 1445 18.25 29.22 0.69
N VAL D 1446 17.30 28.52 1.32
CA VAL D 1446 16.56 29.11 2.44
C VAL D 1446 17.50 29.40 3.60
N LEU D 1447 18.38 28.45 3.92
CA LEU D 1447 19.32 28.66 5.02
C LEU D 1447 20.30 29.77 4.70
N THR D 1448 20.75 29.86 3.44
CA THR D 1448 21.64 30.96 3.06
C THR D 1448 20.96 32.31 3.23
N GLU D 1449 19.71 32.43 2.77
CA GLU D 1449 18.98 33.68 2.90
C GLU D 1449 18.76 34.03 4.37
N ALA D 1450 18.40 33.04 5.18
CA ALA D 1450 18.20 33.29 6.61
C ALA D 1450 19.50 33.51 7.36
N ALA D 1451 20.64 33.16 6.76
CA ALA D 1451 21.94 33.42 7.37
C ALA D 1451 22.49 34.79 7.01
N ILE D 1452 22.16 35.30 5.83
CA ILE D 1452 22.61 36.64 5.45
C ILE D 1452 22.09 37.66 6.47
N ALA D 1453 20.80 37.62 6.76
CA ALA D 1453 20.18 38.48 7.76
C ALA D 1453 19.66 37.62 8.90
N GLY D 1454 20.03 37.99 10.13
CA GLY D 1454 19.60 37.23 11.29
C GLY D 1454 18.10 37.13 11.39
N LYS D 1455 17.57 35.94 11.12
CA LYS D 1455 16.13 35.72 11.02
C LYS D 1455 15.64 35.14 12.34
N LYS D 1456 15.14 36.01 13.21
CA LYS D 1456 14.59 35.56 14.49
C LYS D 1456 13.24 34.90 14.26
N ASP D 1457 13.24 33.59 14.04
CA ASP D 1457 12.03 32.85 13.72
C ASP D 1457 11.09 32.87 14.92
N GLU D 1458 10.02 33.66 14.82
CA GLU D 1458 8.97 33.58 15.83
C GLU D 1458 8.24 32.25 15.71
N LEU D 1459 8.01 31.62 16.86
CA LEU D 1459 7.46 30.26 16.88
C LEU D 1459 5.95 30.28 16.66
N ILE D 1460 5.56 30.86 15.53
CA ILE D 1460 4.18 30.87 15.08
C ILE D 1460 4.07 29.94 13.88
N GLY D 1461 3.00 29.15 13.87
CA GLY D 1461 2.88 28.09 12.90
C GLY D 1461 3.21 26.73 13.49
N LEU D 1462 2.52 25.70 12.99
CA LEU D 1462 2.62 24.39 13.62
C LEU D 1462 3.90 23.66 13.25
N LYS D 1463 4.43 23.88 12.04
CA LYS D 1463 5.62 23.15 11.61
C LYS D 1463 6.83 23.48 12.48
N GLU D 1464 7.01 24.75 12.83
CA GLU D 1464 8.14 25.14 13.66
C GLU D 1464 8.05 24.50 15.04
N ASN D 1465 6.85 24.49 15.63
CA ASN D 1465 6.68 23.87 16.95
C ASN D 1465 6.86 22.36 16.88
N VAL D 1466 6.50 21.75 15.76
CA VAL D 1466 6.79 20.33 15.57
C VAL D 1466 8.30 20.11 15.52
N ILE D 1467 9.01 20.98 14.81
CA ILE D 1467 10.47 20.88 14.73
C ILE D 1467 11.08 20.97 16.12
N LEU D 1468 10.68 21.99 16.89
CA LEU D 1468 11.23 22.17 18.23
C LEU D 1468 10.63 21.21 19.24
N GLY D 1469 9.53 20.55 18.92
CA GLY D 1469 8.92 19.60 19.83
C GLY D 1469 8.11 20.21 20.95
N ARG D 1470 7.85 21.52 20.90
CA ARG D 1470 7.08 22.19 21.94
C ARG D 1470 5.58 22.06 21.67
N LEU D 1471 4.79 22.74 22.49
CA LEU D 1471 3.34 22.63 22.40
C LEU D 1471 2.84 23.30 21.12
N ILE D 1472 1.93 22.63 20.44
CA ILE D 1472 1.41 23.14 19.16
C ILE D 1472 0.52 24.34 19.42
N PRO D 1473 0.67 25.44 18.68
CA PRO D 1473 -0.21 26.60 18.89
C PRO D 1473 -1.68 26.31 18.61
N ALA D 1474 -1.99 25.31 17.79
CA ALA D 1474 -3.37 25.01 17.46
C ALA D 1474 -3.95 24.02 18.46
N GLY D 1475 -5.26 23.78 18.34
CA GLY D 1475 -5.91 22.78 19.17
C GLY D 1475 -5.86 23.14 20.65
N THR D 1476 -5.40 22.18 21.46
CA THR D 1476 -5.35 22.37 22.90
C THR D 1476 -4.35 23.45 23.29
N GLY D 1477 -3.31 23.65 22.48
CA GLY D 1477 -2.27 24.61 22.80
C GLY D 1477 -2.60 26.05 22.49
N SER D 1478 -3.79 26.34 21.98
CA SER D 1478 -4.17 27.71 21.66
C SER D 1478 -4.28 28.53 22.94
N ASP D 1479 -3.70 29.74 22.91
CA ASP D 1479 -3.71 30.60 24.09
C ASP D 1479 -5.12 30.94 24.56
N PHE D 1480 -6.11 30.83 23.67
CA PHE D 1480 -7.50 31.03 24.08
C PHE D 1480 -7.94 30.00 25.11
N VAL D 1481 -7.40 28.78 25.03
CA VAL D 1481 -7.80 27.69 25.91
C VAL D 1481 -6.58 27.02 26.54
N ARG D 1482 -5.40 27.61 26.33
CA ARG D 1482 -4.18 26.98 26.82
C ARG D 1482 -4.19 26.82 28.34
N PHE D 1483 -4.62 27.86 29.06
CA PHE D 1483 -4.73 27.80 30.50
C PHE D 1483 -6.16 28.10 30.91
N THR D 1484 -6.71 27.24 31.76
CA THR D 1484 -8.09 27.37 32.23
C THR D 1484 -8.14 26.77 33.63
N GLN D 1485 -8.09 27.63 34.65
CA GLN D 1485 -8.05 27.16 36.02
C GLN D 1485 -9.35 26.44 36.37
N VAL D 1486 -9.21 25.28 37.02
CA VAL D 1486 -10.34 24.43 37.37
C VAL D 1486 -10.28 24.14 38.87
N VAL D 1487 -11.35 24.45 39.58
CA VAL D 1487 -11.46 24.19 41.01
C VAL D 1487 -12.86 23.67 41.32
N ASP D 1488 -12.95 22.69 42.21
CA ASP D 1488 -14.23 22.14 42.59
C ASP D 1488 -15.00 23.12 43.49
N GLN D 1489 -16.21 22.71 43.89
CA GLN D 1489 -17.10 23.62 44.60
C GLN D 1489 -16.56 24.02 45.96
N LYS D 1490 -16.00 23.06 46.72
CA LYS D 1490 -15.60 23.36 48.09
C LYS D 1490 -14.32 24.20 48.13
N THR D 1491 -13.34 23.90 47.28
CA THR D 1491 -12.14 24.72 47.24
C THR D 1491 -12.44 26.12 46.72
N LEU D 1492 -13.32 26.22 45.72
CA LEU D 1492 -13.76 27.53 45.25
C LEU D 1492 -14.44 28.30 46.36
N LYS D 1493 -15.31 27.63 47.13
CA LYS D 1493 -15.99 28.31 48.23
C LYS D 1493 -15.00 28.77 49.29
N ALA D 1494 -14.00 27.96 49.61
CA ALA D 1494 -13.01 28.36 50.60
C ALA D 1494 -12.22 29.58 50.13
N ILE D 1495 -11.74 29.55 48.87
CA ILE D 1495 -10.92 30.67 48.40
C ILE D 1495 -11.79 31.92 48.20
N GLU D 1496 -13.06 31.75 47.84
CA GLU D 1496 -13.94 32.92 47.72
C GLU D 1496 -14.31 33.47 49.08
N GLU D 1497 -14.41 32.61 50.10
CA GLU D 1497 -14.57 33.09 51.47
C GLU D 1497 -13.35 33.90 51.90
N ALA D 1498 -12.16 33.42 51.54
CA ALA D 1498 -10.95 34.21 51.78
C ALA D 1498 -11.02 35.56 51.06
N ARG D 1499 -11.50 35.56 49.81
CA ARG D 1499 -11.66 36.80 49.07
C ARG D 1499 -12.59 37.77 49.77
N LYS D 1500 -13.78 37.31 50.18
CA LYS D 1500 -14.75 38.23 50.76
C LYS D 1500 -14.39 38.64 52.17
N GLU D 1501 -13.65 37.81 52.90
CA GLU D 1501 -13.12 38.25 54.19
C GLU D 1501 -11.96 39.21 54.03
N ALA D 1502 -11.26 39.15 52.88
CA ALA D 1502 -10.31 40.21 52.55
C ALA D 1502 -11.02 41.53 52.31
N VAL D 1503 -12.26 41.48 51.81
CA VAL D 1503 -13.11 42.66 51.70
C VAL D 1503 -13.74 42.90 53.07
N GLU D 1504 -13.07 43.69 53.90
CA GLU D 1504 -13.46 43.82 55.29
C GLU D 1504 -14.81 44.51 55.43
N ALA D 1505 -15.55 44.10 56.46
CA ALA D 1505 -16.87 44.64 56.76
C ALA D 1505 -17.82 44.50 55.57
N ALA E 2 -19.88 5.88 23.24
CA ALA E 2 -19.02 6.98 23.64
C ALA E 2 -18.87 7.04 25.16
N GLU E 3 -18.98 8.25 25.70
CA GLU E 3 -18.91 8.50 27.13
C GLU E 3 -20.16 9.26 27.56
N PRO E 4 -20.54 9.17 28.84
CA PRO E 4 -21.82 9.76 29.28
C PRO E 4 -21.90 11.25 28.98
N GLY E 5 -22.91 11.62 28.20
CA GLY E 5 -23.27 13.01 27.98
C GLY E 5 -22.24 13.90 27.31
N ILE E 6 -21.62 13.42 26.24
CA ILE E 6 -20.72 14.29 25.48
C ILE E 6 -21.47 15.47 24.89
N ASP E 7 -22.77 15.31 24.62
CA ASP E 7 -23.55 16.39 24.02
C ASP E 7 -23.69 17.57 24.98
N LYS E 8 -24.07 17.30 26.23
CA LYS E 8 -24.19 18.40 27.19
C LYS E 8 -22.83 18.91 27.63
N LEU E 9 -21.80 18.04 27.62
CA LEU E 9 -20.45 18.51 27.88
C LEU E 9 -20.02 19.52 26.84
N PHE E 10 -20.33 19.26 25.56
CA PHE E 10 -20.08 20.25 24.53
C PHE E 10 -20.98 21.47 24.70
N GLY E 11 -22.21 21.28 25.17
CA GLY E 11 -23.12 22.40 25.33
C GLY E 11 -22.69 23.37 26.41
N MET E 12 -22.11 22.86 27.49
CA MET E 12 -21.75 23.71 28.62
C MET E 12 -20.41 24.42 28.44
N VAL E 13 -19.72 24.19 27.33
CA VAL E 13 -18.43 24.81 27.06
C VAL E 13 -18.49 25.50 25.71
N ASP E 14 -17.72 26.59 25.58
CA ASP E 14 -17.70 27.32 24.32
C ASP E 14 -17.00 26.54 23.21
N SER E 15 -15.89 25.89 23.54
CA SER E 15 -15.11 25.12 22.57
C SER E 15 -14.73 23.78 23.18
N LYS E 16 -14.61 22.77 22.31
CA LYS E 16 -14.26 21.42 22.76
C LYS E 16 -12.87 21.39 23.39
N TYR E 17 -11.94 22.19 22.88
CA TYR E 17 -10.58 22.19 23.42
C TYR E 17 -10.55 22.70 24.86
N ARG E 18 -11.36 23.71 25.16
CA ARG E 18 -11.47 24.17 26.55
C ARG E 18 -12.00 23.07 27.44
N LEU E 19 -12.99 22.30 26.96
CA LEU E 19 -13.49 21.17 27.71
C LEU E 19 -12.40 20.14 27.97
N THR E 20 -11.57 19.87 26.96
CA THR E 20 -10.48 18.92 27.14
C THR E 20 -9.50 19.42 28.19
N VAL E 21 -9.16 20.71 28.14
CA VAL E 21 -8.23 21.26 29.12
C VAL E 21 -8.82 21.15 30.53
N VAL E 22 -10.11 21.47 30.68
CA VAL E 22 -10.75 21.41 31.99
C VAL E 22 -10.74 19.98 32.52
N VAL E 23 -11.14 19.01 31.70
CA VAL E 23 -11.24 17.65 32.17
C VAL E 23 -9.86 17.09 32.50
N ALA E 24 -8.85 17.43 31.70
CA ALA E 24 -7.51 16.94 31.98
C ALA E 24 -6.90 17.58 33.22
N LYS E 25 -7.13 18.87 33.44
CA LYS E 25 -6.64 19.50 34.67
C LYS E 25 -7.33 18.92 35.90
N ARG E 26 -8.64 18.66 35.80
CA ARG E 26 -9.32 18.01 36.90
C ARG E 26 -8.76 16.63 37.17
N ALA E 27 -8.46 15.87 36.11
CA ALA E 27 -7.85 14.56 36.27
C ALA E 27 -6.49 14.66 36.94
N GLN E 28 -5.66 15.62 36.53
CA GLN E 28 -4.34 15.76 37.14
C GLN E 28 -4.47 16.09 38.61
N GLN E 29 -5.40 16.98 38.96
CA GLN E 29 -5.65 17.28 40.37
C GLN E 29 -6.08 16.02 41.13
N LEU E 30 -7.00 15.25 40.54
CA LEU E 30 -7.48 14.04 41.18
C LEU E 30 -6.34 13.05 41.41
N LEU E 31 -5.41 12.96 40.45
CA LEU E 31 -4.23 12.12 40.67
C LEU E 31 -3.36 12.64 41.80
N ARG E 32 -2.89 13.88 41.70
CA ARG E 32 -1.77 14.23 42.58
C ARG E 32 -2.27 14.52 44.00
N HIS E 33 -3.53 14.97 44.14
CA HIS E 33 -4.15 14.99 45.46
C HIS E 33 -4.53 13.60 45.94
N GLY E 34 -4.71 12.65 45.04
CA GLY E 34 -5.48 11.46 45.32
C GLY E 34 -6.97 11.76 45.19
N PHE E 35 -7.78 10.70 45.26
CA PHE E 35 -9.19 10.82 44.91
C PHE E 35 -10.06 11.34 46.05
N LYS E 36 -9.47 11.97 47.06
CA LYS E 36 -10.24 12.40 48.22
C LYS E 36 -11.12 13.61 47.92
N ASN E 37 -10.59 14.61 47.21
CA ASN E 37 -11.31 15.86 46.98
C ASN E 37 -12.23 15.79 45.77
N THR E 38 -13.11 14.80 45.76
CA THR E 38 -14.13 14.67 44.74
C THR E 38 -15.44 15.25 45.24
N VAL E 39 -16.30 15.65 44.30
CA VAL E 39 -17.62 16.19 44.64
C VAL E 39 -18.73 15.20 44.32
N LEU E 40 -18.37 13.92 44.12
CA LEU E 40 -19.34 12.87 43.88
C LEU E 40 -19.17 11.71 44.86
N GLU E 41 -18.56 11.98 46.02
CA GLU E 41 -18.25 10.92 46.97
C GLU E 41 -19.45 10.17 47.51
N PRO E 42 -20.58 10.82 47.93
CA PRO E 42 -21.54 10.11 48.79
C PRO E 42 -22.20 8.89 48.18
N GLU E 43 -22.93 9.05 47.08
CA GLU E 43 -23.64 7.92 46.49
C GLU E 43 -23.26 7.69 45.03
N GLU E 44 -23.23 8.71 44.19
CA GLU E 44 -23.03 8.53 42.75
C GLU E 44 -21.54 8.43 42.45
N ARG E 45 -21.07 7.22 42.23
CA ARG E 45 -19.68 6.91 41.92
C ARG E 45 -19.65 5.87 40.80
N PRO E 46 -18.54 5.81 40.05
CA PRO E 46 -18.42 4.76 39.04
C PRO E 46 -18.49 3.37 39.66
N LYS E 47 -19.13 2.44 38.95
CA LYS E 47 -19.37 1.10 39.44
C LYS E 47 -18.56 0.11 38.59
N MET E 48 -17.64 -0.61 39.23
CA MET E 48 -16.88 -1.64 38.54
C MET E 48 -17.72 -2.91 38.42
N GLN E 49 -17.29 -3.80 37.53
CA GLN E 49 -18.09 -4.97 37.17
C GLN E 49 -17.86 -6.14 38.12
N THR E 50 -16.64 -6.65 38.20
CA THR E 50 -16.39 -7.83 39.02
C THR E 50 -16.35 -7.49 40.50
N LEU E 51 -15.94 -6.28 40.87
CA LEU E 51 -16.00 -5.81 42.25
C LEU E 51 -16.39 -4.33 42.22
N GLU E 52 -16.12 -3.63 43.32
CA GLU E 52 -16.29 -2.18 43.38
C GLU E 52 -14.98 -1.44 43.20
N GLY E 53 -14.10 -1.97 42.35
CA GLY E 53 -12.78 -1.39 42.14
C GLY E 53 -12.81 0.01 41.58
N LEU E 54 -13.91 0.40 40.94
CA LEU E 54 -14.06 1.79 40.50
C LEU E 54 -14.29 2.73 41.64
N PHE E 55 -14.03 2.35 42.89
CA PHE E 55 -14.04 3.31 43.98
C PHE E 55 -12.78 4.18 43.96
N ASP E 56 -11.61 3.59 43.75
CA ASP E 56 -10.35 4.30 44.01
C ASP E 56 -9.75 4.95 42.76
N ASP E 57 -9.30 4.15 41.79
CA ASP E 57 -8.58 4.74 40.67
C ASP E 57 -8.35 3.80 39.48
N PRO E 58 -9.39 3.33 38.79
CA PRO E 58 -9.12 2.53 37.58
C PRO E 58 -8.79 3.40 36.37
N ASN E 59 -9.50 4.52 36.24
CA ASN E 59 -9.25 5.46 35.14
C ASN E 59 -9.88 6.78 35.53
N ALA E 60 -9.07 7.84 35.59
CA ALA E 60 -9.49 9.11 36.16
C ALA E 60 -10.19 10.03 35.16
N VAL E 61 -10.04 9.78 33.86
CA VAL E 61 -10.74 10.61 32.88
C VAL E 61 -12.25 10.48 33.05
N THR E 62 -12.73 9.24 33.28
CA THR E 62 -14.15 9.04 33.51
C THR E 62 -14.59 9.71 34.81
N TRP E 63 -13.76 9.65 35.86
CA TRP E 63 -14.02 10.42 37.06
C TRP E 63 -14.22 11.90 36.75
N ALA E 64 -13.27 12.50 36.02
CA ALA E 64 -13.32 13.92 35.76
C ALA E 64 -14.55 14.28 34.92
N MET E 65 -14.89 13.42 33.95
CA MET E 65 -16.05 13.70 33.10
C MET E 65 -17.35 13.61 33.88
N LYS E 66 -17.53 12.53 34.65
CA LYS E 66 -18.73 12.40 35.47
C LYS E 66 -18.81 13.50 36.52
N GLU E 67 -17.66 13.95 37.01
CA GLU E 67 -17.62 15.05 37.97
C GLU E 67 -18.01 16.37 37.32
N LEU E 68 -17.62 16.58 36.06
CA LEU E 68 -17.99 17.79 35.35
C LEU E 68 -19.43 17.75 34.86
N LEU E 69 -20.01 16.56 34.72
CA LEU E 69 -21.41 16.46 34.34
C LEU E 69 -22.31 17.12 35.36
N THR E 70 -21.93 17.07 36.63
CA THR E 70 -22.66 17.78 37.68
C THR E 70 -22.22 19.24 37.75
N GLY E 71 -22.95 20.01 38.54
CA GLY E 71 -22.75 21.45 38.58
C GLY E 71 -21.85 21.98 39.68
N ARG E 72 -21.03 21.11 40.26
CA ARG E 72 -20.14 21.50 41.35
C ARG E 72 -18.79 22.00 40.88
N LEU E 73 -18.58 22.15 39.57
CA LEU E 73 -17.29 22.58 39.02
C LEU E 73 -17.42 23.92 38.34
N VAL E 74 -16.36 24.72 38.42
CA VAL E 74 -16.26 26.00 37.74
C VAL E 74 -14.95 26.04 36.98
N PHE E 75 -14.96 26.71 35.82
CA PHE E 75 -13.77 26.85 35.00
C PHE E 75 -13.80 28.20 34.31
N GLY E 76 -12.63 28.81 34.18
CA GLY E 76 -12.53 30.10 33.54
C GLY E 76 -11.08 30.46 33.28
N GLU E 77 -10.89 31.52 32.51
CA GLU E 77 -9.54 31.95 32.15
C GLU E 77 -8.77 32.42 33.39
N ASN E 78 -9.39 33.26 34.21
CA ASN E 78 -8.78 33.75 35.45
C ASN E 78 -9.91 33.97 36.46
N LEU E 79 -10.16 32.96 37.30
CA LEU E 79 -11.17 33.06 38.34
C LEU E 79 -10.61 33.18 39.74
N VAL E 80 -9.38 32.71 39.96
CA VAL E 80 -8.75 32.75 41.27
C VAL E 80 -7.33 33.28 41.07
N PRO E 81 -6.73 33.99 42.05
CA PRO E 81 -5.32 34.37 41.92
C PRO E 81 -4.44 33.17 41.63
N GLU E 82 -3.82 33.16 40.45
CA GLU E 82 -3.12 31.98 39.97
C GLU E 82 -1.82 31.73 40.72
N ASP E 83 -1.13 32.80 41.15
CA ASP E 83 0.21 32.65 41.70
C ASP E 83 0.20 31.81 42.98
N ARG E 84 -0.73 32.08 43.89
CA ARG E 84 -0.75 31.38 45.17
C ARG E 84 -1.02 29.89 44.98
N LEU E 85 -2.04 29.56 44.19
CA LEU E 85 -2.40 28.16 44.00
C LEU E 85 -1.36 27.43 43.15
N GLN E 86 -0.69 28.13 42.23
CA GLN E 86 0.34 27.48 41.44
C GLN E 86 1.61 27.25 42.24
N LYS E 87 1.91 28.12 43.22
CA LYS E 87 3.02 27.88 44.12
C LYS E 87 2.71 26.85 45.18
N GLU E 88 1.45 26.71 45.57
CA GLU E 88 1.03 25.63 46.45
C GLU E 88 0.86 24.30 45.72
N MET E 89 0.75 24.35 44.39
CA MET E 89 0.56 23.12 43.61
C MET E 89 1.82 22.27 43.58
N GLU E 90 2.98 22.91 43.42
CA GLU E 90 4.24 22.19 43.22
C GLU E 90 5.06 22.01 44.49
N ARG E 91 4.82 22.82 45.53
CA ARG E 91 5.63 22.79 46.74
C ARG E 91 4.92 22.07 47.89
N LEU E 92 4.16 21.02 47.59
CA LEU E 92 3.50 20.24 48.63
C LEU E 92 3.21 18.83 48.12
#